data_2XND
#
_entry.id   2XND
#
_cell.length_a   155.740
_cell.length_b   157.100
_cell.length_c   247.270
_cell.angle_alpha   90.00
_cell.angle_beta   90.00
_cell.angle_gamma   90.00
#
_symmetry.space_group_name_H-M   'P 21 21 21'
#
loop_
_entity.id
_entity.type
_entity.pdbx_description
1 polymer 'ATP SYNTHASE SUBUNIT ALPHA, MITOCHONDRIAL'
2 polymer 'ATP SYNTHASE SUBUNIT BETA, MITOCHONDRIAL'
3 polymer 'ATP SYNTHASE SUBUNIT GAMMA, MITOCHONDRIAL'
4 polymer 'ATP SYNTHASE SUBUNIT DELTA, MITOCHONDRIAL'
5 polymer 'ATP SYNTHASE SUBUNIT EPSILON, MITOCHONDRIAL'
6 polymer 'ATP SYNTHASE LIPID-BINDING PROTEIN, MITOCHONDRIAL'
7 non-polymer 'PHOSPHOAMINOPHOSPHONIC ACID-ADENYLATE ESTER'
8 non-polymer 'MAGNESIUM ION'
9 non-polymer GLYCEROL
10 non-polymer 'SULFATE ION'
#
loop_
_entity_poly.entity_id
_entity_poly.type
_entity_poly.pdbx_seq_one_letter_code
_entity_poly.pdbx_strand_id
1 'polypeptide(L)'
;ADTSVDLEETGRVLSIGDGIARVHGLRNVQAEEMVEFSSGLKGMSLNLEPDNVGVVVFGNDKLIKEGDIVKRTGAIVDVP
VGEELLGRVVDALGNAIDGKGPIGSKARRRVGLKAPGIIPRISVREPMQTGIKAVDSLVPIGRGQRELIIGDRQTGKTSI
AIDTIINQKRFNDGTDEKKKLYCIYVAIGQKRSTVAQLVKRLTDADAMKYTIVVSATASDAAPLQYLAPYSGCSMGEYFR
DNGKHALIIYDDLSKQAVAYRQMSLLLRRPPGREAYPGDVFYLHSRLLERAAKMNDAFGGGSLTALPVIETQAGDVSAYI
PTNVISITDGQIFLETELFYKGIRPAINVGLSVSRVGSAAQTRAMKQVAGTMKLELAQYREVAAFAQFGSDLDAATQQLL
SRGVRLTELLKQGQYSPMAIEEQVAVIYAGVRGYLDKLEPSKITKFENAFLSHVISQHQALLGKIRTDGKISEESDAKLK
EIVTNFLAGFEA
;
A,B,C
2 'polypeptide(L)'
;TTGRIVAVIGAVVDVQFDEGLPPILNALEVQGRETRLVLEVAQHLGESTVRTIAMDGTEGLVRGQKVLDSGAPIRIPVGP
ETLGRIMNVIGEPIDERGPIKTKQFAAIHAEAPEFVEMSVEQEILVTGIKVVDLLAPYAKGGKIGLFGGAGVGKTVLIME
LINNVAKAHGGYSVFAGVGERTREGNDLYHEMIESGVINLKDATSKVALVYGQMNEPPGARARVALTGLTVAEYFRDQEG
QDVLLFIDNIFRFTQAGSEVSALLGRIPSAVGYQPTLATDMGTMQERITTTKKGSITSVQAIYVPADDLTDPAPATTFAH
LDATTVLSRAIAELGIYPAVDPLDSTSRIMDPNIVGSEHYDVARGVQKILQDYKSLQDIIAILGMDELSEEDKLTVSRAR
KIQRFLSQPFQVAEVFTGHLGKLVPLKETIKGFQQILAGEYDHLPEQAFYMVGPIEEAVAKADKLAE
;
D,E,F
3 'polypeptide(L)'
;ATLKDITRRLKSIKNIQKITKSMKMVAAAKYARAERELKPARVYGVGSLALYEKADIKTPEDKKKHLIIGVSSDRGLCGA
IHSSVAKQMKSEAANLAAAGKEVKIIGVGDKIRSILHRTHSDQFLVTFKEVGRRPPTFGDASVIALELLNSGYEFDEGSI
IFNRFRSVISYKTEEKPIFSLDTISSAESMSIYDDIDADVLRNYQEYSLANIIYYSLKESTTSEQSARMTAMDNASKNAS
EMIDKLTLTFNRTRQAVITKELIEIISGAAAL
;
G
4 'polypeptide(L)'
;QMSFTFASPTQVFFNSANVRQVDVPTQTGAFGILAAHVPTLQVLRPGLVVVHAEDGTTSKYFVSSGSVTVNADSSVQLLA
EEAVTLDMLDLGAAKANLEKAQSELLGAADEATRAEIQIRIEANEALVKAL
;
H
5 'polypeptide(L)' VAYWRQAGLSYIRYSQICAKAVRDALKTEFKANAMKTSGSTIKIVKV I
6 'polypeptide(L)' IDTAAKFIGAGAATVGVAGSGAGIGTVFGSLIIGYARNPSLKQQLFSYAILGFALSEAMGLFCLMVAFLILF J,K,L,M,N,O,P,Q
#
loop_
_chem_comp.id
_chem_comp.type
_chem_comp.name
_chem_comp.formula
ANP non-polymer 'PHOSPHOAMINOPHOSPHONIC ACID-ADENYLATE ESTER' 'C10 H17 N6 O12 P3'
GOL non-polymer GLYCEROL 'C3 H8 O3'
MG non-polymer 'MAGNESIUM ION' 'Mg 2'
SO4 non-polymer 'SULFATE ION' 'O4 S -2'
#
# COMPACT_ATOMS: atom_id res chain seq x y z
N ALA A 1 79.38 8.99 24.03
CA ALA A 1 80.00 8.25 25.17
C ALA A 1 78.93 7.69 26.13
N ASP A 2 78.42 8.56 27.02
CA ASP A 2 77.41 8.18 28.00
C ASP A 2 76.03 8.80 27.70
N THR A 3 75.01 7.94 27.62
CA THR A 3 73.63 8.31 27.28
C THR A 3 73.52 9.10 25.96
N SER A 4 74.29 8.68 24.95
CA SER A 4 74.29 9.34 23.65
C SER A 4 73.05 8.98 22.82
N VAL A 5 72.74 7.67 22.76
CA VAL A 5 71.54 7.12 22.06
C VAL A 5 71.48 7.54 20.58
N ASP A 6 71.70 6.57 19.69
CA ASP A 6 71.70 6.83 18.24
C ASP A 6 70.30 7.15 17.71
N LEU A 7 69.81 8.36 18.05
CA LEU A 7 68.45 8.81 17.71
C LEU A 7 68.16 8.82 16.21
N GLU A 8 69.21 8.66 15.41
CA GLU A 8 69.08 8.66 13.96
C GLU A 8 68.58 7.33 13.41
N GLU A 9 69.15 6.24 13.90
CA GLU A 9 68.79 4.91 13.40
C GLU A 9 68.04 4.09 14.45
N THR A 10 68.05 4.56 15.70
CA THR A 10 67.36 3.87 16.80
C THR A 10 66.48 4.83 17.61
N GLY A 11 65.87 4.30 18.66
CA GLY A 11 65.02 5.07 19.56
C GLY A 11 64.48 4.23 20.70
N ARG A 12 63.57 4.80 21.49
CA ARG A 12 62.97 4.11 22.63
C ARG A 12 61.46 4.34 22.72
N VAL A 13 60.75 3.33 23.21
CA VAL A 13 59.29 3.39 23.33
C VAL A 13 58.87 4.41 24.38
N LEU A 14 58.27 5.51 23.92
CA LEU A 14 57.76 6.55 24.81
C LEU A 14 56.48 6.12 25.52
N SER A 15 55.66 5.32 24.82
CA SER A 15 54.37 4.89 25.32
C SER A 15 53.79 3.80 24.44
N ILE A 16 53.41 2.68 25.07
CA ILE A 16 52.80 1.54 24.37
C ILE A 16 51.41 1.23 24.90
N GLY A 17 50.51 0.87 23.99
CA GLY A 17 49.16 0.47 24.33
C GLY A 17 48.30 0.28 23.08
N ASP A 18 47.41 -0.71 23.13
CA ASP A 18 46.44 -0.97 22.06
C ASP A 18 47.08 -1.16 20.68
N GLY A 19 48.19 -1.91 20.64
CA GLY A 19 48.92 -2.17 19.40
C GLY A 19 49.53 -0.93 18.76
N ILE A 20 49.63 0.14 19.54
CA ILE A 20 50.22 1.40 19.10
C ILE A 20 51.40 1.74 19.99
N ALA A 21 52.58 1.85 19.38
CA ALA A 21 53.80 2.22 20.07
C ALA A 21 54.24 3.60 19.60
N ARG A 22 54.28 4.55 20.53
CA ARG A 22 54.82 5.87 20.25
C ARG A 22 56.30 5.84 20.59
N VAL A 23 57.14 6.00 19.58
CA VAL A 23 58.58 5.80 19.74
C VAL A 23 59.36 7.10 19.59
N HIS A 24 60.27 7.36 20.53
CA HIS A 24 61.18 8.49 20.43
C HIS A 24 62.38 8.14 19.54
N GLY A 25 62.82 9.11 18.75
CA GLY A 25 63.99 8.95 17.90
C GLY A 25 63.65 8.49 16.50
N LEU A 26 64.40 7.51 16.02
CA LEU A 26 64.24 6.94 14.68
C LEU A 26 64.24 8.00 13.58
N ARG A 27 65.09 9.02 13.74
CA ARG A 27 65.05 10.21 12.88
C ARG A 27 65.13 9.95 11.36
N ASN A 28 65.58 8.76 10.98
CA ASN A 28 65.72 8.39 9.57
C ASN A 28 64.69 7.38 9.04
N VAL A 29 63.64 7.10 9.81
CA VAL A 29 62.61 6.14 9.37
C VAL A 29 61.76 6.65 8.20
N GLN A 30 61.55 5.76 7.24
CA GLN A 30 60.63 6.01 6.14
C GLN A 30 59.21 5.58 6.55
N ALA A 31 58.20 6.23 5.99
CA ALA A 31 56.81 5.84 6.26
C ALA A 31 56.55 4.43 5.75
N GLU A 32 55.75 3.67 6.51
CA GLU A 32 55.44 2.27 6.19
C GLU A 32 56.65 1.34 6.21
N GLU A 33 57.63 1.64 7.08
CA GLU A 33 58.84 0.82 7.19
C GLU A 33 58.82 -0.07 8.43
N MET A 34 59.11 -1.35 8.22
CA MET A 34 59.13 -2.34 9.30
C MET A 34 60.24 -2.06 10.31
N VAL A 35 59.88 -2.11 11.59
CA VAL A 35 60.84 -1.93 12.68
C VAL A 35 60.95 -3.16 13.58
N GLU A 36 61.82 -3.09 14.58
CA GLU A 36 62.06 -4.21 15.48
C GLU A 36 62.25 -3.75 16.93
N PHE A 37 61.39 -4.26 17.80
CA PHE A 37 61.41 -3.95 19.24
C PHE A 37 62.41 -4.83 19.99
N SER A 38 62.70 -4.45 21.24
CA SER A 38 63.60 -5.21 22.11
C SER A 38 63.25 -6.69 22.09
N SER A 39 61.97 -7.00 22.27
CA SER A 39 61.47 -8.36 22.41
C SER A 39 61.51 -9.22 21.15
N GLY A 40 61.89 -8.61 20.03
CA GLY A 40 61.99 -9.32 18.75
C GLY A 40 60.78 -9.15 17.84
N LEU A 41 59.77 -8.44 18.36
CA LEU A 41 58.54 -8.14 17.64
C LEU A 41 58.78 -7.19 16.47
N LYS A 42 57.89 -7.28 15.47
CA LYS A 42 57.92 -6.34 14.36
C LYS A 42 56.85 -5.26 14.54
N GLY A 43 56.97 -4.19 13.77
CA GLY A 43 56.03 -3.07 13.82
C GLY A 43 56.19 -2.17 12.60
N MET A 44 55.17 -1.37 12.32
CA MET A 44 55.24 -0.45 11.19
C MET A 44 55.06 1.00 11.58
N SER A 45 55.85 1.86 10.93
CA SER A 45 55.80 3.29 11.16
C SER A 45 54.76 3.92 10.22
N LEU A 46 53.50 3.90 10.65
CA LEU A 46 52.41 4.41 9.81
C LEU A 46 52.17 5.89 10.06
N ASN A 47 52.61 6.37 11.21
CA ASN A 47 52.56 7.79 11.55
C ASN A 47 53.95 8.38 11.82
N LEU A 48 54.36 9.34 11.00
CA LEU A 48 55.57 10.09 11.25
C LEU A 48 55.22 11.48 11.77
N GLU A 49 55.56 11.72 13.03
CA GLU A 49 55.22 12.99 13.68
C GLU A 49 56.46 13.73 14.19
N PRO A 50 56.36 15.07 14.39
CA PRO A 50 57.50 15.89 14.77
C PRO A 50 58.33 15.29 15.90
N ASP A 51 57.66 14.94 17.00
CA ASP A 51 58.34 14.51 18.22
C ASP A 51 58.33 13.01 18.49
N ASN A 52 57.60 12.25 17.66
CA ASN A 52 57.50 10.79 17.84
C ASN A 52 57.21 10.03 16.55
N VAL A 53 57.08 8.71 16.67
CA VAL A 53 56.60 7.85 15.60
C VAL A 53 55.60 6.87 16.20
N GLY A 54 54.41 6.81 15.62
CA GLY A 54 53.37 5.86 16.04
C GLY A 54 53.51 4.57 15.26
N VAL A 55 53.84 3.49 15.96
CA VAL A 55 54.09 2.21 15.33
C VAL A 55 53.01 1.18 15.68
N VAL A 56 52.44 0.56 14.65
CA VAL A 56 51.44 -0.49 14.83
C VAL A 56 52.12 -1.85 15.07
N VAL A 57 51.80 -2.46 16.20
CA VAL A 57 52.49 -3.65 16.67
C VAL A 57 52.06 -4.92 15.93
N PHE A 58 53.04 -5.66 15.43
CA PHE A 58 52.82 -6.97 14.82
C PHE A 58 52.91 -8.06 15.88
N GLY A 59 51.90 -8.12 16.75
CA GLY A 59 51.84 -9.12 17.81
C GLY A 59 51.29 -8.64 19.12
N ASN A 60 51.64 -9.34 20.20
CA ASN A 60 51.17 -9.00 21.54
C ASN A 60 51.99 -7.86 22.14
N ASP A 61 51.31 -6.80 22.56
CA ASP A 61 51.97 -5.59 23.07
C ASP A 61 52.41 -5.64 24.54
N LYS A 62 52.27 -6.81 25.18
CA LYS A 62 52.77 -7.00 26.55
C LYS A 62 54.30 -6.95 26.58
N LEU A 63 54.90 -7.48 25.51
CA LEU A 63 56.34 -7.62 25.38
C LEU A 63 57.06 -6.30 25.19
N ILE A 64 56.34 -5.30 24.71
CA ILE A 64 56.87 -3.95 24.60
C ILE A 64 56.58 -3.17 25.88
N LYS A 65 57.62 -2.59 26.47
CA LYS A 65 57.49 -1.71 27.63
C LYS A 65 58.00 -0.31 27.29
N GLU A 66 57.94 0.59 28.27
CA GLU A 66 58.46 1.95 28.10
C GLU A 66 60.00 1.92 28.08
N GLY A 67 60.58 2.65 27.13
CA GLY A 67 62.02 2.74 27.01
C GLY A 67 62.69 1.54 26.35
N ASP A 68 61.89 0.72 25.66
CA ASP A 68 62.41 -0.41 24.88
C ASP A 68 63.08 0.09 23.61
N ILE A 69 64.25 -0.45 23.32
CA ILE A 69 65.07 -0.01 22.18
C ILE A 69 64.45 -0.45 20.86
N VAL A 70 64.10 0.53 20.02
CA VAL A 70 63.47 0.28 18.73
C VAL A 70 64.49 0.49 17.62
N LYS A 71 64.71 -0.54 16.81
CA LYS A 71 65.78 -0.55 15.82
C LYS A 71 65.32 -0.54 14.37
N ARG A 72 65.94 0.32 13.57
CA ARG A 72 65.87 0.23 12.11
C ARG A 72 66.83 -0.87 11.66
N THR A 73 66.32 -1.78 10.82
CA THR A 73 67.18 -2.79 10.20
C THR A 73 66.99 -2.79 8.67
N GLY A 74 66.51 -1.65 8.16
CA GLY A 74 66.33 -1.41 6.72
C GLY A 74 65.41 -2.38 6.03
N ALA A 75 64.41 -2.87 6.76
CA ALA A 75 63.51 -3.91 6.28
C ALA A 75 62.59 -3.45 5.13
N ILE A 76 62.47 -4.31 4.13
CA ILE A 76 61.54 -4.12 3.02
C ILE A 76 60.39 -5.11 3.24
N VAL A 77 59.18 -4.59 3.47
CA VAL A 77 58.04 -5.43 3.81
C VAL A 77 57.57 -6.28 2.61
N ASP A 78 58.15 -7.47 2.48
CA ASP A 78 57.88 -8.32 1.33
C ASP A 78 57.60 -9.77 1.71
N VAL A 79 56.86 -10.46 0.85
CA VAL A 79 56.40 -11.83 1.11
C VAL A 79 57.00 -12.84 0.13
N PRO A 80 57.22 -14.10 0.59
CA PRO A 80 57.64 -15.15 -0.35
C PRO A 80 56.61 -15.32 -1.47
N VAL A 81 57.09 -15.59 -2.68
CA VAL A 81 56.24 -15.65 -3.85
C VAL A 81 56.70 -16.75 -4.83
N GLY A 82 55.77 -17.28 -5.62
CA GLY A 82 56.11 -18.34 -6.57
C GLY A 82 55.37 -19.64 -6.33
N GLU A 83 55.61 -20.62 -7.20
CA GLU A 83 54.85 -21.87 -7.25
C GLU A 83 55.13 -22.81 -6.07
N GLU A 84 56.16 -22.51 -5.30
CA GLU A 84 56.50 -23.31 -4.12
C GLU A 84 55.45 -23.15 -3.03
N LEU A 85 54.67 -22.07 -3.11
CA LEU A 85 53.64 -21.78 -2.12
C LEU A 85 52.34 -22.55 -2.36
N LEU A 86 52.09 -22.95 -3.61
CA LEU A 86 50.90 -23.74 -3.94
C LEU A 86 50.87 -25.02 -3.14
N GLY A 87 49.77 -25.25 -2.43
CA GLY A 87 49.58 -26.43 -1.60
C GLY A 87 49.86 -26.16 -0.13
N ARG A 88 50.36 -24.97 0.17
CA ARG A 88 50.70 -24.60 1.54
C ARG A 88 49.68 -23.64 2.15
N VAL A 89 49.61 -23.61 3.47
CA VAL A 89 48.78 -22.67 4.20
C VAL A 89 49.70 -21.72 4.95
N VAL A 90 50.02 -20.59 4.34
CA VAL A 90 50.92 -19.62 4.94
C VAL A 90 50.16 -18.56 5.75
N ASP A 91 50.89 -17.83 6.59
CA ASP A 91 50.30 -16.77 7.40
C ASP A 91 50.23 -15.47 6.60
N ALA A 92 49.83 -14.39 7.27
CA ALA A 92 49.67 -13.08 6.64
C ALA A 92 50.94 -12.53 5.98
N LEU A 93 52.10 -13.08 6.33
CA LEU A 93 53.38 -12.59 5.80
C LEU A 93 54.19 -13.61 5.01
N GLY A 94 53.61 -14.78 4.79
CA GLY A 94 54.24 -15.82 3.98
C GLY A 94 54.82 -16.97 4.76
N ASN A 95 54.92 -16.81 6.09
CA ASN A 95 55.41 -17.87 6.96
C ASN A 95 54.45 -19.05 6.94
N ALA A 96 54.99 -20.26 6.92
CA ALA A 96 54.15 -21.46 6.93
C ALA A 96 53.53 -21.67 8.30
N ILE A 97 52.23 -21.97 8.33
CA ILE A 97 51.52 -22.29 9.58
C ILE A 97 50.76 -23.61 9.50
N ASP A 98 51.08 -24.42 8.49
CA ASP A 98 50.46 -25.74 8.32
C ASP A 98 51.37 -26.89 8.76
N GLY A 99 52.41 -26.57 9.53
CA GLY A 99 53.30 -27.56 10.13
C GLY A 99 53.98 -28.52 9.16
N LYS A 100 54.34 -28.01 8.00
CA LYS A 100 54.98 -28.81 6.96
C LYS A 100 56.36 -28.27 6.59
N GLY A 101 56.99 -27.61 7.56
CA GLY A 101 58.33 -27.06 7.38
C GLY A 101 58.35 -25.79 6.55
N PRO A 102 59.56 -25.28 6.25
CA PRO A 102 59.71 -24.05 5.47
C PRO A 102 59.30 -24.23 4.02
N ILE A 103 59.08 -23.11 3.33
CA ILE A 103 58.75 -23.13 1.91
C ILE A 103 60.03 -22.87 1.12
N GLY A 104 60.27 -23.68 0.09
CA GLY A 104 61.43 -23.55 -0.78
C GLY A 104 61.34 -22.38 -1.74
N SER A 105 60.79 -21.27 -1.25
CA SER A 105 60.62 -20.05 -2.02
C SER A 105 61.95 -19.42 -2.41
N LYS A 106 62.08 -19.01 -3.67
CA LYS A 106 63.28 -18.33 -4.16
C LYS A 106 63.00 -16.86 -4.50
N ALA A 107 61.96 -16.64 -5.29
CA ALA A 107 61.48 -15.29 -5.58
C ALA A 107 60.69 -14.74 -4.40
N ARG A 108 60.85 -13.45 -4.12
CA ARG A 108 60.09 -12.77 -3.06
C ARG A 108 59.68 -11.37 -3.51
N ARG A 109 58.42 -11.03 -3.29
CA ARG A 109 57.81 -9.83 -3.84
C ARG A 109 57.32 -8.88 -2.75
N ARG A 110 57.44 -7.58 -3.00
CA ARG A 110 56.91 -6.54 -2.11
C ARG A 110 55.38 -6.59 -2.06
N VAL A 111 54.81 -6.22 -0.92
CA VAL A 111 53.35 -6.18 -0.76
C VAL A 111 52.74 -4.84 -1.16
N GLY A 112 53.59 -3.80 -1.21
CA GLY A 112 53.14 -2.45 -1.54
C GLY A 112 53.58 -1.95 -2.91
N LEU A 113 53.35 -2.76 -3.93
CA LEU A 113 53.65 -2.39 -5.31
C LEU A 113 52.48 -1.68 -5.98
N LYS A 114 52.78 -0.88 -6.99
CA LYS A 114 51.75 -0.18 -7.74
C LYS A 114 51.08 -1.11 -8.75
N ALA A 115 49.81 -0.84 -9.03
CA ALA A 115 49.07 -1.55 -10.07
C ALA A 115 49.65 -1.20 -11.44
N PRO A 116 49.47 -2.09 -12.44
CA PRO A 116 49.89 -1.76 -13.81
C PRO A 116 49.15 -0.53 -14.33
N GLY A 117 49.76 0.19 -15.27
CA GLY A 117 49.17 1.40 -15.82
C GLY A 117 48.01 1.14 -16.77
N ILE A 118 47.69 2.14 -17.59
CA ILE A 118 46.64 2.01 -18.60
C ILE A 118 47.14 1.16 -19.76
N ILE A 119 48.35 1.45 -20.21
CA ILE A 119 48.91 0.90 -21.44
C ILE A 119 49.04 -0.63 -21.47
N PRO A 120 49.88 -1.21 -20.57
CA PRO A 120 50.26 -2.63 -20.70
C PRO A 120 49.10 -3.63 -20.53
N ARG A 121 47.88 -3.11 -20.45
CA ARG A 121 46.69 -3.92 -20.28
C ARG A 121 45.95 -4.12 -21.59
N ILE A 122 45.30 -5.27 -21.72
CA ILE A 122 44.41 -5.55 -22.84
C ILE A 122 43.01 -5.92 -22.33
N SER A 123 42.00 -5.69 -23.18
CA SER A 123 40.60 -5.95 -22.84
C SER A 123 40.35 -7.37 -22.36
N VAL A 124 39.46 -7.50 -21.36
CA VAL A 124 39.10 -8.80 -20.80
C VAL A 124 38.23 -9.55 -21.80
N ARG A 125 38.66 -10.76 -22.16
CA ARG A 125 37.97 -11.56 -23.17
C ARG A 125 38.06 -13.08 -22.91
N GLU A 126 39.09 -13.51 -22.19
CA GLU A 126 39.26 -14.92 -21.82
C GLU A 126 38.26 -15.30 -20.73
N PRO A 127 37.71 -16.54 -20.78
CA PRO A 127 36.73 -16.91 -19.77
C PRO A 127 37.35 -17.33 -18.44
N MET A 128 36.68 -16.98 -17.36
CA MET A 128 37.02 -17.46 -16.04
C MET A 128 35.80 -18.23 -15.52
N GLN A 129 35.92 -19.56 -15.47
CA GLN A 129 34.77 -20.42 -15.19
C GLN A 129 34.62 -20.72 -13.71
N THR A 130 33.42 -20.42 -13.19
CA THR A 130 33.09 -20.68 -11.79
C THR A 130 32.52 -22.07 -11.61
N GLY A 131 32.01 -22.64 -12.70
CA GLY A 131 31.32 -23.92 -12.62
C GLY A 131 29.94 -23.79 -12.01
N ILE A 132 29.52 -22.54 -11.82
CA ILE A 132 28.18 -22.25 -11.31
C ILE A 132 27.33 -21.65 -12.43
N LYS A 133 26.32 -22.41 -12.83
CA LYS A 133 25.46 -22.05 -13.97
C LYS A 133 24.96 -20.64 -13.83
N ALA A 134 24.27 -20.38 -12.72
CA ALA A 134 23.72 -19.06 -12.43
C ALA A 134 24.73 -17.95 -12.74
N VAL A 135 25.96 -18.13 -12.30
CA VAL A 135 27.02 -17.15 -12.53
C VAL A 135 27.42 -17.06 -14.00
N ASP A 136 27.93 -18.18 -14.54
CA ASP A 136 28.54 -18.19 -15.87
C ASP A 136 27.57 -17.74 -16.98
N SER A 137 26.28 -17.87 -16.72
CA SER A 137 25.25 -17.49 -17.69
C SER A 137 24.60 -16.11 -17.45
N LEU A 138 24.60 -15.64 -16.21
CA LEU A 138 23.93 -14.36 -15.89
C LEU A 138 24.86 -13.25 -15.41
N VAL A 139 25.88 -13.63 -14.63
CA VAL A 139 26.85 -12.65 -14.13
C VAL A 139 28.28 -13.12 -14.48
N PRO A 140 28.58 -13.24 -15.78
CA PRO A 140 29.77 -13.94 -16.26
C PRO A 140 31.07 -13.26 -15.86
N ILE A 141 32.07 -14.06 -15.48
CA ILE A 141 33.35 -13.53 -15.03
C ILE A 141 34.46 -13.91 -16.00
N GLY A 142 35.35 -12.95 -16.26
CA GLY A 142 36.49 -13.14 -17.15
C GLY A 142 37.82 -12.81 -16.51
N ARG A 143 38.90 -13.30 -17.11
CA ARG A 143 40.25 -13.19 -16.54
C ARG A 143 40.83 -11.79 -16.62
N GLY A 144 41.23 -11.25 -15.47
CA GLY A 144 41.66 -9.86 -15.34
C GLY A 144 40.59 -8.99 -14.71
N GLN A 145 39.39 -9.55 -14.55
CA GLN A 145 38.22 -8.82 -14.04
C GLN A 145 38.19 -8.78 -12.50
N ARG A 146 37.39 -7.87 -11.96
CA ARG A 146 37.09 -7.83 -10.54
C ARG A 146 35.58 -8.00 -10.36
N GLU A 147 35.17 -9.02 -9.60
CA GLU A 147 33.75 -9.28 -9.37
C GLU A 147 33.44 -9.47 -7.89
N LEU A 148 32.44 -8.77 -7.39
CA LEU A 148 32.16 -8.75 -5.96
C LEU A 148 31.09 -9.75 -5.51
N ILE A 149 31.49 -10.61 -4.57
CA ILE A 149 30.54 -11.47 -3.85
C ILE A 149 29.99 -10.62 -2.72
N ILE A 150 28.67 -10.46 -2.66
CA ILE A 150 28.07 -9.58 -1.67
C ILE A 150 26.66 -10.01 -1.24
N GLY A 151 26.55 -10.39 0.03
CA GLY A 151 25.27 -10.74 0.65
C GLY A 151 25.40 -10.71 2.16
N ASP A 152 24.30 -10.95 2.86
CA ASP A 152 24.34 -11.01 4.32
C ASP A 152 25.10 -12.25 4.78
N ARG A 153 25.23 -12.39 6.09
CA ARG A 153 25.84 -13.58 6.69
C ARG A 153 25.10 -14.86 6.29
N GLN A 154 25.88 -15.91 6.08
CA GLN A 154 25.40 -17.26 5.68
C GLN A 154 24.47 -17.29 4.47
N THR A 155 24.68 -16.38 3.51
CA THR A 155 23.85 -16.34 2.31
C THR A 155 24.42 -17.20 1.18
N GLY A 156 25.59 -17.79 1.43
CA GLY A 156 26.26 -18.64 0.45
C GLY A 156 27.42 -17.95 -0.24
N LYS A 157 27.99 -16.95 0.43
CA LYS A 157 29.03 -16.11 -0.17
C LYS A 157 30.33 -16.87 -0.42
N THR A 158 30.79 -17.60 0.59
CA THR A 158 32.03 -18.36 0.52
C THR A 158 31.88 -19.53 -0.47
N SER A 159 30.71 -20.15 -0.50
CA SER A 159 30.44 -21.30 -1.35
C SER A 159 30.68 -21.02 -2.82
N ILE A 160 30.35 -19.79 -3.25
CA ILE A 160 30.57 -19.37 -4.63
C ILE A 160 32.06 -19.43 -4.94
N ALA A 161 32.87 -18.85 -4.05
CA ALA A 161 34.32 -18.87 -4.17
C ALA A 161 34.85 -20.29 -4.12
N ILE A 162 34.37 -21.07 -3.14
CA ILE A 162 34.74 -22.47 -2.95
C ILE A 162 34.54 -23.33 -4.20
N ASP A 163 33.35 -23.25 -4.81
CA ASP A 163 33.03 -24.07 -5.98
C ASP A 163 33.89 -23.71 -7.18
N THR A 164 34.34 -22.45 -7.23
CA THR A 164 35.21 -21.98 -8.29
C THR A 164 36.59 -22.62 -8.22
N ILE A 165 37.16 -22.67 -7.01
CA ILE A 165 38.45 -23.33 -6.77
C ILE A 165 38.44 -24.78 -7.25
N ILE A 166 37.40 -25.51 -6.87
CA ILE A 166 37.23 -26.92 -7.22
C ILE A 166 37.08 -27.11 -8.74
N ASN A 167 36.44 -26.14 -9.39
CA ASN A 167 36.21 -26.15 -10.84
C ASN A 167 37.48 -26.19 -11.67
N GLN A 168 38.54 -25.57 -11.14
CA GLN A 168 39.81 -25.43 -11.86
C GLN A 168 40.56 -26.74 -12.05
N LYS A 169 40.30 -27.72 -11.18
CA LYS A 169 40.92 -29.04 -11.28
C LYS A 169 40.84 -29.56 -12.71
N ARG A 170 39.70 -29.34 -13.35
CA ARG A 170 39.46 -29.76 -14.71
C ARG A 170 40.54 -29.22 -15.65
N PHE A 171 40.76 -27.92 -15.57
CA PHE A 171 41.72 -27.23 -16.45
C PHE A 171 43.17 -27.47 -16.00
N ASN A 172 43.36 -27.59 -14.68
CA ASN A 172 44.69 -27.68 -14.08
C ASN A 172 45.32 -29.08 -14.11
N ASP A 173 44.55 -30.06 -14.56
CA ASP A 173 45.05 -31.41 -14.71
C ASP A 173 45.19 -31.81 -16.18
N GLY A 174 44.59 -31.01 -17.06
CA GLY A 174 44.65 -31.24 -18.50
C GLY A 174 45.93 -30.74 -19.15
N THR A 175 45.92 -30.70 -20.48
CA THR A 175 47.09 -30.27 -21.26
C THR A 175 47.07 -28.79 -21.62
N ASP A 176 45.88 -28.24 -21.87
CA ASP A 176 45.72 -26.83 -22.25
C ASP A 176 46.23 -25.88 -21.15
N GLU A 177 47.48 -25.44 -21.31
CA GLU A 177 48.20 -24.69 -20.28
C GLU A 177 47.75 -23.23 -20.12
N LYS A 178 47.30 -22.63 -21.21
CA LYS A 178 46.79 -21.26 -21.19
C LYS A 178 45.55 -21.19 -20.30
N LYS A 179 44.70 -22.21 -20.40
CA LYS A 179 43.43 -22.25 -19.65
C LYS A 179 43.56 -22.62 -18.17
N LYS A 180 44.78 -22.88 -17.70
CA LYS A 180 45.02 -23.20 -16.29
C LYS A 180 44.77 -21.98 -15.40
N LEU A 181 44.30 -22.22 -14.19
CA LEU A 181 44.06 -21.16 -13.22
C LEU A 181 44.57 -21.54 -11.84
N TYR A 182 45.42 -20.69 -11.29
CA TYR A 182 45.97 -20.92 -9.96
C TYR A 182 45.15 -20.15 -8.93
N CYS A 183 44.89 -20.78 -7.80
CA CYS A 183 44.00 -20.22 -6.80
C CYS A 183 44.72 -19.69 -5.56
N ILE A 184 44.26 -18.54 -5.07
CA ILE A 184 44.77 -17.92 -3.86
C ILE A 184 43.61 -17.44 -3.00
N TYR A 185 43.45 -18.06 -1.83
CA TYR A 185 42.36 -17.74 -0.90
C TYR A 185 42.89 -17.05 0.35
N VAL A 186 42.46 -15.82 0.58
CA VAL A 186 42.91 -15.05 1.73
C VAL A 186 41.84 -14.95 2.81
N ALA A 187 42.06 -15.64 3.93
CA ALA A 187 41.18 -15.55 5.07
C ALA A 187 41.59 -14.34 5.91
N ILE A 188 40.70 -13.36 5.98
CA ILE A 188 40.98 -12.13 6.72
C ILE A 188 40.01 -11.98 7.89
N GLY A 189 40.53 -12.14 9.10
CA GLY A 189 39.74 -11.98 10.32
C GLY A 189 38.78 -13.10 10.69
N GLN A 190 38.89 -14.25 10.01
CA GLN A 190 38.05 -15.41 10.29
C GLN A 190 38.55 -16.17 11.52
N LYS A 191 37.79 -17.19 11.95
CA LYS A 191 38.25 -18.07 13.03
C LYS A 191 39.00 -19.29 12.48
N ARG A 192 40.03 -19.73 13.22
CA ARG A 192 40.91 -20.82 12.76
C ARG A 192 40.21 -22.11 12.36
N SER A 193 39.17 -22.50 13.12
CA SER A 193 38.41 -23.71 12.81
C SER A 193 37.68 -23.66 11.46
N THR A 194 37.18 -22.49 11.09
CA THR A 194 36.54 -22.32 9.79
C THR A 194 37.60 -22.37 8.69
N VAL A 195 38.76 -21.79 8.96
CA VAL A 195 39.89 -21.82 8.02
C VAL A 195 40.47 -23.24 7.88
N ALA A 196 40.29 -24.06 8.92
CA ALA A 196 40.68 -25.46 8.89
C ALA A 196 39.65 -26.28 8.12
N GLN A 197 38.37 -25.97 8.33
CA GLN A 197 37.27 -26.59 7.60
C GLN A 197 37.39 -26.32 6.10
N LEU A 198 38.03 -25.20 5.77
CA LEU A 198 38.22 -24.76 4.41
C LEU A 198 39.22 -25.65 3.68
N VAL A 199 40.46 -25.69 4.18
CA VAL A 199 41.55 -26.40 3.50
C VAL A 199 41.28 -27.89 3.33
N LYS A 200 40.53 -28.46 4.27
CA LYS A 200 40.08 -29.85 4.17
C LYS A 200 39.15 -30.01 2.97
N ARG A 201 38.21 -29.07 2.84
CA ARG A 201 37.27 -29.08 1.72
C ARG A 201 37.96 -28.88 0.39
N LEU A 202 39.16 -28.29 0.43
CA LEU A 202 39.97 -28.15 -0.78
C LEU A 202 40.88 -29.37 -0.99
N THR A 203 41.28 -30.02 0.09
CA THR A 203 42.07 -31.25 0.01
C THR A 203 41.23 -32.38 -0.60
N ASP A 204 39.99 -32.51 -0.12
CA ASP A 204 39.07 -33.56 -0.54
C ASP A 204 38.66 -33.45 -2.01
N ALA A 205 38.83 -32.25 -2.56
CA ALA A 205 38.54 -32.01 -3.98
C ALA A 205 39.78 -32.25 -4.84
N ASP A 206 40.92 -32.46 -4.17
CA ASP A 206 42.24 -32.46 -4.80
C ASP A 206 42.51 -31.11 -5.46
N ALA A 207 42.01 -30.06 -4.80
CA ALA A 207 42.14 -28.70 -5.31
C ALA A 207 43.28 -27.95 -4.62
N MET A 208 43.64 -28.39 -3.41
CA MET A 208 44.71 -27.75 -2.63
C MET A 208 46.05 -27.66 -3.37
N LYS A 209 46.41 -28.72 -4.09
CA LYS A 209 47.67 -28.77 -4.83
C LYS A 209 47.95 -27.50 -5.64
N TYR A 210 46.88 -26.81 -6.07
CA TYR A 210 47.00 -25.56 -6.84
C TYR A 210 46.41 -24.34 -6.13
N THR A 211 46.44 -24.35 -4.80
CA THR A 211 45.84 -23.27 -4.02
C THR A 211 46.79 -22.75 -2.95
N ILE A 212 47.03 -21.44 -2.97
CA ILE A 212 47.80 -20.80 -1.91
C ILE A 212 46.81 -20.20 -0.92
N VAL A 213 46.85 -20.67 0.33
CA VAL A 213 45.97 -20.17 1.37
C VAL A 213 46.71 -19.21 2.30
N VAL A 214 46.47 -17.91 2.10
CA VAL A 214 47.01 -16.85 2.96
C VAL A 214 46.02 -16.60 4.09
N SER A 215 46.45 -16.77 5.33
CA SER A 215 45.55 -16.69 6.46
C SER A 215 45.99 -15.70 7.53
N ALA A 216 45.11 -14.75 7.83
CA ALA A 216 45.24 -13.91 9.00
C ALA A 216 43.92 -14.03 9.74
N THR A 217 43.94 -14.78 10.84
CA THR A 217 42.72 -15.05 11.60
C THR A 217 42.44 -13.95 12.64
N ALA A 218 41.26 -14.00 13.25
CA ALA A 218 40.82 -12.96 14.20
C ALA A 218 41.76 -12.73 15.39
N SER A 219 42.50 -13.77 15.78
CA SER A 219 43.48 -13.64 16.86
C SER A 219 44.74 -12.88 16.42
N ASP A 220 45.11 -12.99 15.14
CA ASP A 220 46.21 -12.22 14.57
C ASP A 220 45.93 -10.72 14.66
N ALA A 221 46.97 -9.95 14.97
CA ALA A 221 46.83 -8.52 15.29
C ALA A 221 46.31 -7.67 14.15
N ALA A 222 45.94 -6.43 14.47
CA ALA A 222 45.37 -5.48 13.50
C ALA A 222 46.17 -5.28 12.20
N PRO A 223 47.50 -5.04 12.30
CA PRO A 223 48.29 -4.84 11.08
C PRO A 223 48.41 -6.11 10.25
N LEU A 224 48.47 -7.26 10.92
CA LEU A 224 48.54 -8.55 10.25
C LEU A 224 47.34 -8.78 9.34
N GLN A 225 46.16 -8.38 9.80
CA GLN A 225 44.94 -8.52 9.01
C GLN A 225 44.86 -7.46 7.92
N TYR A 226 45.58 -6.36 8.11
CA TYR A 226 45.61 -5.27 7.15
C TYR A 226 46.49 -5.57 5.94
N LEU A 227 47.62 -6.26 6.18
CA LEU A 227 48.54 -6.60 5.10
C LEU A 227 48.13 -7.85 4.31
N ALA A 228 47.39 -8.74 4.98
CA ALA A 228 47.04 -10.06 4.44
C ALA A 228 46.40 -10.07 3.04
N PRO A 229 45.51 -9.10 2.74
CA PRO A 229 45.00 -9.05 1.36
C PRO A 229 46.11 -8.76 0.36
N TYR A 230 46.94 -7.76 0.66
CA TYR A 230 48.03 -7.35 -0.23
C TYR A 230 49.10 -8.43 -0.35
N SER A 231 49.34 -9.14 0.75
CA SER A 231 50.30 -10.23 0.77
C SER A 231 49.91 -11.35 -0.18
N GLY A 232 48.60 -11.60 -0.29
CA GLY A 232 48.09 -12.59 -1.25
C GLY A 232 48.18 -12.05 -2.65
N CYS A 233 47.92 -10.75 -2.80
CA CYS A 233 47.90 -10.10 -4.11
C CYS A 233 49.25 -10.23 -4.80
N SER A 234 50.32 -9.97 -4.06
CA SER A 234 51.69 -10.11 -4.57
C SER A 234 51.95 -11.52 -5.04
N MET A 235 51.44 -12.49 -4.29
CA MET A 235 51.59 -13.90 -4.62
C MET A 235 50.87 -14.25 -5.93
N GLY A 236 49.76 -13.57 -6.18
CA GLY A 236 48.99 -13.76 -7.42
C GLY A 236 49.59 -13.07 -8.62
N GLU A 237 50.27 -11.95 -8.36
CA GLU A 237 50.92 -11.14 -9.39
C GLU A 237 52.09 -11.86 -10.06
N TYR A 238 52.78 -12.69 -9.28
CA TYR A 238 53.87 -13.53 -9.81
C TYR A 238 53.40 -14.24 -11.07
N PHE A 239 52.33 -15.00 -10.96
CA PHE A 239 51.76 -15.73 -12.09
C PHE A 239 51.38 -14.77 -13.22
N ARG A 240 50.73 -13.67 -12.86
CA ARG A 240 50.26 -12.67 -13.81
C ARG A 240 51.40 -12.13 -14.67
N ASP A 241 52.48 -11.71 -14.00
CA ASP A 241 53.62 -11.10 -14.67
C ASP A 241 54.51 -12.11 -15.40
N ASN A 242 54.25 -13.40 -15.20
CA ASN A 242 55.01 -14.46 -15.87
C ASN A 242 54.13 -15.31 -16.80
N GLY A 243 53.20 -14.65 -17.47
CA GLY A 243 52.36 -15.28 -18.49
C GLY A 243 51.38 -16.35 -18.03
N LYS A 244 51.17 -16.47 -16.72
CA LYS A 244 50.24 -17.46 -16.19
C LYS A 244 48.95 -16.79 -15.69
N HIS A 245 48.02 -17.58 -15.15
CA HIS A 245 46.75 -17.06 -14.66
C HIS A 245 46.49 -17.39 -13.20
N ALA A 246 46.08 -16.39 -12.44
CA ALA A 246 45.82 -16.55 -11.01
C ALA A 246 44.49 -15.93 -10.58
N LEU A 247 43.81 -16.62 -9.66
CA LEU A 247 42.53 -16.16 -9.10
C LEU A 247 42.61 -15.99 -7.58
N ILE A 248 42.35 -14.77 -7.12
CA ILE A 248 42.43 -14.45 -5.69
C ILE A 248 41.06 -14.11 -5.10
N ILE A 249 40.83 -14.58 -3.87
CA ILE A 249 39.58 -14.31 -3.15
C ILE A 249 39.84 -13.70 -1.77
N TYR A 250 39.60 -12.39 -1.67
CA TYR A 250 39.70 -11.70 -0.39
C TYR A 250 38.44 -11.97 0.42
N ASP A 251 38.55 -12.89 1.38
CA ASP A 251 37.42 -13.25 2.24
C ASP A 251 37.77 -12.93 3.70
N ASP A 252 37.32 -11.77 4.19
CA ASP A 252 36.57 -10.79 3.39
C ASP A 252 37.12 -9.37 3.60
N LEU A 253 36.74 -8.45 2.71
CA LEU A 253 37.21 -7.07 2.75
C LEU A 253 36.53 -6.21 3.81
N SER A 254 35.32 -6.61 4.22
CA SER A 254 34.64 -5.93 5.31
C SER A 254 35.41 -6.08 6.61
N LYS A 255 36.07 -7.24 6.77
CA LYS A 255 36.87 -7.53 7.98
C LYS A 255 38.26 -6.91 7.95
N GLN A 256 38.81 -6.67 6.76
CA GLN A 256 40.05 -5.90 6.66
C GLN A 256 39.77 -4.43 6.95
N ALA A 257 38.61 -3.95 6.51
CA ALA A 257 38.16 -2.58 6.76
C ALA A 257 38.03 -2.27 8.24
N VAL A 258 37.62 -3.27 9.02
CA VAL A 258 37.51 -3.14 10.47
C VAL A 258 38.91 -3.08 11.08
N ALA A 259 39.77 -3.98 10.62
CA ALA A 259 41.16 -4.10 11.08
C ALA A 259 41.98 -2.86 10.78
N TYR A 260 41.67 -2.18 9.68
CA TYR A 260 42.33 -0.94 9.34
C TYR A 260 41.83 0.20 10.21
N ARG A 261 40.50 0.28 10.35
CA ARG A 261 39.82 1.32 11.11
C ARG A 261 40.36 1.45 12.53
N GLN A 262 40.50 0.30 13.20
CA GLN A 262 41.08 0.23 14.54
C GLN A 262 42.36 1.06 14.63
N MET A 263 43.29 0.79 13.72
CA MET A 263 44.62 1.42 13.71
C MET A 263 44.54 2.93 13.56
N SER A 264 43.72 3.39 12.62
CA SER A 264 43.55 4.83 12.37
C SER A 264 42.98 5.53 13.59
N LEU A 265 41.88 5.00 14.12
CA LEU A 265 41.24 5.52 15.33
C LEU A 265 42.21 5.60 16.50
N LEU A 266 43.11 4.61 16.58
CA LEU A 266 44.09 4.54 17.66
C LEU A 266 45.39 5.29 17.35
N LEU A 267 45.68 5.48 16.07
CA LEU A 267 46.75 6.41 15.67
C LEU A 267 46.21 7.83 15.72
N ARG A 268 44.92 7.95 16.02
CA ARG A 268 44.18 9.21 16.13
C ARG A 268 44.13 10.00 14.82
N ARG A 269 43.72 9.31 13.76
CA ARG A 269 43.38 9.96 12.49
C ARG A 269 41.90 10.33 12.51
N PRO A 270 41.52 11.39 11.77
CA PRO A 270 40.15 11.87 11.89
C PRO A 270 39.16 10.77 11.53
N PRO A 271 38.05 10.65 12.29
CA PRO A 271 37.03 9.69 11.92
C PRO A 271 35.98 10.29 10.97
N GLY A 272 35.46 9.45 10.07
CA GLY A 272 34.39 9.84 9.16
C GLY A 272 33.14 8.98 9.32
N ARG A 273 32.41 8.77 8.23
CA ARG A 273 31.21 7.93 8.26
C ARG A 273 31.54 6.55 8.84
N GLU A 274 30.74 6.13 9.83
CA GLU A 274 30.93 4.84 10.53
C GLU A 274 32.35 4.68 11.10
N ALA A 275 32.96 5.80 11.49
CA ALA A 275 34.30 5.85 12.09
C ALA A 275 35.47 5.44 11.17
N TYR A 276 35.22 5.44 9.85
CA TYR A 276 36.25 5.09 8.88
C TYR A 276 37.07 6.31 8.44
N PRO A 277 38.41 6.15 8.35
CA PRO A 277 39.30 7.22 7.89
C PRO A 277 39.09 7.56 6.42
N GLY A 278 39.66 8.69 5.98
CA GLY A 278 39.52 9.15 4.61
C GLY A 278 40.06 8.21 3.54
N ASP A 279 41.11 7.48 3.88
CA ASP A 279 41.82 6.63 2.92
C ASP A 279 41.45 5.13 2.97
N VAL A 280 40.20 4.83 3.31
CA VAL A 280 39.71 3.44 3.36
C VAL A 280 39.13 3.01 2.01
N PHE A 281 38.66 3.99 1.23
CA PHE A 281 38.30 3.79 -0.16
C PHE A 281 39.60 3.53 -0.90
N TYR A 282 40.61 4.33 -0.54
CA TYR A 282 41.97 4.28 -1.09
C TYR A 282 42.69 3.00 -0.67
N LEU A 283 42.26 2.43 0.45
CA LEU A 283 42.76 1.14 0.92
C LEU A 283 42.38 0.03 -0.06
N HIS A 284 41.14 0.07 -0.55
CA HIS A 284 40.61 -0.98 -1.41
C HIS A 284 40.76 -0.71 -2.89
N SER A 285 40.84 0.57 -3.26
CA SER A 285 40.98 0.96 -4.66
C SER A 285 42.34 0.55 -5.22
N ARG A 286 43.38 0.65 -4.41
CA ARG A 286 44.72 0.27 -4.86
C ARG A 286 44.96 -1.24 -4.79
N LEU A 287 44.16 -1.93 -3.97
CA LEU A 287 44.23 -3.39 -3.85
C LEU A 287 43.58 -4.10 -5.04
N LEU A 288 42.44 -3.58 -5.48
CA LEU A 288 41.63 -4.27 -6.48
C LEU A 288 41.93 -3.87 -7.92
N GLU A 289 42.57 -2.72 -8.12
CA GLU A 289 43.03 -2.34 -9.45
C GLU A 289 44.25 -3.17 -9.85
N ARG A 290 44.98 -3.65 -8.85
CA ARG A 290 46.14 -4.53 -9.04
C ARG A 290 45.82 -5.79 -9.85
N ALA A 291 44.55 -6.15 -9.92
CA ALA A 291 44.10 -7.24 -10.78
C ALA A 291 43.89 -6.71 -12.20
N ALA A 292 44.51 -7.38 -13.16
CA ALA A 292 44.43 -6.97 -14.58
C ALA A 292 44.73 -8.11 -15.55
N LYS A 293 44.48 -7.84 -16.82
CA LYS A 293 44.85 -8.74 -17.91
C LYS A 293 45.90 -8.04 -18.77
N MET A 294 47.10 -8.61 -18.79
CA MET A 294 48.23 -8.04 -19.52
C MET A 294 48.18 -8.45 -20.98
N ASN A 295 48.68 -7.59 -21.86
CA ASN A 295 48.81 -7.90 -23.29
C ASN A 295 50.00 -8.82 -23.58
N ASP A 296 50.00 -9.42 -24.77
CA ASP A 296 51.08 -10.32 -25.18
C ASP A 296 52.45 -9.61 -25.18
N ALA A 297 52.41 -8.28 -25.07
CA ALA A 297 53.60 -7.46 -24.88
C ALA A 297 54.24 -7.71 -23.52
N PHE A 298 53.41 -7.95 -22.51
CA PHE A 298 53.89 -8.17 -21.15
C PHE A 298 53.71 -9.62 -20.68
N GLY A 299 53.74 -10.55 -21.63
CA GLY A 299 53.64 -11.96 -21.31
C GLY A 299 52.24 -12.53 -21.48
N GLY A 300 51.25 -11.65 -21.42
CA GLY A 300 49.85 -12.01 -21.61
C GLY A 300 49.18 -12.70 -20.43
N GLY A 301 49.80 -12.60 -19.26
CA GLY A 301 49.26 -13.20 -18.04
C GLY A 301 48.16 -12.34 -17.42
N SER A 302 47.42 -12.92 -16.46
CA SER A 302 46.31 -12.23 -15.82
C SER A 302 46.10 -12.60 -14.35
N LEU A 303 45.71 -11.62 -13.55
CA LEU A 303 45.24 -11.84 -12.18
C LEU A 303 43.78 -11.45 -12.08
N THR A 304 42.97 -12.32 -11.45
CA THR A 304 41.53 -12.11 -11.36
C THR A 304 41.06 -12.04 -9.90
N ALA A 305 40.37 -10.96 -9.57
CA ALA A 305 39.99 -10.67 -8.18
C ALA A 305 38.53 -10.96 -7.82
N LEU A 306 38.32 -11.50 -6.62
CA LEU A 306 36.99 -11.80 -6.09
C LEU A 306 36.83 -11.35 -4.63
N PRO A 307 36.48 -10.06 -4.42
CA PRO A 307 36.26 -9.58 -3.07
C PRO A 307 34.94 -10.08 -2.50
N VAL A 308 34.92 -10.32 -1.19
CA VAL A 308 33.70 -10.67 -0.49
C VAL A 308 33.34 -9.51 0.44
N ILE A 309 32.08 -9.10 0.41
CA ILE A 309 31.59 -8.07 1.33
C ILE A 309 30.35 -8.57 2.06
N GLU A 310 30.38 -8.46 3.39
CA GLU A 310 29.27 -8.83 4.25
C GLU A 310 28.44 -7.58 4.51
N THR A 311 27.16 -7.64 4.15
CA THR A 311 26.22 -6.54 4.43
C THR A 311 25.31 -6.92 5.58
N GLN A 312 24.81 -5.91 6.29
CA GLN A 312 23.89 -6.15 7.39
C GLN A 312 22.48 -5.67 7.03
N ALA A 313 21.52 -6.58 7.11
CA ALA A 313 20.13 -6.35 6.70
C ALA A 313 19.99 -5.99 5.21
N GLY A 314 20.90 -6.53 4.40
CA GLY A 314 20.89 -6.33 2.96
C GLY A 314 21.31 -4.94 2.49
N ASP A 315 21.74 -4.10 3.43
CA ASP A 315 22.09 -2.72 3.11
C ASP A 315 23.37 -2.62 2.32
N VAL A 316 23.23 -2.49 1.00
CA VAL A 316 24.37 -2.33 0.11
C VAL A 316 24.83 -0.87 0.02
N SER A 317 24.11 0.02 0.70
CA SER A 317 24.43 1.45 0.70
C SER A 317 25.24 1.86 1.93
N ALA A 318 25.76 0.86 2.65
CA ALA A 318 26.69 1.11 3.76
C ALA A 318 28.00 1.57 3.17
N TYR A 319 28.74 2.37 3.94
CA TYR A 319 29.94 3.04 3.40
C TYR A 319 30.93 2.11 2.71
N ILE A 320 31.33 1.03 3.39
CA ILE A 320 32.30 0.09 2.80
C ILE A 320 31.75 -0.62 1.55
N PRO A 321 30.54 -1.20 1.61
CA PRO A 321 29.96 -1.80 0.41
C PRO A 321 29.85 -0.81 -0.77
N THR A 322 29.42 0.43 -0.49
CA THR A 322 29.32 1.47 -1.52
C THR A 322 30.67 1.67 -2.18
N ASN A 323 31.74 1.67 -1.38
CA ASN A 323 33.12 1.74 -1.87
C ASN A 323 33.40 0.62 -2.87
N VAL A 324 33.36 -0.62 -2.40
CA VAL A 324 33.73 -1.79 -3.21
C VAL A 324 32.86 -2.00 -4.46
N ILE A 325 31.57 -1.65 -4.39
CA ILE A 325 30.67 -1.76 -5.54
C ILE A 325 31.19 -0.93 -6.73
N SER A 326 31.54 0.33 -6.45
CA SER A 326 32.10 1.22 -7.46
C SER A 326 33.51 0.78 -7.86
N ILE A 327 34.31 0.36 -6.87
CA ILE A 327 35.68 -0.11 -7.13
C ILE A 327 35.72 -1.18 -8.23
N THR A 328 34.83 -2.16 -8.12
CA THR A 328 34.85 -3.37 -8.93
C THR A 328 34.15 -3.26 -10.29
N ASP A 329 34.31 -4.29 -11.11
CA ASP A 329 33.71 -4.34 -12.44
C ASP A 329 32.29 -4.88 -12.41
N GLY A 330 31.91 -5.48 -11.29
CA GLY A 330 30.57 -6.04 -11.13
C GLY A 330 30.32 -6.71 -9.79
N GLN A 331 29.05 -7.05 -9.55
CA GLN A 331 28.64 -7.67 -8.28
C GLN A 331 27.71 -8.87 -8.48
N ILE A 332 27.67 -9.74 -7.47
CA ILE A 332 26.70 -10.84 -7.40
C ILE A 332 26.01 -10.70 -6.05
N PHE A 333 24.72 -10.42 -6.05
CA PHE A 333 23.96 -10.19 -4.83
C PHE A 333 23.21 -11.42 -4.35
N LEU A 334 23.53 -11.88 -3.15
CA LEU A 334 22.89 -13.05 -2.57
C LEU A 334 21.94 -12.62 -1.47
N GLU A 335 20.72 -13.16 -1.49
CA GLU A 335 19.69 -12.73 -0.55
C GLU A 335 19.11 -13.83 0.34
N THR A 336 18.80 -13.47 1.58
CA THR A 336 18.29 -14.42 2.57
C THR A 336 17.00 -15.08 2.08
N GLU A 337 16.09 -14.27 1.55
CA GLU A 337 14.83 -14.77 1.04
C GLU A 337 15.04 -15.87 0.01
N LEU A 338 15.71 -15.54 -1.09
CA LEU A 338 16.05 -16.51 -2.14
C LEU A 338 16.61 -17.80 -1.56
N PHE A 339 17.41 -17.66 -0.50
CA PHE A 339 18.07 -18.79 0.13
C PHE A 339 17.06 -19.80 0.67
N TYR A 340 16.25 -19.35 1.62
CA TYR A 340 15.31 -20.24 2.30
C TYR A 340 14.08 -20.60 1.46
N LYS A 341 13.76 -19.74 0.49
CA LYS A 341 12.72 -20.01 -0.50
C LYS A 341 13.13 -21.21 -1.35
N GLY A 342 14.44 -21.45 -1.43
CA GLY A 342 14.99 -22.60 -2.12
C GLY A 342 16.06 -22.28 -3.15
N ILE A 343 15.95 -21.09 -3.76
CA ILE A 343 16.82 -20.69 -4.86
C ILE A 343 18.30 -20.59 -4.42
N ARG A 344 19.03 -21.69 -4.55
CA ARG A 344 20.44 -21.74 -4.16
C ARG A 344 21.31 -22.19 -5.32
N PRO A 345 22.36 -21.41 -5.67
CA PRO A 345 22.86 -20.21 -4.98
C PRO A 345 21.88 -19.05 -5.04
N ALA A 346 21.71 -18.37 -3.91
CA ALA A 346 20.72 -17.29 -3.77
C ALA A 346 21.09 -16.02 -4.53
N ILE A 347 21.46 -16.17 -5.80
CA ILE A 347 21.86 -15.05 -6.63
C ILE A 347 20.64 -14.29 -7.16
N ASN A 348 20.54 -13.02 -6.78
CA ASN A 348 19.49 -12.16 -7.30
C ASN A 348 19.79 -11.80 -8.73
N VAL A 349 19.05 -12.44 -9.64
CA VAL A 349 19.21 -12.23 -11.07
C VAL A 349 18.98 -10.76 -11.44
N GLY A 350 17.99 -10.14 -10.80
CA GLY A 350 17.67 -8.73 -11.03
C GLY A 350 18.86 -7.81 -10.83
N LEU A 351 19.26 -7.64 -9.57
CA LEU A 351 20.33 -6.69 -9.22
C LEU A 351 21.71 -7.07 -9.74
N SER A 352 22.07 -8.35 -9.63
CA SER A 352 23.41 -8.82 -10.01
C SER A 352 23.75 -8.41 -11.43
N VAL A 353 24.98 -7.93 -11.62
CA VAL A 353 25.42 -7.39 -12.90
C VAL A 353 26.93 -7.50 -13.08
N SER A 354 27.35 -7.76 -14.32
CA SER A 354 28.75 -7.71 -14.71
C SER A 354 28.91 -6.86 -15.95
N ARG A 355 29.89 -5.96 -15.92
CA ARG A 355 30.16 -5.09 -17.05
C ARG A 355 30.86 -5.84 -18.18
N VAL A 356 31.82 -6.69 -17.82
CA VAL A 356 32.57 -7.48 -18.79
C VAL A 356 31.64 -8.51 -19.44
N GLY A 357 30.83 -9.16 -18.61
CA GLY A 357 29.76 -10.07 -19.02
C GLY A 357 29.85 -10.80 -20.34
N SER A 358 29.19 -10.24 -21.35
CA SER A 358 29.04 -10.88 -22.67
C SER A 358 30.36 -11.31 -23.30
N ALA A 359 31.34 -10.42 -23.29
CA ALA A 359 32.65 -10.67 -23.91
C ALA A 359 33.54 -11.65 -23.14
N ALA A 360 33.11 -12.03 -21.93
CA ALA A 360 33.87 -12.93 -21.08
C ALA A 360 33.43 -14.39 -21.22
N GLN A 361 32.16 -14.61 -21.52
CA GLN A 361 31.62 -15.97 -21.69
C GLN A 361 31.88 -16.49 -23.11
N THR A 362 32.05 -17.80 -23.23
CA THR A 362 32.36 -18.44 -24.52
C THR A 362 31.21 -18.24 -25.51
N ARG A 363 31.52 -18.34 -26.81
CA ARG A 363 30.53 -18.13 -27.86
C ARG A 363 29.39 -19.15 -27.77
N ALA A 364 29.68 -20.28 -27.11
CA ALA A 364 28.66 -21.30 -26.83
C ALA A 364 27.64 -20.81 -25.81
N MET A 365 28.12 -20.23 -24.71
CA MET A 365 27.25 -19.71 -23.66
C MET A 365 26.44 -18.50 -24.14
N LYS A 366 27.11 -17.60 -24.85
CA LYS A 366 26.47 -16.41 -25.44
C LYS A 366 25.18 -16.81 -26.12
N GLN A 367 25.22 -17.97 -26.78
CA GLN A 367 24.16 -18.47 -27.65
C GLN A 367 22.84 -18.77 -26.92
N VAL A 368 22.91 -18.86 -25.59
CA VAL A 368 21.74 -19.23 -24.78
C VAL A 368 21.56 -18.33 -23.54
N ALA A 369 22.54 -17.47 -23.29
CA ALA A 369 22.54 -16.63 -22.10
C ALA A 369 21.66 -15.39 -22.23
N GLY A 370 21.89 -14.60 -23.29
CA GLY A 370 21.14 -13.38 -23.53
C GLY A 370 19.65 -13.63 -23.65
N THR A 371 19.31 -14.79 -24.22
CA THR A 371 17.92 -15.26 -24.33
C THR A 371 17.33 -15.48 -22.95
N MET A 372 18.12 -16.08 -22.07
CA MET A 372 17.73 -16.36 -20.68
C MET A 372 17.67 -15.08 -19.85
N LYS A 373 18.55 -14.14 -20.16
CA LYS A 373 18.57 -12.82 -19.54
C LYS A 373 17.27 -12.06 -19.82
N LEU A 374 16.82 -12.15 -21.07
CA LEU A 374 15.59 -11.48 -21.54
C LEU A 374 14.33 -12.16 -20.99
N GLU A 375 14.34 -13.50 -20.95
CA GLU A 375 13.19 -14.28 -20.50
C GLU A 375 12.94 -14.22 -19.00
N LEU A 376 14.01 -14.22 -18.21
CA LEU A 376 13.88 -14.07 -16.76
C LEU A 376 13.51 -12.64 -16.38
N ALA A 377 13.88 -11.69 -17.23
CA ALA A 377 13.52 -10.28 -17.06
C ALA A 377 12.01 -10.10 -17.19
N GLN A 378 11.44 -10.69 -18.23
CA GLN A 378 10.00 -10.66 -18.48
C GLN A 378 9.23 -11.52 -17.47
N TYR A 379 9.93 -12.46 -16.85
CA TYR A 379 9.33 -13.33 -15.82
C TYR A 379 9.17 -12.58 -14.50
N ARG A 380 10.22 -11.88 -14.08
CA ARG A 380 10.25 -11.18 -12.80
C ARG A 380 9.25 -10.03 -12.70
N GLU A 381 8.86 -9.48 -13.86
CA GLU A 381 7.84 -8.44 -13.92
C GLU A 381 6.45 -8.97 -13.59
N VAL A 382 6.21 -10.25 -13.88
CA VAL A 382 4.91 -10.88 -13.69
C VAL A 382 4.95 -11.90 -12.55
N ALA A 383 6.14 -12.15 -12.01
CA ALA A 383 6.39 -13.17 -11.00
C ALA A 383 5.42 -13.20 -9.82
N ALA A 384 4.89 -12.04 -9.45
CA ALA A 384 3.99 -11.92 -8.30
C ALA A 384 2.61 -12.54 -8.52
N PHE A 385 2.25 -12.74 -9.78
CA PHE A 385 0.92 -13.24 -10.16
C PHE A 385 1.02 -14.66 -10.69
N ALA A 386 1.96 -15.42 -10.14
CA ALA A 386 2.24 -16.79 -10.55
C ALA A 386 1.12 -17.75 -10.17
N GLN A 387 0.31 -17.34 -9.19
CA GLN A 387 -0.80 -18.14 -8.71
C GLN A 387 -2.13 -17.41 -8.92
N PHE A 388 -2.08 -16.09 -8.82
CA PHE A 388 -3.27 -15.24 -8.90
C PHE A 388 -3.54 -14.81 -10.34
N GLY A 389 -3.38 -15.75 -11.27
CA GLY A 389 -3.52 -15.47 -12.70
C GLY A 389 -4.22 -16.55 -13.50
N SER A 390 -5.44 -16.88 -13.09
CA SER A 390 -6.29 -17.83 -13.81
C SER A 390 -6.78 -17.23 -15.12
N ASP A 391 -7.06 -15.93 -15.11
CA ASP A 391 -7.63 -15.21 -16.26
C ASP A 391 -6.61 -14.35 -17.01
N LEU A 392 -5.33 -14.71 -16.90
CA LEU A 392 -4.27 -14.06 -17.67
C LEU A 392 -4.23 -14.61 -19.10
N ASP A 393 -3.73 -13.80 -20.02
CA ASP A 393 -3.53 -14.21 -21.41
C ASP A 393 -2.47 -15.30 -21.53
N ALA A 394 -2.54 -16.09 -22.60
CA ALA A 394 -1.62 -17.21 -22.81
C ALA A 394 -0.16 -16.79 -23.05
N ALA A 395 0.05 -15.50 -23.29
CA ALA A 395 1.39 -14.95 -23.50
C ALA A 395 2.18 -14.88 -22.18
N THR A 396 1.67 -14.10 -21.23
CA THR A 396 2.30 -13.98 -19.90
C THR A 396 2.24 -15.28 -19.11
N GLN A 397 1.28 -16.13 -19.46
CA GLN A 397 1.15 -17.47 -18.87
C GLN A 397 2.26 -18.39 -19.35
N GLN A 398 2.75 -18.13 -20.56
CA GLN A 398 3.94 -18.81 -21.07
C GLN A 398 5.21 -18.22 -20.45
N LEU A 399 5.25 -16.89 -20.31
CA LEU A 399 6.40 -16.20 -19.73
C LEU A 399 6.61 -16.50 -18.25
N LEU A 400 5.55 -16.94 -17.57
CA LEU A 400 5.62 -17.39 -16.19
C LEU A 400 6.11 -18.84 -16.12
N SER A 401 5.58 -19.68 -17.01
CA SER A 401 5.99 -21.07 -17.10
C SER A 401 7.43 -21.22 -17.60
N ARG A 402 7.85 -20.31 -18.48
CA ARG A 402 9.23 -20.28 -18.98
C ARG A 402 10.20 -19.94 -17.86
N GLY A 403 9.85 -18.93 -17.06
CA GLY A 403 10.69 -18.45 -15.98
C GLY A 403 10.89 -19.41 -14.82
N VAL A 404 9.78 -19.95 -14.28
CA VAL A 404 9.85 -20.89 -13.15
C VAL A 404 10.75 -22.08 -13.44
N ARG A 405 10.75 -22.52 -14.69
CA ARG A 405 11.51 -23.68 -15.12
C ARG A 405 12.98 -23.37 -15.31
N LEU A 406 13.28 -22.18 -15.83
CA LEU A 406 14.66 -21.72 -15.93
C LEU A 406 15.27 -21.53 -14.53
N THR A 407 14.45 -21.01 -13.61
CA THR A 407 14.88 -20.75 -12.24
C THR A 407 15.29 -22.05 -11.55
N GLU A 408 14.57 -23.13 -11.87
CA GLU A 408 14.90 -24.46 -11.37
C GLU A 408 16.22 -24.98 -11.96
N LEU A 409 16.50 -24.60 -13.20
CA LEU A 409 17.72 -25.04 -13.88
C LEU A 409 18.97 -24.38 -13.30
N LEU A 410 18.83 -23.12 -12.88
CA LEU A 410 19.95 -22.38 -12.31
C LEU A 410 20.28 -22.80 -10.88
N LYS A 411 19.34 -23.49 -10.24
CA LYS A 411 19.59 -24.12 -8.94
C LYS A 411 20.79 -25.05 -9.04
N GLN A 412 21.49 -25.21 -7.93
CA GLN A 412 22.67 -26.05 -7.90
C GLN A 412 23.05 -26.39 -6.47
N GLY A 413 23.58 -27.59 -6.28
CA GLY A 413 24.21 -27.96 -5.02
C GLY A 413 25.64 -27.49 -5.01
N GLN A 414 26.22 -27.41 -3.82
CA GLN A 414 27.63 -27.05 -3.66
C GLN A 414 28.56 -28.14 -4.18
N TYR A 415 29.85 -27.82 -4.26
CA TYR A 415 30.94 -28.75 -4.52
C TYR A 415 30.86 -29.54 -5.84
N SER A 416 29.87 -29.23 -6.67
CA SER A 416 29.74 -29.88 -7.98
C SER A 416 29.74 -28.87 -9.11
N PRO A 417 30.91 -28.28 -9.41
CA PRO A 417 31.00 -27.32 -10.50
C PRO A 417 30.84 -28.02 -11.85
N MET A 418 30.33 -27.29 -12.83
CA MET A 418 30.07 -27.86 -14.16
C MET A 418 30.95 -27.24 -15.24
N ALA A 419 31.47 -28.09 -16.11
CA ALA A 419 32.27 -27.64 -17.25
C ALA A 419 31.40 -26.80 -18.16
N ILE A 420 32.04 -25.90 -18.89
CA ILE A 420 31.33 -24.94 -19.74
C ILE A 420 30.37 -25.63 -20.74
N GLU A 421 30.76 -26.81 -21.22
CA GLU A 421 29.95 -27.58 -22.18
C GLU A 421 28.77 -28.31 -21.54
N GLU A 422 28.96 -28.74 -20.29
CA GLU A 422 27.88 -29.38 -19.52
C GLU A 422 26.82 -28.34 -19.17
N GLN A 423 27.27 -27.11 -18.97
CA GLN A 423 26.40 -25.99 -18.62
C GLN A 423 25.42 -25.64 -19.73
N VAL A 424 25.95 -25.43 -20.94
CA VAL A 424 25.13 -25.00 -22.08
C VAL A 424 24.06 -26.01 -22.48
N ALA A 425 24.35 -27.31 -22.27
CA ALA A 425 23.42 -28.37 -22.62
C ALA A 425 22.14 -28.36 -21.77
N VAL A 426 22.32 -28.27 -20.45
CA VAL A 426 21.20 -28.26 -19.51
C VAL A 426 20.44 -26.93 -19.54
N ILE A 427 21.10 -25.89 -20.05
CA ILE A 427 20.45 -24.60 -20.26
C ILE A 427 19.78 -24.56 -21.63
N TYR A 428 20.25 -25.40 -22.55
CA TYR A 428 19.69 -25.47 -23.91
C TYR A 428 18.30 -26.07 -23.92
N ALA A 429 18.05 -26.96 -22.96
CA ALA A 429 16.78 -27.67 -22.87
C ALA A 429 15.62 -26.75 -22.49
N GLY A 430 15.83 -25.92 -21.47
CA GLY A 430 14.78 -25.04 -20.96
C GLY A 430 14.56 -23.77 -21.76
N VAL A 431 15.65 -23.24 -22.33
CA VAL A 431 15.60 -22.01 -23.10
C VAL A 431 14.91 -22.18 -24.46
N ARG A 432 15.09 -23.36 -25.07
CA ARG A 432 14.47 -23.65 -26.36
C ARG A 432 13.11 -24.36 -26.18
N GLY A 433 12.55 -24.25 -24.97
CA GLY A 433 11.18 -24.70 -24.71
C GLY A 433 10.95 -26.17 -24.40
N TYR A 434 11.98 -27.00 -24.58
CA TYR A 434 11.86 -28.46 -24.43
C TYR A 434 11.61 -28.95 -22.99
N LEU A 435 11.22 -28.03 -22.10
CA LEU A 435 10.86 -28.39 -20.73
C LEU A 435 9.57 -27.72 -20.26
N ASP A 436 8.94 -26.97 -21.17
CA ASP A 436 7.74 -26.19 -20.86
C ASP A 436 6.49 -27.04 -20.57
N LYS A 437 6.60 -28.35 -20.78
CA LYS A 437 5.50 -29.28 -20.51
C LYS A 437 5.78 -30.16 -19.28
N LEU A 438 7.01 -30.14 -18.80
CA LEU A 438 7.41 -30.91 -17.63
C LEU A 438 6.98 -30.22 -16.34
N GLU A 439 6.48 -31.00 -15.38
CA GLU A 439 6.01 -30.48 -14.10
C GLU A 439 7.17 -29.91 -13.27
N PRO A 440 7.04 -28.66 -12.78
CA PRO A 440 8.11 -27.92 -12.11
C PRO A 440 9.00 -28.77 -11.20
N SER A 441 8.40 -29.58 -10.35
CA SER A 441 9.14 -30.34 -9.33
C SER A 441 10.05 -31.42 -9.90
N LYS A 442 9.80 -31.82 -11.14
CA LYS A 442 10.53 -32.94 -11.77
C LYS A 442 11.82 -32.50 -12.47
N ILE A 443 12.04 -31.20 -12.57
CA ILE A 443 13.15 -30.64 -13.35
C ILE A 443 14.54 -31.02 -12.84
N THR A 444 14.75 -30.91 -11.53
CA THR A 444 16.05 -31.18 -10.91
C THR A 444 16.50 -32.63 -11.14
N LYS A 445 15.56 -33.56 -11.08
CA LYS A 445 15.84 -34.98 -11.30
C LYS A 445 16.14 -35.29 -12.77
N PHE A 446 15.43 -34.59 -13.66
CA PHE A 446 15.68 -34.70 -15.09
C PHE A 446 17.08 -34.22 -15.42
N GLU A 447 17.43 -33.02 -14.94
CA GLU A 447 18.77 -32.47 -15.17
C GLU A 447 19.82 -33.47 -14.77
N ASN A 448 19.64 -34.09 -13.60
CA ASN A 448 20.57 -35.08 -13.10
C ASN A 448 20.65 -36.32 -14.00
N ALA A 449 19.51 -36.75 -14.54
CA ALA A 449 19.45 -37.94 -15.40
C ALA A 449 19.88 -37.64 -16.83
N PHE A 450 19.46 -36.49 -17.36
CA PHE A 450 19.80 -36.06 -18.71
C PHE A 450 21.28 -35.75 -18.85
N LEU A 451 21.86 -35.11 -17.84
CA LEU A 451 23.30 -34.84 -17.79
C LEU A 451 24.06 -36.15 -17.61
N SER A 452 23.59 -37.02 -16.71
CA SER A 452 24.19 -38.34 -16.51
C SER A 452 24.27 -39.13 -17.80
N HIS A 453 23.29 -38.91 -18.68
CA HIS A 453 23.21 -39.64 -19.92
C HIS A 453 24.13 -39.09 -21.01
N VAL A 454 24.07 -37.78 -21.24
CA VAL A 454 24.85 -37.16 -22.33
C VAL A 454 26.36 -37.33 -22.14
N ILE A 455 26.81 -37.34 -20.89
CA ILE A 455 28.22 -37.60 -20.56
C ILE A 455 28.53 -39.08 -20.83
N SER A 456 27.58 -39.94 -20.48
CA SER A 456 27.76 -41.39 -20.57
C SER A 456 27.63 -41.97 -21.99
N GLN A 457 26.96 -41.24 -22.89
CA GLN A 457 26.67 -41.77 -24.23
C GLN A 457 27.05 -40.86 -25.41
N HIS A 458 27.01 -39.55 -25.19
CA HIS A 458 27.29 -38.59 -26.27
C HIS A 458 28.49 -37.72 -25.95
N GLN A 459 29.63 -38.35 -25.71
CA GLN A 459 30.87 -37.64 -25.38
C GLN A 459 31.35 -36.74 -26.51
N ALA A 460 31.16 -37.20 -27.74
CA ALA A 460 31.56 -36.46 -28.93
C ALA A 460 30.78 -35.17 -29.11
N LEU A 461 29.51 -35.18 -28.73
CA LEU A 461 28.64 -34.00 -28.87
C LEU A 461 29.06 -32.87 -27.92
N LEU A 462 29.18 -33.18 -26.63
CA LEU A 462 29.65 -32.22 -25.64
C LEU A 462 31.07 -31.77 -25.99
N GLY A 463 31.91 -32.72 -26.37
CA GLY A 463 33.26 -32.44 -26.84
C GLY A 463 33.30 -31.47 -28.03
N LYS A 464 32.33 -31.62 -28.94
CA LYS A 464 32.19 -30.72 -30.08
C LYS A 464 31.84 -29.30 -29.66
N ILE A 465 31.02 -29.16 -28.62
CA ILE A 465 30.64 -27.85 -28.10
C ILE A 465 31.86 -27.18 -27.44
N ARG A 466 32.71 -28.00 -26.82
CA ARG A 466 33.95 -27.53 -26.22
C ARG A 466 34.96 -27.15 -27.32
N THR A 467 35.14 -28.06 -28.27
CA THR A 467 36.05 -27.87 -29.41
C THR A 467 35.67 -26.63 -30.22
N ASP A 468 34.49 -26.69 -30.84
CA ASP A 468 33.99 -25.61 -31.71
C ASP A 468 33.76 -24.30 -30.95
N GLY A 469 33.55 -24.40 -29.64
CA GLY A 469 33.31 -23.24 -28.78
C GLY A 469 31.96 -22.60 -29.02
N LYS A 470 31.09 -23.31 -29.75
CA LYS A 470 29.77 -22.83 -30.13
C LYS A 470 28.87 -24.01 -30.48
N ILE A 471 27.56 -23.77 -30.43
CA ILE A 471 26.59 -24.76 -30.85
C ILE A 471 26.25 -24.52 -32.33
N SER A 472 26.83 -25.35 -33.19
CA SER A 472 26.58 -25.32 -34.62
C SER A 472 25.19 -25.90 -34.93
N GLU A 473 24.70 -25.66 -36.15
CA GLU A 473 23.40 -26.16 -36.57
C GLU A 473 23.31 -27.69 -36.50
N GLU A 474 24.43 -28.36 -36.73
CA GLU A 474 24.53 -29.79 -36.55
C GLU A 474 24.30 -30.18 -35.10
N SER A 475 25.10 -29.60 -34.21
CA SER A 475 24.99 -29.87 -32.78
C SER A 475 23.62 -29.45 -32.23
N ASP A 476 23.08 -28.35 -32.76
CA ASP A 476 21.75 -27.86 -32.40
C ASP A 476 20.67 -28.91 -32.65
N ALA A 477 20.74 -29.56 -33.81
CA ALA A 477 19.80 -30.62 -34.16
C ALA A 477 20.07 -31.88 -33.34
N LYS A 478 21.35 -32.15 -33.08
CA LYS A 478 21.75 -33.32 -32.29
C LYS A 478 21.29 -33.20 -30.84
N LEU A 479 21.31 -31.98 -30.30
CA LEU A 479 20.80 -31.71 -28.95
C LEU A 479 19.28 -31.83 -28.88
N LYS A 480 18.60 -31.35 -29.92
CA LYS A 480 17.14 -31.41 -30.00
C LYS A 480 16.60 -32.84 -29.99
N GLU A 481 17.28 -33.74 -30.70
CA GLU A 481 16.87 -35.14 -30.77
C GLU A 481 17.04 -35.87 -29.44
N ILE A 482 18.11 -35.53 -28.70
CA ILE A 482 18.38 -36.16 -27.41
C ILE A 482 17.37 -35.69 -26.36
N VAL A 483 17.17 -34.38 -26.27
CA VAL A 483 16.26 -33.80 -25.28
C VAL A 483 14.80 -34.24 -25.48
N THR A 484 14.31 -34.18 -26.71
CA THR A 484 12.91 -34.52 -27.02
C THR A 484 12.59 -35.96 -26.68
N ASN A 485 13.51 -36.87 -27.00
CA ASN A 485 13.29 -38.29 -26.80
C ASN A 485 13.66 -38.77 -25.40
N PHE A 486 14.63 -38.09 -24.78
CA PHE A 486 14.98 -38.40 -23.41
C PHE A 486 13.88 -37.92 -22.47
N LEU A 487 13.35 -36.73 -22.74
CA LEU A 487 12.26 -36.13 -21.95
C LEU A 487 10.95 -36.91 -22.09
N ALA A 488 10.69 -37.42 -23.30
CA ALA A 488 9.52 -38.24 -23.55
C ALA A 488 9.61 -39.56 -22.79
N GLY A 489 10.79 -40.19 -22.84
CA GLY A 489 11.06 -41.41 -22.09
C GLY A 489 11.03 -41.18 -20.60
N PHE A 490 11.53 -40.02 -20.19
CA PHE A 490 11.54 -39.60 -18.78
C PHE A 490 10.13 -39.63 -18.20
N GLU A 491 9.18 -39.05 -18.92
CA GLU A 491 7.78 -38.94 -18.46
C GLU A 491 6.99 -40.24 -18.59
N ALA A 492 7.61 -41.26 -19.17
CA ALA A 492 6.99 -42.58 -19.27
C ALA A 492 7.03 -43.33 -17.93
N ALA B 1 62.41 50.41 23.47
CA ALA B 1 62.35 49.05 22.86
C ALA B 1 61.82 49.07 21.42
N ASP B 2 60.80 49.91 21.18
CA ASP B 2 60.11 49.99 19.88
C ASP B 2 60.19 51.37 19.22
N THR B 3 60.34 51.37 17.89
CA THR B 3 60.23 52.59 17.08
C THR B 3 59.59 52.28 15.71
N SER B 4 58.89 51.15 15.61
CA SER B 4 58.24 50.74 14.35
C SER B 4 56.78 50.26 14.48
N VAL B 5 56.54 48.96 14.27
CA VAL B 5 55.19 48.41 14.11
C VAL B 5 54.41 48.30 15.43
N ASP B 6 53.15 48.73 15.38
CA ASP B 6 52.23 48.77 16.54
C ASP B 6 51.38 47.51 16.58
N LEU B 7 50.97 47.11 17.79
CA LEU B 7 50.13 45.92 17.97
C LEU B 7 48.69 46.26 18.38
N GLU B 8 48.41 47.56 18.51
CA GLU B 8 47.07 48.04 18.89
C GLU B 8 46.15 48.22 17.68
N GLU B 9 46.73 48.59 16.55
CA GLU B 9 45.96 48.82 15.32
C GLU B 9 46.36 47.86 14.20
N THR B 10 47.34 46.99 14.47
CA THR B 10 47.89 46.10 13.47
C THR B 10 47.91 44.65 13.97
N GLY B 11 47.84 43.72 13.02
CA GLY B 11 47.93 42.29 13.31
C GLY B 11 49.10 41.61 12.62
N ARG B 12 49.19 40.29 12.74
CA ARG B 12 50.30 39.53 12.15
C ARG B 12 49.89 38.22 11.45
N VAL B 13 48.80 37.61 11.91
CA VAL B 13 48.33 36.29 11.41
C VAL B 13 49.26 35.16 11.85
N LEU B 14 48.77 34.38 12.82
CA LEU B 14 49.52 33.24 13.34
C LEU B 14 49.29 31.97 12.53
N SER B 15 48.10 31.84 11.94
CA SER B 15 47.72 30.68 11.14
C SER B 15 46.54 30.96 10.22
N ILE B 16 46.52 30.31 9.06
CA ILE B 16 45.46 30.50 8.06
C ILE B 16 45.10 29.20 7.36
N GLY B 17 43.80 28.96 7.26
CA GLY B 17 43.25 27.73 6.71
C GLY B 17 41.90 27.49 7.33
N ASP B 18 41.13 26.58 6.74
CA ASP B 18 39.76 26.26 7.20
C ASP B 18 38.84 27.49 7.25
N GLY B 19 39.24 28.55 6.55
CA GLY B 19 38.45 29.78 6.45
C GLY B 19 38.79 30.86 7.45
N ILE B 20 39.26 30.46 8.62
CA ILE B 20 39.56 31.40 9.71
C ILE B 20 41.05 31.77 9.71
N ALA B 21 41.33 33.03 10.06
CA ALA B 21 42.70 33.50 10.24
C ALA B 21 42.94 33.94 11.69
N ARG B 22 43.87 33.27 12.37
CA ARG B 22 44.25 33.64 13.73
C ARG B 22 45.24 34.79 13.68
N VAL B 23 44.82 35.95 14.21
CA VAL B 23 45.61 37.17 14.08
C VAL B 23 46.30 37.55 15.39
N HIS B 24 47.57 37.91 15.28
CA HIS B 24 48.39 38.27 16.44
C HIS B 24 48.43 39.79 16.62
N GLY B 25 48.00 40.25 17.79
CA GLY B 25 47.96 41.68 18.10
C GLY B 25 46.56 42.24 18.03
N LEU B 26 46.37 43.27 17.21
CA LEU B 26 45.07 43.94 17.01
C LEU B 26 44.43 44.43 18.31
N ARG B 27 45.25 44.80 19.29
CA ARG B 27 44.81 45.00 20.68
C ARG B 27 43.55 45.82 20.92
N ASN B 28 43.25 46.74 20.02
CA ASN B 28 42.07 47.60 20.17
C ASN B 28 41.05 47.48 19.05
N VAL B 29 40.97 46.32 18.42
CA VAL B 29 39.88 46.01 17.50
C VAL B 29 38.63 45.66 18.30
N GLN B 30 37.48 45.67 17.63
CA GLN B 30 36.22 45.37 18.29
C GLN B 30 35.65 44.03 17.83
N ALA B 31 34.58 43.59 18.49
CA ALA B 31 33.83 42.43 18.05
C ALA B 31 33.04 42.82 16.82
N GLU B 32 33.22 42.06 15.74
CA GLU B 32 32.58 42.30 14.44
C GLU B 32 33.07 43.60 13.79
N GLU B 33 34.28 44.01 14.16
CA GLU B 33 34.94 45.13 13.52
C GLU B 33 35.56 44.62 12.22
N MET B 34 35.38 45.39 11.15
CA MET B 34 35.96 45.02 9.87
C MET B 34 37.47 45.26 9.88
N VAL B 35 38.22 44.31 9.33
CA VAL B 35 39.67 44.43 9.18
C VAL B 35 40.10 44.25 7.73
N GLU B 36 41.33 44.65 7.43
CA GLU B 36 41.92 44.52 6.09
C GLU B 36 43.14 43.62 6.10
N PHE B 37 43.41 43.00 4.97
CA PHE B 37 44.61 42.18 4.80
C PHE B 37 45.61 42.82 3.83
N SER B 38 46.86 42.37 3.90
CA SER B 38 47.93 42.90 3.05
C SER B 38 47.69 42.71 1.55
N SER B 39 46.66 41.93 1.23
CA SER B 39 46.29 41.64 -0.16
C SER B 39 44.99 42.33 -0.60
N GLY B 40 44.57 43.33 0.18
CA GLY B 40 43.35 44.09 -0.11
C GLY B 40 42.07 43.44 0.40
N LEU B 41 42.15 42.15 0.71
CA LEU B 41 41.00 41.36 1.16
C LEU B 41 40.56 41.77 2.56
N LYS B 42 39.25 41.82 2.78
CA LYS B 42 38.67 42.26 4.05
C LYS B 42 38.10 41.11 4.89
N GLY B 43 38.20 41.27 6.21
CA GLY B 43 37.71 40.25 7.14
C GLY B 43 36.89 40.81 8.28
N MET B 44 36.18 39.92 8.98
CA MET B 44 35.43 40.29 10.17
C MET B 44 36.08 39.70 11.42
N SER B 45 36.29 40.54 12.43
CA SER B 45 36.83 40.12 13.70
C SER B 45 35.75 39.46 14.56
N LEU B 46 35.61 38.13 14.42
CA LEU B 46 34.54 37.40 15.11
C LEU B 46 34.92 36.95 16.53
N ASN B 47 36.17 36.55 16.71
CA ASN B 47 36.61 36.04 18.01
C ASN B 47 37.70 36.90 18.65
N LEU B 48 37.51 37.21 19.94
CA LEU B 48 38.49 37.97 20.70
C LEU B 48 39.04 37.11 21.84
N GLU B 49 40.26 36.61 21.65
CA GLU B 49 40.88 35.73 22.63
C GLU B 49 42.11 36.38 23.27
N PRO B 50 42.50 35.94 24.48
CA PRO B 50 43.66 36.51 25.18
C PRO B 50 44.95 36.55 24.37
N ASP B 51 45.14 35.59 23.46
CA ASP B 51 46.37 35.50 22.67
C ASP B 51 46.17 35.66 21.14
N ASN B 52 44.93 35.83 20.70
CA ASN B 52 44.64 35.99 19.27
C ASN B 52 43.27 36.57 18.95
N VAL B 53 43.13 37.07 17.72
CA VAL B 53 41.84 37.50 17.18
C VAL B 53 41.45 36.55 16.06
N GLY B 54 40.26 35.95 16.18
CA GLY B 54 39.72 35.10 15.14
C GLY B 54 38.98 35.91 14.09
N VAL B 55 39.48 35.87 12.86
CA VAL B 55 38.91 36.65 11.77
C VAL B 55 38.36 35.78 10.66
N VAL B 56 37.13 36.10 10.24
CA VAL B 56 36.48 35.40 9.13
C VAL B 56 36.84 36.10 7.83
N VAL B 57 37.25 35.33 6.83
CA VAL B 57 37.72 35.90 5.56
C VAL B 57 36.57 36.03 4.55
N PHE B 58 36.39 37.24 4.01
CA PHE B 58 35.40 37.49 2.96
C PHE B 58 36.02 37.34 1.57
N GLY B 59 36.53 36.14 1.28
CA GLY B 59 37.20 35.86 0.01
C GLY B 59 38.05 34.60 0.10
N ASN B 60 38.86 34.36 -0.93
CA ASN B 60 39.71 33.16 -0.98
C ASN B 60 40.86 33.17 0.02
N ASP B 61 40.88 32.12 0.85
CA ASP B 61 41.87 31.98 1.92
C ASP B 61 43.28 31.83 1.37
N LYS B 62 43.40 31.42 0.11
CA LYS B 62 44.68 31.21 -0.55
C LYS B 62 45.52 32.49 -0.66
N LEU B 63 44.84 33.63 -0.61
CA LEU B 63 45.50 34.93 -0.71
C LEU B 63 46.18 35.38 0.59
N ILE B 64 45.97 34.62 1.66
CA ILE B 64 46.50 34.98 2.98
C ILE B 64 47.56 33.98 3.46
N LYS B 65 48.70 34.49 3.88
CA LYS B 65 49.78 33.68 4.45
C LYS B 65 49.96 34.02 5.92
N GLU B 66 50.70 33.17 6.63
CA GLU B 66 51.14 33.50 7.98
C GLU B 66 52.17 34.63 7.89
N GLY B 67 51.93 35.70 8.64
CA GLY B 67 52.85 36.83 8.67
C GLY B 67 52.35 38.05 7.90
N ASP B 68 51.17 37.95 7.31
CA ASP B 68 50.55 39.06 6.59
C ASP B 68 50.14 40.17 7.55
N ILE B 69 50.25 41.42 7.10
CA ILE B 69 49.92 42.57 7.94
C ILE B 69 48.42 42.86 7.90
N VAL B 70 47.77 42.74 9.05
CA VAL B 70 46.34 42.99 9.19
C VAL B 70 46.06 44.36 9.80
N LYS B 71 45.23 45.15 9.14
CA LYS B 71 44.96 46.54 9.56
C LYS B 71 43.51 46.75 9.96
N ARG B 72 43.29 47.68 10.89
CA ARG B 72 41.95 48.04 11.35
C ARG B 72 41.19 48.87 10.33
N THR B 73 39.88 49.02 10.55
CA THR B 73 39.08 50.01 9.82
C THR B 73 38.24 50.82 10.80
N GLY B 74 38.05 50.29 12.00
CA GLY B 74 37.29 50.96 13.06
C GLY B 74 35.78 50.85 12.94
N ALA B 75 35.28 50.74 11.72
CA ALA B 75 33.84 50.63 11.47
C ALA B 75 33.36 49.18 11.52
N ILE B 76 32.32 48.94 12.32
CA ILE B 76 31.70 47.63 12.45
C ILE B 76 30.98 47.28 11.16
N VAL B 77 31.31 46.11 10.61
CA VAL B 77 30.86 45.67 9.27
C VAL B 77 29.69 46.48 8.72
N ASP B 78 30.03 47.47 7.90
CA ASP B 78 29.04 48.36 7.29
C ASP B 78 29.01 48.17 5.78
N VAL B 79 27.93 48.65 5.17
CA VAL B 79 27.75 48.57 3.72
C VAL B 79 27.31 49.92 3.14
N PRO B 80 27.75 50.24 1.91
CA PRO B 80 27.27 51.44 1.23
C PRO B 80 25.77 51.38 0.97
N VAL B 81 25.06 52.43 1.38
CA VAL B 81 23.60 52.47 1.25
C VAL B 81 23.16 53.78 0.56
N GLY B 82 21.86 53.92 0.30
CA GLY B 82 21.32 55.10 -0.35
C GLY B 82 20.56 54.80 -1.63
N GLU B 83 20.55 55.77 -2.55
CA GLU B 83 19.82 55.65 -3.81
C GLU B 83 20.75 55.50 -5.00
N GLU B 84 22.05 55.65 -4.75
CA GLU B 84 23.07 55.54 -5.79
C GLU B 84 23.33 54.09 -6.21
N LEU B 85 22.57 53.16 -5.63
CA LEU B 85 22.67 51.73 -5.92
C LEU B 85 21.57 51.23 -6.85
N LEU B 86 20.47 51.98 -6.94
CA LEU B 86 19.34 51.60 -7.79
C LEU B 86 19.79 51.48 -9.25
N GLY B 87 19.73 50.25 -9.78
CA GLY B 87 20.19 49.97 -11.13
C GLY B 87 21.58 49.37 -11.15
N ARG B 88 22.12 49.08 -9.97
CA ARG B 88 23.47 48.55 -9.84
C ARG B 88 23.50 47.12 -9.29
N VAL B 89 24.59 46.42 -9.57
CA VAL B 89 24.83 45.07 -9.06
C VAL B 89 26.12 45.05 -8.25
N VAL B 90 25.98 44.78 -6.95
CA VAL B 90 27.12 44.76 -6.02
C VAL B 90 27.30 43.41 -5.34
N ASP B 91 28.47 43.21 -4.74
CA ASP B 91 28.73 41.98 -3.97
C ASP B 91 28.23 42.12 -2.54
N ALA B 92 28.45 41.07 -1.73
CA ALA B 92 28.02 41.04 -0.33
C ALA B 92 28.55 42.23 0.46
N LEU B 93 29.73 42.70 0.08
CA LEU B 93 30.37 43.86 0.72
C LEU B 93 29.75 45.17 0.25
N GLY B 94 29.39 45.24 -1.03
CA GLY B 94 28.80 46.44 -1.60
C GLY B 94 29.67 47.08 -2.67
N ASN B 95 30.56 46.29 -3.25
CA ASN B 95 31.43 46.76 -4.33
C ASN B 95 30.81 46.45 -5.68
N ALA B 96 31.01 47.36 -6.63
CA ALA B 96 30.43 47.22 -7.97
C ALA B 96 31.02 46.03 -8.74
N ILE B 97 30.16 45.09 -9.11
CA ILE B 97 30.59 43.94 -9.91
C ILE B 97 30.09 44.01 -11.37
N ASP B 98 29.22 44.99 -11.65
CA ASP B 98 28.71 45.21 -13.01
C ASP B 98 29.65 46.02 -13.89
N GLY B 99 30.82 46.35 -13.36
CA GLY B 99 31.88 47.04 -14.11
C GLY B 99 31.55 48.45 -14.57
N LYS B 100 30.49 49.03 -14.00
CA LYS B 100 29.98 50.34 -14.40
C LYS B 100 30.52 51.44 -13.48
N GLY B 101 31.80 51.34 -13.15
CA GLY B 101 32.44 52.30 -12.24
C GLY B 101 32.03 52.08 -10.79
N PRO B 102 32.47 52.97 -9.88
CA PRO B 102 32.11 52.84 -8.46
C PRO B 102 30.75 53.47 -8.15
N ILE B 103 30.22 53.15 -6.97
CA ILE B 103 29.01 53.78 -6.47
C ILE B 103 29.40 55.15 -5.90
N GLY B 104 28.52 56.14 -6.06
CA GLY B 104 28.72 57.46 -5.45
C GLY B 104 28.04 57.53 -4.09
N SER B 105 28.35 56.56 -3.24
CA SER B 105 27.70 56.37 -1.95
C SER B 105 27.97 57.51 -0.96
N LYS B 106 26.90 58.11 -0.47
CA LYS B 106 27.00 59.23 0.47
C LYS B 106 26.58 58.84 1.89
N ALA B 107 26.18 57.59 2.06
CA ALA B 107 25.75 57.06 3.37
C ALA B 107 26.17 55.61 3.60
N ARG B 108 26.38 55.23 4.85
CA ARG B 108 26.69 53.83 5.20
C ARG B 108 25.86 53.34 6.39
N ARG B 109 25.57 52.04 6.41
CA ARG B 109 24.76 51.43 7.46
C ARG B 109 25.37 50.10 7.89
N ARG B 110 25.17 49.73 9.15
CA ARG B 110 25.70 48.48 9.68
C ARG B 110 24.94 47.28 9.15
N VAL B 111 25.64 46.17 8.93
CA VAL B 111 24.99 44.94 8.51
C VAL B 111 24.35 44.23 9.69
N GLY B 112 24.90 44.45 10.89
CA GLY B 112 24.46 43.77 12.10
C GLY B 112 23.62 44.64 13.01
N LEU B 113 22.47 45.09 12.50
CA LEU B 113 21.56 45.95 13.25
C LEU B 113 20.36 45.21 13.80
N LYS B 114 19.68 45.82 14.76
CA LYS B 114 18.51 45.23 15.40
C LYS B 114 17.24 45.69 14.70
N ALA B 115 16.22 44.85 14.75
CA ALA B 115 14.91 45.19 14.21
C ALA B 115 14.18 46.15 15.15
N PRO B 116 13.39 47.07 14.57
CA PRO B 116 12.48 47.94 15.30
C PRO B 116 11.68 47.18 16.35
N GLY B 117 11.53 47.80 17.52
CA GLY B 117 10.78 47.21 18.62
C GLY B 117 9.28 47.26 18.43
N ILE B 118 8.56 47.15 19.52
CA ILE B 118 7.10 47.03 19.51
C ILE B 118 6.38 48.32 19.11
N ILE B 119 6.83 49.45 19.65
CA ILE B 119 6.16 50.75 19.43
C ILE B 119 6.33 51.36 18.02
N PRO B 120 7.55 51.28 17.43
CA PRO B 120 7.81 51.87 16.11
C PRO B 120 7.05 51.22 14.93
N ARG B 121 6.22 50.20 15.22
CA ARG B 121 5.50 49.45 14.18
C ARG B 121 4.00 49.76 14.15
N ILE B 122 3.34 49.28 13.09
CA ILE B 122 1.87 49.23 13.03
C ILE B 122 1.44 48.12 12.06
N SER B 123 0.28 47.53 12.34
CA SER B 123 -0.23 46.39 11.55
C SER B 123 -0.36 46.72 10.06
N VAL B 124 0.24 45.88 9.22
CA VAL B 124 0.30 46.13 7.77
C VAL B 124 -1.06 46.45 7.18
N ARG B 125 -1.06 47.36 6.21
CA ARG B 125 -2.30 47.92 5.68
C ARG B 125 -2.20 48.24 4.20
N GLU B 126 -0.99 48.53 3.73
CA GLU B 126 -0.74 48.93 2.34
C GLU B 126 -0.53 47.74 1.42
N PRO B 127 -1.16 47.75 0.23
CA PRO B 127 -1.12 46.59 -0.66
C PRO B 127 0.22 46.44 -1.36
N MET B 128 0.87 45.31 -1.10
CA MET B 128 2.04 44.90 -1.85
C MET B 128 1.53 44.04 -3.01
N GLN B 129 1.47 44.66 -4.18
CA GLN B 129 0.90 44.03 -5.38
C GLN B 129 1.92 43.15 -6.07
N THR B 130 1.59 41.87 -6.21
CA THR B 130 2.48 40.91 -6.85
C THR B 130 2.35 40.97 -8.36
N GLY B 131 1.13 41.20 -8.84
CA GLY B 131 0.84 41.17 -10.26
C GLY B 131 0.49 39.78 -10.73
N ILE B 132 0.53 38.82 -9.81
CA ILE B 132 0.11 37.45 -10.07
C ILE B 132 -1.28 37.26 -9.49
N LYS B 133 -2.17 36.67 -10.29
CA LYS B 133 -3.58 36.55 -9.91
C LYS B 133 -3.80 35.67 -8.69
N ALA B 134 -3.14 34.52 -8.66
CA ALA B 134 -3.31 33.54 -7.59
C ALA B 134 -2.82 34.05 -6.24
N VAL B 135 -1.76 34.86 -6.26
CA VAL B 135 -1.23 35.44 -5.05
C VAL B 135 -2.15 36.57 -4.58
N ASP B 136 -2.22 37.64 -5.36
CA ASP B 136 -2.98 38.83 -4.98
C ASP B 136 -4.43 38.60 -4.55
N SER B 137 -5.02 37.49 -5.00
CA SER B 137 -6.40 37.15 -4.64
C SER B 137 -6.48 36.25 -3.41
N LEU B 138 -5.73 35.16 -3.43
CA LEU B 138 -5.85 34.13 -2.38
C LEU B 138 -4.81 34.29 -1.26
N VAL B 139 -3.61 34.72 -1.61
CA VAL B 139 -2.53 34.86 -0.63
C VAL B 139 -2.04 36.31 -0.62
N PRO B 140 -2.87 37.24 -0.11
CA PRO B 140 -2.57 38.66 -0.27
C PRO B 140 -1.40 39.11 0.58
N ILE B 141 -0.36 39.63 -0.06
CA ILE B 141 0.80 40.16 0.64
C ILE B 141 0.59 41.65 0.93
N GLY B 142 1.05 42.09 2.10
CA GLY B 142 0.97 43.50 2.49
C GLY B 142 2.33 44.14 2.70
N ARG B 143 2.40 45.46 2.54
CA ARG B 143 3.65 46.19 2.69
C ARG B 143 4.07 46.28 4.16
N GLY B 144 5.25 45.75 4.45
CA GLY B 144 5.76 45.61 5.81
C GLY B 144 5.74 44.17 6.31
N GLN B 145 5.17 43.28 5.51
CA GLN B 145 4.94 41.89 5.89
C GLN B 145 6.00 40.94 5.34
N ARG B 146 6.22 39.83 6.06
CA ARG B 146 7.09 38.77 5.59
C ARG B 146 6.24 37.63 5.04
N GLU B 147 6.46 37.28 3.78
CA GLU B 147 5.80 36.13 3.19
C GLU B 147 6.84 35.17 2.60
N LEU B 148 6.68 33.89 2.93
CA LEU B 148 7.63 32.87 2.52
C LEU B 148 7.24 32.24 1.19
N ILE B 149 8.21 32.16 0.27
CA ILE B 149 8.07 31.27 -0.89
C ILE B 149 8.84 30.01 -0.54
N ILE B 150 8.15 28.87 -0.60
CA ILE B 150 8.75 27.59 -0.23
C ILE B 150 8.29 26.48 -1.17
N GLY B 151 9.22 25.61 -1.55
CA GLY B 151 8.92 24.48 -2.42
C GLY B 151 10.18 23.79 -2.90
N ASP B 152 10.01 22.63 -3.52
CA ASP B 152 11.14 21.86 -4.07
C ASP B 152 11.84 22.63 -5.19
N ARG B 153 13.03 22.20 -5.59
CA ARG B 153 13.74 22.89 -6.67
C ARG B 153 12.93 22.86 -7.96
N GLN B 154 13.15 23.87 -8.81
CA GLN B 154 12.50 24.00 -10.11
C GLN B 154 10.98 23.89 -10.01
N THR B 155 10.37 24.76 -9.21
CA THR B 155 8.92 24.76 -9.04
C THR B 155 8.30 26.15 -9.18
N GLY B 156 9.12 27.12 -9.61
CA GLY B 156 8.62 28.45 -9.91
C GLY B 156 8.87 29.47 -8.83
N LYS B 157 9.63 29.08 -7.80
CA LYS B 157 9.93 29.95 -6.66
C LYS B 157 10.43 31.31 -7.13
N THR B 158 11.56 31.31 -7.83
CA THR B 158 12.22 32.53 -8.31
C THR B 158 11.27 33.39 -9.16
N SER B 159 10.47 32.73 -10.01
CA SER B 159 9.54 33.42 -10.91
C SER B 159 8.51 34.30 -10.20
N ILE B 160 8.11 33.89 -8.99
CA ILE B 160 7.13 34.67 -8.22
C ILE B 160 7.78 35.98 -7.80
N ALA B 161 9.06 35.93 -7.46
CA ALA B 161 9.79 37.11 -7.03
C ALA B 161 9.93 38.13 -8.14
N ILE B 162 10.39 37.65 -9.30
CA ILE B 162 10.75 38.52 -10.43
C ILE B 162 9.52 39.22 -11.03
N ASP B 163 8.44 38.46 -11.27
CA ASP B 163 7.20 39.04 -11.77
C ASP B 163 6.63 40.09 -10.83
N THR B 164 6.91 39.91 -9.54
CA THR B 164 6.56 40.90 -8.54
C THR B 164 7.45 42.14 -8.68
N ILE B 165 8.73 41.94 -9.00
CA ILE B 165 9.65 43.06 -9.26
C ILE B 165 9.28 43.83 -10.54
N ILE B 166 9.06 43.10 -11.63
CA ILE B 166 8.62 43.70 -12.90
C ILE B 166 7.32 44.47 -12.68
N ASN B 167 6.46 43.93 -11.82
CA ASN B 167 5.16 44.52 -11.52
C ASN B 167 5.22 45.95 -10.98
N GLN B 168 6.24 46.25 -10.18
CA GLN B 168 6.30 47.53 -9.45
C GLN B 168 6.56 48.76 -10.32
N LYS B 169 6.95 48.54 -11.58
CA LYS B 169 7.20 49.63 -12.52
C LYS B 169 5.96 50.49 -12.77
N ARG B 170 4.79 49.87 -12.72
CA ARG B 170 3.52 50.58 -12.89
C ARG B 170 3.26 51.61 -11.79
N PHE B 171 3.95 51.46 -10.67
CA PHE B 171 3.87 52.41 -9.56
C PHE B 171 5.00 53.43 -9.61
N ASN B 172 6.20 52.97 -9.94
CA ASN B 172 7.39 53.83 -10.03
C ASN B 172 7.37 54.71 -11.29
N ASP B 173 6.53 54.34 -12.25
CA ASP B 173 6.23 55.19 -13.41
C ASP B 173 5.31 56.35 -13.01
N GLY B 174 4.59 56.18 -11.91
CA GLY B 174 3.80 57.26 -11.33
C GLY B 174 4.69 58.27 -10.62
N THR B 175 4.08 59.37 -10.16
CA THR B 175 4.80 60.39 -9.41
C THR B 175 4.52 60.29 -7.90
N ASP B 176 3.44 59.58 -7.56
CA ASP B 176 3.02 59.36 -6.17
C ASP B 176 4.08 58.58 -5.38
N GLU B 177 4.85 59.31 -4.57
CA GLU B 177 5.96 58.75 -3.79
C GLU B 177 5.51 57.80 -2.68
N LYS B 178 4.23 57.85 -2.32
CA LYS B 178 3.71 57.07 -1.22
C LYS B 178 3.09 55.74 -1.67
N LYS B 179 3.26 55.40 -2.95
CA LYS B 179 2.74 54.15 -3.49
C LYS B 179 3.77 53.43 -4.35
N LYS B 180 4.95 54.03 -4.47
CA LYS B 180 6.08 53.43 -5.18
C LYS B 180 6.70 52.33 -4.34
N LEU B 181 7.42 51.41 -4.99
CA LEU B 181 8.10 50.33 -4.28
C LEU B 181 9.47 50.05 -4.87
N TYR B 182 10.51 50.19 -4.05
CA TYR B 182 11.89 49.93 -4.47
C TYR B 182 12.28 48.50 -4.13
N CYS B 183 13.08 47.89 -4.98
CA CYS B 183 13.36 46.46 -4.87
C CYS B 183 14.82 46.14 -4.57
N ILE B 184 15.03 45.04 -3.84
CA ILE B 184 16.35 44.50 -3.57
C ILE B 184 16.32 42.97 -3.72
N TYR B 185 17.11 42.46 -4.66
CA TYR B 185 17.19 41.02 -4.89
C TYR B 185 18.55 40.47 -4.46
N VAL B 186 18.54 39.69 -3.38
CA VAL B 186 19.77 39.12 -2.85
C VAL B 186 19.96 37.68 -3.32
N ALA B 187 20.93 37.49 -4.20
CA ALA B 187 21.27 36.17 -4.75
C ALA B 187 22.39 35.49 -3.95
N ILE B 188 22.04 34.36 -3.36
CA ILE B 188 23.00 33.58 -2.56
C ILE B 188 23.06 32.13 -3.05
N GLY B 189 24.28 31.65 -3.28
CA GLY B 189 24.54 30.24 -3.60
C GLY B 189 24.04 29.78 -4.96
N GLN B 190 23.83 30.74 -5.85
CA GLN B 190 23.31 30.46 -7.18
C GLN B 190 24.45 30.37 -8.20
N LYS B 191 24.10 30.19 -9.47
CA LYS B 191 25.06 30.23 -10.56
C LYS B 191 25.19 31.68 -11.04
N ARG B 192 26.41 32.11 -11.34
CA ARG B 192 26.65 33.51 -11.72
C ARG B 192 25.95 33.85 -13.03
N SER B 193 25.71 32.84 -13.86
CA SER B 193 24.91 32.99 -15.06
C SER B 193 23.44 33.29 -14.71
N THR B 194 22.92 32.60 -13.69
CA THR B 194 21.52 32.78 -13.26
C THR B 194 21.26 34.20 -12.77
N VAL B 195 22.24 34.78 -12.07
CA VAL B 195 22.14 36.18 -11.63
C VAL B 195 22.29 37.14 -12.83
N ALA B 196 23.29 36.87 -13.68
CA ALA B 196 23.56 37.70 -14.85
C ALA B 196 22.41 37.70 -15.86
N GLN B 197 21.77 36.55 -16.02
CA GLN B 197 20.63 36.40 -16.93
C GLN B 197 19.37 37.00 -16.33
N LEU B 198 19.43 37.30 -15.04
CA LEU B 198 18.30 37.91 -14.35
C LEU B 198 18.31 39.42 -14.47
N VAL B 199 19.50 40.04 -14.33
CA VAL B 199 19.63 41.49 -14.46
C VAL B 199 19.38 41.93 -15.90
N LYS B 200 19.69 41.04 -16.85
CA LYS B 200 19.40 41.28 -18.25
C LYS B 200 17.89 41.29 -18.46
N ARG B 201 17.21 40.28 -17.91
CA ARG B 201 15.75 40.19 -17.95
C ARG B 201 15.06 41.36 -17.26
N LEU B 202 15.60 41.76 -16.10
CA LEU B 202 15.09 42.93 -15.38
C LEU B 202 15.28 44.22 -16.17
N THR B 203 16.38 44.32 -16.91
CA THR B 203 16.67 45.47 -17.77
C THR B 203 15.69 45.53 -18.96
N ASP B 204 15.52 44.38 -19.63
CA ASP B 204 14.59 44.27 -20.76
C ASP B 204 13.14 44.54 -20.37
N ALA B 205 12.90 44.81 -19.09
CA ALA B 205 11.57 45.09 -18.60
C ALA B 205 11.52 46.41 -17.83
N ASP B 206 12.57 47.21 -17.96
CA ASP B 206 12.69 48.51 -17.28
C ASP B 206 12.42 48.41 -15.77
N ALA B 207 12.90 47.31 -15.17
CA ALA B 207 12.70 47.04 -13.74
C ALA B 207 13.94 47.43 -12.93
N MET B 208 15.11 47.18 -13.50
CA MET B 208 16.39 47.44 -12.84
C MET B 208 16.52 48.85 -12.27
N LYS B 209 15.87 49.82 -12.91
CA LYS B 209 16.00 51.22 -12.51
C LYS B 209 15.58 51.47 -11.06
N TYR B 210 14.72 50.60 -10.53
CA TYR B 210 14.26 50.68 -9.14
C TYR B 210 14.68 49.44 -8.33
N THR B 211 15.76 48.79 -8.76
CA THR B 211 16.19 47.51 -8.18
C THR B 211 17.68 47.50 -7.82
N ILE B 212 17.98 46.94 -6.65
CA ILE B 212 19.35 46.70 -6.24
C ILE B 212 19.57 45.18 -6.20
N VAL B 213 20.65 44.73 -6.82
CA VAL B 213 20.98 43.30 -6.85
C VAL B 213 22.26 43.03 -6.06
N VAL B 214 22.15 42.19 -5.03
CA VAL B 214 23.30 41.77 -4.26
C VAL B 214 23.61 40.32 -4.63
N SER B 215 24.82 40.07 -5.11
CA SER B 215 25.17 38.75 -5.61
C SER B 215 26.37 38.11 -4.94
N ALA B 216 26.13 36.96 -4.32
CA ALA B 216 27.18 36.12 -3.77
C ALA B 216 26.89 34.69 -4.22
N THR B 217 27.32 34.38 -5.43
CA THR B 217 27.00 33.12 -6.09
C THR B 217 27.75 31.93 -5.51
N ALA B 218 27.44 30.74 -6.00
CA ALA B 218 28.05 29.49 -5.55
C ALA B 218 29.57 29.57 -5.47
N SER B 219 30.17 30.25 -6.44
CA SER B 219 31.62 30.38 -6.55
C SER B 219 32.24 31.30 -5.49
N ASP B 220 31.44 32.23 -4.97
CA ASP B 220 31.92 33.15 -3.92
C ASP B 220 32.24 32.39 -2.63
N ALA B 221 33.13 32.96 -1.82
CA ALA B 221 33.52 32.37 -0.53
C ALA B 221 32.31 32.27 0.41
N ALA B 222 32.28 31.20 1.20
CA ALA B 222 31.12 30.89 2.06
C ALA B 222 30.61 32.03 2.96
N PRO B 223 31.52 32.82 3.58
CA PRO B 223 31.05 33.94 4.40
C PRO B 223 30.48 35.11 3.60
N LEU B 224 30.94 35.29 2.36
CA LEU B 224 30.35 36.29 1.46
C LEU B 224 28.87 35.95 1.29
N GLN B 225 28.59 34.67 1.08
CA GLN B 225 27.24 34.16 0.98
C GLN B 225 26.48 34.38 2.28
N TYR B 226 27.19 34.26 3.39
CA TYR B 226 26.63 34.46 4.73
C TYR B 226 26.25 35.92 4.96
N LEU B 227 27.18 36.82 4.66
CA LEU B 227 26.98 38.26 4.88
C LEU B 227 25.87 38.83 3.98
N ALA B 228 25.78 38.33 2.76
CA ALA B 228 24.98 38.92 1.68
C ALA B 228 23.57 39.39 2.05
N PRO B 229 22.74 38.53 2.68
CA PRO B 229 21.37 38.97 2.96
C PRO B 229 21.30 40.20 3.87
N TYR B 230 22.12 40.22 4.91
CA TYR B 230 22.09 41.31 5.90
C TYR B 230 22.50 42.64 5.27
N SER B 231 23.52 42.58 4.42
CA SER B 231 24.04 43.75 3.71
C SER B 231 22.91 44.47 2.99
N GLY B 232 22.24 43.72 2.10
CA GLY B 232 21.12 44.24 1.30
C GLY B 232 19.88 44.55 2.11
N CYS B 233 19.75 43.88 3.26
CA CYS B 233 18.65 44.14 4.18
C CYS B 233 18.72 45.57 4.72
N SER B 234 19.94 46.00 5.04
CA SER B 234 20.19 47.36 5.52
C SER B 234 19.89 48.36 4.40
N MET B 235 20.26 47.99 3.17
CA MET B 235 19.98 48.79 1.97
C MET B 235 18.48 48.95 1.79
N GLY B 236 17.73 47.96 2.25
CA GLY B 236 16.28 48.03 2.28
C GLY B 236 15.76 48.91 3.40
N GLU B 237 16.28 48.69 4.61
CA GLU B 237 15.92 49.48 5.81
C GLU B 237 16.03 50.98 5.61
N TYR B 238 16.91 51.38 4.70
CA TYR B 238 17.11 52.79 4.37
C TYR B 238 15.81 53.43 3.89
N PHE B 239 15.13 52.75 2.98
CA PHE B 239 13.85 53.21 2.48
C PHE B 239 12.82 53.17 3.59
N ARG B 240 12.82 52.09 4.37
CA ARG B 240 11.89 51.94 5.48
C ARG B 240 11.99 53.08 6.49
N ASP B 241 13.23 53.43 6.86
CA ASP B 241 13.48 54.48 7.84
C ASP B 241 13.36 55.90 7.29
N ASN B 242 13.11 56.02 5.99
CA ASN B 242 12.93 57.31 5.34
C ASN B 242 11.48 57.61 4.96
N GLY B 243 10.58 56.72 5.35
CA GLY B 243 9.17 56.86 4.97
C GLY B 243 8.90 56.46 3.53
N LYS B 244 9.83 55.72 2.94
CA LYS B 244 9.63 55.10 1.63
C LYS B 244 9.29 53.62 1.82
N HIS B 245 8.83 52.95 0.76
CA HIS B 245 8.48 51.54 0.85
C HIS B 245 9.40 50.70 -0.01
N ALA B 246 10.02 49.70 0.61
CA ALA B 246 10.98 48.83 -0.09
C ALA B 246 10.61 47.35 -0.05
N LEU B 247 11.21 46.58 -0.94
CA LEU B 247 11.00 45.13 -1.03
C LEU B 247 12.32 44.41 -1.18
N ILE B 248 12.55 43.45 -0.29
CA ILE B 248 13.73 42.60 -0.38
C ILE B 248 13.33 41.15 -0.65
N ILE B 249 14.05 40.51 -1.56
CA ILE B 249 13.85 39.08 -1.83
C ILE B 249 15.14 38.30 -1.58
N TYR B 250 15.07 37.37 -0.63
CA TYR B 250 16.20 36.51 -0.28
C TYR B 250 16.09 35.18 -1.03
N ASP B 251 16.84 35.07 -2.12
CA ASP B 251 16.91 33.83 -2.88
C ASP B 251 18.33 33.28 -2.80
N ASP B 252 18.57 32.27 -1.96
CA ASP B 252 17.61 31.84 -0.94
C ASP B 252 18.32 31.53 0.37
N LEU B 253 17.55 31.34 1.44
CA LEU B 253 18.12 31.16 2.78
C LEU B 253 18.67 29.76 3.02
N SER B 254 18.18 28.78 2.26
CA SER B 254 18.64 27.39 2.38
C SER B 254 20.09 27.24 1.95
N LYS B 255 20.49 28.04 0.96
CA LYS B 255 21.84 28.06 0.44
C LYS B 255 22.76 28.92 1.32
N GLN B 256 22.17 29.91 1.97
CA GLN B 256 22.88 30.71 2.97
C GLN B 256 23.04 29.90 4.26
N ALA B 257 22.14 28.96 4.47
CA ALA B 257 22.19 28.09 5.64
C ALA B 257 23.40 27.16 5.55
N VAL B 258 23.52 26.45 4.43
CA VAL B 258 24.65 25.55 4.24
C VAL B 258 25.97 26.30 4.30
N ALA B 259 25.96 27.54 3.83
CA ALA B 259 27.12 28.41 3.90
C ALA B 259 27.51 28.64 5.36
N TYR B 260 26.52 28.98 6.20
CA TYR B 260 26.78 29.25 7.61
C TYR B 260 27.09 27.97 8.39
N ARG B 261 26.53 26.85 7.93
CA ARG B 261 26.81 25.55 8.52
C ARG B 261 28.26 25.16 8.23
N GLN B 262 28.74 25.51 7.04
CA GLN B 262 30.15 25.35 6.69
C GLN B 262 31.04 26.12 7.65
N MET B 263 30.69 27.38 7.89
CA MET B 263 31.41 28.24 8.83
C MET B 263 31.44 27.68 10.24
N SER B 264 30.27 27.26 10.74
CA SER B 264 30.13 26.74 12.10
C SER B 264 30.87 25.42 12.30
N LEU B 265 30.86 24.56 11.28
CA LEU B 265 31.57 23.29 11.35
C LEU B 265 33.08 23.44 11.17
N LEU B 266 33.49 24.39 10.33
CA LEU B 266 34.91 24.73 10.21
C LEU B 266 35.42 25.37 11.50
N LEU B 267 34.55 26.15 12.15
CA LEU B 267 34.87 26.75 13.45
C LEU B 267 34.84 25.71 14.58
N ARG B 268 34.29 24.53 14.29
CA ARG B 268 34.18 23.41 15.23
C ARG B 268 33.08 23.57 16.28
N ARG B 269 32.05 24.34 15.94
CA ARG B 269 30.86 24.50 16.79
C ARG B 269 29.99 23.25 16.67
N PRO B 270 29.47 22.76 17.82
CA PRO B 270 28.66 21.54 17.93
C PRO B 270 27.62 21.35 16.83
N PRO B 271 27.81 20.35 15.94
CA PRO B 271 26.81 20.00 14.95
C PRO B 271 25.57 19.40 15.60
N GLY B 272 24.41 19.96 15.29
CA GLY B 272 23.16 19.53 15.90
C GLY B 272 22.24 18.81 14.94
N ARG B 273 21.03 19.34 14.79
CA ARG B 273 20.02 18.79 13.89
C ARG B 273 20.48 19.01 12.45
N GLU B 274 20.46 17.94 11.66
CA GLU B 274 20.94 17.97 10.26
C GLU B 274 22.31 18.65 10.16
N ALA B 275 23.13 18.44 11.18
CA ALA B 275 24.48 19.01 11.30
C ALA B 275 24.49 20.54 11.41
N TYR B 276 23.30 21.13 11.47
CA TYR B 276 23.18 22.58 11.59
C TYR B 276 23.50 23.04 13.00
N PRO B 277 24.19 24.20 13.13
CA PRO B 277 24.53 24.80 14.42
C PRO B 277 23.30 25.31 15.15
N GLY B 278 23.43 25.50 16.46
CA GLY B 278 22.33 25.92 17.32
C GLY B 278 21.66 27.24 16.96
N ASP B 279 22.34 28.07 16.16
CA ASP B 279 21.82 29.40 15.86
C ASP B 279 21.44 29.65 14.38
N VAL B 280 21.04 28.58 13.67
CA VAL B 280 20.51 28.73 12.32
C VAL B 280 19.08 29.25 12.34
N PHE B 281 18.43 29.14 13.48
CA PHE B 281 17.14 29.78 13.68
C PHE B 281 17.38 31.27 13.85
N TYR B 282 18.38 31.60 14.64
CA TYR B 282 18.73 32.98 14.95
C TYR B 282 19.20 33.71 13.70
N LEU B 283 19.97 33.01 12.87
CA LEU B 283 20.47 33.52 11.60
C LEU B 283 19.35 34.13 10.76
N HIS B 284 18.22 33.44 10.72
CA HIS B 284 17.07 33.89 9.94
C HIS B 284 16.04 34.67 10.78
N SER B 285 16.21 34.67 12.10
CA SER B 285 15.28 35.36 12.98
C SER B 285 15.57 36.85 12.95
N ARG B 286 16.83 37.20 13.22
CA ARG B 286 17.27 38.59 13.29
C ARG B 286 17.16 39.33 11.95
N LEU B 287 17.24 38.57 10.85
CA LEU B 287 17.19 39.13 9.50
C LEU B 287 15.77 39.50 9.07
N LEU B 288 14.83 38.57 9.27
CA LEU B 288 13.46 38.75 8.80
C LEU B 288 12.60 39.63 9.71
N GLU B 289 13.07 39.83 10.94
CA GLU B 289 12.45 40.80 11.86
C GLU B 289 12.60 42.19 11.29
N ARG B 290 13.72 42.41 10.61
CA ARG B 290 14.09 43.70 10.04
C ARG B 290 13.18 44.14 8.89
N ALA B 291 12.34 43.23 8.41
CA ALA B 291 11.24 43.61 7.56
C ALA B 291 10.09 44.02 8.48
N ALA B 292 9.66 45.27 8.37
CA ALA B 292 8.68 45.83 9.30
C ALA B 292 7.87 46.97 8.67
N LYS B 293 6.68 47.21 9.22
CA LYS B 293 5.85 48.34 8.83
C LYS B 293 5.81 49.38 9.97
N MET B 294 6.49 50.50 9.74
CA MET B 294 6.59 51.57 10.74
C MET B 294 5.29 52.36 10.84
N ASN B 295 4.94 52.78 12.06
CA ASN B 295 3.81 53.67 12.28
C ASN B 295 4.11 55.07 11.74
N ASP B 296 3.07 55.91 11.62
CA ASP B 296 3.21 57.24 11.04
C ASP B 296 4.23 58.13 11.76
N ALA B 297 4.24 58.08 13.09
CA ALA B 297 5.21 58.82 13.89
C ALA B 297 6.66 58.52 13.49
N PHE B 298 6.94 57.27 13.09
CA PHE B 298 8.28 56.87 12.66
C PHE B 298 8.57 57.14 11.18
N GLY B 299 7.55 57.55 10.43
CA GLY B 299 7.74 57.95 9.04
C GLY B 299 6.90 57.22 8.02
N GLY B 300 6.23 56.15 8.47
CA GLY B 300 5.34 55.36 7.62
C GLY B 300 6.03 54.62 6.49
N GLY B 301 7.26 54.19 6.73
CA GLY B 301 8.02 53.41 5.76
C GLY B 301 7.95 51.93 6.08
N SER B 302 7.98 51.09 5.05
CA SER B 302 7.84 49.65 5.24
C SER B 302 8.87 48.83 4.46
N LEU B 303 9.46 47.84 5.14
CA LEU B 303 10.27 46.83 4.47
C LEU B 303 9.48 45.52 4.43
N THR B 304 9.27 45.02 3.21
CA THR B 304 8.48 43.81 2.97
C THR B 304 9.41 42.70 2.46
N ALA B 305 9.34 41.54 3.11
CA ALA B 305 10.29 40.46 2.82
C ALA B 305 9.67 39.24 2.16
N LEU B 306 10.32 38.77 1.11
CA LEU B 306 9.99 37.50 0.47
C LEU B 306 11.22 36.59 0.47
N PRO B 307 11.42 35.82 1.55
CA PRO B 307 12.51 34.87 1.55
C PRO B 307 12.12 33.56 0.87
N VAL B 308 13.11 32.88 0.30
CA VAL B 308 12.90 31.64 -0.46
C VAL B 308 13.52 30.46 0.28
N ILE B 309 12.85 29.31 0.21
CA ILE B 309 13.32 28.07 0.82
C ILE B 309 13.09 26.89 -0.14
N GLU B 310 14.14 26.08 -0.31
CA GLU B 310 14.13 24.94 -1.22
C GLU B 310 13.98 23.64 -0.43
N THR B 311 12.78 23.08 -0.42
CA THR B 311 12.53 21.82 0.27
C THR B 311 13.06 20.64 -0.55
N GLN B 312 13.30 19.52 0.13
CA GLN B 312 13.70 18.29 -0.54
C GLN B 312 12.50 17.35 -0.57
N ALA B 313 11.97 17.13 -1.78
CA ALA B 313 10.84 16.22 -2.01
C ALA B 313 9.59 16.51 -1.18
N GLY B 314 9.29 17.79 -1.00
CA GLY B 314 8.05 18.22 -0.34
C GLY B 314 8.06 18.22 1.17
N ASP B 315 9.23 17.95 1.76
CA ASP B 315 9.36 17.79 3.21
C ASP B 315 9.37 19.14 3.94
N VAL B 316 8.18 19.58 4.36
CA VAL B 316 8.03 20.85 5.08
C VAL B 316 8.38 20.71 6.56
N SER B 317 8.30 19.48 7.08
CA SER B 317 8.58 19.19 8.48
C SER B 317 10.07 19.28 8.81
N ALA B 318 10.91 19.34 7.78
CA ALA B 318 12.36 19.45 7.94
C ALA B 318 12.77 20.66 8.80
N TYR B 319 13.96 20.59 9.39
CA TYR B 319 14.44 21.58 10.36
C TYR B 319 14.39 23.02 9.85
N ILE B 320 15.09 23.29 8.75
CA ILE B 320 15.24 24.65 8.23
C ILE B 320 13.92 25.25 7.76
N PRO B 321 13.14 24.51 6.95
CA PRO B 321 11.81 25.00 6.55
C PRO B 321 10.87 25.32 7.72
N THR B 322 10.73 24.41 8.69
CA THR B 322 9.90 24.67 9.86
C THR B 322 10.31 25.94 10.61
N ASN B 323 11.62 26.15 10.72
CA ASN B 323 12.14 27.39 11.32
C ASN B 323 11.57 28.61 10.61
N VAL B 324 11.73 28.68 9.29
CA VAL B 324 11.30 29.83 8.50
C VAL B 324 9.76 30.00 8.51
N ILE B 325 9.02 28.89 8.60
CA ILE B 325 7.58 28.94 8.84
C ILE B 325 7.32 29.68 10.15
N SER B 326 8.18 29.44 11.15
CA SER B 326 8.05 30.05 12.46
C SER B 326 8.70 31.42 12.57
N ILE B 327 9.29 31.89 11.47
CA ILE B 327 9.78 33.27 11.42
C ILE B 327 8.78 34.14 10.68
N THR B 328 8.39 33.69 9.49
CA THR B 328 7.60 34.49 8.56
C THR B 328 6.13 34.59 8.94
N ASP B 329 5.45 35.60 8.37
CA ASP B 329 4.05 35.86 8.64
C ASP B 329 3.15 35.17 7.60
N GLY B 330 3.60 34.03 7.09
CA GLY B 330 2.84 33.28 6.09
C GLY B 330 3.69 32.63 5.01
N GLN B 331 3.10 31.67 4.30
CA GLN B 331 3.84 30.86 3.33
C GLN B 331 3.11 30.74 1.99
N ILE B 332 3.88 30.42 0.97
CA ILE B 332 3.37 30.01 -0.34
C ILE B 332 4.09 28.72 -0.71
N PHE B 333 3.32 27.64 -0.83
CA PHE B 333 3.87 26.34 -1.20
C PHE B 333 3.77 26.12 -2.69
N LEU B 334 4.83 25.55 -3.26
CA LEU B 334 4.85 25.22 -4.68
C LEU B 334 5.12 23.73 -4.86
N GLU B 335 4.04 22.96 -4.99
CA GLU B 335 4.11 21.51 -5.17
C GLU B 335 4.65 21.15 -6.54
N THR B 336 5.56 20.18 -6.58
CA THR B 336 6.11 19.67 -7.84
C THR B 336 5.01 18.97 -8.63
N GLU B 337 4.01 18.46 -7.92
CA GLU B 337 2.91 17.70 -8.50
C GLU B 337 1.88 18.55 -9.25
N LEU B 338 1.96 19.87 -9.08
CA LEU B 338 1.12 20.79 -9.84
C LEU B 338 1.93 21.43 -10.97
N PHE B 339 3.23 21.63 -10.72
CA PHE B 339 4.15 22.23 -11.68
C PHE B 339 4.44 21.29 -12.85
N TYR B 340 4.86 20.07 -12.52
CA TYR B 340 5.08 19.05 -13.53
C TYR B 340 3.74 18.52 -14.06
N LYS B 341 2.71 19.33 -13.91
CA LYS B 341 1.37 19.01 -14.42
C LYS B 341 0.88 20.10 -15.39
N GLY B 342 1.49 21.29 -15.31
CA GLY B 342 1.12 22.38 -16.21
C GLY B 342 0.56 23.58 -15.49
N ILE B 343 0.10 23.37 -14.26
CA ILE B 343 -0.43 24.45 -13.43
C ILE B 343 0.71 25.37 -12.97
N ARG B 344 0.75 26.58 -13.53
CA ARG B 344 1.77 27.58 -13.22
C ARG B 344 1.15 28.96 -13.13
N PRO B 345 1.32 29.67 -11.99
CA PRO B 345 2.11 29.33 -10.79
C PRO B 345 1.55 28.14 -10.01
N ALA B 346 2.46 27.28 -9.53
CA ALA B 346 2.11 26.01 -8.90
C ALA B 346 1.82 26.14 -7.40
N ILE B 347 0.98 27.13 -7.06
CA ILE B 347 0.68 27.44 -5.67
C ILE B 347 -0.34 26.46 -5.09
N ASN B 348 0.05 25.77 -4.02
CA ASN B 348 -0.87 24.95 -3.25
C ASN B 348 -1.80 25.89 -2.47
N VAL B 349 -3.05 25.96 -2.89
CA VAL B 349 -4.03 26.85 -2.26
C VAL B 349 -4.44 26.32 -0.89
N GLY B 350 -4.47 24.99 -0.76
CA GLY B 350 -4.85 24.35 0.49
C GLY B 350 -3.80 24.36 1.59
N LEU B 351 -2.64 24.96 1.31
CA LEU B 351 -1.56 25.04 2.29
C LEU B 351 -1.02 26.45 2.50
N SER B 352 -1.04 27.26 1.45
CA SER B 352 -0.52 28.62 1.52
C SER B 352 -1.51 29.58 2.18
N VAL B 353 -1.03 30.29 3.20
CA VAL B 353 -1.83 31.30 3.89
C VAL B 353 -0.96 32.54 4.14
N SER B 354 -1.59 33.71 4.06
CA SER B 354 -0.94 34.97 4.41
C SER B 354 -1.61 35.58 5.63
N ARG B 355 -0.92 35.51 6.77
CA ARG B 355 -1.50 35.87 8.06
C ARG B 355 -1.89 37.35 8.15
N VAL B 356 -0.91 38.22 8.36
CA VAL B 356 -1.16 39.66 8.32
C VAL B 356 -0.95 40.19 6.90
N GLY B 357 -1.95 39.96 6.06
CA GLY B 357 -1.92 40.44 4.67
C GLY B 357 -3.32 40.59 4.12
N SER B 358 -4.30 40.12 4.89
CA SER B 358 -5.72 40.17 4.52
C SER B 358 -6.23 41.59 4.53
N ALA B 359 -6.01 42.29 5.64
CA ALA B 359 -6.42 43.69 5.77
C ALA B 359 -5.45 44.63 5.05
N ALA B 360 -4.84 44.12 3.98
CA ALA B 360 -3.97 44.90 3.11
C ALA B 360 -4.30 44.57 1.65
N GLN B 361 -5.48 44.01 1.45
CA GLN B 361 -5.98 43.64 0.12
C GLN B 361 -6.95 44.70 -0.36
N THR B 362 -7.03 44.88 -1.68
CA THR B 362 -8.00 45.79 -2.29
C THR B 362 -9.42 45.28 -2.04
N ARG B 363 -10.34 46.18 -1.69
CA ARG B 363 -11.74 45.80 -1.47
C ARG B 363 -12.37 45.19 -2.73
N ALA B 364 -12.06 45.79 -3.88
CA ALA B 364 -12.50 45.27 -5.18
C ALA B 364 -12.06 43.82 -5.42
N MET B 365 -10.90 43.47 -4.89
CA MET B 365 -10.40 42.10 -4.91
C MET B 365 -11.19 41.22 -3.93
N LYS B 366 -11.47 41.75 -2.73
CA LYS B 366 -12.22 41.02 -1.72
C LYS B 366 -13.62 40.65 -2.19
N GLN B 367 -14.18 41.48 -3.07
CA GLN B 367 -15.51 41.25 -3.63
C GLN B 367 -15.56 40.07 -4.59
N VAL B 368 -14.40 39.70 -5.12
CA VAL B 368 -14.31 38.57 -6.07
C VAL B 368 -13.51 37.38 -5.52
N ALA B 369 -12.50 37.66 -4.71
CA ALA B 369 -11.62 36.62 -4.18
C ALA B 369 -12.23 35.89 -2.99
N GLY B 370 -13.17 36.53 -2.32
CA GLY B 370 -13.85 35.97 -1.14
C GLY B 370 -14.71 34.77 -1.46
N THR B 371 -15.51 34.89 -2.52
CA THR B 371 -16.34 33.79 -3.00
C THR B 371 -15.59 32.89 -3.99
N MET B 372 -14.34 33.25 -4.29
CA MET B 372 -13.43 32.40 -5.07
C MET B 372 -12.74 31.40 -4.14
N LYS B 373 -12.22 31.89 -3.01
CA LYS B 373 -11.63 31.05 -1.97
C LYS B 373 -12.64 30.06 -1.40
N LEU B 374 -13.90 30.50 -1.34
CA LEU B 374 -15.02 29.70 -0.85
C LEU B 374 -15.38 28.55 -1.79
N GLU B 375 -15.42 28.83 -3.08
CA GLU B 375 -15.78 27.84 -4.09
C GLU B 375 -14.60 26.97 -4.52
N LEU B 376 -13.38 27.42 -4.21
CA LEU B 376 -12.17 26.67 -4.54
C LEU B 376 -11.89 25.59 -3.50
N ALA B 377 -12.29 25.84 -2.26
CA ALA B 377 -12.26 24.84 -1.20
C ALA B 377 -13.42 23.86 -1.37
N GLN B 378 -14.55 24.36 -1.88
CA GLN B 378 -15.71 23.53 -2.22
C GLN B 378 -15.41 22.57 -3.38
N TYR B 379 -14.45 22.95 -4.22
CA TYR B 379 -13.96 22.09 -5.30
C TYR B 379 -12.87 21.15 -4.80
N ARG B 380 -12.02 21.68 -3.92
CA ARG B 380 -10.95 20.88 -3.33
C ARG B 380 -11.52 19.97 -2.24
N GLU B 381 -12.83 20.06 -2.02
CA GLU B 381 -13.56 19.17 -1.11
C GLU B 381 -13.63 17.76 -1.70
N VAL B 382 -12.45 17.15 -1.84
CA VAL B 382 -12.24 15.85 -2.52
C VAL B 382 -12.96 15.75 -3.88
N ALA B 383 -12.31 16.25 -4.92
CA ALA B 383 -12.77 16.06 -6.30
C ALA B 383 -11.72 15.27 -7.09
N ALA B 384 -10.96 14.45 -6.38
CA ALA B 384 -9.91 13.61 -6.97
C ALA B 384 -10.49 12.45 -7.79
N PHE B 385 -11.76 12.10 -7.50
CA PHE B 385 -12.48 11.04 -8.22
C PHE B 385 -12.41 11.22 -9.74
N ALA B 386 -12.58 12.48 -10.18
CA ALA B 386 -12.33 12.92 -11.57
C ALA B 386 -13.13 12.23 -12.70
N GLN B 387 -12.70 11.04 -13.10
CA GLN B 387 -13.20 10.38 -14.31
C GLN B 387 -14.57 9.72 -14.13
N PHE B 388 -15.61 10.37 -14.66
CA PHE B 388 -16.96 9.81 -14.76
C PHE B 388 -17.88 10.60 -15.71
N GLY B 389 -17.44 11.81 -16.06
CA GLY B 389 -18.20 12.68 -16.97
C GLY B 389 -19.50 13.16 -16.37
N SER B 390 -20.58 12.45 -16.68
CA SER B 390 -21.89 12.74 -16.12
C SER B 390 -22.50 11.50 -15.45
N ASP B 391 -21.76 10.95 -14.47
CA ASP B 391 -22.19 9.75 -13.76
C ASP B 391 -22.39 9.99 -12.25
N LEU B 392 -22.20 11.23 -11.82
CA LEU B 392 -22.33 11.60 -10.40
C LEU B 392 -23.70 12.24 -10.08
N ASP B 393 -23.71 13.17 -9.12
CA ASP B 393 -24.94 13.76 -8.61
C ASP B 393 -25.42 14.94 -9.47
N ALA B 394 -26.03 15.93 -8.83
CA ALA B 394 -26.52 17.13 -9.53
C ALA B 394 -25.93 18.42 -8.97
N ALA B 395 -25.96 18.55 -7.64
CA ALA B 395 -25.46 19.74 -6.95
C ALA B 395 -23.94 19.73 -6.79
N THR B 396 -23.33 18.55 -6.93
CA THR B 396 -21.89 18.39 -6.78
C THR B 396 -21.12 18.40 -8.11
N GLN B 397 -21.84 18.19 -9.21
CA GLN B 397 -21.23 18.18 -10.55
C GLN B 397 -20.87 19.58 -11.06
N GLN B 398 -21.57 20.58 -10.53
CA GLN B 398 -21.33 21.98 -10.89
C GLN B 398 -20.11 22.54 -10.14
N LEU B 399 -19.83 21.96 -8.98
CA LEU B 399 -18.65 22.32 -8.19
C LEU B 399 -17.38 21.83 -8.85
N LEU B 400 -17.48 20.69 -9.55
CA LEU B 400 -16.39 20.19 -10.39
C LEU B 400 -16.24 21.06 -11.64
N SER B 401 -17.36 21.55 -12.15
CA SER B 401 -17.37 22.45 -13.30
C SER B 401 -16.69 23.77 -12.96
N ARG B 402 -17.16 24.41 -11.88
CA ARG B 402 -16.60 25.69 -11.41
C ARG B 402 -15.12 25.61 -11.11
N GLY B 403 -14.71 24.59 -10.37
CA GLY B 403 -13.34 24.42 -9.92
C GLY B 403 -12.31 24.49 -11.02
N VAL B 404 -12.43 23.60 -12.01
CA VAL B 404 -11.45 23.52 -13.10
C VAL B 404 -11.29 24.83 -13.87
N ARG B 405 -12.37 25.59 -13.99
CA ARG B 405 -12.34 26.90 -14.64
C ARG B 405 -11.64 27.92 -13.73
N LEU B 406 -12.07 27.96 -12.47
CA LEU B 406 -11.44 28.82 -11.46
C LEU B 406 -9.99 28.41 -11.21
N THR B 407 -9.63 27.20 -11.64
CA THR B 407 -8.25 26.71 -11.58
C THR B 407 -7.46 27.18 -12.81
N GLU B 408 -8.04 26.97 -13.99
CA GLU B 408 -7.40 27.37 -15.25
C GLU B 408 -7.15 28.86 -15.29
N LEU B 409 -8.08 29.64 -14.76
CA LEU B 409 -7.96 31.10 -14.69
C LEU B 409 -6.71 31.55 -13.92
N LEU B 410 -6.40 30.83 -12.85
CA LEU B 410 -5.24 31.16 -12.01
C LEU B 410 -3.89 30.89 -12.68
N LYS B 411 -3.91 30.10 -13.76
CA LYS B 411 -2.73 29.93 -14.60
C LYS B 411 -2.36 31.28 -15.19
N GLN B 412 -1.06 31.54 -15.29
CA GLN B 412 -0.57 32.84 -15.71
C GLN B 412 0.82 32.71 -16.32
N GLY B 413 1.07 33.51 -17.35
CA GLY B 413 2.35 33.49 -18.04
C GLY B 413 3.43 34.19 -17.26
N GLN B 414 4.68 33.83 -17.54
CA GLN B 414 5.84 34.45 -16.92
C GLN B 414 6.06 35.88 -17.42
N TYR B 415 6.74 36.68 -16.59
CA TYR B 415 7.14 38.05 -16.92
C TYR B 415 5.99 38.98 -17.34
N SER B 416 4.75 38.57 -17.05
CA SER B 416 3.59 39.37 -17.43
C SER B 416 2.65 39.63 -16.24
N PRO B 417 3.01 40.62 -15.39
CA PRO B 417 2.22 40.93 -14.21
C PRO B 417 1.00 41.78 -14.56
N MET B 418 -0.01 41.74 -13.69
CA MET B 418 -1.29 42.38 -13.96
C MET B 418 -1.70 43.38 -12.89
N ALA B 419 -2.22 44.53 -13.34
CA ALA B 419 -2.80 45.53 -12.45
C ALA B 419 -3.97 44.91 -11.69
N ILE B 420 -4.19 45.39 -10.47
CA ILE B 420 -5.20 44.79 -9.58
C ILE B 420 -6.61 44.75 -10.18
N GLU B 421 -6.95 45.77 -10.97
CA GLU B 421 -8.26 45.84 -11.64
C GLU B 421 -8.33 44.92 -12.87
N GLU B 422 -7.19 44.70 -13.52
CA GLU B 422 -7.10 43.76 -14.63
C GLU B 422 -7.35 42.33 -14.12
N GLN B 423 -6.97 42.11 -12.86
CA GLN B 423 -7.17 40.82 -12.19
C GLN B 423 -8.65 40.61 -11.82
N VAL B 424 -9.25 41.59 -11.15
CA VAL B 424 -10.65 41.49 -10.71
C VAL B 424 -11.63 41.38 -11.87
N ALA B 425 -11.14 41.67 -13.08
CA ALA B 425 -11.96 41.57 -14.29
C ALA B 425 -11.97 40.15 -14.86
N VAL B 426 -10.81 39.50 -14.93
CA VAL B 426 -10.72 38.12 -15.42
C VAL B 426 -11.21 37.10 -14.39
N ILE B 427 -11.05 37.43 -13.10
CA ILE B 427 -11.56 36.58 -12.02
C ILE B 427 -13.08 36.67 -11.97
N TYR B 428 -13.61 37.86 -12.20
CA TYR B 428 -15.05 38.11 -12.30
C TYR B 428 -15.70 37.16 -13.31
N ALA B 429 -14.95 36.83 -14.35
CA ALA B 429 -15.44 35.99 -15.45
C ALA B 429 -15.85 34.58 -15.02
N GLY B 430 -15.01 33.93 -14.22
CA GLY B 430 -15.30 32.58 -13.76
C GLY B 430 -16.14 32.54 -12.49
N VAL B 431 -15.89 33.48 -11.60
CA VAL B 431 -16.48 33.51 -10.27
C VAL B 431 -18.01 33.73 -10.29
N ARG B 432 -18.53 34.12 -11.46
CA ARG B 432 -19.96 34.38 -11.60
C ARG B 432 -20.65 33.36 -12.49
N GLY B 433 -19.86 32.57 -13.22
CA GLY B 433 -20.39 31.48 -14.05
C GLY B 433 -20.21 31.69 -15.54
N TYR B 434 -19.70 32.85 -15.94
CA TYR B 434 -19.52 33.18 -17.35
C TYR B 434 -18.40 32.38 -18.03
N LEU B 435 -18.06 31.23 -17.44
CA LEU B 435 -17.12 30.29 -18.05
C LEU B 435 -17.58 28.84 -17.90
N ASP B 436 -18.70 28.64 -17.19
CA ASP B 436 -19.24 27.31 -16.92
C ASP B 436 -19.54 26.50 -18.18
N LYS B 437 -20.04 27.15 -19.22
CA LYS B 437 -20.28 26.48 -20.50
C LYS B 437 -18.98 26.15 -21.22
N LEU B 438 -18.08 27.13 -21.28
CA LEU B 438 -16.86 27.04 -22.08
C LEU B 438 -16.03 25.80 -21.76
N GLU B 439 -15.44 25.21 -22.81
CA GLU B 439 -14.57 24.04 -22.66
C GLU B 439 -13.35 24.42 -21.82
N PRO B 440 -12.97 23.56 -20.86
CA PRO B 440 -11.79 23.78 -20.03
C PRO B 440 -10.51 23.97 -20.87
N SER B 441 -10.46 23.29 -22.01
CA SER B 441 -9.30 23.37 -22.92
C SER B 441 -9.01 24.79 -23.44
N LYS B 442 -9.97 25.70 -23.26
CA LYS B 442 -9.93 27.00 -23.93
C LYS B 442 -9.77 28.21 -22.99
N ILE B 443 -9.91 28.00 -21.68
CA ILE B 443 -9.89 29.11 -20.70
C ILE B 443 -8.67 30.04 -20.86
N THR B 444 -7.49 29.45 -21.06
CA THR B 444 -6.28 30.24 -21.32
C THR B 444 -6.48 31.19 -22.48
N LYS B 445 -6.82 30.64 -23.65
CA LYS B 445 -7.07 31.42 -24.87
C LYS B 445 -8.10 32.53 -24.65
N PHE B 446 -9.15 32.21 -23.90
CA PHE B 446 -10.22 33.17 -23.59
C PHE B 446 -9.70 34.36 -22.80
N GLU B 447 -8.87 34.08 -21.80
CA GLU B 447 -8.29 35.10 -20.94
C GLU B 447 -7.59 36.17 -21.78
N ASN B 448 -6.49 35.78 -22.44
CA ASN B 448 -5.72 36.68 -23.29
C ASN B 448 -6.61 37.52 -24.20
N ALA B 449 -7.62 36.86 -24.77
CA ALA B 449 -8.59 37.51 -25.65
C ALA B 449 -9.39 38.58 -24.91
N PHE B 450 -10.07 38.16 -23.84
CA PHE B 450 -10.91 39.05 -23.04
C PHE B 450 -10.09 40.12 -22.30
N LEU B 451 -8.88 39.75 -21.89
CA LEU B 451 -8.02 40.61 -21.10
C LEU B 451 -7.45 41.79 -21.89
N SER B 452 -6.98 41.54 -23.10
CA SER B 452 -6.45 42.61 -23.94
C SER B 452 -7.55 43.46 -24.57
N HIS B 453 -8.78 42.94 -24.58
CA HIS B 453 -9.95 43.67 -25.07
C HIS B 453 -10.35 44.77 -24.10
N VAL B 454 -10.42 44.43 -22.81
CA VAL B 454 -10.75 45.41 -21.78
C VAL B 454 -9.58 46.37 -21.51
N ILE B 455 -8.37 45.94 -21.86
CA ILE B 455 -7.20 46.80 -21.86
C ILE B 455 -7.33 47.82 -22.99
N SER B 456 -7.67 47.34 -24.18
CA SER B 456 -7.81 48.19 -25.36
C SER B 456 -9.03 49.10 -25.28
N GLN B 457 -10.22 48.49 -25.24
CA GLN B 457 -11.48 49.20 -25.42
C GLN B 457 -11.98 49.86 -24.13
N HIS B 458 -11.90 49.14 -23.01
CA HIS B 458 -12.55 49.58 -21.77
C HIS B 458 -11.59 50.06 -20.67
N GLN B 459 -10.71 51.01 -21.02
CA GLN B 459 -9.85 51.66 -20.04
C GLN B 459 -10.65 52.56 -19.11
N ALA B 460 -11.75 53.08 -19.63
CA ALA B 460 -12.67 53.90 -18.85
C ALA B 460 -13.32 53.10 -17.73
N LEU B 461 -13.73 51.87 -18.04
CA LEU B 461 -14.34 50.98 -17.07
C LEU B 461 -13.31 50.44 -16.07
N LEU B 462 -12.07 50.25 -16.54
CA LEU B 462 -10.96 49.82 -15.67
C LEU B 462 -10.56 50.91 -14.68
N GLY B 463 -10.41 52.14 -15.18
CA GLY B 463 -10.08 53.30 -14.35
C GLY B 463 -11.11 53.58 -13.28
N LYS B 464 -12.35 53.16 -13.53
CA LYS B 464 -13.46 53.39 -12.60
C LYS B 464 -13.62 52.30 -11.52
N ILE B 465 -12.81 51.25 -11.61
CA ILE B 465 -12.67 50.27 -10.52
C ILE B 465 -11.44 50.65 -9.71
N ARG B 466 -10.35 50.92 -10.40
CA ARG B 466 -9.08 51.36 -9.83
C ARG B 466 -9.27 52.51 -8.84
N THR B 467 -9.94 53.57 -9.28
CA THR B 467 -10.14 54.76 -8.46
C THR B 467 -11.11 54.48 -7.32
N ASP B 468 -12.20 53.77 -7.61
CA ASP B 468 -13.22 53.47 -6.62
C ASP B 468 -12.83 52.35 -5.66
N GLY B 469 -11.81 51.58 -6.02
CA GLY B 469 -11.30 50.48 -5.19
C GLY B 469 -12.37 49.45 -4.81
N LYS B 470 -13.47 49.49 -5.56
CA LYS B 470 -14.69 48.73 -5.29
C LYS B 470 -15.42 48.52 -6.61
N ILE B 471 -16.00 47.34 -6.78
CA ILE B 471 -16.80 47.05 -7.97
C ILE B 471 -18.21 47.57 -7.72
N SER B 472 -18.45 48.82 -8.15
CA SER B 472 -19.73 49.49 -7.96
C SER B 472 -20.84 48.80 -8.74
N GLU B 473 -22.08 48.92 -8.26
CA GLU B 473 -23.24 48.34 -8.93
C GLU B 473 -23.30 48.76 -10.39
N GLU B 474 -22.84 49.99 -10.65
CA GLU B 474 -22.82 50.57 -11.98
C GLU B 474 -21.76 49.92 -12.87
N SER B 475 -20.58 49.67 -12.30
CA SER B 475 -19.49 49.00 -13.00
C SER B 475 -19.73 47.50 -13.13
N ASP B 476 -20.30 46.90 -12.08
CA ASP B 476 -20.63 45.47 -12.07
C ASP B 476 -21.59 45.12 -13.21
N ALA B 477 -22.63 45.94 -13.38
CA ALA B 477 -23.63 45.74 -14.42
C ALA B 477 -23.11 46.09 -15.81
N LYS B 478 -22.15 47.02 -15.87
CA LYS B 478 -21.47 47.38 -17.11
C LYS B 478 -20.39 46.36 -17.47
N LEU B 479 -19.98 45.57 -16.48
CA LEU B 479 -19.02 44.48 -16.69
C LEU B 479 -19.73 43.19 -17.11
N LYS B 480 -20.92 42.98 -16.55
CA LYS B 480 -21.81 41.89 -16.98
C LYS B 480 -22.07 42.03 -18.47
N GLU B 481 -22.31 43.27 -18.88
CA GLU B 481 -22.49 43.68 -20.27
C GLU B 481 -21.35 43.15 -21.14
N ILE B 482 -20.12 43.37 -20.67
CA ILE B 482 -18.90 43.08 -21.44
C ILE B 482 -18.63 41.59 -21.62
N VAL B 483 -18.77 40.81 -20.55
CA VAL B 483 -18.47 39.37 -20.59
C VAL B 483 -19.50 38.53 -21.37
N THR B 484 -20.76 38.94 -21.32
CA THR B 484 -21.84 38.18 -21.95
C THR B 484 -21.77 38.25 -23.47
N ASN B 485 -21.63 39.45 -24.00
CA ASN B 485 -21.57 39.65 -25.45
C ASN B 485 -20.25 39.21 -26.07
N PHE B 486 -19.17 39.27 -25.28
CA PHE B 486 -17.86 38.78 -25.72
C PHE B 486 -17.84 37.25 -25.75
N LEU B 487 -18.50 36.62 -24.78
CA LEU B 487 -18.58 35.16 -24.66
C LEU B 487 -19.36 34.55 -25.83
N ALA B 488 -20.45 35.21 -26.20
CA ALA B 488 -21.28 34.77 -27.32
C ALA B 488 -20.51 34.94 -28.62
N GLY B 489 -19.78 36.05 -28.73
CA GLY B 489 -18.93 36.32 -29.88
C GLY B 489 -17.75 35.37 -29.97
N PHE B 490 -17.32 34.86 -28.81
CA PHE B 490 -16.11 34.04 -28.72
C PHE B 490 -16.17 32.79 -29.60
N GLU B 491 -15.09 32.60 -30.36
CA GLU B 491 -14.96 31.47 -31.27
C GLU B 491 -13.99 30.43 -30.71
N ALA B 492 -14.55 29.32 -30.21
CA ALA B 492 -13.78 28.25 -29.57
C ALA B 492 -13.00 27.41 -30.56
N ALA C 1 52.26 30.46 62.85
CA ALA C 1 52.12 29.19 63.61
C ALA C 1 50.77 28.50 63.35
N ASP C 2 50.13 28.85 62.23
CA ASP C 2 48.83 28.27 61.87
C ASP C 2 48.90 27.47 60.57
N THR C 3 48.78 26.14 60.70
CA THR C 3 48.67 25.23 59.55
C THR C 3 47.44 24.32 59.67
N SER C 4 46.34 24.92 60.12
CA SER C 4 45.01 24.26 60.15
C SER C 4 44.33 24.33 58.78
N VAL C 5 44.86 25.17 57.89
CA VAL C 5 44.49 25.18 56.47
C VAL C 5 45.69 24.70 55.65
N ASP C 6 45.71 23.38 55.38
CA ASP C 6 46.80 22.71 54.67
C ASP C 6 46.31 21.94 53.45
N LEU C 7 47.19 21.75 52.47
CA LEU C 7 46.83 21.09 51.21
C LEU C 7 46.75 19.57 51.35
N GLU C 8 46.20 19.10 52.47
CA GLU C 8 46.03 17.65 52.70
C GLU C 8 44.63 17.30 53.18
N GLU C 9 44.12 18.06 54.16
CA GLU C 9 42.77 17.82 54.66
C GLU C 9 41.79 18.84 54.10
N THR C 10 42.33 19.94 53.61
CA THR C 10 41.53 21.04 53.09
C THR C 10 41.98 21.44 51.68
N GLY C 11 41.08 22.07 50.93
CA GLY C 11 41.37 22.53 49.58
C GLY C 11 40.63 23.82 49.22
N ARG C 12 41.05 24.43 48.10
CA ARG C 12 40.41 25.64 47.61
C ARG C 12 39.96 25.52 46.14
N VAL C 13 38.90 26.23 45.80
CA VAL C 13 38.28 26.15 44.48
C VAL C 13 39.13 26.84 43.39
N LEU C 14 39.55 26.06 42.40
CA LEU C 14 40.26 26.59 41.22
C LEU C 14 39.27 27.21 40.24
N SER C 15 38.19 26.48 39.96
CA SER C 15 37.17 26.91 38.99
C SER C 15 35.82 26.31 39.34
N ILE C 16 34.78 27.14 39.26
CA ILE C 16 33.41 26.65 39.42
C ILE C 16 32.49 27.07 38.29
N GLY C 17 31.96 26.08 37.58
CA GLY C 17 31.02 26.31 36.49
C GLY C 17 30.05 25.18 36.32
N ASP C 18 28.75 25.53 36.26
CA ASP C 18 27.67 24.57 35.99
C ASP C 18 27.67 23.35 36.92
N GLY C 19 27.79 23.61 38.22
CA GLY C 19 27.69 22.57 39.24
C GLY C 19 28.93 21.71 39.40
N ILE C 20 29.99 22.04 38.67
CA ILE C 20 31.27 21.33 38.78
C ILE C 20 32.35 22.26 39.33
N ALA C 21 33.09 21.78 40.33
CA ALA C 21 34.13 22.57 40.98
C ALA C 21 35.45 21.81 41.05
N ARG C 22 36.42 22.27 40.27
CA ARG C 22 37.79 21.70 40.27
C ARG C 22 38.57 22.25 41.46
N VAL C 23 38.95 21.36 42.37
CA VAL C 23 39.53 21.77 43.66
C VAL C 23 41.02 21.41 43.79
N HIS C 24 41.84 22.43 44.06
CA HIS C 24 43.28 22.25 44.32
C HIS C 24 43.51 21.78 45.75
N GLY C 25 44.56 20.98 45.92
CA GLY C 25 44.87 20.41 47.23
C GLY C 25 44.13 19.12 47.46
N LEU C 26 43.43 19.03 48.60
CA LEU C 26 42.73 17.80 49.00
C LEU C 26 43.51 16.54 48.59
N ARG C 27 44.71 16.39 49.14
CA ARG C 27 45.59 15.29 48.80
C ARG C 27 45.21 13.98 49.49
N ASN C 28 44.55 14.09 50.65
CA ASN C 28 44.13 12.91 51.39
C ASN C 28 42.68 12.49 51.12
N VAL C 29 42.04 13.19 50.17
CA VAL C 29 40.66 12.88 49.80
C VAL C 29 40.56 11.54 49.07
N GLN C 30 39.49 10.83 49.35
CA GLN C 30 39.19 9.55 48.74
C GLN C 30 38.21 9.76 47.58
N ALA C 31 38.14 8.79 46.68
CA ALA C 31 37.17 8.83 45.59
C ALA C 31 35.77 8.59 46.13
N GLU C 32 34.79 9.30 45.58
CA GLU C 32 33.38 9.20 45.98
C GLU C 32 33.13 9.66 47.43
N GLU C 33 34.00 10.53 47.92
CA GLU C 33 33.93 11.03 49.30
C GLU C 33 33.18 12.35 49.36
N MET C 34 32.49 12.59 50.47
CA MET C 34 31.76 13.83 50.69
C MET C 34 32.71 14.95 51.13
N VAL C 35 32.45 16.17 50.66
CA VAL C 35 33.25 17.35 51.03
C VAL C 35 32.35 18.56 51.40
N GLU C 36 32.81 19.34 52.39
CA GLU C 36 32.07 20.51 52.88
C GLU C 36 32.64 21.83 52.38
N PHE C 37 31.79 22.60 51.70
CA PHE C 37 32.17 23.91 51.16
C PHE C 37 32.13 25.01 52.22
N SER C 38 32.73 26.15 51.90
CA SER C 38 32.77 27.31 52.79
C SER C 38 31.39 27.96 52.95
N SER C 39 30.41 27.48 52.19
CA SER C 39 29.08 28.07 52.16
C SER C 39 28.01 27.16 52.77
N GLY C 40 28.45 26.04 53.34
CA GLY C 40 27.55 25.08 53.98
C GLY C 40 27.15 23.90 53.09
N LEU C 41 27.18 24.12 51.77
CA LEU C 41 26.78 23.11 50.80
C LEU C 41 27.75 21.93 50.73
N LYS C 42 27.24 20.77 50.32
CA LYS C 42 28.00 19.51 50.29
C LYS C 42 28.28 19.04 48.87
N GLY C 43 29.46 18.45 48.67
CA GLY C 43 29.89 17.97 47.34
C GLY C 43 30.50 16.58 47.36
N MET C 44 30.66 15.99 46.17
CA MET C 44 31.17 14.62 46.03
C MET C 44 32.41 14.55 45.13
N SER C 45 33.51 14.04 45.69
CA SER C 45 34.79 13.97 44.97
C SER C 45 34.82 12.83 43.95
N LEU C 46 34.50 13.15 42.70
CA LEU C 46 34.34 12.13 41.66
C LEU C 46 35.54 11.95 40.73
N ASN C 47 36.18 13.05 40.34
CA ASN C 47 37.40 12.96 39.55
C ASN C 47 38.63 13.19 40.43
N LEU C 48 39.65 12.33 40.27
CA LEU C 48 40.88 12.47 41.04
C LEU C 48 42.12 12.58 40.15
N GLU C 49 42.18 13.67 39.39
CA GLU C 49 43.28 13.94 38.46
C GLU C 49 44.56 14.39 39.18
N PRO C 50 45.72 14.35 38.48
CA PRO C 50 47.04 14.63 39.10
C PRO C 50 47.15 15.95 39.86
N ASP C 51 46.68 17.05 39.26
CA ASP C 51 46.85 18.37 39.87
C ASP C 51 45.56 19.01 40.40
N ASN C 52 44.47 18.24 40.46
CA ASN C 52 43.20 18.75 41.00
C ASN C 52 42.24 17.64 41.43
N VAL C 53 41.12 18.05 42.02
CA VAL C 53 40.02 17.15 42.35
C VAL C 53 38.70 17.72 41.81
N GLY C 54 38.01 16.93 41.00
CA GLY C 54 36.72 17.32 40.46
C GLY C 54 35.61 16.96 41.42
N VAL C 55 34.93 17.99 41.93
CA VAL C 55 33.84 17.81 42.90
C VAL C 55 32.50 18.16 42.29
N VAL C 56 31.52 17.31 42.57
CA VAL C 56 30.16 17.47 42.08
C VAL C 56 29.31 18.15 43.15
N VAL C 57 28.77 19.32 42.81
CA VAL C 57 28.08 20.18 43.78
C VAL C 57 26.62 19.76 43.99
N PHE C 58 26.30 19.35 45.22
CA PHE C 58 24.96 18.86 45.56
C PHE C 58 23.95 19.99 45.81
N GLY C 59 24.10 21.10 45.09
CA GLY C 59 23.16 22.21 45.25
C GLY C 59 23.45 23.37 44.33
N ASN C 60 22.98 24.54 44.75
CA ASN C 60 23.10 25.77 43.97
C ASN C 60 24.54 26.30 43.96
N ASP C 61 25.20 26.18 42.82
CA ASP C 61 26.62 26.52 42.69
C ASP C 61 26.93 28.02 42.58
N LYS C 62 25.97 28.87 42.94
CA LYS C 62 26.18 30.33 42.96
C LYS C 62 27.01 30.79 44.17
N LEU C 63 26.75 30.16 45.32
CA LEU C 63 27.42 30.47 46.58
C LEU C 63 28.91 30.17 46.57
N ILE C 64 29.34 29.36 45.61
CA ILE C 64 30.74 28.99 45.49
C ILE C 64 31.45 29.89 44.47
N LYS C 65 32.50 30.56 44.94
CA LYS C 65 33.34 31.41 44.11
C LYS C 65 34.73 30.78 44.01
N GLU C 66 35.61 31.42 43.25
CA GLU C 66 37.02 31.02 43.20
C GLU C 66 37.67 31.24 44.57
N GLY C 67 38.65 30.41 44.90
CA GLY C 67 39.41 30.58 46.14
C GLY C 67 38.69 30.14 47.41
N ASP C 68 37.41 29.79 47.29
CA ASP C 68 36.63 29.29 48.43
C ASP C 68 37.22 28.02 49.02
N ILE C 69 36.94 27.77 50.29
CA ILE C 69 37.55 26.65 51.00
C ILE C 69 36.66 25.42 51.05
N VAL C 70 37.21 24.31 50.55
CA VAL C 70 36.57 23.00 50.61
C VAL C 70 37.35 22.14 51.61
N LYS C 71 36.64 21.38 52.43
CA LYS C 71 37.29 20.55 53.45
C LYS C 71 36.81 19.10 53.39
N ARG C 72 37.69 18.15 53.72
CA ARG C 72 37.35 16.73 53.74
C ARG C 72 36.30 16.43 54.80
N THR C 73 35.49 15.40 54.54
CA THR C 73 34.58 14.85 55.55
C THR C 73 35.17 13.52 56.05
N GLY C 74 35.98 12.90 55.19
CA GLY C 74 36.55 11.59 55.48
C GLY C 74 35.60 10.44 55.17
N ALA C 75 34.31 10.71 55.30
CA ALA C 75 33.27 9.70 55.06
C ALA C 75 32.82 9.66 53.61
N ILE C 76 32.60 8.45 53.11
CA ILE C 76 32.01 8.24 51.79
C ILE C 76 30.52 8.57 51.89
N VAL C 77 30.02 9.32 50.92
CA VAL C 77 28.63 9.77 50.89
C VAL C 77 27.66 8.73 51.45
N ASP C 78 26.96 9.10 52.53
CA ASP C 78 25.98 8.22 53.17
C ASP C 78 24.73 8.96 53.63
N VAL C 79 23.64 8.21 53.84
CA VAL C 79 22.34 8.80 54.16
C VAL C 79 21.70 8.17 55.41
N PRO C 80 20.79 8.92 56.08
CA PRO C 80 20.07 8.37 57.23
C PRO C 80 19.34 7.08 56.87
N VAL C 81 19.36 6.14 57.81
CA VAL C 81 18.85 4.80 57.59
C VAL C 81 18.18 4.30 58.86
N GLY C 82 17.01 3.70 58.70
CA GLY C 82 16.26 3.18 59.84
C GLY C 82 14.76 3.24 59.67
N GLU C 83 14.03 2.88 60.71
CA GLU C 83 12.57 2.80 60.66
C GLU C 83 11.89 4.16 60.80
N GLU C 84 12.63 5.12 61.35
CA GLU C 84 12.11 6.44 61.70
C GLU C 84 11.68 7.28 60.48
N LEU C 85 12.19 6.92 59.31
CA LEU C 85 11.97 7.68 58.09
C LEU C 85 10.58 7.44 57.50
N LEU C 86 9.91 6.39 57.97
CA LEU C 86 8.58 6.00 57.48
C LEU C 86 7.52 7.03 57.82
N GLY C 87 6.93 7.63 56.78
CA GLY C 87 5.94 8.69 56.95
C GLY C 87 6.48 10.08 56.66
N ARG C 88 7.78 10.14 56.36
CA ARG C 88 8.46 11.42 56.12
C ARG C 88 8.76 11.64 54.64
N VAL C 89 8.97 12.91 54.27
CA VAL C 89 9.42 13.28 52.93
C VAL C 89 10.84 13.82 53.01
N VAL C 90 11.80 13.03 52.55
CA VAL C 90 13.20 13.41 52.63
C VAL C 90 13.77 13.81 51.26
N ASP C 91 14.82 14.62 51.25
CA ASP C 91 15.50 14.97 50.02
C ASP C 91 16.46 13.85 49.59
N ALA C 92 17.18 14.07 48.50
CA ALA C 92 18.11 13.08 47.96
C ALA C 92 19.20 12.65 48.95
N LEU C 93 19.47 13.51 49.93
CA LEU C 93 20.46 13.21 50.96
C LEU C 93 19.83 12.78 52.28
N GLY C 94 18.50 12.71 52.30
CA GLY C 94 17.75 12.19 53.45
C GLY C 94 17.27 13.23 54.45
N ASN C 95 17.27 14.50 54.04
CA ASN C 95 16.83 15.61 54.88
C ASN C 95 15.33 15.89 54.75
N ALA C 96 14.63 15.91 55.88
CA ALA C 96 13.19 16.10 55.93
C ALA C 96 12.75 17.44 55.32
N ILE C 97 11.92 17.38 54.30
CA ILE C 97 11.47 18.58 53.60
C ILE C 97 9.95 18.78 53.68
N ASP C 98 9.30 18.02 54.57
CA ASP C 98 7.87 18.19 54.84
C ASP C 98 7.63 19.00 56.12
N GLY C 99 8.73 19.40 56.76
CA GLY C 99 8.69 20.30 57.92
C GLY C 99 8.05 19.72 59.17
N LYS C 100 8.37 18.47 59.49
CA LYS C 100 7.88 17.84 60.71
C LYS C 100 9.01 17.46 61.68
N GLY C 101 10.00 18.34 61.76
CA GLY C 101 11.16 18.13 62.64
C GLY C 101 12.12 17.11 62.05
N PRO C 102 13.40 17.18 62.47
CA PRO C 102 14.44 16.24 62.01
C PRO C 102 14.09 14.76 62.22
N ILE C 103 14.80 13.89 61.50
CA ILE C 103 14.59 12.44 61.58
C ILE C 103 15.35 11.84 62.76
N GLY C 104 14.60 11.19 63.64
CA GLY C 104 15.19 10.55 64.82
C GLY C 104 15.91 9.26 64.51
N SER C 105 16.64 9.25 63.38
CA SER C 105 17.36 8.06 62.94
C SER C 105 18.67 7.91 63.72
N LYS C 106 19.01 6.67 64.08
CA LYS C 106 20.21 6.39 64.86
C LYS C 106 21.40 6.03 63.96
N ALA C 107 21.17 5.10 63.04
CA ALA C 107 22.22 4.61 62.16
C ALA C 107 22.20 5.30 60.80
N ARG C 108 23.30 5.15 60.08
CA ARG C 108 23.45 5.69 58.73
C ARG C 108 24.13 4.64 57.86
N ARG C 109 23.63 4.49 56.64
CA ARG C 109 24.21 3.52 55.71
C ARG C 109 24.67 4.19 54.42
N ARG C 110 25.74 3.65 53.83
CA ARG C 110 26.28 4.14 52.56
C ARG C 110 25.32 3.96 51.39
N VAL C 111 25.42 4.85 50.41
CA VAL C 111 24.71 4.70 49.14
C VAL C 111 25.55 3.91 48.14
N GLY C 112 26.87 3.96 48.32
CA GLY C 112 27.81 3.30 47.41
C GLY C 112 28.17 1.89 47.81
N LEU C 113 27.14 1.07 48.08
CA LEU C 113 27.34 -0.32 48.50
C LEU C 113 26.97 -1.33 47.41
N LYS C 114 27.91 -2.23 47.13
CA LYS C 114 27.72 -3.31 46.16
C LYS C 114 26.58 -4.24 46.57
N ALA C 115 25.88 -4.76 45.58
CA ALA C 115 24.82 -5.75 45.78
C ALA C 115 25.40 -7.00 46.45
N PRO C 116 24.58 -7.70 47.26
CA PRO C 116 25.03 -8.94 47.88
C PRO C 116 25.42 -10.00 46.85
N GLY C 117 26.44 -10.79 47.15
CA GLY C 117 26.91 -11.88 46.29
C GLY C 117 25.90 -13.00 46.15
N ILE C 118 26.33 -14.12 45.56
CA ILE C 118 25.46 -15.26 45.32
C ILE C 118 25.00 -15.93 46.61
N ILE C 119 25.95 -16.12 47.53
CA ILE C 119 25.74 -16.85 48.78
C ILE C 119 24.64 -16.31 49.72
N PRO C 120 24.62 -14.98 49.99
CA PRO C 120 23.59 -14.44 50.89
C PRO C 120 22.19 -14.37 50.29
N ARG C 121 21.92 -15.19 49.26
CA ARG C 121 20.67 -15.10 48.53
C ARG C 121 19.86 -16.38 48.50
N ILE C 122 18.57 -16.24 48.18
CA ILE C 122 17.63 -17.35 48.06
C ILE C 122 16.63 -17.08 46.94
N SER C 123 16.12 -18.16 46.33
CA SER C 123 15.13 -18.05 45.24
C SER C 123 13.90 -17.25 45.65
N VAL C 124 13.50 -16.31 44.81
CA VAL C 124 12.35 -15.44 45.09
C VAL C 124 11.07 -16.28 45.14
N ARG C 125 10.46 -16.36 46.32
CA ARG C 125 9.29 -17.21 46.53
C ARG C 125 8.09 -16.48 47.13
N GLU C 126 8.35 -15.57 48.07
CA GLU C 126 7.29 -14.83 48.76
C GLU C 126 6.60 -13.87 47.78
N PRO C 127 5.26 -13.91 47.72
CA PRO C 127 4.51 -13.17 46.70
C PRO C 127 4.35 -11.68 47.02
N MET C 128 4.96 -10.83 46.19
CA MET C 128 4.81 -9.39 46.34
C MET C 128 3.52 -8.96 45.63
N GLN C 129 2.43 -8.92 46.40
CA GLN C 129 1.09 -8.68 45.85
C GLN C 129 0.87 -7.22 45.51
N THR C 130 0.45 -6.97 44.27
CA THR C 130 0.21 -5.61 43.78
C THR C 130 -1.24 -5.20 44.04
N GLY C 131 -2.13 -6.17 43.96
CA GLY C 131 -3.57 -5.92 44.02
C GLY C 131 -4.18 -5.89 42.64
N ILE C 132 -3.35 -5.63 41.64
CA ILE C 132 -3.81 -5.58 40.25
C ILE C 132 -3.99 -6.99 39.69
N LYS C 133 -5.19 -7.26 39.18
CA LYS C 133 -5.53 -8.55 38.60
C LYS C 133 -4.59 -8.92 37.47
N ALA C 134 -4.38 -7.98 36.54
CA ALA C 134 -3.58 -8.23 35.34
C ALA C 134 -2.07 -8.42 35.62
N VAL C 135 -1.57 -7.80 36.69
CA VAL C 135 -0.17 -7.94 37.07
C VAL C 135 0.08 -9.25 37.82
N ASP C 136 -0.69 -9.48 38.88
CA ASP C 136 -0.48 -10.63 39.75
C ASP C 136 -0.75 -12.00 39.11
N SER C 137 -1.47 -12.01 37.99
CA SER C 137 -1.82 -13.27 37.32
C SER C 137 -0.97 -13.56 36.09
N LEU C 138 -0.68 -12.51 35.31
CA LEU C 138 0.07 -12.64 34.05
C LEU C 138 1.57 -12.41 34.25
N VAL C 139 1.92 -11.28 34.86
CA VAL C 139 3.32 -10.92 35.12
C VAL C 139 3.59 -10.70 36.62
N PRO C 140 3.52 -11.79 37.43
CA PRO C 140 3.55 -11.70 38.89
C PRO C 140 4.89 -11.24 39.47
N ILE C 141 4.84 -10.60 40.64
CA ILE C 141 6.04 -10.09 41.29
C ILE C 141 6.26 -10.74 42.65
N GLY C 142 7.48 -11.18 42.90
CA GLY C 142 7.88 -11.77 44.18
C GLY C 142 8.75 -10.84 44.98
N ARG C 143 8.82 -11.08 46.29
CA ARG C 143 9.56 -10.21 47.20
C ARG C 143 11.06 -10.44 47.04
N GLY C 144 11.75 -9.42 46.53
CA GLY C 144 13.17 -9.50 46.19
C GLY C 144 13.43 -9.52 44.69
N GLN C 145 12.36 -9.52 43.91
CA GLN C 145 12.42 -9.50 42.45
C GLN C 145 12.44 -8.08 41.94
N ARG C 146 12.94 -7.90 40.72
CA ARG C 146 12.89 -6.61 40.05
C ARG C 146 11.92 -6.72 38.88
N GLU C 147 10.93 -5.84 38.84
CA GLU C 147 9.99 -5.79 37.72
C GLU C 147 9.95 -4.36 37.19
N LEU C 148 10.00 -4.22 35.87
CA LEU C 148 10.02 -2.90 35.24
C LEU C 148 8.62 -2.42 34.86
N ILE C 149 8.37 -1.13 34.99
CA ILE C 149 7.20 -0.49 34.40
C ILE C 149 7.67 0.39 33.25
N ILE C 150 7.20 0.09 32.04
CA ILE C 150 7.66 0.74 30.83
C ILE C 150 6.50 1.14 29.91
N GLY C 151 6.67 2.25 29.17
CA GLY C 151 5.65 2.73 28.23
C GLY C 151 5.68 4.23 28.02
N ASP C 152 4.82 4.69 27.10
CA ASP C 152 4.66 6.13 26.83
C ASP C 152 4.07 6.87 28.02
N ARG C 153 4.16 8.20 28.00
CA ARG C 153 3.59 9.04 29.06
C ARG C 153 2.07 8.93 29.11
N GLN C 154 1.53 8.98 30.33
CA GLN C 154 0.08 8.92 30.58
C GLN C 154 -0.55 7.58 30.16
N THR C 155 0.26 6.51 30.21
CA THR C 155 -0.23 5.16 29.95
C THR C 155 -0.65 4.47 31.25
N GLY C 156 -0.39 5.12 32.38
CA GLY C 156 -0.68 4.55 33.69
C GLY C 156 0.53 3.89 34.30
N LYS C 157 1.73 4.43 34.04
CA LYS C 157 2.98 3.85 34.53
C LYS C 157 3.10 3.93 36.04
N THR C 158 2.89 5.12 36.58
CA THR C 158 3.04 5.38 38.01
C THR C 158 1.82 4.89 38.81
N SER C 159 0.66 4.88 38.18
CA SER C 159 -0.61 4.45 38.80
C SER C 159 -0.53 3.07 39.44
N ILE C 160 0.22 2.19 38.78
CA ILE C 160 0.49 0.82 39.26
C ILE C 160 1.31 0.86 40.56
N ALA C 161 2.33 1.72 40.58
CA ALA C 161 3.19 1.89 41.74
C ALA C 161 2.44 2.46 42.97
N ILE C 162 1.36 3.19 42.71
CA ILE C 162 0.52 3.72 43.79
C ILE C 162 -0.44 2.65 44.34
N ASP C 163 -1.15 1.95 43.45
CA ASP C 163 -2.06 0.88 43.87
C ASP C 163 -1.34 -0.25 44.62
N THR C 164 -0.09 -0.49 44.24
CA THR C 164 0.74 -1.49 44.89
C THR C 164 1.10 -1.08 46.32
N ILE C 165 1.38 0.22 46.53
CA ILE C 165 1.63 0.77 47.87
C ILE C 165 0.38 0.66 48.73
N ILE C 166 -0.78 0.93 48.11
CA ILE C 166 -2.06 0.92 48.78
C ILE C 166 -2.54 -0.50 49.12
N ASN C 167 -2.14 -1.48 48.31
CA ASN C 167 -2.46 -2.88 48.57
C ASN C 167 -1.75 -3.44 49.81
N GLN C 168 -0.72 -2.73 50.27
CA GLN C 168 0.05 -3.18 51.42
C GLN C 168 -0.59 -2.82 52.78
N LYS C 169 -1.68 -2.06 52.73
CA LYS C 169 -2.42 -1.64 53.94
C LYS C 169 -2.97 -2.82 54.73
N ARG C 170 -3.45 -3.83 54.00
CA ARG C 170 -3.91 -5.09 54.59
C ARG C 170 -2.83 -5.68 55.49
N PHE C 171 -1.69 -5.97 54.89
CA PHE C 171 -0.59 -6.67 55.56
C PHE C 171 0.04 -5.84 56.68
N ASN C 172 -0.01 -4.52 56.55
CA ASN C 172 0.59 -3.60 57.52
C ASN C 172 -0.32 -3.22 58.69
N ASP C 173 -1.62 -3.48 58.55
CA ASP C 173 -2.59 -3.23 59.62
C ASP C 173 -3.03 -4.50 60.35
N GLY C 174 -2.33 -5.61 60.10
CA GLY C 174 -2.62 -6.90 60.74
C GLY C 174 -1.52 -7.34 61.71
N THR C 175 -1.74 -8.49 62.34
CA THR C 175 -0.78 -9.07 63.30
C THR C 175 0.50 -9.54 62.60
N ASP C 176 0.33 -10.21 61.45
CA ASP C 176 1.42 -10.80 60.67
C ASP C 176 2.57 -9.83 60.48
N GLU C 177 3.76 -10.22 60.93
CA GLU C 177 4.95 -9.35 60.90
C GLU C 177 5.91 -9.66 59.75
N LYS C 178 5.92 -10.91 59.29
CA LYS C 178 6.77 -11.31 58.17
C LYS C 178 6.01 -11.27 56.85
N LYS C 179 4.83 -10.66 56.87
CA LYS C 179 4.10 -10.30 55.65
C LYS C 179 4.04 -8.78 55.47
N LYS C 180 4.60 -8.06 56.44
CA LYS C 180 4.69 -6.60 56.40
C LYS C 180 5.59 -6.16 55.24
N LEU C 181 5.07 -5.27 54.40
CA LEU C 181 5.87 -4.69 53.34
C LEU C 181 5.94 -3.18 53.53
N TYR C 182 7.16 -2.69 53.71
CA TYR C 182 7.42 -1.27 53.88
C TYR C 182 7.72 -0.67 52.51
N CYS C 183 7.42 0.62 52.35
CA CYS C 183 7.51 1.25 51.03
C CYS C 183 8.48 2.41 50.93
N ILE C 184 9.19 2.45 49.80
CA ILE C 184 10.07 3.55 49.44
C ILE C 184 9.65 4.00 48.03
N TYR C 185 9.09 5.20 47.92
CA TYR C 185 8.76 5.79 46.62
C TYR C 185 9.74 6.92 46.32
N VAL C 186 10.67 6.69 45.40
CA VAL C 186 11.69 7.68 45.07
C VAL C 186 11.31 8.42 43.79
N ALA C 187 11.07 9.72 43.92
CA ALA C 187 10.75 10.57 42.78
C ALA C 187 12.02 11.19 42.21
N ILE C 188 12.20 11.07 40.90
CA ILE C 188 13.36 11.64 40.23
C ILE C 188 12.90 12.74 39.28
N GLY C 189 13.58 13.88 39.34
CA GLY C 189 13.33 15.02 38.45
C GLY C 189 11.89 15.26 38.01
N GLN C 190 10.95 15.15 38.95
CA GLN C 190 9.54 15.38 38.70
C GLN C 190 9.11 16.80 39.07
N LYS C 191 7.85 17.12 38.79
CA LYS C 191 7.24 18.36 39.22
C LYS C 191 6.94 18.27 40.72
N ARG C 192 7.31 19.32 41.47
CA ARG C 192 7.08 19.33 42.94
C ARG C 192 5.60 19.20 43.28
N SER C 193 4.75 19.92 42.56
CA SER C 193 3.30 19.84 42.74
C SER C 193 2.79 18.41 42.56
N THR C 194 3.30 17.73 41.53
CA THR C 194 2.96 16.33 41.27
C THR C 194 3.36 15.44 42.44
N VAL C 195 4.59 15.59 42.92
CA VAL C 195 5.08 14.81 44.06
C VAL C 195 4.22 15.11 45.31
N ALA C 196 3.70 16.33 45.39
CA ALA C 196 2.82 16.74 46.49
C ALA C 196 1.41 16.12 46.38
N GLN C 197 0.87 16.04 45.16
CA GLN C 197 -0.42 15.38 44.92
C GLN C 197 -0.30 13.92 45.34
N LEU C 198 0.85 13.34 45.01
CA LEU C 198 1.16 11.95 45.30
C LEU C 198 1.16 11.64 46.79
N VAL C 199 1.87 12.45 47.57
CA VAL C 199 1.97 12.21 49.01
C VAL C 199 0.65 12.50 49.73
N LYS C 200 -0.16 13.38 49.15
CA LYS C 200 -1.51 13.65 49.63
C LYS C 200 -2.38 12.39 49.41
N ARG C 201 -2.34 11.89 48.18
CA ARG C 201 -3.01 10.67 47.77
C ARG C 201 -2.77 9.51 48.74
N LEU C 202 -1.52 9.37 49.18
CA LEU C 202 -1.12 8.31 50.09
C LEU C 202 -1.64 8.55 51.51
N THR C 203 -1.67 9.82 51.91
CA THR C 203 -2.13 10.20 53.25
C THR C 203 -3.65 10.12 53.38
N ASP C 204 -4.35 10.31 52.26
CA ASP C 204 -5.80 10.12 52.21
C ASP C 204 -6.15 8.64 52.32
N ALA C 205 -5.34 7.80 51.70
CA ALA C 205 -5.53 6.34 51.74
C ALA C 205 -4.86 5.72 52.96
N ASP C 206 -4.23 6.58 53.78
CA ASP C 206 -3.50 6.18 54.98
C ASP C 206 -2.51 5.05 54.74
N ALA C 207 -1.69 5.23 53.71
CA ALA C 207 -0.62 4.30 53.39
C ALA C 207 0.71 5.02 53.60
N MET C 208 0.63 6.35 53.72
CA MET C 208 1.80 7.20 53.90
C MET C 208 2.65 6.79 55.10
N LYS C 209 1.99 6.30 56.15
CA LYS C 209 2.65 5.91 57.40
C LYS C 209 3.81 4.91 57.25
N TYR C 210 3.64 3.94 56.35
CA TYR C 210 4.70 2.96 56.07
C TYR C 210 5.41 3.26 54.76
N THR C 211 5.62 4.54 54.47
CA THR C 211 6.17 4.96 53.18
C THR C 211 7.15 6.13 53.30
N ILE C 212 8.40 5.87 52.96
CA ILE C 212 9.43 6.91 52.86
C ILE C 212 9.36 7.51 51.46
N VAL C 213 9.31 8.84 51.38
CA VAL C 213 9.29 9.53 50.09
C VAL C 213 10.57 10.36 49.85
N VAL C 214 11.50 9.76 49.12
CA VAL C 214 12.76 10.43 48.75
C VAL C 214 12.52 11.31 47.51
N SER C 215 12.88 12.59 47.61
CA SER C 215 12.57 13.55 46.54
C SER C 215 13.77 14.34 46.01
N ALA C 216 14.09 14.12 44.73
CA ALA C 216 15.05 14.95 44.02
C ALA C 216 14.38 15.45 42.74
N THR C 217 13.54 16.47 42.90
CA THR C 217 12.69 16.98 41.81
C THR C 217 13.44 17.83 40.79
N ALA C 218 12.77 18.14 39.68
CA ALA C 218 13.36 18.83 38.53
C ALA C 218 14.13 20.10 38.91
N SER C 219 13.72 20.73 40.00
CA SER C 219 14.36 21.95 40.48
C SER C 219 15.69 21.70 41.20
N ASP C 220 15.89 20.47 41.67
CA ASP C 220 17.13 20.09 42.33
C ASP C 220 18.25 19.88 41.33
N ALA C 221 19.46 20.22 41.73
CA ALA C 221 20.65 20.09 40.87
C ALA C 221 20.88 18.64 40.47
N ALA C 222 21.30 18.45 39.21
CA ALA C 222 21.44 17.11 38.61
C ALA C 222 22.20 16.07 39.45
N PRO C 223 23.35 16.44 40.04
CA PRO C 223 24.09 15.57 40.95
C PRO C 223 23.26 14.93 42.06
N LEU C 224 22.25 15.64 42.57
CA LEU C 224 21.35 15.11 43.61
C LEU C 224 20.38 14.08 43.04
N GLN C 225 19.79 14.40 41.89
CA GLN C 225 18.90 13.47 41.17
C GLN C 225 19.62 12.17 40.81
N TYR C 226 20.89 12.29 40.45
CA TYR C 226 21.75 11.15 40.19
C TYR C 226 21.79 10.20 41.37
N LEU C 227 21.82 10.78 42.57
CA LEU C 227 22.04 10.03 43.82
C LEU C 227 20.77 9.45 44.47
N ALA C 228 19.62 10.07 44.20
CA ALA C 228 18.36 9.72 44.87
C ALA C 228 17.90 8.25 44.79
N PRO C 229 18.06 7.58 43.63
CA PRO C 229 17.72 6.14 43.60
C PRO C 229 18.58 5.30 44.56
N TYR C 230 19.87 5.58 44.61
CA TYR C 230 20.80 4.86 45.49
C TYR C 230 20.46 5.08 46.96
N SER C 231 20.20 6.33 47.33
CA SER C 231 19.89 6.73 48.71
C SER C 231 18.70 5.97 49.27
N GLY C 232 17.61 5.92 48.50
CA GLY C 232 16.43 5.15 48.87
C GLY C 232 16.70 3.66 48.93
N CYS C 233 17.64 3.20 48.10
CA CYS C 233 18.02 1.79 48.03
C CYS C 233 18.85 1.37 49.24
N SER C 234 19.45 2.34 49.92
CA SER C 234 20.11 2.10 51.19
C SER C 234 19.04 2.04 52.29
N MET C 235 18.05 2.94 52.18
CA MET C 235 16.93 3.00 53.10
C MET C 235 16.08 1.73 53.01
N GLY C 236 15.99 1.18 51.81
CA GLY C 236 15.37 -0.13 51.61
C GLY C 236 16.24 -1.25 52.16
N GLU C 237 17.55 -1.10 51.98
CA GLU C 237 18.52 -2.12 52.40
C GLU C 237 18.47 -2.40 53.90
N TYR C 238 18.16 -1.36 54.68
CA TYR C 238 17.98 -1.49 56.13
C TYR C 238 16.91 -2.53 56.46
N PHE C 239 15.76 -2.44 55.80
CA PHE C 239 14.70 -3.43 55.95
C PHE C 239 15.17 -4.77 55.40
N ARG C 240 15.77 -4.74 54.21
CA ARG C 240 16.27 -5.93 53.51
C ARG C 240 17.18 -6.78 54.38
N ASP C 241 18.16 -6.14 55.01
CA ASP C 241 19.15 -6.85 55.82
C ASP C 241 18.63 -7.23 57.21
N ASN C 242 17.83 -6.36 57.81
CA ASN C 242 17.29 -6.59 59.16
C ASN C 242 15.90 -7.22 59.17
N GLY C 243 15.80 -8.38 58.50
CA GLY C 243 14.62 -9.24 58.56
C GLY C 243 13.27 -8.63 58.21
N LYS C 244 13.25 -7.75 57.22
CA LYS C 244 12.00 -7.14 56.76
C LYS C 244 11.92 -7.11 55.24
N HIS C 245 10.73 -6.85 54.72
CA HIS C 245 10.54 -6.84 53.27
C HIS C 245 10.10 -5.46 52.81
N ALA C 246 10.90 -4.87 51.91
CA ALA C 246 10.65 -3.52 51.43
C ALA C 246 10.45 -3.50 49.92
N LEU C 247 9.81 -2.44 49.44
CA LEU C 247 9.53 -2.23 48.02
C LEU C 247 9.90 -0.80 47.60
N ILE C 248 10.90 -0.69 46.75
CA ILE C 248 11.34 0.62 46.27
C ILE C 248 10.95 0.90 44.82
N ILE C 249 10.41 2.09 44.58
CA ILE C 249 10.04 2.53 43.24
C ILE C 249 10.96 3.67 42.82
N TYR C 250 11.52 3.54 41.63
CA TYR C 250 12.31 4.61 41.02
C TYR C 250 11.51 5.23 39.88
N ASP C 251 10.81 6.32 40.16
CA ASP C 251 9.92 6.97 39.20
C ASP C 251 10.44 8.35 38.79
N ASP C 252 11.16 8.43 37.67
CA ASP C 252 11.55 7.27 36.85
C ASP C 252 13.05 7.23 36.61
N LEU C 253 13.56 6.08 36.14
CA LEU C 253 15.00 5.91 35.91
C LEU C 253 15.53 6.60 34.65
N SER C 254 14.66 6.81 33.66
CA SER C 254 15.04 7.51 32.44
C SER C 254 15.42 8.96 32.73
N LYS C 255 14.74 9.57 33.69
CA LYS C 255 15.05 10.93 34.12
C LYS C 255 16.35 10.99 34.91
N GLN C 256 16.70 9.89 35.58
CA GLN C 256 17.98 9.78 36.27
C GLN C 256 19.12 9.71 35.25
N ALA C 257 18.86 9.02 34.15
CA ALA C 257 19.84 8.91 33.07
C ALA C 257 20.19 10.29 32.52
N VAL C 258 19.16 11.08 32.20
CA VAL C 258 19.34 12.45 31.72
C VAL C 258 20.16 13.29 32.71
N ALA C 259 19.92 13.05 34.00
CA ALA C 259 20.66 13.69 35.06
C ALA C 259 22.11 13.20 35.06
N TYR C 260 22.29 11.88 34.94
CA TYR C 260 23.61 11.28 34.92
C TYR C 260 24.42 11.71 33.69
N ARG C 261 23.73 11.78 32.55
CA ARG C 261 24.33 12.29 31.30
C ARG C 261 24.82 13.71 31.49
N GLN C 262 24.01 14.54 32.16
CA GLN C 262 24.40 15.92 32.45
C GLN C 262 25.73 15.94 33.20
N MET C 263 25.77 15.23 34.33
CA MET C 263 26.92 15.24 35.22
C MET C 263 28.20 14.75 34.55
N SER C 264 28.10 13.64 33.82
CA SER C 264 29.26 13.02 33.20
C SER C 264 29.85 13.89 32.09
N LEU C 265 28.97 14.49 31.28
CA LEU C 265 29.39 15.41 30.23
C LEU C 265 29.94 16.70 30.82
N LEU C 266 29.38 17.13 31.95
CA LEU C 266 29.87 18.30 32.65
C LEU C 266 31.20 18.03 33.36
N LEU C 267 31.49 16.74 33.58
CA LEU C 267 32.77 16.32 34.14
C LEU C 267 33.79 16.06 33.03
N ARG C 268 33.48 16.53 31.83
CA ARG C 268 34.35 16.41 30.66
C ARG C 268 34.60 14.96 30.22
N ARG C 269 33.82 14.03 30.76
CA ARG C 269 33.92 12.61 30.41
C ARG C 269 33.16 12.29 29.11
N PRO C 270 33.88 11.74 28.09
CA PRO C 270 33.35 11.44 26.76
C PRO C 270 32.00 10.72 26.73
N PRO C 271 31.11 11.12 25.79
CA PRO C 271 29.82 10.45 25.62
C PRO C 271 29.91 9.22 24.71
N GLY C 272 28.96 8.30 24.91
CA GLY C 272 28.87 7.08 24.10
C GLY C 272 27.62 7.11 23.26
N ARG C 273 26.89 5.98 23.24
CA ARG C 273 25.66 5.85 22.46
C ARG C 273 24.59 6.82 22.97
N GLU C 274 23.95 7.51 22.03
CA GLU C 274 22.90 8.52 22.31
C GLU C 274 23.32 9.61 23.31
N ALA C 275 24.61 9.94 23.28
CA ALA C 275 25.24 10.95 24.15
C ALA C 275 25.28 10.58 25.64
N TYR C 276 24.64 9.47 26.00
CA TYR C 276 24.74 8.92 27.35
C TYR C 276 26.12 8.34 27.56
N PRO C 277 26.67 8.47 28.79
CA PRO C 277 27.95 7.86 29.13
C PRO C 277 27.99 6.36 28.85
N GLY C 278 29.20 5.84 28.65
CA GLY C 278 29.41 4.46 28.21
C GLY C 278 29.00 3.37 29.18
N ASP C 279 28.80 3.73 30.44
CA ASP C 279 28.38 2.78 31.46
C ASP C 279 26.93 3.01 31.90
N VAL C 280 26.11 3.55 31.01
CA VAL C 280 24.72 3.88 31.33
C VAL C 280 23.88 2.64 31.67
N PHE C 281 24.38 1.48 31.22
CA PHE C 281 23.85 0.20 31.68
C PHE C 281 24.30 -0.07 33.12
N TYR C 282 25.59 0.14 33.39
CA TYR C 282 26.16 -0.09 34.72
C TYR C 282 25.46 0.76 35.77
N LEU C 283 24.97 1.93 35.36
CA LEU C 283 24.29 2.86 36.25
C LEU C 283 23.09 2.25 36.95
N HIS C 284 22.22 1.57 36.18
CA HIS C 284 21.02 0.97 36.75
C HIS C 284 21.27 -0.42 37.31
N SER C 285 22.13 -1.18 36.63
CA SER C 285 22.45 -2.56 37.03
C SER C 285 23.01 -2.61 38.45
N ARG C 286 23.94 -1.70 38.74
CA ARG C 286 24.49 -1.53 40.08
C ARG C 286 23.36 -1.38 41.11
N LEU C 287 22.45 -0.44 40.82
CA LEU C 287 21.32 -0.11 41.69
C LEU C 287 20.30 -1.26 41.85
N LEU C 288 19.91 -1.84 40.73
CA LEU C 288 18.81 -2.81 40.71
C LEU C 288 19.20 -4.18 41.22
N GLU C 289 20.50 -4.44 41.30
CA GLU C 289 21.02 -5.69 41.86
C GLU C 289 20.83 -5.75 43.38
N ARG C 290 20.91 -4.59 44.02
CA ARG C 290 20.79 -4.45 45.47
C ARG C 290 19.42 -4.80 46.00
N ALA C 291 18.39 -4.57 45.18
CA ALA C 291 17.08 -5.10 45.47
C ALA C 291 17.14 -6.60 45.23
N ALA C 292 17.03 -7.37 46.32
CA ALA C 292 17.18 -8.82 46.26
C ALA C 292 16.43 -9.54 47.38
N LYS C 293 16.49 -10.87 47.35
CA LYS C 293 15.83 -11.71 48.32
C LYS C 293 16.87 -12.48 49.14
N MET C 294 16.99 -12.12 50.41
CA MET C 294 17.97 -12.73 51.32
C MET C 294 17.47 -14.03 51.92
N ASN C 295 18.38 -14.97 52.16
CA ASN C 295 18.05 -16.24 52.79
C ASN C 295 17.82 -16.08 54.30
N ASP C 296 17.40 -17.16 54.95
CA ASP C 296 17.16 -17.14 56.39
C ASP C 296 18.45 -16.95 57.20
N ALA C 297 19.56 -17.48 56.69
CA ALA C 297 20.88 -17.34 57.32
C ALA C 297 21.35 -15.89 57.43
N PHE C 298 20.87 -15.05 56.51
CA PHE C 298 21.25 -13.63 56.46
C PHE C 298 20.15 -12.65 56.91
N GLY C 299 19.00 -13.18 57.33
CA GLY C 299 17.93 -12.34 57.88
C GLY C 299 16.53 -12.63 57.41
N GLY C 300 16.40 -13.29 56.25
CA GLY C 300 15.10 -13.62 55.69
C GLY C 300 14.41 -12.47 54.95
N GLY C 301 14.91 -11.25 55.16
CA GLY C 301 14.31 -10.06 54.54
C GLY C 301 14.42 -9.98 53.03
N SER C 302 13.80 -8.94 52.46
CA SER C 302 13.85 -8.71 51.01
C SER C 302 13.77 -7.24 50.63
N LEU C 303 14.23 -6.95 49.41
CA LEU C 303 14.00 -5.65 48.78
C LEU C 303 13.52 -5.85 47.35
N THR C 304 12.29 -5.40 47.09
CA THR C 304 11.68 -5.48 45.76
C THR C 304 11.95 -4.17 45.03
N ALA C 305 12.03 -4.24 43.70
CA ALA C 305 12.25 -3.05 42.88
C ALA C 305 11.26 -2.95 41.72
N LEU C 306 10.56 -1.82 41.66
CA LEU C 306 9.72 -1.46 40.52
C LEU C 306 10.22 -0.17 39.86
N PRO C 307 11.30 -0.26 39.04
CA PRO C 307 11.76 0.92 38.33
C PRO C 307 10.83 1.30 37.18
N VAL C 308 10.76 2.59 36.87
CA VAL C 308 9.92 3.10 35.80
C VAL C 308 10.78 3.71 34.68
N ILE C 309 10.45 3.37 33.44
CA ILE C 309 11.13 3.91 32.26
C ILE C 309 10.13 4.51 31.28
N GLU C 310 10.43 5.71 30.79
CA GLU C 310 9.57 6.36 29.81
C GLU C 310 10.08 6.15 28.40
N THR C 311 9.24 5.57 27.57
CA THR C 311 9.56 5.34 26.16
C THR C 311 8.91 6.39 25.28
N GLN C 312 9.60 6.76 24.20
CA GLN C 312 9.09 7.72 23.24
C GLN C 312 8.42 6.98 22.09
N ALA C 313 7.18 7.37 21.78
CA ALA C 313 6.44 6.82 20.64
C ALA C 313 6.28 5.29 20.64
N GLY C 314 6.27 4.71 21.84
CA GLY C 314 5.98 3.28 22.01
C GLY C 314 7.12 2.31 21.72
N ASP C 315 8.33 2.84 21.57
CA ASP C 315 9.50 2.05 21.19
C ASP C 315 10.21 1.42 22.38
N VAL C 316 9.81 0.20 22.73
CA VAL C 316 10.47 -0.56 23.79
C VAL C 316 11.75 -1.23 23.33
N SER C 317 11.85 -1.46 22.02
CA SER C 317 13.07 -2.04 21.44
C SER C 317 14.23 -1.04 21.48
N ALA C 318 13.94 0.19 21.92
CA ALA C 318 14.94 1.25 21.99
C ALA C 318 16.12 0.89 22.90
N TYR C 319 17.20 1.68 22.80
CA TYR C 319 18.46 1.40 23.50
C TYR C 319 18.34 1.37 25.03
N ILE C 320 17.89 2.48 25.61
CA ILE C 320 17.75 2.59 27.07
C ILE C 320 16.66 1.67 27.67
N PRO C 321 15.45 1.63 27.05
CA PRO C 321 14.44 0.68 27.48
C PRO C 321 14.96 -0.76 27.59
N THR C 322 15.54 -1.30 26.51
CA THR C 322 16.08 -2.67 26.51
C THR C 322 17.21 -2.85 27.53
N ASN C 323 18.00 -1.81 27.71
CA ASN C 323 19.06 -1.77 28.73
C ASN C 323 18.58 -2.01 30.16
N VAL C 324 17.37 -1.54 30.47
CA VAL C 324 16.76 -1.74 31.79
C VAL C 324 15.99 -3.05 31.85
N ILE C 325 15.30 -3.40 30.75
CA ILE C 325 14.65 -4.70 30.60
C ILE C 325 15.65 -5.80 30.84
N SER C 326 16.86 -5.62 30.30
CA SER C 326 17.95 -6.58 30.43
C SER C 326 18.48 -6.73 31.86
N ILE C 327 18.02 -5.86 32.75
CA ILE C 327 18.43 -5.88 34.15
C ILE C 327 17.36 -6.52 35.03
N THR C 328 16.13 -6.04 34.93
CA THR C 328 15.04 -6.50 35.80
C THR C 328 14.56 -7.88 35.42
N ASP C 329 13.93 -8.55 36.40
CA ASP C 329 13.36 -9.88 36.22
C ASP C 329 12.01 -9.81 35.47
N GLY C 330 12.04 -9.16 34.31
CA GLY C 330 10.83 -8.96 33.52
C GLY C 330 10.37 -7.52 33.57
N GLN C 331 9.35 -7.21 32.78
CA GLN C 331 8.82 -5.85 32.64
C GLN C 331 7.31 -5.85 32.42
N ILE C 332 6.69 -4.73 32.73
CA ILE C 332 5.28 -4.49 32.43
C ILE C 332 5.23 -3.35 31.43
N PHE C 333 4.74 -3.63 30.24
CA PHE C 333 4.65 -2.65 29.17
C PHE C 333 3.22 -2.18 29.01
N LEU C 334 3.05 -0.87 28.82
CA LEU C 334 1.74 -0.28 28.63
C LEU C 334 1.68 0.54 27.35
N GLU C 335 0.60 0.36 26.58
CA GLU C 335 0.42 1.07 25.31
C GLU C 335 -0.79 2.01 25.34
N THR C 336 -0.68 3.13 24.62
CA THR C 336 -1.77 4.08 24.48
C THR C 336 -2.98 3.49 23.74
N GLU C 337 -2.72 2.67 22.72
CA GLU C 337 -3.81 2.02 21.97
C GLU C 337 -4.72 1.21 22.89
N LEU C 338 -4.11 0.34 23.70
CA LEU C 338 -4.81 -0.46 24.72
C LEU C 338 -5.51 0.41 25.76
N PHE C 339 -4.82 1.47 26.18
CA PHE C 339 -5.36 2.42 27.15
C PHE C 339 -6.64 3.08 26.62
N TYR C 340 -6.57 3.60 25.39
CA TYR C 340 -7.69 4.32 24.80
C TYR C 340 -8.79 3.39 24.29
N LYS C 341 -8.41 2.18 23.88
CA LYS C 341 -9.38 1.16 23.44
C LYS C 341 -10.26 0.66 24.59
N GLY C 342 -9.86 0.95 25.82
CA GLY C 342 -10.65 0.59 27.00
C GLY C 342 -9.85 -0.17 28.05
N ILE C 343 -8.94 -1.02 27.58
CA ILE C 343 -8.16 -1.89 28.47
C ILE C 343 -7.33 -1.08 29.48
N ARG C 344 -7.70 -1.22 30.75
CA ARG C 344 -7.00 -0.57 31.86
C ARG C 344 -6.93 -1.54 33.03
N PRO C 345 -5.72 -1.87 33.52
CA PRO C 345 -4.41 -1.40 33.06
C PRO C 345 -4.11 -1.82 31.63
N ALA C 346 -3.46 -0.93 30.89
CA ALA C 346 -3.18 -1.15 29.48
C ALA C 346 -1.96 -2.06 29.26
N ILE C 347 -2.00 -3.26 29.84
CA ILE C 347 -0.86 -4.17 29.76
C ILE C 347 -0.83 -4.94 28.45
N ASN C 348 0.33 -4.92 27.80
CA ASN C 348 0.56 -5.71 26.61
C ASN C 348 0.97 -7.12 26.97
N VAL C 349 0.01 -8.04 26.85
CA VAL C 349 0.17 -9.44 27.28
C VAL C 349 1.30 -10.15 26.54
N GLY C 350 1.53 -9.74 25.29
CA GLY C 350 2.57 -10.33 24.46
C GLY C 350 3.99 -9.91 24.82
N LEU C 351 4.18 -8.62 25.08
CA LEU C 351 5.51 -8.04 25.26
C LEU C 351 6.06 -8.15 26.68
N SER C 352 5.17 -8.04 27.66
CA SER C 352 5.54 -8.12 29.08
C SER C 352 5.78 -9.55 29.52
N VAL C 353 6.74 -9.74 30.43
CA VAL C 353 7.07 -11.06 30.97
C VAL C 353 7.43 -10.97 32.45
N SER C 354 7.39 -12.13 33.12
CA SER C 354 7.83 -12.23 34.52
C SER C 354 8.79 -13.40 34.70
N ARG C 355 10.00 -13.08 35.15
CA ARG C 355 11.08 -14.07 35.16
C ARG C 355 11.08 -14.98 36.38
N VAL C 356 10.29 -14.64 37.40
CA VAL C 356 10.11 -15.50 38.56
C VAL C 356 8.91 -16.42 38.32
N GLY C 357 7.89 -15.87 37.66
CA GLY C 357 6.74 -16.65 37.19
C GLY C 357 5.80 -17.12 38.27
N SER C 358 5.32 -18.36 38.13
CA SER C 358 4.37 -18.94 39.08
C SER C 358 4.96 -19.09 40.49
N ALA C 359 6.28 -19.21 40.57
CA ALA C 359 6.98 -19.31 41.86
C ALA C 359 6.72 -18.09 42.74
N ALA C 360 6.24 -17.01 42.13
CA ALA C 360 5.90 -15.77 42.85
C ALA C 360 4.42 -15.67 43.17
N GLN C 361 3.66 -16.71 42.82
CA GLN C 361 2.22 -16.73 43.04
C GLN C 361 1.82 -17.66 44.18
N THR C 362 0.64 -17.39 44.75
CA THR C 362 -0.01 -18.31 45.69
C THR C 362 -0.52 -19.51 44.91
N ARG C 363 -0.53 -20.68 45.55
CA ARG C 363 -1.03 -21.90 44.90
C ARG C 363 -2.51 -21.78 44.53
N ALA C 364 -3.15 -20.73 45.03
CA ALA C 364 -4.53 -20.39 44.67
C ALA C 364 -4.59 -19.65 43.34
N MET C 365 -3.63 -18.75 43.12
CA MET C 365 -3.50 -18.01 41.86
C MET C 365 -2.99 -18.92 40.74
N LYS C 366 -2.09 -19.82 41.08
CA LYS C 366 -1.51 -20.74 40.11
C LYS C 366 -2.56 -21.67 39.51
N GLN C 367 -3.55 -22.04 40.32
CA GLN C 367 -4.64 -22.92 39.88
C GLN C 367 -5.57 -22.26 38.85
N VAL C 368 -5.45 -20.95 38.69
CA VAL C 368 -6.27 -20.22 37.72
C VAL C 368 -5.47 -19.37 36.73
N ALA C 369 -4.18 -19.17 37.01
CA ALA C 369 -3.33 -18.37 36.12
C ALA C 369 -2.12 -19.15 35.58
N GLY C 370 -2.11 -20.46 35.81
CA GLY C 370 -0.98 -21.32 35.45
C GLY C 370 -0.61 -21.33 33.98
N THR C 371 -1.59 -21.19 33.10
CA THR C 371 -1.36 -21.21 31.66
C THR C 371 -1.99 -20.01 30.93
N MET C 372 -2.54 -19.08 31.70
CA MET C 372 -3.33 -17.97 31.14
C MET C 372 -2.54 -16.99 30.28
N LYS C 373 -1.28 -16.72 30.65
CA LYS C 373 -0.45 -15.76 29.93
C LYS C 373 -0.13 -16.20 28.50
N LEU C 374 0.34 -17.43 28.34
CA LEU C 374 0.67 -17.98 27.04
C LEU C 374 -0.58 -18.24 26.20
N GLU C 375 -1.72 -18.42 26.88
CA GLU C 375 -3.02 -18.56 26.23
C GLU C 375 -3.44 -17.25 25.57
N LEU C 376 -3.32 -16.14 26.30
CA LEU C 376 -3.73 -14.84 25.78
C LEU C 376 -2.78 -14.30 24.71
N ALA C 377 -1.52 -14.69 24.81
CA ALA C 377 -0.51 -14.36 23.80
C ALA C 377 -0.84 -15.00 22.45
N GLN C 378 -1.35 -16.23 22.51
CA GLN C 378 -1.82 -16.95 21.33
C GLN C 378 -3.15 -16.41 20.82
N TYR C 379 -3.98 -15.93 21.75
CA TYR C 379 -5.25 -15.31 21.39
C TYR C 379 -5.05 -13.97 20.67
N ARG C 380 -4.17 -13.13 21.21
CA ARG C 380 -3.91 -11.80 20.65
C ARG C 380 -3.39 -11.87 19.21
N GLU C 381 -2.72 -12.98 18.89
CA GLU C 381 -2.21 -13.22 17.55
C GLU C 381 -3.33 -13.65 16.62
N VAL C 382 -4.07 -14.68 17.01
CA VAL C 382 -5.15 -15.26 16.19
C VAL C 382 -6.35 -14.30 16.07
N ALA C 383 -6.39 -13.28 16.90
CA ALA C 383 -7.44 -12.26 16.85
C ALA C 383 -7.29 -11.34 15.65
N ALA C 384 -6.05 -10.94 15.35
CA ALA C 384 -5.76 -10.05 14.21
C ALA C 384 -5.64 -10.81 12.89
N PHE C 385 -5.48 -12.13 12.97
CA PHE C 385 -5.38 -12.99 11.79
C PHE C 385 -6.75 -13.53 11.38
N ALA C 386 -7.66 -13.64 12.33
CA ALA C 386 -9.00 -14.16 12.06
C ALA C 386 -9.97 -13.08 11.60
N GLN C 387 -9.53 -11.82 11.62
CA GLN C 387 -10.37 -10.70 11.17
C GLN C 387 -10.37 -10.55 9.63
N PHE C 388 -9.86 -11.55 8.92
CA PHE C 388 -9.81 -11.51 7.45
C PHE C 388 -10.97 -12.27 6.79
N GLY C 389 -11.99 -12.60 7.58
CA GLY C 389 -13.24 -13.18 7.08
C GLY C 389 -13.26 -14.68 6.81
N SER C 390 -12.17 -15.35 7.18
CA SER C 390 -12.02 -16.80 6.98
C SER C 390 -12.94 -17.58 7.91
N ASP C 391 -13.63 -18.59 7.37
CA ASP C 391 -14.47 -19.47 8.19
C ASP C 391 -13.62 -20.28 9.17
N LEU C 392 -13.95 -20.18 10.46
CA LEU C 392 -13.10 -20.70 11.52
C LEU C 392 -13.68 -21.93 12.19
N ASP C 393 -12.87 -23.00 12.23
CA ASP C 393 -13.24 -24.23 12.92
C ASP C 393 -13.46 -23.96 14.40
N ALA C 394 -14.45 -24.62 15.00
CA ALA C 394 -14.85 -24.37 16.38
C ALA C 394 -13.69 -24.35 17.40
N ALA C 395 -12.60 -25.04 17.06
CA ALA C 395 -11.42 -25.11 17.92
C ALA C 395 -10.70 -23.76 18.04
N THR C 396 -10.67 -22.98 16.95
CA THR C 396 -10.15 -21.61 16.98
C THR C 396 -11.25 -20.59 17.28
N GLN C 397 -12.50 -21.03 17.30
CA GLN C 397 -13.61 -20.22 17.80
C GLN C 397 -13.63 -20.25 19.32
N GLN C 398 -13.26 -21.40 19.89
CA GLN C 398 -13.18 -21.60 21.33
C GLN C 398 -12.14 -20.67 21.97
N LEU C 399 -11.00 -20.52 21.31
CA LEU C 399 -9.93 -19.65 21.81
C LEU C 399 -10.26 -18.18 21.60
N LEU C 400 -11.05 -17.89 20.57
CA LEU C 400 -11.53 -16.53 20.31
C LEU C 400 -12.55 -16.07 21.35
N SER C 401 -13.47 -16.96 21.71
CA SER C 401 -14.49 -16.67 22.71
C SER C 401 -13.88 -16.50 24.10
N ARG C 402 -12.88 -17.32 24.42
CA ARG C 402 -12.23 -17.31 25.73
C ARG C 402 -11.34 -16.07 25.93
N GLY C 403 -10.66 -15.67 24.86
CA GLY C 403 -9.75 -14.52 24.89
C GLY C 403 -10.43 -13.18 25.06
N VAL C 404 -11.62 -13.02 24.48
CA VAL C 404 -12.41 -11.80 24.64
C VAL C 404 -12.89 -11.65 26.08
N ARG C 405 -13.34 -12.76 26.66
CA ARG C 405 -13.90 -12.75 28.02
C ARG C 405 -12.84 -12.48 29.10
N LEU C 406 -11.67 -13.11 28.94
CA LEU C 406 -10.59 -12.98 29.92
C LEU C 406 -9.90 -11.61 29.89
N THR C 407 -9.95 -10.94 28.73
CA THR C 407 -9.41 -9.58 28.61
C THR C 407 -10.30 -8.58 29.33
N GLU C 408 -11.61 -8.81 29.25
CA GLU C 408 -12.60 -8.01 29.97
C GLU C 408 -12.48 -8.21 31.48
N LEU C 409 -12.17 -9.45 31.89
CA LEU C 409 -12.03 -9.80 33.30
C LEU C 409 -10.79 -9.22 33.97
N LEU C 410 -9.75 -8.91 33.19
CA LEU C 410 -8.51 -8.40 33.76
C LEU C 410 -8.44 -6.86 33.82
N LYS C 411 -9.52 -6.21 33.40
CA LYS C 411 -9.67 -4.77 33.57
C LYS C 411 -9.86 -4.46 35.04
N GLN C 412 -9.34 -3.31 35.47
CA GLN C 412 -9.45 -2.87 36.86
C GLN C 412 -9.35 -1.36 36.97
N GLY C 413 -10.26 -0.75 37.73
CA GLY C 413 -10.22 0.68 38.01
C GLY C 413 -9.09 1.03 38.98
N GLN C 414 -8.68 2.30 38.99
CA GLN C 414 -7.56 2.75 39.81
C GLN C 414 -7.95 2.86 41.29
N TYR C 415 -6.93 2.90 42.16
CA TYR C 415 -7.10 3.10 43.61
C TYR C 415 -7.90 2.02 44.34
N SER C 416 -8.20 0.91 43.66
CA SER C 416 -8.93 -0.20 44.29
C SER C 416 -8.21 -1.54 44.10
N PRO C 417 -7.18 -1.80 44.92
CA PRO C 417 -6.47 -3.07 44.82
C PRO C 417 -7.19 -4.16 45.60
N MET C 418 -7.59 -5.23 44.91
CA MET C 418 -8.24 -6.37 45.53
C MET C 418 -7.25 -7.22 46.31
N ALA C 419 -7.75 -7.93 47.33
CA ALA C 419 -6.95 -8.90 48.04
C ALA C 419 -6.76 -10.13 47.16
N ILE C 420 -5.65 -10.83 47.36
CA ILE C 420 -5.28 -11.99 46.55
C ILE C 420 -6.43 -13.01 46.37
N GLU C 421 -7.17 -13.28 47.45
CA GLU C 421 -8.26 -14.25 47.42
C GLU C 421 -9.45 -13.80 46.59
N GLU C 422 -9.69 -12.49 46.54
CA GLU C 422 -10.76 -11.93 45.71
C GLU C 422 -10.42 -12.05 44.22
N GLN C 423 -9.14 -11.93 43.90
CA GLN C 423 -8.64 -12.11 42.53
C GLN C 423 -8.75 -13.57 42.09
N VAL C 424 -8.41 -14.50 42.98
CA VAL C 424 -8.50 -15.94 42.71
C VAL C 424 -9.95 -16.39 42.52
N ALA C 425 -10.88 -15.62 43.07
CA ALA C 425 -12.31 -15.91 42.97
C ALA C 425 -12.92 -15.51 41.62
N VAL C 426 -12.56 -14.34 41.12
CA VAL C 426 -13.11 -13.83 39.86
C VAL C 426 -12.42 -14.41 38.61
N ILE C 427 -11.15 -14.77 38.75
CA ILE C 427 -10.38 -15.41 37.67
C ILE C 427 -10.89 -16.84 37.47
N TYR C 428 -11.35 -17.45 38.56
CA TYR C 428 -11.95 -18.78 38.54
C TYR C 428 -13.09 -18.87 37.53
N ALA C 429 -13.99 -17.90 37.56
CA ALA C 429 -15.17 -17.88 36.69
C ALA C 429 -14.81 -17.89 35.20
N GLY C 430 -13.77 -17.14 34.83
CA GLY C 430 -13.32 -17.06 33.45
C GLY C 430 -12.58 -18.30 33.00
N VAL C 431 -11.61 -18.73 33.81
CA VAL C 431 -10.71 -19.85 33.46
C VAL C 431 -11.43 -21.21 33.40
N ARG C 432 -12.43 -21.40 34.25
CA ARG C 432 -13.20 -22.65 34.25
C ARG C 432 -14.28 -22.67 33.18
N GLY C 433 -14.76 -21.50 32.80
CA GLY C 433 -15.63 -21.36 31.63
C GLY C 433 -17.10 -21.16 31.90
N TYR C 434 -17.42 -20.50 33.00
CA TYR C 434 -18.82 -20.21 33.33
C TYR C 434 -19.26 -18.86 32.74
N LEU C 435 -18.51 -18.38 31.74
CA LEU C 435 -18.73 -17.05 31.17
C LEU C 435 -18.69 -17.05 29.63
N ASP C 436 -18.49 -18.22 29.05
CA ASP C 436 -18.38 -18.35 27.59
C ASP C 436 -19.71 -18.20 26.87
N LYS C 437 -20.82 -18.35 27.60
CA LYS C 437 -22.16 -18.22 27.03
C LYS C 437 -22.82 -16.88 27.34
N LEU C 438 -22.29 -16.19 28.36
CA LEU C 438 -22.72 -14.84 28.70
C LEU C 438 -22.18 -13.84 27.68
N GLU C 439 -22.96 -12.81 27.37
CA GLU C 439 -22.57 -11.79 26.40
C GLU C 439 -21.31 -11.06 26.86
N PRO C 440 -20.35 -10.81 25.93
CA PRO C 440 -19.05 -10.18 26.23
C PRO C 440 -19.15 -8.81 26.92
N SER C 441 -20.06 -7.96 26.44
CA SER C 441 -20.17 -6.58 26.92
C SER C 441 -20.61 -6.45 28.39
N LYS C 442 -21.26 -7.50 28.89
CA LYS C 442 -21.87 -7.49 30.23
C LYS C 442 -20.94 -8.00 31.34
N ILE C 443 -19.75 -8.48 30.97
CA ILE C 443 -18.80 -9.07 31.92
C ILE C 443 -18.29 -8.07 32.97
N THR C 444 -18.11 -6.82 32.55
CA THR C 444 -17.63 -5.78 33.47
C THR C 444 -18.62 -5.59 34.63
N LYS C 445 -19.91 -5.64 34.32
CA LYS C 445 -20.97 -5.49 35.33
C LYS C 445 -21.25 -6.80 36.08
N PHE C 446 -20.79 -7.92 35.51
CA PHE C 446 -20.85 -9.23 36.18
C PHE C 446 -19.88 -9.25 37.36
N GLU C 447 -18.63 -8.87 37.11
CA GLU C 447 -17.58 -8.87 38.14
C GLU C 447 -17.98 -8.07 39.37
N ASN C 448 -18.45 -6.84 39.16
CA ASN C 448 -18.81 -5.93 40.26
C ASN C 448 -20.07 -6.34 41.04
N ALA C 449 -20.91 -7.15 40.41
CA ALA C 449 -22.05 -7.77 41.09
C ALA C 449 -21.62 -9.04 41.82
N PHE C 450 -20.70 -9.79 41.20
CA PHE C 450 -20.17 -11.03 41.75
C PHE C 450 -19.24 -10.78 42.93
N LEU C 451 -18.39 -9.76 42.81
CA LEU C 451 -17.45 -9.38 43.85
C LEU C 451 -18.18 -8.92 45.13
N SER C 452 -19.23 -8.12 44.95
CA SER C 452 -20.02 -7.62 46.08
C SER C 452 -20.91 -8.72 46.68
N HIS C 453 -21.06 -9.83 45.97
CA HIS C 453 -21.82 -10.99 46.44
C HIS C 453 -20.95 -11.92 47.29
N VAL C 454 -19.71 -12.17 46.84
CA VAL C 454 -18.81 -13.10 47.54
C VAL C 454 -18.18 -12.52 48.80
N ILE C 455 -18.00 -11.19 48.82
CA ILE C 455 -17.52 -10.49 50.02
C ILE C 455 -18.67 -10.32 51.03
N SER C 456 -19.90 -10.36 50.51
CA SER C 456 -21.11 -10.23 51.33
C SER C 456 -21.42 -11.46 52.19
N GLN C 457 -21.73 -12.58 51.54
CA GLN C 457 -22.28 -13.75 52.23
C GLN C 457 -21.39 -15.00 52.21
N HIS C 458 -20.32 -14.96 51.43
CA HIS C 458 -19.43 -16.12 51.30
C HIS C 458 -18.03 -15.87 51.86
N GLN C 459 -17.98 -15.11 52.95
CA GLN C 459 -16.72 -14.79 53.63
C GLN C 459 -15.95 -16.02 54.07
N ALA C 460 -16.69 -17.08 54.40
CA ALA C 460 -16.12 -18.35 54.84
C ALA C 460 -15.25 -19.01 53.77
N LEU C 461 -15.62 -18.83 52.51
CA LEU C 461 -14.86 -19.39 51.39
C LEU C 461 -13.57 -18.61 51.17
N LEU C 462 -13.72 -17.30 50.94
CA LEU C 462 -12.57 -16.41 50.72
C LEU C 462 -11.60 -16.43 51.89
N GLY C 463 -12.12 -16.61 53.10
CA GLY C 463 -11.32 -16.76 54.30
C GLY C 463 -10.49 -18.02 54.27
N LYS C 464 -11.07 -19.11 53.76
CA LYS C 464 -10.39 -20.40 53.70
C LYS C 464 -9.28 -20.42 52.64
N ILE C 465 -9.56 -19.81 51.48
CA ILE C 465 -8.59 -19.74 50.39
C ILE C 465 -7.39 -18.87 50.75
N ARG C 466 -7.64 -17.80 51.51
CA ARG C 466 -6.58 -16.87 51.95
C ARG C 466 -5.67 -17.48 53.02
N THR C 467 -6.28 -18.20 53.97
CA THR C 467 -5.56 -18.85 55.06
C THR C 467 -4.71 -20.03 54.54
N ASP C 468 -5.27 -20.79 53.60
CA ASP C 468 -4.58 -21.94 53.03
C ASP C 468 -3.62 -21.53 51.91
N GLY C 469 -3.99 -20.51 51.14
CA GLY C 469 -3.21 -20.06 49.99
C GLY C 469 -3.32 -21.02 48.83
N LYS C 470 -4.46 -21.71 48.75
CA LYS C 470 -4.67 -22.81 47.81
C LYS C 470 -6.17 -23.17 47.73
N ILE C 471 -6.66 -23.41 46.51
CA ILE C 471 -8.01 -23.91 46.32
C ILE C 471 -8.03 -25.41 46.59
N SER C 472 -8.67 -25.79 47.69
CA SER C 472 -8.80 -27.20 48.08
C SER C 472 -9.99 -27.85 47.37
N GLU C 473 -10.06 -29.18 47.40
CA GLU C 473 -11.16 -29.93 46.79
C GLU C 473 -12.52 -29.32 47.14
N GLU C 474 -12.70 -29.02 48.43
CA GLU C 474 -13.94 -28.45 48.94
C GLU C 474 -14.16 -27.03 48.42
N SER C 475 -13.08 -26.25 48.36
CA SER C 475 -13.12 -24.88 47.86
C SER C 475 -13.54 -24.86 46.39
N ASP C 476 -12.97 -25.77 45.61
CA ASP C 476 -13.32 -25.96 44.21
C ASP C 476 -14.81 -26.26 44.07
N ALA C 477 -15.26 -27.23 44.87
CA ALA C 477 -16.66 -27.66 44.88
C ALA C 477 -17.61 -26.55 45.31
N LYS C 478 -17.18 -25.75 46.27
CA LYS C 478 -17.98 -24.61 46.74
C LYS C 478 -18.05 -23.51 45.69
N LEU C 479 -16.88 -23.17 45.13
CA LEU C 479 -16.79 -22.17 44.06
C LEU C 479 -17.61 -22.55 42.82
N LYS C 480 -17.64 -23.85 42.51
CA LYS C 480 -18.39 -24.37 41.38
C LYS C 480 -19.88 -24.07 41.48
N GLU C 481 -20.42 -24.17 42.70
CA GLU C 481 -21.84 -23.94 42.94
C GLU C 481 -22.21 -22.46 42.91
N ILE C 482 -21.47 -21.65 43.66
CA ILE C 482 -21.78 -20.22 43.81
C ILE C 482 -21.84 -19.46 42.48
N VAL C 483 -20.85 -19.70 41.62
CA VAL C 483 -20.77 -19.01 40.33
C VAL C 483 -21.95 -19.34 39.40
N THR C 484 -22.33 -20.61 39.37
CA THR C 484 -23.44 -21.08 38.52
C THR C 484 -24.78 -20.62 39.09
N ASN C 485 -24.89 -20.60 40.42
CA ASN C 485 -26.04 -20.01 41.09
C ASN C 485 -26.14 -18.53 40.82
N PHE C 486 -24.99 -17.86 40.75
CA PHE C 486 -24.95 -16.43 40.44
C PHE C 486 -25.14 -16.16 38.94
N LEU C 487 -24.77 -17.13 38.11
CA LEU C 487 -24.97 -17.06 36.67
C LEU C 487 -26.47 -17.08 36.35
N ALA C 488 -27.21 -17.91 37.08
CA ALA C 488 -28.65 -18.07 36.90
C ALA C 488 -29.46 -16.87 37.41
N GLY C 489 -28.97 -16.25 38.49
CA GLY C 489 -29.62 -15.07 39.07
C GLY C 489 -29.25 -13.76 38.39
N PHE C 490 -28.36 -13.84 37.40
CA PHE C 490 -27.93 -12.67 36.63
C PHE C 490 -28.75 -12.54 35.35
N GLU C 491 -28.90 -13.66 34.63
CA GLU C 491 -29.70 -13.71 33.39
C GLU C 491 -31.15 -14.14 33.63
N ALA C 492 -31.72 -13.68 34.73
CA ALA C 492 -33.12 -13.95 35.08
C ALA C 492 -33.95 -12.66 35.02
N THR D 1 58.18 -4.13 43.12
CA THR D 1 58.18 -2.63 42.93
C THR D 1 56.92 -1.96 43.51
N THR D 2 57.10 -0.71 43.94
CA THR D 2 56.03 0.08 44.56
C THR D 2 55.58 1.24 43.68
N GLY D 3 54.27 1.41 43.56
CA GLY D 3 53.69 2.50 42.77
C GLY D 3 52.72 3.38 43.56
N ARG D 4 52.57 4.62 43.10
CA ARG D 4 51.65 5.58 43.71
C ARG D 4 50.54 5.94 42.72
N ILE D 5 49.29 5.90 43.20
CA ILE D 5 48.13 6.31 42.43
C ILE D 5 48.21 7.81 42.16
N VAL D 6 48.25 8.16 40.88
CA VAL D 6 48.37 9.55 40.47
C VAL D 6 47.04 10.10 39.95
N ALA D 7 46.13 9.19 39.59
CA ALA D 7 44.80 9.56 39.09
C ALA D 7 43.76 8.45 39.27
N VAL D 8 42.55 8.83 39.68
CA VAL D 8 41.41 7.91 39.77
C VAL D 8 40.20 8.51 39.05
N ILE D 9 39.78 7.85 37.97
CA ILE D 9 38.56 8.19 37.24
C ILE D 9 37.79 6.89 36.94
N GLY D 10 36.58 6.76 37.48
CA GLY D 10 35.76 5.56 37.27
C GLY D 10 36.44 4.28 37.71
N ALA D 11 36.62 3.36 36.76
CA ALA D 11 37.35 2.13 37.03
C ALA D 11 38.77 2.16 36.42
N VAL D 12 39.20 3.37 36.03
CA VAL D 12 40.52 3.59 35.44
C VAL D 12 41.42 4.32 36.42
N VAL D 13 42.47 3.65 36.88
CA VAL D 13 43.38 4.19 37.87
C VAL D 13 44.80 4.21 37.33
N ASP D 14 45.41 5.40 37.26
CA ASP D 14 46.79 5.54 36.81
C ASP D 14 47.75 5.44 37.99
N VAL D 15 48.84 4.70 37.80
CA VAL D 15 49.84 4.47 38.84
C VAL D 15 51.25 4.78 38.31
N GLN D 16 52.09 5.36 39.16
CA GLN D 16 53.46 5.72 38.77
C GLN D 16 54.52 4.94 39.53
N PHE D 17 55.49 4.40 38.80
CA PHE D 17 56.54 3.59 39.40
C PHE D 17 57.91 4.24 39.29
N ASP D 18 58.55 4.44 40.45
CA ASP D 18 59.84 5.13 40.52
C ASP D 18 60.97 4.37 39.84
N GLU D 19 60.99 3.05 40.00
CA GLU D 19 62.07 2.22 39.48
C GLU D 19 61.59 1.27 38.36
N GLY D 20 61.41 -0.01 38.69
CA GLY D 20 61.04 -1.02 37.69
C GLY D 20 59.59 -0.94 37.29
N LEU D 21 59.36 -0.73 35.99
CA LEU D 21 58.02 -0.52 35.45
C LEU D 21 57.37 -1.85 35.01
N PRO D 22 56.16 -2.14 35.53
CA PRO D 22 55.43 -3.38 35.21
C PRO D 22 54.76 -3.35 33.82
N PRO D 23 54.88 -4.45 33.06
CA PRO D 23 54.39 -4.50 31.68
C PRO D 23 52.87 -4.57 31.57
N ILE D 24 52.38 -4.61 30.33
CA ILE D 24 50.95 -4.73 30.04
C ILE D 24 50.40 -6.07 30.56
N LEU D 25 49.10 -6.06 30.89
CA LEU D 25 48.35 -7.22 31.36
C LEU D 25 48.64 -7.63 32.81
N ASN D 26 49.76 -7.14 33.35
CA ASN D 26 50.16 -7.44 34.72
C ASN D 26 49.12 -7.04 35.77
N ALA D 27 48.97 -7.90 36.77
CA ALA D 27 48.08 -7.65 37.88
C ALA D 27 48.81 -6.89 38.98
N LEU D 28 48.18 -5.85 39.50
CA LEU D 28 48.74 -5.07 40.58
C LEU D 28 47.91 -5.25 41.85
N GLU D 29 48.57 -5.14 43.01
CA GLU D 29 47.91 -5.27 44.30
C GLU D 29 47.89 -3.90 45.00
N VAL D 30 46.70 -3.39 45.29
CA VAL D 30 46.56 -2.09 45.94
C VAL D 30 46.74 -2.22 47.45
N GLN D 31 47.74 -1.51 47.99
CA GLN D 31 48.11 -1.65 49.40
C GLN D 31 47.18 -0.92 50.35
N GLY D 32 46.90 -1.57 51.47
CA GLY D 32 46.05 -1.00 52.52
C GLY D 32 44.59 -0.91 52.15
N ARG D 33 43.96 -2.05 51.93
CA ARG D 33 42.52 -2.11 51.62
C ARG D 33 41.83 -3.30 52.24
N GLU D 34 40.57 -3.10 52.62
CA GLU D 34 39.73 -4.10 53.28
C GLU D 34 39.70 -5.42 52.51
N THR D 35 39.05 -5.41 51.35
CA THR D 35 39.04 -6.54 50.43
C THR D 35 40.00 -6.27 49.27
N ARG D 36 40.69 -7.32 48.84
CA ARG D 36 41.76 -7.21 47.85
C ARG D 36 41.31 -6.51 46.58
N LEU D 37 42.08 -5.51 46.16
CA LEU D 37 41.81 -4.79 44.92
C LEU D 37 42.95 -5.02 43.94
N VAL D 38 42.62 -5.66 42.82
CA VAL D 38 43.59 -5.96 41.78
C VAL D 38 43.44 -4.97 40.64
N LEU D 39 44.55 -4.41 40.20
CA LEU D 39 44.55 -3.56 39.01
C LEU D 39 45.18 -4.35 37.88
N GLU D 40 44.74 -4.09 36.64
CA GLU D 40 45.35 -4.71 35.48
C GLU D 40 45.93 -3.63 34.56
N VAL D 41 47.23 -3.71 34.32
CA VAL D 41 47.90 -2.74 33.46
C VAL D 41 47.38 -2.86 32.03
N ALA D 42 46.91 -1.74 31.48
CA ALA D 42 46.34 -1.72 30.14
C ALA D 42 47.25 -0.99 29.15
N GLN D 43 47.88 0.09 29.61
CA GLN D 43 48.71 0.92 28.77
C GLN D 43 49.95 1.42 29.54
N HIS D 44 51.00 1.75 28.79
CA HIS D 44 52.12 2.51 29.33
C HIS D 44 51.97 3.95 28.87
N LEU D 45 51.75 4.87 29.80
CA LEU D 45 51.40 6.25 29.46
C LEU D 45 52.60 7.18 29.28
N GLY D 46 53.79 6.70 29.61
CA GLY D 46 55.01 7.50 29.57
C GLY D 46 55.39 7.97 30.96
N GLU D 47 56.43 8.80 31.05
CA GLU D 47 56.93 9.35 32.33
C GLU D 47 56.79 8.39 33.52
N SER D 48 57.08 7.11 33.27
CA SER D 48 57.00 6.03 34.26
C SER D 48 55.62 5.88 34.92
N THR D 49 54.58 6.01 34.10
CA THR D 49 53.20 5.90 34.57
C THR D 49 52.47 4.82 33.76
N VAL D 50 51.60 4.07 34.44
CA VAL D 50 50.77 3.06 33.77
C VAL D 50 49.28 3.25 34.06
N ARG D 51 48.46 3.01 33.03
CA ARG D 51 47.00 3.08 33.17
C ARG D 51 46.44 1.68 33.39
N THR D 52 45.60 1.54 34.41
CA THR D 52 45.08 0.23 34.80
C THR D 52 43.56 0.20 34.87
N ILE D 53 43.00 -1.01 34.89
CA ILE D 53 41.56 -1.20 35.09
C ILE D 53 41.32 -2.01 36.35
N ALA D 54 40.58 -1.42 37.28
CA ALA D 54 40.34 -2.05 38.58
C ALA D 54 39.32 -3.18 38.49
N MET D 55 39.60 -4.27 39.20
CA MET D 55 38.74 -5.45 39.20
C MET D 55 37.61 -5.34 40.24
N ASP D 56 37.57 -4.22 40.94
CA ASP D 56 36.49 -3.94 41.90
C ASP D 56 36.30 -2.44 42.08
N GLY D 57 35.55 -2.05 43.11
CA GLY D 57 35.26 -0.64 43.38
C GLY D 57 36.49 0.19 43.72
N THR D 58 36.59 1.37 43.11
CA THR D 58 37.69 2.29 43.41
C THR D 58 37.26 3.37 44.39
N GLU D 59 36.14 3.18 45.07
CA GLU D 59 35.72 4.13 46.09
C GLU D 59 36.71 4.06 47.26
N GLY D 60 37.01 5.23 47.83
CA GLY D 60 37.87 5.33 48.99
C GLY D 60 39.36 5.38 48.67
N LEU D 61 39.68 5.38 47.37
CA LEU D 61 41.09 5.43 46.94
C LEU D 61 41.72 6.81 47.11
N VAL D 62 42.81 6.85 47.87
CA VAL D 62 43.56 8.08 48.12
C VAL D 62 44.66 8.22 47.08
N ARG D 63 44.84 9.43 46.54
CA ARG D 63 45.95 9.70 45.64
C ARG D 63 47.25 9.50 46.38
N GLY D 64 48.22 8.90 45.70
CA GLY D 64 49.52 8.58 46.31
C GLY D 64 49.58 7.20 46.96
N GLN D 65 48.41 6.60 47.21
CA GLN D 65 48.28 5.28 47.83
C GLN D 65 49.19 4.24 47.19
N LYS D 66 49.90 3.48 48.02
CA LYS D 66 50.88 2.49 47.57
C LYS D 66 50.25 1.28 46.87
N VAL D 67 50.90 0.82 45.81
CA VAL D 67 50.44 -0.33 45.02
C VAL D 67 51.64 -1.21 44.63
N LEU D 68 51.59 -2.48 45.02
CA LEU D 68 52.67 -3.42 44.70
C LEU D 68 52.39 -4.19 43.43
N ASP D 69 53.43 -4.40 42.64
CA ASP D 69 53.34 -5.16 41.39
C ASP D 69 53.50 -6.65 41.68
N SER D 70 52.45 -7.43 41.41
CA SER D 70 52.49 -8.87 41.65
C SER D 70 53.39 -9.63 40.67
N GLY D 71 54.02 -8.89 39.76
CA GLY D 71 55.01 -9.44 38.84
C GLY D 71 54.48 -10.24 37.66
N ALA D 72 53.16 -10.46 37.63
CA ALA D 72 52.51 -11.24 36.59
C ALA D 72 51.06 -10.80 36.40
N PRO D 73 50.40 -11.26 35.31
CA PRO D 73 48.95 -11.07 35.16
C PRO D 73 48.16 -11.89 36.18
N ILE D 74 46.85 -11.67 36.23
CA ILE D 74 45.97 -12.42 37.13
C ILE D 74 46.14 -13.93 36.91
N ARG D 75 46.63 -14.62 37.93
CA ARG D 75 46.77 -16.08 37.91
C ARG D 75 45.73 -16.71 38.83
N ILE D 76 44.93 -17.62 38.27
CA ILE D 76 43.82 -18.22 39.01
C ILE D 76 44.04 -19.71 39.25
N PRO D 77 43.44 -20.25 40.32
CA PRO D 77 43.46 -21.70 40.59
C PRO D 77 42.83 -22.50 39.46
N VAL D 78 43.51 -23.56 39.05
CA VAL D 78 43.01 -24.47 38.01
C VAL D 78 43.24 -25.92 38.41
N GLY D 79 42.33 -26.79 38.00
CA GLY D 79 42.42 -28.22 38.33
C GLY D 79 41.09 -28.80 38.76
N PRO D 80 41.06 -30.11 39.06
CA PRO D 80 39.84 -30.79 39.50
C PRO D 80 39.27 -30.19 40.78
N GLU D 81 40.15 -29.52 41.54
CA GLU D 81 39.81 -28.90 42.81
C GLU D 81 38.78 -27.78 42.63
N THR D 82 38.85 -27.10 41.48
CA THR D 82 37.95 -25.98 41.17
C THR D 82 36.49 -26.40 41.08
N LEU D 83 36.24 -27.68 40.83
CA LEU D 83 34.89 -28.22 40.69
C LEU D 83 34.06 -28.05 41.95
N GLY D 84 32.81 -27.62 41.77
CA GLY D 84 31.88 -27.41 42.88
C GLY D 84 32.11 -26.09 43.60
N ARG D 85 33.02 -25.29 43.07
CA ARG D 85 33.42 -24.05 43.71
C ARG D 85 33.10 -22.84 42.83
N ILE D 86 32.59 -21.79 43.47
CA ILE D 86 32.32 -20.54 42.76
C ILE D 86 33.51 -19.60 42.87
N MET D 87 34.25 -19.45 41.77
CA MET D 87 35.35 -18.50 41.73
C MET D 87 34.86 -17.19 41.13
N ASN D 88 35.39 -16.07 41.63
CA ASN D 88 35.13 -14.79 41.00
C ASN D 88 36.20 -14.49 39.95
N VAL D 89 36.27 -13.25 39.51
CA VAL D 89 37.20 -12.83 38.46
C VAL D 89 38.66 -13.20 38.74
N ILE D 90 39.05 -13.12 40.00
CA ILE D 90 40.45 -13.33 40.40
C ILE D 90 40.72 -14.67 41.09
N GLY D 91 39.73 -15.56 41.06
CA GLY D 91 39.87 -16.91 41.63
C GLY D 91 39.83 -16.96 43.15
N GLU D 92 39.21 -15.95 43.76
CA GLU D 92 38.92 -15.98 45.19
C GLU D 92 37.51 -16.52 45.41
N PRO D 93 37.40 -17.72 46.01
CA PRO D 93 36.14 -18.43 46.17
C PRO D 93 35.04 -17.61 46.85
N ILE D 94 34.03 -17.23 46.08
CA ILE D 94 32.88 -16.48 46.60
C ILE D 94 31.74 -17.39 47.05
N ASP D 95 32.06 -18.66 47.29
CA ASP D 95 31.07 -19.62 47.80
C ASP D 95 31.14 -19.79 49.33
N GLU D 96 32.16 -19.20 49.93
CA GLU D 96 32.43 -19.27 51.38
C GLU D 96 32.70 -20.71 51.86
N ARG D 97 33.66 -21.36 51.21
CA ARG D 97 34.03 -22.73 51.53
C ARG D 97 35.55 -22.94 51.51
N GLY D 98 36.28 -21.88 51.89
CA GLY D 98 37.72 -21.95 52.03
C GLY D 98 38.46 -21.79 50.71
N PRO D 99 39.79 -21.91 50.73
CA PRO D 99 40.60 -21.73 49.53
C PRO D 99 40.46 -22.87 48.52
N ILE D 100 40.66 -22.55 47.25
CA ILE D 100 40.73 -23.55 46.20
C ILE D 100 42.12 -24.17 46.29
N LYS D 101 42.19 -25.40 46.81
CA LYS D 101 43.45 -26.07 47.07
C LYS D 101 43.98 -26.81 45.83
N THR D 102 44.57 -26.04 44.91
CA THR D 102 45.06 -26.57 43.62
C THR D 102 46.58 -26.63 43.53
N LYS D 103 47.07 -27.56 42.71
CA LYS D 103 48.50 -27.72 42.47
C LYS D 103 49.04 -26.62 41.56
N GLN D 104 48.23 -26.19 40.59
CA GLN D 104 48.65 -25.25 39.56
C GLN D 104 47.84 -23.95 39.61
N PHE D 105 48.47 -22.88 39.13
CA PHE D 105 47.82 -21.59 38.90
C PHE D 105 48.07 -21.17 37.45
N ALA D 106 47.02 -21.20 36.63
CA ALA D 106 47.13 -20.76 35.25
C ALA D 106 46.69 -19.30 35.12
N ALA D 107 47.19 -18.62 34.07
CA ALA D 107 46.89 -17.21 33.85
C ALA D 107 45.68 -17.04 32.93
N ILE D 108 44.87 -16.02 33.22
CA ILE D 108 43.65 -15.74 32.44
C ILE D 108 43.91 -15.08 31.08
N HIS D 109 45.18 -14.70 30.85
CA HIS D 109 45.62 -14.20 29.56
C HIS D 109 46.53 -15.23 28.88
N ALA D 110 45.96 -15.99 27.95
CA ALA D 110 46.69 -17.06 27.27
C ALA D 110 46.64 -16.87 25.76
N GLU D 111 47.40 -17.69 25.04
CA GLU D 111 47.48 -17.63 23.58
C GLU D 111 46.50 -18.59 22.91
N ALA D 112 45.89 -18.14 21.81
CA ALA D 112 44.93 -18.93 21.05
C ALA D 112 45.59 -20.11 20.35
N PRO D 113 45.01 -21.31 20.49
CA PRO D 113 45.53 -22.53 19.86
C PRO D 113 45.87 -22.33 18.39
N GLU D 114 46.99 -22.88 17.96
CA GLU D 114 47.55 -22.70 16.62
C GLU D 114 46.72 -23.37 15.51
N PHE D 115 46.92 -22.91 14.28
CA PHE D 115 46.23 -23.47 13.12
C PHE D 115 46.40 -24.99 13.02
N VAL D 116 47.58 -25.49 13.35
CA VAL D 116 47.88 -26.92 13.29
C VAL D 116 47.19 -27.72 14.40
N GLU D 117 46.88 -27.04 15.50
CA GLU D 117 46.24 -27.68 16.65
C GLU D 117 44.75 -27.92 16.41
N MET D 118 44.23 -27.44 15.28
CA MET D 118 42.79 -27.49 14.99
C MET D 118 42.24 -28.86 14.62
N SER D 119 41.00 -29.11 15.01
CA SER D 119 40.29 -30.35 14.68
C SER D 119 39.10 -30.04 13.78
N VAL D 120 38.74 -30.99 12.92
CA VAL D 120 37.68 -30.78 11.93
C VAL D 120 36.51 -31.77 12.05
N GLU D 121 36.67 -32.77 12.91
CA GLU D 121 35.66 -33.81 13.10
C GLU D 121 34.41 -33.20 13.72
N GLN D 122 33.23 -33.60 13.25
CA GLN D 122 31.98 -33.06 13.77
C GLN D 122 30.80 -34.05 13.73
N GLU D 123 30.12 -34.17 14.86
CA GLU D 123 28.92 -35.00 15.02
C GLU D 123 27.79 -34.19 15.65
N ILE D 124 26.56 -34.63 15.41
CA ILE D 124 25.38 -33.97 15.97
C ILE D 124 25.22 -34.25 17.47
N LEU D 125 25.04 -33.19 18.24
CA LEU D 125 24.70 -33.31 19.66
C LEU D 125 23.19 -33.12 19.84
N VAL D 126 22.48 -34.23 20.00
CA VAL D 126 21.03 -34.20 20.14
C VAL D 126 20.64 -33.52 21.43
N THR D 127 19.83 -32.47 21.32
CA THR D 127 19.42 -31.68 22.47
C THR D 127 18.09 -32.16 23.04
N GLY D 128 17.22 -32.64 22.17
CA GLY D 128 15.86 -32.99 22.55
C GLY D 128 14.92 -31.81 22.35
N ILE D 129 15.47 -30.69 21.89
CA ILE D 129 14.68 -29.52 21.51
C ILE D 129 14.41 -29.59 20.01
N LYS D 130 13.12 -29.57 19.65
CA LYS D 130 12.67 -29.76 18.28
C LYS D 130 13.25 -28.74 17.31
N VAL D 131 13.31 -27.48 17.75
CA VAL D 131 13.70 -26.38 16.88
C VAL D 131 15.16 -26.48 16.47
N VAL D 132 16.01 -26.80 17.43
CA VAL D 132 17.45 -26.92 17.19
C VAL D 132 17.74 -28.17 16.36
N ASP D 133 17.38 -29.33 16.91
CA ASP D 133 17.72 -30.62 16.31
C ASP D 133 17.27 -30.79 14.86
N LEU D 134 16.24 -30.05 14.46
CA LEU D 134 15.71 -30.15 13.10
C LEU D 134 16.40 -29.19 12.13
N LEU D 135 16.53 -27.93 12.51
CA LEU D 135 16.93 -26.86 11.59
C LEU D 135 18.39 -26.43 11.67
N ALA D 136 18.89 -26.21 12.88
CA ALA D 136 20.29 -25.85 13.10
C ALA D 136 20.86 -26.58 14.32
N PRO D 137 21.13 -27.88 14.16
CA PRO D 137 21.55 -28.74 15.27
C PRO D 137 22.98 -28.45 15.71
N TYR D 138 23.29 -28.76 16.96
CA TYR D 138 24.59 -28.40 17.54
C TYR D 138 25.65 -29.46 17.33
N ALA D 139 26.87 -29.01 17.00
CA ALA D 139 27.99 -29.89 16.77
C ALA D 139 28.69 -30.22 18.09
N LYS D 140 29.02 -31.50 18.26
CA LYS D 140 29.71 -31.97 19.45
C LYS D 140 31.18 -31.53 19.39
N GLY D 141 31.58 -30.74 20.38
CA GLY D 141 32.90 -30.10 20.36
C GLY D 141 32.87 -28.83 19.54
N GLY D 142 31.67 -28.36 19.23
CA GLY D 142 31.48 -27.16 18.41
C GLY D 142 31.12 -25.92 19.19
N LYS D 143 31.19 -24.77 18.52
CA LYS D 143 30.86 -23.47 19.12
C LYS D 143 29.40 -23.11 18.85
N ILE D 144 28.66 -22.84 19.93
CA ILE D 144 27.21 -22.63 19.80
C ILE D 144 26.79 -21.28 20.38
N GLY D 145 26.13 -20.47 19.55
CA GLY D 145 25.75 -19.12 19.93
C GLY D 145 24.24 -18.92 20.04
N LEU D 146 23.82 -18.33 21.14
CA LEU D 146 22.39 -18.11 21.39
C LEU D 146 22.09 -16.61 21.41
N PHE D 147 21.72 -16.09 20.23
CA PHE D 147 21.37 -14.68 20.09
C PHE D 147 19.98 -14.42 20.65
N GLY D 148 19.76 -13.20 21.12
CA GLY D 148 18.45 -12.82 21.65
C GLY D 148 18.44 -11.48 22.35
N GLY D 149 17.38 -10.71 22.11
CA GLY D 149 17.17 -9.41 22.73
C GLY D 149 16.85 -9.55 24.21
N ALA D 150 16.50 -8.44 24.84
CA ALA D 150 16.22 -8.43 26.27
C ALA D 150 14.85 -9.00 26.63
N GLY D 151 14.84 -10.23 27.12
CA GLY D 151 13.62 -10.90 27.58
C GLY D 151 12.95 -11.82 26.58
N VAL D 152 13.74 -12.56 25.81
CA VAL D 152 13.22 -13.48 24.79
C VAL D 152 13.55 -14.95 25.06
N GLY D 153 14.51 -15.18 25.96
CA GLY D 153 14.80 -16.53 26.41
C GLY D 153 16.19 -17.07 26.12
N LYS D 154 17.21 -16.20 26.15
CA LYS D 154 18.59 -16.66 26.03
C LYS D 154 18.90 -17.56 27.21
N THR D 155 18.65 -17.02 28.41
CA THR D 155 18.97 -17.70 29.67
C THR D 155 18.14 -18.98 29.83
N VAL D 156 16.82 -18.87 29.67
CA VAL D 156 15.91 -20.02 29.79
C VAL D 156 16.36 -21.16 28.87
N LEU D 157 16.79 -20.81 27.66
CA LEU D 157 17.27 -21.79 26.68
C LEU D 157 18.61 -22.40 27.10
N ILE D 158 19.53 -21.57 27.59
CA ILE D 158 20.84 -22.08 28.01
C ILE D 158 20.69 -23.01 29.21
N MET D 159 19.67 -22.77 30.02
CA MET D 159 19.37 -23.59 31.21
C MET D 159 18.88 -25.00 30.83
N GLU D 160 17.99 -25.07 29.84
CA GLU D 160 17.47 -26.34 29.36
C GLU D 160 18.59 -27.20 28.81
N LEU D 161 19.49 -26.59 28.05
CA LEU D 161 20.62 -27.29 27.46
C LEU D 161 21.56 -27.89 28.52
N ILE D 162 21.68 -27.22 29.67
CA ILE D 162 22.46 -27.74 30.79
C ILE D 162 21.77 -28.98 31.38
N ASN D 163 20.47 -28.88 31.62
CA ASN D 163 19.66 -30.01 32.04
C ASN D 163 19.76 -31.19 31.06
N ASN D 164 19.51 -30.91 29.78
CA ASN D 164 19.41 -31.94 28.75
C ASN D 164 20.73 -32.59 28.36
N VAL D 165 21.83 -31.87 28.53
CA VAL D 165 23.13 -32.36 28.08
C VAL D 165 24.12 -32.61 29.23
N ALA D 166 24.40 -31.57 30.02
CA ALA D 166 25.41 -31.62 31.08
C ALA D 166 25.14 -32.67 32.17
N LYS D 167 23.89 -32.78 32.59
CA LYS D 167 23.48 -33.71 33.64
C LYS D 167 23.86 -35.16 33.29
N ALA D 168 23.48 -35.59 32.09
CA ALA D 168 23.84 -36.91 31.59
C ALA D 168 25.16 -36.90 30.82
N HIS D 169 26.01 -35.91 31.12
CA HIS D 169 27.34 -35.78 30.49
C HIS D 169 28.44 -36.36 31.38
N GLY D 170 29.25 -37.24 30.79
CA GLY D 170 30.30 -37.97 31.51
C GLY D 170 31.45 -37.11 31.99
N GLY D 171 31.87 -36.17 31.15
CA GLY D 171 32.99 -35.29 31.46
C GLY D 171 32.66 -34.08 32.32
N TYR D 172 33.56 -33.11 32.29
CA TYR D 172 33.44 -31.92 33.13
C TYR D 172 32.75 -30.77 32.41
N SER D 173 32.12 -29.88 33.20
CA SER D 173 31.42 -28.72 32.66
C SER D 173 31.79 -27.45 33.43
N VAL D 174 31.83 -26.32 32.72
CA VAL D 174 32.24 -25.05 33.32
C VAL D 174 31.23 -23.94 32.98
N PHE D 175 30.44 -23.52 33.95
CA PHE D 175 29.52 -22.39 33.77
C PHE D 175 30.23 -21.12 34.16
N ALA D 176 30.02 -20.06 33.37
CA ALA D 176 30.62 -18.76 33.66
C ALA D 176 29.61 -17.63 33.45
N GLY D 177 29.12 -17.08 34.56
CA GLY D 177 28.24 -15.93 34.53
C GLY D 177 29.07 -14.69 34.28
N VAL D 178 28.80 -14.04 33.15
CA VAL D 178 29.49 -12.81 32.79
C VAL D 178 28.46 -11.68 32.63
N GLY D 179 28.43 -10.78 33.60
CA GLY D 179 27.62 -9.57 33.53
C GLY D 179 26.10 -9.68 33.64
N GLU D 180 25.58 -10.88 33.85
CA GLU D 180 24.13 -11.02 34.03
C GLU D 180 23.71 -10.86 35.49
N ARG D 181 22.67 -11.57 35.92
CA ARG D 181 22.14 -11.40 37.27
C ARG D 181 22.87 -12.27 38.30
N THR D 182 23.16 -11.68 39.45
CA THR D 182 23.63 -12.44 40.62
C THR D 182 22.53 -13.41 41.05
N ARG D 183 21.28 -12.96 40.96
CA ARG D 183 20.11 -13.76 41.31
C ARG D 183 20.00 -15.03 40.47
N GLU D 184 20.19 -14.91 39.15
CA GLU D 184 20.14 -16.05 38.24
C GLU D 184 21.16 -17.11 38.61
N GLY D 185 22.34 -16.66 39.05
CA GLY D 185 23.42 -17.57 39.46
C GLY D 185 23.12 -18.34 40.73
N ASN D 186 22.52 -17.68 41.70
CA ASN D 186 22.12 -18.30 42.96
C ASN D 186 21.18 -19.48 42.72
N ASP D 187 20.13 -19.24 41.94
CA ASP D 187 19.16 -20.28 41.59
C ASP D 187 19.88 -21.51 41.02
N LEU D 188 20.73 -21.26 40.03
CA LEU D 188 21.49 -22.31 39.35
C LEU D 188 22.49 -23.03 40.24
N TYR D 189 23.05 -22.33 41.23
CA TYR D 189 23.93 -22.94 42.21
C TYR D 189 23.16 -23.97 43.04
N HIS D 190 21.98 -23.57 43.53
CA HIS D 190 21.11 -24.45 44.31
C HIS D 190 20.45 -25.53 43.46
N GLU D 191 20.14 -25.20 42.20
CA GLU D 191 19.50 -26.16 41.29
C GLU D 191 20.50 -27.11 40.62
N MET D 192 21.79 -26.90 40.87
CA MET D 192 22.83 -27.86 40.47
C MET D 192 23.39 -28.62 41.68
N ILE D 193 23.01 -28.16 42.87
CA ILE D 193 23.26 -28.89 44.10
C ILE D 193 22.13 -29.91 44.35
N GLU D 194 20.89 -29.46 44.15
CA GLU D 194 19.71 -30.33 44.26
C GLU D 194 19.81 -31.53 43.32
N SER D 195 20.03 -31.25 42.04
CA SER D 195 20.12 -32.28 41.01
C SER D 195 21.25 -33.26 41.28
N GLY D 196 22.39 -32.74 41.71
CA GLY D 196 23.53 -33.58 42.07
C GLY D 196 24.73 -33.46 41.14
N VAL D 197 24.76 -32.39 40.36
CA VAL D 197 25.92 -32.09 39.53
C VAL D 197 27.05 -31.58 40.44
N ILE D 198 26.68 -30.74 41.40
CA ILE D 198 27.59 -30.27 42.44
C ILE D 198 27.25 -30.96 43.76
N ASN D 199 28.17 -31.79 44.23
CA ASN D 199 28.01 -32.49 45.50
C ASN D 199 28.77 -31.77 46.61
N LEU D 200 28.02 -31.37 47.64
CA LEU D 200 28.59 -30.61 48.76
C LEU D 200 29.39 -31.48 49.71
N LYS D 201 29.07 -32.78 49.74
CA LYS D 201 29.70 -33.73 50.67
C LYS D 201 31.04 -34.26 50.15
N ASP D 202 31.05 -34.73 48.90
CA ASP D 202 32.23 -35.38 48.32
C ASP D 202 32.75 -34.65 47.07
N ALA D 203 33.78 -35.22 46.43
CA ALA D 203 34.39 -34.64 45.25
C ALA D 203 33.96 -35.35 43.96
N THR D 204 32.65 -35.55 43.82
CA THR D 204 32.08 -36.07 42.58
C THR D 204 31.45 -34.95 41.76
N SER D 205 31.88 -33.72 42.04
CA SER D 205 31.35 -32.54 41.35
C SER D 205 31.76 -32.52 39.88
N LYS D 206 30.80 -32.21 39.01
CA LYS D 206 31.02 -32.19 37.56
C LYS D 206 31.08 -30.78 37.00
N VAL D 207 30.77 -29.78 37.83
CA VAL D 207 30.68 -28.38 37.43
C VAL D 207 31.62 -27.46 38.22
N ALA D 208 32.32 -26.59 37.50
CA ALA D 208 33.10 -25.53 38.13
C ALA D 208 32.47 -24.19 37.76
N LEU D 209 32.17 -23.37 38.76
CA LEU D 209 31.44 -22.11 38.55
C LEU D 209 32.31 -20.86 38.66
N VAL D 210 32.08 -19.92 37.76
CA VAL D 210 32.73 -18.60 37.78
C VAL D 210 31.64 -17.54 37.56
N TYR D 211 31.71 -16.43 38.30
CA TYR D 211 30.68 -15.40 38.25
C TYR D 211 31.21 -13.98 38.36
N GLY D 212 30.75 -13.11 37.46
CA GLY D 212 31.06 -11.69 37.51
C GLY D 212 29.89 -10.91 36.96
N GLN D 213 28.80 -10.88 37.72
CA GLN D 213 27.51 -10.41 37.24
C GLN D 213 27.35 -8.89 37.24
N MET D 214 26.19 -8.40 36.79
CA MET D 214 25.96 -6.97 36.58
C MET D 214 26.07 -6.09 37.84
N ASN D 215 26.44 -6.71 38.96
CA ASN D 215 26.76 -5.99 40.19
C ASN D 215 28.19 -5.45 40.19
N GLU D 216 29.11 -6.24 39.66
CA GLU D 216 30.54 -5.89 39.58
C GLU D 216 30.80 -4.72 38.64
N PRO D 217 31.82 -3.89 38.96
CA PRO D 217 32.32 -2.83 38.07
C PRO D 217 32.80 -3.35 36.70
N PRO D 218 32.82 -2.47 35.67
CA PRO D 218 33.17 -2.89 34.31
C PRO D 218 34.45 -3.73 34.24
N GLY D 219 35.55 -3.22 34.77
CA GLY D 219 36.84 -3.94 34.75
C GLY D 219 36.72 -5.44 35.00
N ALA D 220 35.91 -5.79 36.00
CA ALA D 220 35.65 -7.19 36.37
C ALA D 220 34.82 -7.93 35.32
N ARG D 221 33.69 -7.34 34.95
CA ARG D 221 32.79 -7.90 33.94
C ARG D 221 33.47 -7.99 32.56
N ALA D 222 34.60 -7.30 32.44
CA ALA D 222 35.44 -7.34 31.23
C ALA D 222 36.43 -8.50 31.23
N ARG D 223 36.70 -9.07 32.39
CA ARG D 223 37.72 -10.12 32.50
C ARG D 223 37.22 -11.48 33.00
N VAL D 224 36.07 -11.48 33.68
CA VAL D 224 35.52 -12.69 34.28
C VAL D 224 35.23 -13.80 33.25
N ALA D 225 35.10 -13.41 31.99
CA ALA D 225 34.91 -14.36 30.88
C ALA D 225 36.18 -15.16 30.64
N LEU D 226 37.33 -14.52 30.82
CA LEU D 226 38.62 -15.16 30.67
C LEU D 226 38.89 -16.14 31.82
N THR D 227 38.44 -15.76 33.02
CA THR D 227 38.53 -16.62 34.19
C THR D 227 37.77 -17.94 33.99
N GLY D 228 36.61 -17.85 33.34
CA GLY D 228 35.78 -19.02 33.06
C GLY D 228 36.38 -19.98 32.04
N LEU D 229 36.98 -19.41 30.99
CA LEU D 229 37.51 -20.22 29.91
C LEU D 229 38.85 -20.87 30.28
N THR D 230 39.63 -20.20 31.14
CA THR D 230 40.92 -20.74 31.60
C THR D 230 40.70 -21.97 32.47
N VAL D 231 39.59 -21.97 33.20
CA VAL D 231 39.13 -23.15 33.93
C VAL D 231 38.91 -24.27 32.91
N ALA D 232 38.11 -23.98 31.89
CA ALA D 232 37.87 -24.92 30.80
C ALA D 232 39.17 -25.34 30.13
N GLU D 233 40.08 -24.38 29.95
CA GLU D 233 41.37 -24.61 29.28
C GLU D 233 42.22 -25.72 29.92
N TYR D 234 42.25 -25.76 31.25
CA TYR D 234 42.96 -26.83 31.95
C TYR D 234 42.28 -28.17 31.67
N PHE D 235 40.98 -28.23 31.92
CA PHE D 235 40.21 -29.47 31.74
C PHE D 235 40.32 -30.05 30.34
N ARG D 236 40.42 -29.17 29.34
CA ARG D 236 40.62 -29.59 27.96
C ARG D 236 42.03 -30.13 27.76
N ASP D 237 43.03 -29.30 28.07
CA ASP D 237 44.41 -29.57 27.69
C ASP D 237 45.17 -30.49 28.65
N GLN D 238 44.99 -30.29 29.95
CA GLN D 238 45.73 -31.06 30.95
C GLN D 238 44.97 -32.28 31.48
N GLU D 239 43.80 -32.54 30.90
CA GLU D 239 43.00 -33.71 31.23
C GLU D 239 42.28 -34.33 30.01
N GLY D 240 42.58 -33.81 28.83
CA GLY D 240 42.11 -34.35 27.54
C GLY D 240 40.60 -34.38 27.30
N GLN D 241 39.84 -34.50 28.39
CA GLN D 241 38.41 -34.88 28.37
C GLN D 241 37.46 -33.86 27.74
N ASP D 242 36.23 -34.30 27.48
CA ASP D 242 35.16 -33.45 26.99
C ASP D 242 34.78 -32.39 28.02
N VAL D 243 34.69 -31.15 27.57
CA VAL D 243 34.31 -30.04 28.44
C VAL D 243 33.03 -29.39 27.93
N LEU D 244 32.16 -28.97 28.85
CA LEU D 244 30.94 -28.24 28.47
C LEU D 244 30.94 -26.83 29.04
N LEU D 245 31.49 -25.89 28.27
CA LEU D 245 31.52 -24.49 28.67
C LEU D 245 30.18 -23.79 28.40
N PHE D 246 29.63 -23.15 29.44
CA PHE D 246 28.42 -22.37 29.30
C PHE D 246 28.67 -20.93 29.75
N ILE D 247 28.57 -19.99 28.82
CA ILE D 247 28.76 -18.57 29.13
C ILE D 247 27.45 -17.80 28.96
N ASP D 248 27.14 -16.95 29.94
CA ASP D 248 25.96 -16.08 29.92
C ASP D 248 26.25 -14.87 30.81
N ASN D 249 26.42 -13.68 30.22
CA ASN D 249 26.32 -13.43 28.78
C ASN D 249 27.65 -12.93 28.21
N ILE D 250 28.01 -13.40 27.02
CA ILE D 250 29.32 -13.06 26.45
C ILE D 250 29.37 -11.67 25.81
N PHE D 251 28.22 -11.05 25.61
CA PHE D 251 28.17 -9.69 25.11
C PHE D 251 28.66 -8.72 26.18
N ARG D 252 28.52 -9.11 27.44
CA ARG D 252 28.91 -8.27 28.57
C ARG D 252 30.42 -7.97 28.57
N PHE D 253 31.20 -8.89 28.02
CA PHE D 253 32.62 -8.71 27.77
C PHE D 253 32.94 -7.46 26.91
N THR D 254 32.17 -7.29 25.83
CA THR D 254 32.35 -6.18 24.90
C THR D 254 31.83 -4.87 25.50
N GLN D 255 30.74 -4.98 26.24
CA GLN D 255 30.07 -3.84 26.82
C GLN D 255 30.93 -3.21 27.89
N ALA D 256 31.50 -4.05 28.75
CA ALA D 256 32.38 -3.58 29.82
C ALA D 256 33.68 -3.00 29.27
N GLY D 257 34.07 -3.46 28.09
CA GLY D 257 35.21 -2.90 27.37
C GLY D 257 34.95 -1.47 26.91
N SER D 258 33.69 -1.18 26.56
CA SER D 258 33.27 0.16 26.15
C SER D 258 33.13 1.10 27.33
N GLU D 259 32.55 0.60 28.42
CA GLU D 259 32.36 1.42 29.63
C GLU D 259 33.65 2.11 30.08
N VAL D 260 34.79 1.56 29.67
CA VAL D 260 36.10 2.12 30.01
C VAL D 260 36.85 2.69 28.80
N SER D 261 36.43 2.32 27.60
CA SER D 261 37.13 2.66 26.36
C SER D 261 37.49 4.14 26.22
N ALA D 262 36.52 5.01 26.49
CA ALA D 262 36.75 6.46 26.43
C ALA D 262 37.82 6.93 27.41
N LEU D 263 37.79 6.36 28.62
CA LEU D 263 38.69 6.74 29.70
C LEU D 263 40.12 6.25 29.49
N LEU D 264 40.28 5.25 28.63
CA LEU D 264 41.60 4.78 28.21
C LEU D 264 42.22 5.76 27.21
N GLY D 265 41.36 6.56 26.57
CA GLY D 265 41.80 7.61 25.66
C GLY D 265 41.51 7.32 24.20
N ARG D 266 40.40 6.62 23.95
CA ARG D 266 40.03 6.18 22.60
C ARG D 266 39.06 7.12 21.89
N ILE D 267 39.28 7.30 20.59
CA ILE D 267 38.26 7.84 19.70
C ILE D 267 37.21 6.72 19.58
N PRO D 268 35.94 7.03 19.93
CA PRO D 268 34.89 6.00 19.83
C PRO D 268 34.67 5.53 18.39
N SER D 269 34.55 4.23 18.19
CA SER D 269 34.24 3.66 16.89
C SER D 269 32.77 3.94 16.51
N ALA D 270 32.16 3.03 15.75
CA ALA D 270 30.72 3.13 15.46
C ALA D 270 29.90 2.67 16.65
N VAL D 271 28.76 3.33 16.85
CA VAL D 271 27.78 2.99 17.90
C VAL D 271 28.33 3.17 19.33
N GLY D 272 29.28 4.09 19.48
CA GLY D 272 29.90 4.36 20.77
C GLY D 272 30.62 3.15 21.36
N TYR D 273 31.16 2.32 20.48
CA TYR D 273 31.91 1.14 20.88
C TYR D 273 33.42 1.39 20.82
N GLN D 274 34.17 0.46 21.40
CA GLN D 274 35.63 0.50 21.37
C GLN D 274 36.15 0.23 19.97
N PRO D 275 37.29 0.84 19.60
CA PRO D 275 37.92 0.58 18.30
C PRO D 275 38.57 -0.80 18.24
N THR D 276 38.95 -1.33 19.40
CA THR D 276 39.61 -2.63 19.46
C THR D 276 38.61 -3.79 19.45
N LEU D 277 37.33 -3.48 19.22
CA LEU D 277 36.24 -4.45 19.33
C LEU D 277 36.54 -5.78 18.65
N ALA D 278 37.17 -5.70 17.47
CA ALA D 278 37.49 -6.89 16.67
C ALA D 278 38.61 -7.73 17.27
N THR D 279 39.75 -7.10 17.54
CA THR D 279 40.91 -7.80 18.07
C THR D 279 40.72 -8.24 19.53
N ASP D 280 39.91 -7.50 20.28
CA ASP D 280 39.56 -7.86 21.65
C ASP D 280 38.77 -9.17 21.68
N MET D 281 37.85 -9.30 20.73
CA MET D 281 37.02 -10.51 20.62
C MET D 281 37.81 -11.67 20.01
N GLY D 282 38.71 -11.35 19.09
CA GLY D 282 39.51 -12.36 18.38
C GLY D 282 40.48 -13.12 19.27
N THR D 283 41.11 -12.42 20.21
CA THR D 283 42.06 -13.04 21.12
C THR D 283 41.33 -13.81 22.24
N MET D 284 40.04 -13.54 22.37
CA MET D 284 39.23 -14.20 23.39
C MET D 284 38.46 -15.41 22.84
N GLN D 285 37.77 -15.23 21.72
CA GLN D 285 36.95 -16.29 21.13
C GLN D 285 37.77 -17.45 20.58
N GLU D 286 38.95 -17.15 20.05
CA GLU D 286 39.83 -18.17 19.50
C GLU D 286 40.42 -19.08 20.56
N ARG D 287 40.36 -18.65 21.82
CA ARG D 287 40.74 -19.50 22.95
C ARG D 287 39.61 -20.47 23.33
N ILE D 288 38.38 -20.18 22.89
CA ILE D 288 37.23 -21.05 23.13
C ILE D 288 37.00 -22.00 21.94
N THR D 289 37.76 -23.09 21.92
CA THR D 289 37.72 -24.01 20.79
C THR D 289 38.17 -25.43 21.16
N THR D 290 37.73 -26.39 20.36
CA THR D 290 38.20 -27.77 20.44
C THR D 290 39.51 -27.90 19.66
N THR D 291 40.51 -28.56 20.25
CA THR D 291 41.77 -28.80 19.55
C THR D 291 42.08 -30.29 19.46
N LYS D 292 43.16 -30.61 18.75
CA LYS D 292 43.63 -31.98 18.60
C LYS D 292 43.98 -32.59 19.96
N LYS D 293 44.19 -31.73 20.95
CA LYS D 293 44.48 -32.17 22.33
C LYS D 293 43.23 -32.49 23.13
N GLY D 294 42.13 -31.79 22.86
CA GLY D 294 40.91 -31.95 23.65
C GLY D 294 39.68 -31.24 23.13
N SER D 295 38.52 -31.66 23.61
CA SER D 295 37.23 -31.18 23.13
C SER D 295 36.54 -30.20 24.09
N ILE D 296 35.97 -29.14 23.52
CA ILE D 296 35.16 -28.18 24.29
C ILE D 296 33.86 -27.85 23.55
N THR D 297 32.74 -28.39 24.05
CA THR D 297 31.43 -27.97 23.56
C THR D 297 31.09 -26.66 24.25
N SER D 298 31.13 -25.57 23.49
CA SER D 298 30.82 -24.26 24.04
C SER D 298 29.43 -23.78 23.66
N VAL D 299 28.68 -23.31 24.65
CA VAL D 299 27.39 -22.67 24.42
C VAL D 299 27.44 -21.26 25.02
N GLN D 300 27.30 -20.24 24.17
CA GLN D 300 27.45 -18.84 24.57
C GLN D 300 26.17 -18.03 24.35
N ALA D 301 25.58 -17.55 25.43
CA ALA D 301 24.42 -16.67 25.35
C ALA D 301 24.89 -15.28 24.93
N ILE D 302 24.40 -14.80 23.79
CA ILE D 302 24.80 -13.50 23.24
C ILE D 302 23.63 -12.51 23.26
N TYR D 303 23.79 -11.42 24.01
CA TYR D 303 22.77 -10.39 24.11
C TYR D 303 22.69 -9.56 22.82
N VAL D 304 21.46 -9.15 22.48
CA VAL D 304 21.21 -8.30 21.31
C VAL D 304 20.73 -6.91 21.76
N PRO D 305 21.55 -5.86 21.47
CA PRO D 305 21.29 -4.50 21.94
C PRO D 305 20.29 -3.75 21.06
N ALA D 306 19.23 -3.25 21.71
CA ALA D 306 18.12 -2.54 21.06
C ALA D 306 17.39 -3.40 20.00
N ASP D 307 17.41 -4.71 20.22
CA ASP D 307 16.84 -5.72 19.31
C ASP D 307 17.38 -5.63 17.88
N ASP D 308 18.60 -5.13 17.75
CA ASP D 308 19.23 -5.02 16.45
C ASP D 308 20.39 -6.02 16.38
N LEU D 309 20.30 -6.97 15.45
CA LEU D 309 21.38 -7.92 15.26
C LEU D 309 22.60 -7.26 14.63
N THR D 310 22.35 -6.23 13.82
CA THR D 310 23.42 -5.51 13.12
C THR D 310 24.24 -4.62 14.07
N ASP D 311 23.84 -4.57 15.34
CA ASP D 311 24.65 -3.93 16.37
C ASP D 311 26.06 -4.54 16.33
N PRO D 312 27.09 -3.71 16.20
CA PRO D 312 28.48 -4.13 15.99
C PRO D 312 28.91 -5.30 16.86
N ALA D 313 28.54 -5.28 18.14
CA ALA D 313 28.96 -6.31 19.10
C ALA D 313 28.44 -7.72 18.79
N PRO D 314 27.10 -7.90 18.70
CA PRO D 314 26.64 -9.24 18.31
C PRO D 314 26.89 -9.58 16.83
N ALA D 315 27.00 -8.56 15.99
CA ALA D 315 27.21 -8.77 14.55
C ALA D 315 28.61 -9.30 14.23
N THR D 316 29.60 -8.88 15.01
CA THR D 316 30.96 -9.37 14.87
C THR D 316 31.05 -10.81 15.37
N THR D 317 30.25 -11.12 16.40
CA THR D 317 30.25 -12.45 17.03
C THR D 317 29.83 -13.60 16.09
N PHE D 318 29.01 -13.29 15.08
CA PHE D 318 28.50 -14.29 14.15
C PHE D 318 29.60 -15.12 13.50
N ALA D 319 30.68 -14.46 13.08
CA ALA D 319 31.78 -15.11 12.37
C ALA D 319 32.63 -16.05 13.24
N HIS D 320 32.27 -16.17 14.51
CA HIS D 320 33.05 -16.96 15.48
C HIS D 320 32.41 -18.29 15.83
N LEU D 321 31.33 -18.63 15.14
CA LEU D 321 30.48 -19.75 15.55
C LEU D 321 30.41 -20.89 14.55
N ASP D 322 30.00 -22.05 15.04
CA ASP D 322 29.74 -23.22 14.21
C ASP D 322 28.25 -23.36 13.94
N ALA D 323 27.44 -23.10 14.97
CA ALA D 323 25.98 -23.09 14.83
C ALA D 323 25.37 -21.96 15.64
N THR D 324 24.54 -21.16 14.97
CA THR D 324 23.91 -19.99 15.59
C THR D 324 22.41 -20.19 15.77
N THR D 325 21.92 -19.88 16.95
CA THR D 325 20.49 -19.97 17.25
C THR D 325 19.97 -18.59 17.63
N VAL D 326 19.13 -18.03 16.77
CA VAL D 326 18.68 -16.64 16.89
C VAL D 326 17.25 -16.56 17.41
N LEU D 327 17.03 -15.65 18.35
CA LEU D 327 15.72 -15.48 18.97
C LEU D 327 15.10 -14.14 18.63
N SER D 328 13.78 -14.14 18.42
CA SER D 328 13.04 -12.92 18.10
C SER D 328 12.04 -12.55 19.19
N ARG D 329 11.87 -11.25 19.41
CA ARG D 329 10.85 -10.77 20.34
C ARG D 329 9.47 -10.93 19.71
N ALA D 330 9.40 -10.78 18.39
CA ALA D 330 8.15 -10.94 17.65
C ALA D 330 7.63 -12.38 17.69
N ILE D 331 8.55 -13.35 17.70
CA ILE D 331 8.17 -14.76 17.81
C ILE D 331 7.72 -15.08 19.23
N ALA D 332 8.47 -14.59 20.21
CA ALA D 332 8.12 -14.73 21.63
C ALA D 332 6.82 -14.00 21.97
N GLU D 333 6.54 -12.93 21.24
CA GLU D 333 5.34 -12.11 21.42
C GLU D 333 4.08 -12.95 21.19
N LEU D 334 4.15 -13.86 20.24
CA LEU D 334 3.01 -14.70 19.88
C LEU D 334 2.92 -15.95 20.77
N GLY D 335 3.67 -15.93 21.86
CA GLY D 335 3.68 -17.05 22.82
C GLY D 335 4.49 -18.24 22.37
N ILE D 336 5.11 -18.13 21.20
CA ILE D 336 5.93 -19.21 20.65
C ILE D 336 7.27 -19.25 21.41
N TYR D 337 7.36 -20.19 22.35
CA TYR D 337 8.59 -20.44 23.08
C TYR D 337 8.97 -21.92 22.90
N PRO D 338 10.23 -22.20 22.55
CA PRO D 338 11.32 -21.22 22.36
C PRO D 338 11.08 -20.31 21.16
N ALA D 339 11.57 -19.08 21.25
CA ALA D 339 11.37 -18.09 20.18
C ALA D 339 12.50 -18.13 19.15
N VAL D 340 12.91 -19.34 18.77
CA VAL D 340 13.95 -19.52 17.76
C VAL D 340 13.40 -19.18 16.36
N ASP D 341 14.16 -18.35 15.64
CA ASP D 341 13.81 -17.96 14.27
C ASP D 341 14.27 -19.03 13.30
N PRO D 342 13.30 -19.69 12.62
CA PRO D 342 13.58 -20.76 11.66
C PRO D 342 14.37 -20.30 10.42
N LEU D 343 14.32 -19.02 10.09
CA LEU D 343 15.00 -18.49 8.90
C LEU D 343 16.33 -17.82 9.23
N ASP D 344 16.67 -17.78 10.52
CA ASP D 344 17.84 -17.04 10.97
C ASP D 344 18.87 -17.94 11.67
N SER D 345 18.51 -19.20 11.86
CA SER D 345 19.40 -20.14 12.54
C SER D 345 20.17 -20.95 11.52
N THR D 346 21.49 -20.92 11.62
CA THR D 346 22.38 -21.60 10.67
C THR D 346 23.37 -22.52 11.36
N SER D 347 23.50 -23.74 10.84
CA SER D 347 24.44 -24.71 11.38
C SER D 347 25.50 -25.08 10.34
N ARG D 348 26.69 -25.44 10.84
CA ARG D 348 27.78 -25.92 10.00
C ARG D 348 27.51 -27.37 9.60
N ILE D 349 26.79 -28.09 10.46
CA ILE D 349 26.52 -29.52 10.24
C ILE D 349 25.21 -29.80 9.48
N MET D 350 24.55 -28.74 9.02
CA MET D 350 23.36 -28.90 8.18
C MET D 350 23.70 -29.38 6.77
N ASP D 351 24.54 -30.41 6.72
CA ASP D 351 24.98 -31.02 5.49
C ASP D 351 24.42 -32.44 5.49
N PRO D 352 23.74 -32.84 4.40
CA PRO D 352 23.18 -34.18 4.31
C PRO D 352 24.21 -35.29 4.44
N ASN D 353 25.48 -34.99 4.15
CA ASN D 353 26.57 -35.95 4.31
C ASN D 353 26.91 -36.24 5.77
N ILE D 354 26.30 -35.48 6.67
CA ILE D 354 26.48 -35.65 8.12
C ILE D 354 25.18 -36.11 8.77
N VAL D 355 24.11 -35.33 8.62
CA VAL D 355 22.85 -35.58 9.32
C VAL D 355 21.90 -36.54 8.60
N GLY D 356 22.20 -36.85 7.34
CA GLY D 356 21.33 -37.70 6.52
C GLY D 356 20.50 -36.86 5.57
N SER D 357 20.28 -37.38 4.37
CA SER D 357 19.54 -36.65 3.34
C SER D 357 18.05 -36.54 3.65
N GLU D 358 17.52 -37.45 4.47
CA GLU D 358 16.15 -37.33 4.94
C GLU D 358 16.03 -36.17 5.92
N HIS D 359 16.91 -36.13 6.92
CA HIS D 359 16.96 -35.04 7.88
C HIS D 359 17.06 -33.68 7.19
N TYR D 360 17.98 -33.58 6.22
CA TYR D 360 18.23 -32.34 5.50
C TYR D 360 17.01 -31.84 4.72
N ASP D 361 16.46 -32.72 3.89
CA ASP D 361 15.35 -32.37 2.99
C ASP D 361 14.08 -31.99 3.73
N VAL D 362 13.85 -32.62 4.88
CA VAL D 362 12.71 -32.32 5.75
C VAL D 362 12.85 -30.89 6.28
N ALA D 363 14.02 -30.59 6.83
CA ALA D 363 14.32 -29.29 7.42
C ALA D 363 14.25 -28.17 6.39
N ARG D 364 14.89 -28.38 5.24
CA ARG D 364 14.84 -27.43 4.14
C ARG D 364 13.38 -27.19 3.74
N GLY D 365 12.60 -28.26 3.70
CA GLY D 365 11.17 -28.19 3.39
C GLY D 365 10.35 -27.50 4.46
N VAL D 366 10.73 -27.72 5.72
CA VAL D 366 10.09 -27.05 6.86
C VAL D 366 10.22 -25.54 6.72
N GLN D 367 11.44 -25.08 6.44
CA GLN D 367 11.73 -23.65 6.30
C GLN D 367 11.04 -23.02 5.10
N LYS D 368 11.04 -23.72 3.98
CA LYS D 368 10.49 -23.21 2.73
C LYS D 368 9.03 -22.81 2.89
N ILE D 369 8.25 -23.67 3.55
CA ILE D 369 6.82 -23.42 3.73
C ILE D 369 6.53 -22.31 4.74
N LEU D 370 7.41 -22.14 5.72
CA LEU D 370 7.33 -21.03 6.65
C LEU D 370 7.80 -19.74 5.97
N GLN D 371 8.80 -19.88 5.11
CA GLN D 371 9.32 -18.76 4.31
C GLN D 371 8.25 -18.27 3.35
N ASP D 372 7.58 -19.22 2.69
CA ASP D 372 6.50 -18.91 1.74
C ASP D 372 5.33 -18.20 2.42
N TYR D 373 5.00 -18.64 3.63
CA TYR D 373 3.93 -18.04 4.43
C TYR D 373 4.24 -16.60 4.82
N LYS D 374 5.52 -16.35 5.15
CA LYS D 374 5.98 -15.01 5.51
C LYS D 374 5.78 -14.03 4.34
N SER D 375 5.97 -14.53 3.13
CA SER D 375 5.76 -13.73 1.92
C SER D 375 4.28 -13.45 1.65
N LEU D 376 3.43 -14.37 2.08
CA LEU D 376 1.98 -14.25 1.88
C LEU D 376 1.34 -13.36 2.94
N GLN D 377 1.93 -13.34 4.13
CA GLN D 377 1.35 -12.68 5.31
C GLN D 377 0.79 -11.29 5.04
N ASP D 378 1.56 -10.44 4.39
CA ASP D 378 1.17 -9.04 4.12
C ASP D 378 0.16 -8.90 2.99
N ILE D 379 0.12 -9.89 2.11
CA ILE D 379 -0.79 -9.90 0.97
C ILE D 379 -2.19 -10.28 1.42
N ILE D 380 -2.26 -11.29 2.28
CA ILE D 380 -3.53 -11.80 2.77
C ILE D 380 -4.14 -10.93 3.89
N ALA D 381 -3.28 -10.18 4.57
CA ALA D 381 -3.69 -9.31 5.67
C ALA D 381 -4.57 -8.14 5.22
N ILE D 382 -4.36 -7.70 3.98
CA ILE D 382 -5.17 -6.64 3.40
C ILE D 382 -6.19 -7.19 2.39
N LEU D 383 -5.75 -8.15 1.57
CA LEU D 383 -6.58 -8.67 0.47
C LEU D 383 -7.27 -10.01 0.77
N GLY D 384 -7.66 -10.22 2.03
CA GLY D 384 -8.42 -11.41 2.42
C GLY D 384 -7.72 -12.75 2.26
N MET D 385 -8.41 -13.84 2.61
CA MET D 385 -7.86 -15.20 2.53
C MET D 385 -8.37 -15.95 1.29
N ASP D 386 -9.59 -15.62 0.86
CA ASP D 386 -10.25 -16.30 -0.25
C ASP D 386 -9.51 -16.25 -1.58
N GLU D 387 -8.65 -15.23 -1.74
CA GLU D 387 -7.93 -15.03 -2.99
C GLU D 387 -6.76 -16.01 -3.18
N LEU D 388 -6.51 -16.85 -2.18
CA LEU D 388 -5.55 -17.94 -2.28
C LEU D 388 -6.25 -19.19 -2.80
N SER D 389 -5.61 -19.87 -3.75
CA SER D 389 -6.16 -21.09 -4.32
C SER D 389 -6.10 -22.24 -3.30
N GLU D 390 -6.69 -23.38 -3.66
CA GLU D 390 -6.79 -24.53 -2.78
C GLU D 390 -5.46 -25.21 -2.47
N GLU D 391 -4.41 -24.80 -3.19
CA GLU D 391 -3.05 -25.31 -2.96
C GLU D 391 -2.15 -24.24 -2.33
N ASP D 392 -2.65 -23.01 -2.25
CA ASP D 392 -1.94 -21.90 -1.61
C ASP D 392 -2.31 -21.78 -0.14
N LYS D 393 -3.61 -21.63 0.15
CA LYS D 393 -4.10 -21.52 1.53
C LYS D 393 -3.99 -22.82 2.30
N LEU D 394 -3.70 -23.91 1.60
CA LEU D 394 -3.39 -25.18 2.22
C LEU D 394 -2.01 -25.10 2.87
N THR D 395 -1.10 -24.33 2.26
CA THR D 395 0.23 -24.12 2.84
C THR D 395 0.17 -23.18 4.04
N VAL D 396 -0.73 -22.20 3.98
CA VAL D 396 -0.93 -21.25 5.08
C VAL D 396 -1.32 -21.96 6.38
N SER D 397 -2.32 -22.84 6.31
CA SER D 397 -2.78 -23.59 7.47
C SER D 397 -1.73 -24.60 7.95
N ARG D 398 -0.91 -25.08 7.02
CA ARG D 398 0.20 -25.98 7.34
C ARG D 398 1.34 -25.25 8.05
N ALA D 399 1.72 -24.10 7.51
CA ALA D 399 2.82 -23.30 8.05
C ALA D 399 2.55 -22.87 9.48
N ARG D 400 1.30 -22.54 9.79
CA ARG D 400 0.90 -22.12 11.13
C ARG D 400 0.91 -23.29 12.11
N LYS D 401 0.75 -24.50 11.57
CA LYS D 401 0.81 -25.73 12.36
C LYS D 401 2.26 -26.20 12.53
N ILE D 402 3.07 -25.92 11.53
CA ILE D 402 4.52 -26.17 11.58
C ILE D 402 5.17 -25.14 12.53
N GLN D 403 4.70 -23.90 12.45
CA GLN D 403 5.13 -22.81 13.34
C GLN D 403 4.85 -23.15 14.81
N ARG D 404 3.66 -23.71 15.07
CA ARG D 404 3.21 -24.01 16.43
C ARG D 404 3.73 -25.33 16.97
N PHE D 405 4.03 -26.29 16.09
CA PHE D 405 4.66 -27.54 16.53
C PHE D 405 6.15 -27.32 16.86
N LEU D 406 6.72 -26.22 16.37
CA LEU D 406 8.07 -25.82 16.74
C LEU D 406 8.15 -25.35 18.19
N SER D 407 7.04 -24.85 18.71
CA SER D 407 6.94 -24.52 20.14
C SER D 407 7.07 -25.78 20.98
N GLN D 408 7.79 -25.67 22.09
CA GLN D 408 8.07 -26.82 22.95
C GLN D 408 8.07 -26.44 24.43
N PRO D 409 7.23 -27.12 25.24
CA PRO D 409 7.27 -26.96 26.70
C PRO D 409 8.56 -27.52 27.30
N PHE D 410 9.43 -26.60 27.71
CA PHE D 410 10.73 -26.94 28.31
C PHE D 410 10.56 -27.46 29.73
N GLN D 411 11.51 -28.27 30.18
CA GLN D 411 11.48 -28.82 31.53
C GLN D 411 11.92 -27.78 32.57
N VAL D 412 12.61 -26.75 32.11
CA VAL D 412 13.06 -25.65 32.97
C VAL D 412 11.96 -24.60 33.12
N ALA D 413 11.16 -24.42 32.07
CA ALA D 413 10.12 -23.39 32.03
C ALA D 413 8.79 -23.82 32.64
N GLU D 414 8.83 -24.86 33.49
CA GLU D 414 7.65 -25.35 34.19
C GLU D 414 6.91 -24.23 34.92
N VAL D 415 7.68 -23.32 35.53
CA VAL D 415 7.13 -22.19 36.27
C VAL D 415 6.43 -21.15 35.38
N PHE D 416 6.78 -21.13 34.09
CA PHE D 416 6.19 -20.17 33.14
C PHE D 416 5.09 -20.80 32.28
N THR D 417 5.42 -21.91 31.63
CA THR D 417 4.52 -22.59 30.70
C THR D 417 3.24 -23.08 31.38
N GLY D 418 3.40 -23.74 32.54
CA GLY D 418 2.30 -24.38 33.23
C GLY D 418 2.09 -25.81 32.79
N HIS D 419 3.07 -26.33 32.05
CA HIS D 419 3.03 -27.70 31.52
C HIS D 419 4.22 -28.50 32.02
N LEU D 420 4.10 -29.82 32.00
CA LEU D 420 5.23 -30.71 32.26
C LEU D 420 6.22 -30.60 31.09
N GLY D 421 7.50 -30.48 31.42
CA GLY D 421 8.55 -30.36 30.41
C GLY D 421 8.71 -31.58 29.54
N LYS D 422 9.03 -31.37 28.26
CA LYS D 422 9.12 -32.46 27.29
C LYS D 422 10.50 -32.57 26.64
N LEU D 423 10.91 -33.80 26.38
CA LEU D 423 12.17 -34.10 25.69
C LEU D 423 11.89 -35.05 24.52
N VAL D 424 12.09 -34.56 23.30
CA VAL D 424 11.73 -35.30 22.09
C VAL D 424 12.99 -35.85 21.41
N PRO D 425 13.01 -37.18 21.13
CA PRO D 425 14.15 -37.81 20.46
C PRO D 425 14.30 -37.34 19.01
N LEU D 426 15.49 -37.51 18.44
CA LEU D 426 15.81 -37.01 17.10
C LEU D 426 14.84 -37.49 16.01
N LYS D 427 14.61 -38.79 15.96
CA LYS D 427 13.78 -39.40 14.91
C LYS D 427 12.27 -39.11 15.10
N GLU D 428 11.88 -38.83 16.34
CA GLU D 428 10.51 -38.43 16.66
C GLU D 428 10.20 -37.01 16.16
N THR D 429 11.25 -36.20 16.02
CA THR D 429 11.13 -34.82 15.56
C THR D 429 11.02 -34.75 14.04
N ILE D 430 11.81 -35.55 13.35
CA ILE D 430 11.85 -35.57 11.89
C ILE D 430 10.57 -36.18 11.34
N LYS D 431 10.10 -37.26 11.96
CA LYS D 431 8.81 -37.86 11.62
C LYS D 431 7.68 -36.87 11.84
N GLY D 432 7.78 -36.10 12.93
CA GLY D 432 6.81 -35.07 13.26
C GLY D 432 6.49 -34.15 12.10
N PHE D 433 7.47 -33.35 11.71
CA PHE D 433 7.27 -32.34 10.66
C PHE D 433 7.07 -32.93 9.27
N GLN D 434 7.63 -34.11 9.04
CA GLN D 434 7.50 -34.81 7.77
C GLN D 434 6.04 -35.07 7.40
N GLN D 435 5.27 -35.50 8.40
CA GLN D 435 3.85 -35.84 8.24
C GLN D 435 2.99 -34.61 8.00
N ILE D 436 3.25 -33.55 8.76
CA ILE D 436 2.52 -32.28 8.65
C ILE D 436 2.75 -31.64 7.27
N LEU D 437 3.99 -31.72 6.80
CA LEU D 437 4.37 -31.25 5.47
C LEU D 437 3.67 -32.08 4.39
N ALA D 438 3.64 -33.40 4.61
CA ALA D 438 2.91 -34.32 3.75
C ALA D 438 1.41 -33.98 3.73
N GLY D 439 0.95 -33.34 4.80
CA GLY D 439 -0.42 -32.90 4.92
C GLY D 439 -1.32 -33.93 5.59
N GLU D 440 -0.69 -34.88 6.28
CA GLU D 440 -1.41 -35.96 6.94
C GLU D 440 -2.19 -35.51 8.18
N TYR D 441 -1.96 -34.26 8.59
CA TYR D 441 -2.64 -33.71 9.76
C TYR D 441 -3.45 -32.47 9.44
N ASP D 442 -3.79 -32.30 8.16
CA ASP D 442 -4.53 -31.13 7.70
C ASP D 442 -5.91 -30.98 8.33
N HIS D 443 -6.45 -32.09 8.83
CA HIS D 443 -7.77 -32.10 9.46
C HIS D 443 -7.76 -31.49 10.86
N LEU D 444 -6.66 -31.70 11.59
CA LEU D 444 -6.51 -31.20 12.95
C LEU D 444 -6.28 -29.67 12.97
N PRO D 445 -6.90 -28.97 13.94
CA PRO D 445 -6.68 -27.52 14.12
C PRO D 445 -5.24 -27.20 14.57
N GLU D 446 -4.86 -25.92 14.45
CA GLU D 446 -3.53 -25.45 14.81
C GLU D 446 -3.23 -25.66 16.30
N GLN D 447 -4.22 -25.34 17.12
CA GLN D 447 -4.08 -25.35 18.59
C GLN D 447 -3.71 -26.71 19.17
N ALA D 448 -3.92 -27.76 18.38
CA ALA D 448 -3.52 -29.11 18.75
C ALA D 448 -2.01 -29.22 18.78
N PHE D 449 -1.34 -28.45 17.91
CA PHE D 449 0.11 -28.48 17.76
C PHE D 449 0.84 -27.56 18.71
N TYR D 450 0.15 -26.53 19.19
CA TYR D 450 0.76 -25.54 20.08
C TYR D 450 1.18 -26.14 21.41
N MET D 451 2.47 -26.08 21.69
CA MET D 451 3.07 -26.52 22.95
C MET D 451 2.78 -27.98 23.30
N VAL D 452 3.48 -28.88 22.60
CA VAL D 452 3.43 -30.32 22.85
C VAL D 452 4.83 -30.90 22.73
N GLY D 453 4.97 -32.18 23.10
CA GLY D 453 6.24 -32.89 22.97
C GLY D 453 6.34 -33.55 21.61
N PRO D 454 6.31 -34.90 21.58
CA PRO D 454 6.21 -35.67 20.33
C PRO D 454 4.86 -35.46 19.60
N ILE D 455 4.76 -35.97 18.38
CA ILE D 455 3.62 -35.70 17.49
C ILE D 455 2.32 -36.39 17.92
N GLU D 456 2.44 -37.54 18.58
CA GLU D 456 1.28 -38.28 19.10
C GLU D 456 0.46 -37.40 20.05
N GLU D 457 1.16 -36.51 20.75
CA GLU D 457 0.56 -35.58 21.70
C GLU D 457 -0.24 -34.49 21.01
N ALA D 458 0.18 -34.12 19.80
CA ALA D 458 -0.54 -33.14 19.00
C ALA D 458 -1.89 -33.70 18.56
N VAL D 459 -1.97 -35.02 18.40
CA VAL D 459 -3.22 -35.71 18.11
C VAL D 459 -4.03 -35.80 19.40
N ALA D 460 -3.33 -36.12 20.49
CA ALA D 460 -3.94 -36.23 21.81
C ALA D 460 -4.61 -34.93 22.22
N LYS D 461 -3.92 -33.81 21.99
CA LYS D 461 -4.43 -32.49 22.36
C LYS D 461 -5.63 -32.07 21.52
N ALA D 462 -5.67 -32.54 20.27
CA ALA D 462 -6.82 -32.30 19.40
C ALA D 462 -8.06 -33.00 19.96
N ASP D 463 -7.89 -34.26 20.37
CA ASP D 463 -8.98 -35.06 20.91
C ASP D 463 -9.55 -34.46 22.19
N LYS D 464 -8.67 -33.95 23.05
CA LYS D 464 -9.10 -33.29 24.28
C LYS D 464 -9.75 -31.94 23.95
N LEU D 465 -9.15 -31.22 23.00
CA LEU D 465 -9.69 -29.92 22.55
C LEU D 465 -11.02 -30.07 21.80
N ALA D 466 -11.33 -31.29 21.37
CA ALA D 466 -12.64 -31.59 20.81
C ALA D 466 -13.69 -31.48 21.92
N GLU D 467 -13.86 -32.56 22.68
CA GLU D 467 -14.79 -32.55 23.81
C GLU D 467 -14.21 -33.28 25.01
N THR E 1 61.76 28.20 -3.11
CA THR E 1 62.65 27.91 -1.93
C THR E 1 62.62 26.42 -1.55
N THR E 2 62.96 26.13 -0.29
CA THR E 2 63.04 24.74 0.20
C THR E 2 62.36 24.58 1.56
N GLY E 3 61.72 23.43 1.75
CA GLY E 3 61.13 23.06 3.04
C GLY E 3 61.41 21.61 3.39
N ARG E 4 61.28 21.27 4.68
CA ARG E 4 61.51 19.90 5.15
C ARG E 4 60.22 19.22 5.60
N ILE E 5 60.17 17.90 5.45
CA ILE E 5 59.07 17.08 5.96
C ILE E 5 59.11 17.02 7.48
N VAL E 6 58.10 17.59 8.13
CA VAL E 6 57.97 17.46 9.59
C VAL E 6 57.05 16.32 10.00
N ALA E 7 56.08 15.98 9.16
CA ALA E 7 55.11 14.93 9.47
C ALA E 7 54.54 14.20 8.25
N VAL E 8 54.47 12.87 8.35
CA VAL E 8 53.81 12.05 7.35
C VAL E 8 52.74 11.21 8.05
N ILE E 9 51.48 11.52 7.75
CA ILE E 9 50.34 10.77 8.27
C ILE E 9 49.41 10.38 7.12
N GLY E 10 49.43 9.10 6.75
CA GLY E 10 48.63 8.60 5.64
C GLY E 10 48.90 9.35 4.35
N ALA E 11 47.90 10.03 3.83
CA ALA E 11 48.06 10.84 2.61
C ALA E 11 48.17 12.35 2.89
N VAL E 12 48.42 12.71 4.14
CA VAL E 12 48.58 14.10 4.57
C VAL E 12 49.99 14.32 5.09
N VAL E 13 50.71 15.25 4.45
CA VAL E 13 52.11 15.52 4.78
C VAL E 13 52.28 16.97 5.23
N ASP E 14 53.10 17.18 6.26
CA ASP E 14 53.40 18.53 6.77
C ASP E 14 54.84 18.93 6.43
N VAL E 15 55.02 20.16 5.98
CA VAL E 15 56.34 20.65 5.52
C VAL E 15 56.70 22.01 6.13
N GLN E 16 57.88 22.09 6.73
CA GLN E 16 58.34 23.31 7.38
C GLN E 16 59.39 24.06 6.56
N PHE E 17 58.99 25.24 6.08
CA PHE E 17 59.89 26.16 5.39
C PHE E 17 60.51 27.09 6.43
N ASP E 18 61.76 27.50 6.20
CA ASP E 18 62.43 28.41 7.12
C ASP E 18 61.99 29.85 6.90
N GLU E 19 62.12 30.33 5.66
CA GLU E 19 61.84 31.73 5.33
C GLU E 19 60.37 31.95 4.89
N GLY E 20 60.16 32.19 3.60
CA GLY E 20 58.83 32.44 3.05
C GLY E 20 58.05 31.18 2.79
N LEU E 21 56.74 31.24 3.01
CA LEU E 21 55.87 30.08 2.86
C LEU E 21 55.09 30.09 1.55
N PRO E 22 54.86 28.90 0.96
CA PRO E 22 54.03 28.76 -0.22
C PRO E 22 52.57 29.05 0.10
N PRO E 23 51.90 29.91 -0.70
CA PRO E 23 50.49 30.18 -0.46
C PRO E 23 49.67 28.91 -0.61
N ILE E 24 48.48 28.90 -0.02
CA ILE E 24 47.60 27.73 -0.10
C ILE E 24 47.30 27.40 -1.56
N LEU E 25 47.48 26.12 -1.91
CA LEU E 25 47.21 25.56 -3.25
C LEU E 25 48.46 25.45 -4.16
N ASN E 26 49.60 25.92 -3.66
CA ASN E 26 50.87 25.78 -4.40
C ASN E 26 51.39 24.35 -4.37
N ALA E 27 51.74 23.84 -5.54
CA ALA E 27 52.28 22.49 -5.68
C ALA E 27 53.67 22.37 -5.07
N LEU E 28 53.96 21.24 -4.44
CA LEU E 28 55.28 20.97 -3.86
C LEU E 28 55.95 19.74 -4.46
N GLU E 29 57.20 19.92 -4.89
CA GLU E 29 58.02 18.84 -5.45
C GLU E 29 58.88 18.20 -4.36
N VAL E 30 58.62 16.93 -4.08
CA VAL E 30 59.41 16.18 -3.11
C VAL E 30 60.62 15.60 -3.83
N GLN E 31 61.81 15.99 -3.37
CA GLN E 31 63.05 15.65 -4.06
C GLN E 31 63.58 14.26 -3.70
N GLY E 32 64.34 13.68 -4.63
CA GLY E 32 65.05 12.43 -4.39
C GLY E 32 64.21 11.17 -4.52
N ARG E 33 62.96 11.32 -4.99
CA ARG E 33 62.07 10.19 -5.16
C ARG E 33 62.24 9.48 -6.52
N GLU E 34 61.67 8.28 -6.64
CA GLU E 34 61.72 7.50 -7.87
C GLU E 34 60.97 8.18 -9.03
N THR E 35 59.69 8.48 -8.80
CA THR E 35 58.86 9.22 -9.76
C THR E 35 58.61 10.64 -9.26
N ARG E 36 57.56 11.29 -9.77
CA ARG E 36 57.19 12.62 -9.30
C ARG E 36 56.12 12.53 -8.20
N LEU E 37 56.31 13.33 -7.15
CA LEU E 37 55.35 13.43 -6.06
C LEU E 37 54.95 14.89 -5.87
N VAL E 38 53.65 15.15 -5.90
CA VAL E 38 53.14 16.50 -5.71
C VAL E 38 52.35 16.60 -4.41
N LEU E 39 52.65 17.64 -3.64
CA LEU E 39 51.93 17.93 -2.41
C LEU E 39 51.24 19.26 -2.56
N GLU E 40 49.93 19.27 -2.36
CA GLU E 40 49.15 20.50 -2.49
C GLU E 40 48.94 21.14 -1.13
N VAL E 41 49.39 22.37 -0.97
CA VAL E 41 49.22 23.13 0.26
C VAL E 41 47.74 23.33 0.53
N ALA E 42 47.31 22.94 1.73
CA ALA E 42 45.91 23.06 2.13
C ALA E 42 45.73 24.07 3.25
N GLN E 43 46.68 24.11 4.18
CA GLN E 43 46.60 24.98 5.35
C GLN E 43 47.96 25.57 5.71
N HIS E 44 47.94 26.62 6.52
CA HIS E 44 49.14 27.13 7.19
C HIS E 44 48.93 26.94 8.69
N LEU E 45 49.66 26.00 9.27
CA LEU E 45 49.44 25.57 10.65
C LEU E 45 50.06 26.53 11.67
N GLY E 46 50.77 27.53 11.19
CA GLY E 46 51.55 28.40 12.04
C GLY E 46 52.97 27.87 12.16
N GLU E 47 53.81 28.60 12.87
CA GLU E 47 55.21 28.23 13.08
C GLU E 47 55.91 27.80 11.78
N SER E 48 55.64 28.54 10.71
CA SER E 48 56.23 28.30 9.38
C SER E 48 56.02 26.88 8.83
N THR E 49 54.88 26.29 9.16
CA THR E 49 54.50 24.95 8.68
C THR E 49 53.31 25.04 7.72
N VAL E 50 53.31 24.16 6.72
CA VAL E 50 52.15 24.00 5.84
C VAL E 50 51.66 22.56 5.88
N ARG E 51 50.35 22.40 5.71
CA ARG E 51 49.71 21.09 5.64
C ARG E 51 49.34 20.78 4.20
N THR E 52 49.94 19.72 3.66
CA THR E 52 49.78 19.38 2.24
C THR E 52 49.09 18.04 2.03
N ILE E 53 48.34 17.95 0.93
CA ILE E 53 47.67 16.71 0.54
C ILE E 53 48.32 16.12 -0.71
N ALA E 54 48.84 14.91 -0.58
CA ALA E 54 49.58 14.24 -1.65
C ALA E 54 48.68 13.76 -2.78
N MET E 55 49.26 13.65 -3.98
CA MET E 55 48.54 13.15 -5.14
C MET E 55 49.02 11.75 -5.50
N ASP E 56 49.99 11.26 -4.73
CA ASP E 56 50.53 9.92 -4.92
C ASP E 56 51.00 9.33 -3.60
N GLY E 57 51.31 8.03 -3.62
CA GLY E 57 51.72 7.27 -2.43
C GLY E 57 52.82 7.91 -1.60
N THR E 58 52.57 8.01 -0.30
CA THR E 58 53.47 8.67 0.65
C THR E 58 54.32 7.66 1.43
N GLU E 59 54.65 6.53 0.82
CA GLU E 59 55.56 5.56 1.44
C GLU E 59 57.01 5.89 1.11
N GLY E 60 57.90 5.53 2.04
CA GLY E 60 59.34 5.74 1.85
C GLY E 60 59.81 7.15 2.17
N LEU E 61 58.94 7.95 2.78
CA LEU E 61 59.25 9.34 3.12
C LEU E 61 60.01 9.47 4.43
N VAL E 62 61.09 10.27 4.39
CA VAL E 62 61.94 10.50 5.55
C VAL E 62 61.65 11.90 6.11
N ARG E 63 61.51 12.00 7.44
CA ARG E 63 61.35 13.30 8.09
C ARG E 63 62.59 14.15 7.88
N GLY E 64 62.43 15.27 7.19
CA GLY E 64 63.54 16.18 6.93
C GLY E 64 63.90 16.28 5.46
N GLN E 65 63.33 15.39 4.64
CA GLN E 65 63.55 15.37 3.19
C GLN E 65 63.21 16.72 2.58
N LYS E 66 64.05 17.18 1.66
CA LYS E 66 63.89 18.52 1.08
C LYS E 66 62.77 18.56 0.07
N VAL E 67 61.85 19.50 0.29
CA VAL E 67 60.66 19.68 -0.56
C VAL E 67 60.72 21.06 -1.23
N LEU E 68 60.46 21.10 -2.53
CA LEU E 68 60.55 22.33 -3.31
C LEU E 68 59.20 22.96 -3.63
N ASP E 69 59.03 24.23 -3.26
CA ASP E 69 57.87 25.00 -3.69
C ASP E 69 58.03 25.36 -5.16
N SER E 70 56.98 25.12 -5.95
CA SER E 70 57.01 25.46 -7.38
C SER E 70 56.58 26.90 -7.63
N GLY E 71 56.29 27.64 -6.55
CA GLY E 71 55.93 29.05 -6.62
C GLY E 71 54.56 29.32 -7.23
N ALA E 72 53.91 28.26 -7.69
CA ALA E 72 52.60 28.32 -8.33
C ALA E 72 51.80 27.04 -8.01
N PRO E 73 50.47 27.08 -8.19
CA PRO E 73 49.65 25.87 -8.10
C PRO E 73 50.08 24.75 -9.06
N ILE E 74 49.30 23.67 -9.10
CA ILE E 74 49.60 22.53 -9.98
C ILE E 74 49.44 22.92 -11.45
N ARG E 75 50.56 23.10 -12.13
CA ARG E 75 50.56 23.54 -13.53
C ARG E 75 50.59 22.37 -14.51
N ILE E 76 49.73 22.46 -15.53
CA ILE E 76 49.55 21.37 -16.49
C ILE E 76 49.67 21.88 -17.94
N PRO E 77 50.19 21.03 -18.84
CA PRO E 77 50.19 21.34 -20.26
C PRO E 77 48.81 21.72 -20.79
N VAL E 78 48.73 22.84 -21.51
CA VAL E 78 47.53 23.23 -22.24
C VAL E 78 47.92 23.64 -23.65
N GLY E 79 47.05 23.38 -24.60
CA GLY E 79 47.35 23.64 -26.01
C GLY E 79 46.98 22.45 -26.88
N PRO E 80 46.74 22.69 -28.17
CA PRO E 80 46.25 21.70 -29.14
C PRO E 80 46.91 20.32 -29.07
N GLU E 81 48.19 20.26 -28.66
CA GLU E 81 48.90 18.97 -28.60
C GLU E 81 48.66 18.17 -27.30
N THR E 82 47.57 18.50 -26.60
CA THR E 82 47.10 17.71 -25.46
C THR E 82 45.94 16.81 -25.88
N LEU E 83 45.54 16.94 -27.15
CA LEU E 83 44.47 16.13 -27.73
C LEU E 83 44.98 14.77 -28.18
N GLY E 84 44.24 13.72 -27.83
CA GLY E 84 44.66 12.35 -28.10
C GLY E 84 45.71 11.88 -27.13
N ARG E 85 45.82 12.59 -26.01
CA ARG E 85 46.79 12.26 -24.97
C ARG E 85 46.08 11.96 -23.65
N ILE E 86 46.56 10.93 -22.97
CA ILE E 86 46.09 10.61 -21.63
C ILE E 86 46.97 11.34 -20.62
N MET E 87 46.35 12.25 -19.87
CA MET E 87 47.00 13.09 -18.88
C MET E 87 46.64 12.58 -17.48
N ASN E 88 47.47 12.89 -16.49
CA ASN E 88 47.07 12.69 -15.09
C ASN E 88 46.97 14.03 -14.36
N VAL E 89 46.58 13.99 -13.09
CA VAL E 89 46.26 15.20 -12.32
C VAL E 89 47.38 16.28 -12.30
N ILE E 90 48.63 15.87 -12.51
CA ILE E 90 49.76 16.81 -12.45
C ILE E 90 50.36 17.14 -13.83
N GLY E 91 49.66 16.76 -14.89
CA GLY E 91 50.06 17.09 -16.27
C GLY E 91 50.81 15.98 -16.98
N GLU E 92 51.46 15.12 -16.20
CA GLU E 92 52.28 14.04 -16.74
C GLU E 92 51.53 13.19 -17.76
N PRO E 93 52.19 12.92 -18.92
CA PRO E 93 51.61 12.02 -19.90
C PRO E 93 51.68 10.57 -19.43
N ILE E 94 50.52 9.93 -19.31
CA ILE E 94 50.46 8.54 -18.84
C ILE E 94 50.06 7.54 -19.95
N ASP E 95 50.39 7.90 -21.20
CA ASP E 95 50.19 7.01 -22.34
C ASP E 95 51.52 6.50 -22.93
N GLU E 96 52.60 6.77 -22.20
CA GLU E 96 53.96 6.35 -22.58
C GLU E 96 54.36 6.78 -24.00
N ARG E 97 53.75 7.87 -24.49
CA ARG E 97 53.94 8.34 -25.87
C ARG E 97 54.80 9.61 -25.99
N GLY E 98 55.77 9.79 -25.10
CA GLY E 98 56.66 10.96 -25.14
C GLY E 98 56.02 12.22 -24.57
N PRO E 99 56.83 13.08 -23.93
CA PRO E 99 56.35 14.26 -23.18
C PRO E 99 55.57 15.26 -24.02
N ILE E 100 54.48 15.77 -23.46
CA ILE E 100 53.60 16.73 -24.15
C ILE E 100 54.28 18.09 -24.29
N LYS E 101 54.69 18.39 -25.52
CA LYS E 101 55.40 19.62 -25.84
C LYS E 101 54.44 20.77 -26.15
N THR E 102 53.83 21.33 -25.10
CA THR E 102 52.98 22.51 -25.25
C THR E 102 53.76 23.77 -24.89
N LYS E 103 53.42 24.86 -25.56
CA LYS E 103 54.06 26.14 -25.31
C LYS E 103 53.67 26.70 -23.94
N GLN E 104 52.39 26.58 -23.61
CA GLN E 104 51.85 27.13 -22.36
C GLN E 104 51.60 26.03 -21.32
N PHE E 105 51.82 26.38 -20.06
CA PHE E 105 51.42 25.57 -18.92
C PHE E 105 50.47 26.44 -18.09
N ALA E 106 49.33 25.87 -17.69
CA ALA E 106 48.36 26.61 -16.86
C ALA E 106 48.03 25.87 -15.56
N ALA E 107 47.86 26.65 -14.49
CA ALA E 107 47.52 26.10 -13.19
C ALA E 107 46.07 25.62 -13.16
N ILE E 108 45.84 24.48 -12.52
CA ILE E 108 44.52 23.85 -12.48
C ILE E 108 43.48 24.64 -11.68
N HIS E 109 43.96 25.49 -10.78
CA HIS E 109 43.08 26.40 -10.05
C HIS E 109 43.01 27.74 -10.77
N ALA E 110 41.84 28.39 -10.69
CA ALA E 110 41.61 29.73 -11.23
C ALA E 110 40.19 30.17 -10.90
N GLU E 111 40.02 31.46 -10.62
CA GLU E 111 38.71 32.01 -10.28
C GLU E 111 37.69 31.84 -11.40
N ALA E 112 36.42 31.72 -11.03
CA ALA E 112 35.32 31.67 -12.00
C ALA E 112 35.23 32.98 -12.78
N PRO E 113 34.70 32.94 -14.01
CA PRO E 113 34.51 34.13 -14.83
C PRO E 113 33.78 35.26 -14.08
N GLU E 114 34.30 36.47 -14.20
CA GLU E 114 33.74 37.66 -13.56
C GLU E 114 32.30 37.89 -14.01
N PHE E 115 31.57 38.75 -13.27
CA PHE E 115 30.20 39.07 -13.64
C PHE E 115 30.11 39.77 -14.99
N VAL E 116 31.13 40.55 -15.32
CA VAL E 116 31.20 41.27 -16.60
C VAL E 116 31.48 40.36 -17.79
N GLU E 117 32.20 39.27 -17.57
CA GLU E 117 32.56 38.35 -18.65
C GLU E 117 31.49 37.28 -18.93
N MET E 118 30.40 37.33 -18.18
CA MET E 118 29.30 36.38 -18.34
C MET E 118 28.54 36.58 -19.66
N SER E 119 27.90 35.51 -20.13
CA SER E 119 27.03 35.60 -21.29
C SER E 119 25.58 35.76 -20.85
N VAL E 120 25.01 36.90 -21.22
CA VAL E 120 23.61 37.20 -20.93
C VAL E 120 22.65 36.48 -21.89
N GLU E 121 23.22 35.79 -22.88
CA GLU E 121 22.46 35.05 -23.88
C GLU E 121 22.33 33.58 -23.49
N GLN E 122 21.12 33.04 -23.61
CA GLN E 122 20.90 31.61 -23.44
C GLN E 122 20.69 30.94 -24.79
N GLU E 123 21.67 30.15 -25.21
CA GLU E 123 21.63 29.50 -26.53
C GLU E 123 21.64 27.98 -26.43
N ILE E 124 21.29 27.32 -27.53
CA ILE E 124 21.24 25.86 -27.58
C ILE E 124 22.43 25.28 -28.35
N LEU E 125 23.13 24.34 -27.72
CA LEU E 125 24.19 23.59 -28.37
C LEU E 125 23.57 22.41 -29.13
N VAL E 126 23.47 22.56 -30.45
CA VAL E 126 22.87 21.54 -31.31
C VAL E 126 23.80 20.33 -31.42
N THR E 127 23.30 19.19 -30.95
CA THR E 127 24.11 17.98 -30.82
C THR E 127 24.10 17.12 -32.07
N GLY E 128 23.09 17.32 -32.92
CA GLY E 128 22.89 16.49 -34.10
C GLY E 128 22.04 15.26 -33.81
N ILE E 129 22.06 14.81 -32.55
CA ILE E 129 21.19 13.73 -32.12
C ILE E 129 19.79 14.28 -31.88
N LYS E 130 18.79 13.58 -32.43
CA LYS E 130 17.41 14.05 -32.44
C LYS E 130 16.76 14.10 -31.05
N VAL E 131 16.83 12.99 -30.31
CA VAL E 131 16.21 12.87 -28.99
C VAL E 131 16.64 14.01 -28.07
N VAL E 132 17.94 14.29 -28.11
CA VAL E 132 18.54 15.33 -27.30
C VAL E 132 17.99 16.70 -27.70
N ASP E 133 18.27 17.11 -28.93
CA ASP E 133 17.98 18.47 -29.39
C ASP E 133 16.50 18.85 -29.35
N LEU E 134 15.60 17.88 -29.54
CA LEU E 134 14.18 18.17 -29.51
C LEU E 134 13.58 18.21 -28.10
N LEU E 135 13.77 17.13 -27.35
CA LEU E 135 13.11 16.95 -26.06
C LEU E 135 13.91 17.44 -24.85
N ALA E 136 15.20 17.10 -24.81
CA ALA E 136 16.08 17.51 -23.71
C ALA E 136 17.29 18.30 -24.20
N PRO E 137 17.07 19.55 -24.66
CA PRO E 137 18.16 20.31 -25.27
C PRO E 137 19.26 20.70 -24.29
N TYR E 138 20.51 20.57 -24.74
CA TYR E 138 21.69 20.99 -23.99
C TYR E 138 21.85 22.50 -24.06
N ALA E 139 22.12 23.13 -22.93
CA ALA E 139 22.38 24.57 -22.90
C ALA E 139 23.86 24.84 -23.17
N LYS E 140 24.14 25.69 -24.15
CA LYS E 140 25.52 26.04 -24.52
C LYS E 140 26.19 26.77 -23.36
N GLY E 141 27.19 26.11 -22.76
CA GLY E 141 27.82 26.62 -21.56
C GLY E 141 27.03 26.26 -20.32
N GLY E 142 26.25 25.19 -20.42
CA GLY E 142 25.46 24.68 -19.32
C GLY E 142 26.01 23.37 -18.79
N LYS E 143 25.22 22.68 -17.99
CA LYS E 143 25.66 21.44 -17.37
C LYS E 143 24.57 20.38 -17.44
N ILE E 144 24.94 19.20 -17.94
CA ILE E 144 23.99 18.12 -18.19
C ILE E 144 24.30 16.88 -17.35
N GLY E 145 23.26 16.36 -16.69
CA GLY E 145 23.40 15.16 -15.87
C GLY E 145 23.08 13.89 -16.65
N LEU E 146 24.08 13.03 -16.78
CA LEU E 146 23.92 11.77 -17.52
C LEU E 146 23.65 10.62 -16.55
N PHE E 147 22.42 10.13 -16.57
CA PHE E 147 22.03 9.00 -15.70
C PHE E 147 22.22 7.66 -16.38
N GLY E 148 22.66 6.68 -15.61
CA GLY E 148 22.85 5.32 -16.13
C GLY E 148 24.24 5.13 -16.70
N GLY E 149 24.87 4.03 -16.31
CA GLY E 149 26.23 3.70 -16.76
C GLY E 149 26.26 2.95 -18.08
N ALA E 150 27.28 2.10 -18.23
CA ALA E 150 27.44 1.27 -19.43
C ALA E 150 26.44 0.12 -19.47
N GLY E 151 26.37 -0.56 -20.60
CA GLY E 151 25.39 -1.61 -20.85
C GLY E 151 24.28 -1.11 -21.75
N VAL E 152 24.38 0.16 -22.12
CA VAL E 152 23.43 0.82 -23.01
C VAL E 152 24.19 1.69 -24.02
N GLY E 153 25.52 1.57 -23.99
CA GLY E 153 26.40 2.33 -24.87
C GLY E 153 26.56 3.77 -24.44
N LYS E 154 26.96 3.95 -23.18
CA LYS E 154 27.28 5.28 -22.65
C LYS E 154 28.48 5.84 -23.40
N THR E 155 29.54 5.03 -23.49
CA THR E 155 30.79 5.39 -24.16
C THR E 155 30.56 5.93 -25.57
N VAL E 156 29.66 5.29 -26.32
CA VAL E 156 29.32 5.69 -27.69
C VAL E 156 28.74 7.10 -27.70
N LEU E 157 27.63 7.28 -26.98
CA LEU E 157 26.93 8.57 -26.91
C LEU E 157 27.90 9.73 -26.67
N ILE E 158 28.86 9.49 -25.77
CA ILE E 158 29.92 10.45 -25.47
C ILE E 158 30.74 10.74 -26.73
N MET E 159 31.24 9.69 -27.37
CA MET E 159 32.09 9.81 -28.55
C MET E 159 31.38 10.51 -29.72
N GLU E 160 30.12 10.17 -29.93
CA GLU E 160 29.32 10.82 -30.98
C GLU E 160 29.15 12.30 -30.67
N LEU E 161 28.96 12.63 -29.40
CA LEU E 161 28.88 14.02 -28.96
C LEU E 161 30.18 14.77 -29.24
N ILE E 162 31.31 14.10 -29.04
CA ILE E 162 32.63 14.67 -29.33
C ILE E 162 32.78 14.93 -30.83
N ASN E 163 32.38 13.94 -31.63
CA ASN E 163 32.43 14.02 -33.08
C ASN E 163 31.58 15.18 -33.59
N ASN E 164 30.34 15.25 -33.11
CA ASN E 164 29.33 16.18 -33.62
C ASN E 164 29.51 17.63 -33.18
N VAL E 165 30.19 17.86 -32.06
CA VAL E 165 30.54 19.22 -31.65
C VAL E 165 31.73 19.70 -32.46
N ALA E 166 32.73 18.83 -32.61
CA ALA E 166 33.88 19.09 -33.47
C ALA E 166 33.45 19.32 -34.92
N LYS E 167 32.48 18.52 -35.37
CA LYS E 167 31.89 18.70 -36.69
C LYS E 167 31.13 20.01 -36.80
N ALA E 168 30.02 20.11 -36.08
CA ALA E 168 29.04 21.20 -36.26
C ALA E 168 29.48 22.57 -35.75
N HIS E 169 30.28 22.58 -34.68
CA HIS E 169 30.63 23.85 -34.03
C HIS E 169 32.13 24.12 -34.02
N GLY E 170 32.91 23.14 -34.46
CA GLY E 170 34.37 23.26 -34.48
C GLY E 170 34.94 23.48 -33.10
N GLY E 171 34.48 22.69 -32.14
CA GLY E 171 34.93 22.80 -30.75
C GLY E 171 35.42 21.47 -30.21
N TYR E 172 36.51 21.51 -29.47
CA TYR E 172 37.11 20.31 -28.92
C TYR E 172 36.44 19.87 -27.62
N SER E 173 36.73 18.63 -27.22
CA SER E 173 36.18 18.05 -26.00
C SER E 173 37.27 17.61 -25.04
N VAL E 174 36.92 17.49 -23.75
CA VAL E 174 37.84 17.00 -22.73
C VAL E 174 37.13 16.01 -21.82
N PHE E 175 37.68 14.80 -21.73
CA PHE E 175 37.18 13.77 -20.83
C PHE E 175 38.00 13.77 -19.55
N ALA E 176 37.34 14.07 -18.44
CA ALA E 176 37.96 14.00 -17.13
C ALA E 176 37.36 12.83 -16.36
N GLY E 177 38.14 11.76 -16.25
CA GLY E 177 37.69 10.57 -15.55
C GLY E 177 38.02 10.63 -14.08
N VAL E 178 37.01 10.95 -13.26
CA VAL E 178 37.18 10.98 -11.82
C VAL E 178 36.87 9.61 -11.25
N GLY E 179 37.88 8.98 -10.67
CA GLY E 179 37.75 7.62 -10.16
C GLY E 179 37.61 6.60 -11.29
N GLU E 180 38.44 6.74 -12.32
CA GLU E 180 38.43 5.81 -13.45
C GLU E 180 39.00 4.45 -13.06
N ARG E 181 38.25 3.39 -13.32
CA ARG E 181 38.76 2.05 -13.16
C ARG E 181 39.75 1.82 -14.28
N THR E 182 40.94 1.31 -13.93
CA THR E 182 42.04 1.19 -14.89
C THR E 182 41.69 0.27 -16.08
N ARG E 183 40.90 -0.78 -15.83
CA ARG E 183 40.40 -1.63 -16.91
C ARG E 183 39.54 -0.80 -17.85
N GLU E 184 38.64 0.00 -17.28
CA GLU E 184 37.74 0.85 -18.04
C GLU E 184 38.43 2.02 -18.71
N GLY E 185 39.58 2.42 -18.15
CA GLY E 185 40.43 3.43 -18.75
C GLY E 185 41.03 2.91 -20.05
N ASN E 186 41.73 1.79 -19.95
CA ASN E 186 42.27 1.08 -21.11
C ASN E 186 41.21 0.79 -22.17
N ASP E 187 40.05 0.30 -21.72
CA ASP E 187 38.96 -0.05 -22.63
C ASP E 187 38.39 1.17 -23.35
N LEU E 188 38.28 2.29 -22.63
CA LEU E 188 37.78 3.54 -23.23
C LEU E 188 38.80 4.15 -24.18
N TYR E 189 40.09 3.93 -23.91
CA TYR E 189 41.17 4.46 -24.73
C TYR E 189 41.10 3.90 -26.15
N HIS E 190 41.12 2.59 -26.28
CA HIS E 190 41.13 1.93 -27.58
C HIS E 190 39.80 2.08 -28.34
N GLU E 191 38.71 2.21 -27.59
CA GLU E 191 37.38 2.45 -28.17
C GLU E 191 37.30 3.80 -28.90
N MET E 192 38.10 4.75 -28.43
CA MET E 192 38.16 6.09 -29.03
C MET E 192 39.07 6.16 -30.27
N ILE E 193 40.11 5.33 -30.29
CA ILE E 193 41.01 5.25 -31.44
C ILE E 193 40.36 4.44 -32.57
N GLU E 194 39.69 3.35 -32.18
CA GLU E 194 39.07 2.43 -33.11
C GLU E 194 37.89 3.06 -33.84
N SER E 195 37.34 4.13 -33.26
CA SER E 195 36.16 4.80 -33.80
C SER E 195 36.50 6.08 -34.57
N GLY E 196 37.61 6.72 -34.21
CA GLY E 196 38.11 7.85 -34.99
C GLY E 196 38.48 9.14 -34.26
N VAL E 197 37.97 9.32 -33.05
CA VAL E 197 38.20 10.58 -32.32
C VAL E 197 39.64 10.79 -31.86
N ILE E 198 40.30 9.72 -31.38
CA ILE E 198 41.73 9.78 -31.09
C ILE E 198 42.50 9.25 -32.29
N ASN E 199 43.43 10.06 -32.78
CA ASN E 199 44.25 9.69 -33.93
C ASN E 199 45.72 9.56 -33.53
N LEU E 200 46.18 8.31 -33.41
CA LEU E 200 47.54 8.01 -32.95
C LEU E 200 48.63 8.41 -33.95
N LYS E 201 48.26 8.67 -35.20
CA LYS E 201 49.20 9.13 -36.22
C LYS E 201 49.28 10.66 -36.29
N ASP E 202 48.27 11.29 -36.86
CA ASP E 202 48.31 12.74 -37.12
C ASP E 202 47.76 13.61 -35.98
N ALA E 203 47.25 14.79 -36.31
CA ALA E 203 46.80 15.77 -35.31
C ALA E 203 45.28 15.99 -35.33
N THR E 204 44.55 15.09 -35.98
CA THR E 204 43.09 15.25 -36.15
C THR E 204 42.25 14.86 -34.93
N SER E 205 42.92 14.62 -33.80
CA SER E 205 42.25 14.25 -32.54
C SER E 205 41.30 15.35 -32.05
N LYS E 206 40.23 14.94 -31.39
CA LYS E 206 39.18 15.85 -30.95
C LYS E 206 39.00 15.91 -29.43
N VAL E 207 39.65 14.99 -28.71
CA VAL E 207 39.56 14.90 -27.24
C VAL E 207 40.88 14.96 -26.50
N ALA E 208 40.85 15.53 -25.30
CA ALA E 208 41.95 15.44 -24.36
C ALA E 208 41.51 14.56 -23.20
N LEU E 209 42.30 13.53 -22.91
CA LEU E 209 41.97 12.58 -21.84
C LEU E 209 42.76 12.86 -20.58
N VAL E 210 42.05 13.04 -19.47
CA VAL E 210 42.68 13.15 -18.16
C VAL E 210 42.16 12.01 -17.28
N TYR E 211 43.08 11.27 -16.67
CA TYR E 211 42.69 10.13 -15.85
C TYR E 211 43.06 10.28 -14.38
N GLY E 212 42.02 10.45 -13.56
CA GLY E 212 42.14 10.28 -12.12
C GLY E 212 41.65 8.88 -11.81
N GLN E 213 42.58 7.92 -11.77
CA GLN E 213 42.24 6.52 -11.53
C GLN E 213 41.85 6.29 -10.08
N MET E 214 41.21 5.16 -9.81
CA MET E 214 40.80 4.82 -8.46
C MET E 214 41.99 4.54 -7.53
N ASN E 215 42.99 3.83 -8.03
CA ASN E 215 44.17 3.50 -7.23
C ASN E 215 45.08 4.70 -6.90
N GLU E 216 44.53 5.91 -7.03
CA GLU E 216 45.25 7.13 -6.65
C GLU E 216 44.56 7.74 -5.43
N PRO E 217 45.35 8.35 -4.51
CA PRO E 217 44.85 8.96 -3.28
C PRO E 217 43.81 10.08 -3.50
N PRO E 218 42.97 10.35 -2.47
CA PRO E 218 41.84 11.29 -2.53
C PRO E 218 42.21 12.67 -3.07
N GLY E 219 43.45 13.11 -2.82
CA GLY E 219 43.96 14.35 -3.38
C GLY E 219 43.90 14.37 -4.90
N ALA E 220 44.33 13.27 -5.52
CA ALA E 220 44.36 13.13 -6.98
C ALA E 220 42.96 13.02 -7.60
N ARG E 221 42.06 12.33 -6.89
CA ARG E 221 40.68 12.17 -7.35
C ARG E 221 39.85 13.45 -7.18
N ALA E 222 40.22 14.27 -6.21
CA ALA E 222 39.50 15.52 -5.91
C ALA E 222 39.90 16.68 -6.80
N ARG E 223 41.08 16.59 -7.43
CA ARG E 223 41.62 17.71 -8.19
C ARG E 223 41.70 17.47 -9.70
N VAL E 224 41.56 16.20 -10.13
CA VAL E 224 41.63 15.84 -11.55
C VAL E 224 40.50 16.48 -12.38
N ALA E 225 39.33 16.67 -11.76
CA ALA E 225 38.22 17.35 -12.40
C ALA E 225 38.58 18.79 -12.75
N LEU E 226 39.59 19.33 -12.08
CA LEU E 226 40.12 20.66 -12.39
C LEU E 226 41.15 20.55 -13.50
N THR E 227 42.04 19.55 -13.39
CA THR E 227 43.08 19.28 -14.40
C THR E 227 42.45 19.06 -15.78
N GLY E 228 41.23 18.54 -15.80
CA GLY E 228 40.47 18.40 -17.04
C GLY E 228 39.84 19.70 -17.46
N LEU E 229 39.34 20.45 -16.47
CA LEU E 229 38.66 21.71 -16.72
C LEU E 229 39.62 22.76 -17.26
N THR E 230 40.87 22.73 -16.80
CA THR E 230 41.88 23.69 -17.23
C THR E 230 42.35 23.44 -18.67
N VAL E 231 42.44 22.17 -19.08
CA VAL E 231 42.72 21.83 -20.48
C VAL E 231 41.56 22.29 -21.37
N ALA E 232 40.34 22.20 -20.83
CA ALA E 232 39.16 22.66 -21.55
C ALA E 232 39.06 24.18 -21.56
N GLU E 233 39.57 24.82 -20.51
CA GLU E 233 39.53 26.27 -20.39
C GLU E 233 40.43 26.99 -21.38
N TYR E 234 41.50 26.33 -21.81
CA TYR E 234 42.38 26.86 -22.85
C TYR E 234 41.64 27.02 -24.17
N PHE E 235 40.85 26.02 -24.54
CA PHE E 235 40.11 26.02 -25.81
C PHE E 235 38.89 26.95 -25.82
N ARG E 236 38.52 27.47 -24.64
CA ARG E 236 37.43 28.42 -24.52
C ARG E 236 37.93 29.84 -24.72
N ASP E 237 39.05 30.16 -24.07
CA ASP E 237 39.55 31.54 -24.01
C ASP E 237 40.65 31.84 -25.04
N GLN E 238 41.52 30.86 -25.28
CA GLN E 238 42.66 31.05 -26.19
C GLN E 238 42.33 30.78 -27.67
N GLU E 239 41.37 29.89 -27.91
CA GLU E 239 40.95 29.58 -29.27
C GLU E 239 39.46 29.87 -29.52
N GLY E 240 38.77 30.35 -28.49
CA GLY E 240 37.39 30.82 -28.60
C GLY E 240 36.36 29.81 -29.08
N GLN E 241 36.52 28.56 -28.65
CA GLN E 241 35.65 27.46 -29.09
C GLN E 241 34.45 27.28 -28.18
N ASP E 242 33.44 26.57 -28.69
CA ASP E 242 32.39 26.01 -27.85
C ASP E 242 32.85 24.62 -27.39
N VAL E 243 33.47 24.58 -26.22
CA VAL E 243 34.14 23.38 -25.72
C VAL E 243 33.12 22.40 -25.12
N LEU E 244 33.54 21.14 -24.99
CA LEU E 244 32.73 20.08 -24.37
C LEU E 244 33.53 19.41 -23.25
N LEU E 245 32.95 19.34 -22.05
CA LEU E 245 33.65 18.71 -20.92
C LEU E 245 32.88 17.55 -20.29
N PHE E 246 33.48 16.36 -20.35
CA PHE E 246 32.90 15.17 -19.75
C PHE E 246 33.51 14.90 -18.39
N ILE E 247 32.66 14.77 -17.37
CA ILE E 247 33.08 14.28 -16.07
C ILE E 247 32.37 12.96 -15.78
N ASP E 248 33.15 11.92 -15.53
CA ASP E 248 32.63 10.60 -15.21
C ASP E 248 33.53 9.97 -14.15
N ASN E 249 33.05 9.89 -12.91
CA ASN E 249 31.69 10.32 -12.54
C ASN E 249 31.71 11.38 -11.44
N ILE E 250 30.72 12.27 -11.46
CA ILE E 250 30.68 13.44 -10.57
C ILE E 250 30.54 13.10 -9.08
N PHE E 251 29.90 11.97 -8.78
CA PHE E 251 29.72 11.54 -7.40
C PHE E 251 31.04 11.15 -6.79
N ARG E 252 31.91 10.51 -7.57
CA ARG E 252 33.25 10.14 -7.11
C ARG E 252 34.17 11.34 -6.96
N PHE E 253 33.74 12.48 -7.49
CA PHE E 253 34.40 13.77 -7.25
C PHE E 253 33.96 14.35 -5.90
N THR E 254 32.69 14.17 -5.58
CA THR E 254 32.13 14.58 -4.29
C THR E 254 32.70 13.72 -3.16
N GLN E 255 32.74 12.40 -3.39
CA GLN E 255 33.31 11.47 -2.41
C GLN E 255 34.80 11.64 -2.27
N ALA E 256 35.46 12.06 -3.35
CA ALA E 256 36.88 12.40 -3.32
C ALA E 256 37.13 13.56 -2.36
N GLY E 257 36.32 14.61 -2.50
CA GLY E 257 36.42 15.81 -1.66
C GLY E 257 36.00 15.61 -0.22
N SER E 258 35.08 14.66 -0.01
CA SER E 258 34.65 14.28 1.34
C SER E 258 35.79 13.61 2.10
N GLU E 259 36.52 12.74 1.38
CA GLU E 259 37.68 12.04 1.92
C GLU E 259 38.77 13.03 2.33
N VAL E 260 39.02 14.03 1.49
CA VAL E 260 40.04 15.05 1.78
C VAL E 260 39.70 15.82 3.05
N SER E 261 38.47 16.32 3.12
CA SER E 261 38.00 17.08 4.29
C SER E 261 37.99 16.20 5.54
N ALA E 262 37.71 14.91 5.35
CA ALA E 262 37.80 13.93 6.42
C ALA E 262 39.24 13.70 6.85
N LEU E 263 40.17 13.82 5.90
CA LEU E 263 41.60 13.61 6.16
C LEU E 263 42.26 14.77 6.86
N LEU E 264 41.97 15.99 6.40
CA LEU E 264 42.50 17.21 7.01
C LEU E 264 42.08 17.32 8.47
N GLY E 265 40.89 16.80 8.77
CA GLY E 265 40.39 16.73 10.14
C GLY E 265 39.19 17.61 10.41
N ARG E 266 38.46 17.94 9.35
CA ARG E 266 37.30 18.81 9.48
C ARG E 266 36.09 18.03 9.97
N ILE E 267 35.31 18.67 10.85
CA ILE E 267 34.12 18.02 11.41
C ILE E 267 33.13 17.78 10.27
N PRO E 268 32.68 16.53 10.09
CA PRO E 268 31.81 16.21 8.97
C PRO E 268 30.43 16.83 9.10
N SER E 269 29.85 17.18 7.96
CA SER E 269 28.51 17.76 7.89
C SER E 269 27.45 16.65 7.83
N ALA E 270 26.28 16.98 7.28
CA ALA E 270 25.16 16.04 7.20
C ALA E 270 25.50 14.84 6.32
N VAL E 271 24.94 13.68 6.68
CA VAL E 271 25.06 12.43 5.92
C VAL E 271 26.52 12.00 5.72
N GLY E 272 27.42 12.58 6.51
CA GLY E 272 28.83 12.25 6.44
C GLY E 272 29.65 13.07 5.46
N TYR E 273 28.98 13.90 4.66
CA TYR E 273 29.67 14.71 3.65
C TYR E 273 30.47 15.85 4.29
N GLN E 274 31.32 16.49 3.48
CA GLN E 274 32.16 17.59 3.95
C GLN E 274 31.35 18.86 4.25
N PRO E 275 31.86 19.71 5.16
CA PRO E 275 31.21 20.99 5.43
C PRO E 275 31.34 21.94 4.25
N THR E 276 32.43 21.79 3.50
CA THR E 276 32.70 22.65 2.34
C THR E 276 32.00 22.19 1.05
N LEU E 277 31.04 21.28 1.17
CA LEU E 277 30.37 20.66 0.02
C LEU E 277 29.79 21.66 -0.98
N ALA E 278 29.08 22.66 -0.46
CA ALA E 278 28.45 23.69 -1.30
C ALA E 278 29.46 24.41 -2.17
N THR E 279 30.55 24.88 -1.55
CA THR E 279 31.63 25.58 -2.25
C THR E 279 32.49 24.62 -3.04
N ASP E 280 32.88 23.49 -2.43
CA ASP E 280 33.63 22.44 -3.12
C ASP E 280 33.01 22.13 -4.48
N MET E 281 31.70 22.36 -4.58
CA MET E 281 30.96 22.19 -5.83
C MET E 281 30.94 23.50 -6.61
N GLY E 282 30.76 24.61 -5.89
CA GLY E 282 30.61 25.93 -6.51
C GLY E 282 31.84 26.47 -7.23
N THR E 283 33.00 26.29 -6.61
CA THR E 283 34.27 26.81 -7.12
C THR E 283 34.76 26.11 -8.40
N MET E 284 34.11 25.00 -8.76
CA MET E 284 34.43 24.26 -9.97
C MET E 284 33.33 24.41 -11.01
N GLN E 285 32.08 24.26 -10.56
CA GLN E 285 30.92 24.28 -11.46
C GLN E 285 30.62 25.67 -12.03
N GLU E 286 31.22 26.70 -11.43
CA GLU E 286 31.03 28.06 -11.89
C GLU E 286 32.12 28.52 -12.87
N ARG E 287 33.10 27.64 -13.12
CA ARG E 287 34.07 27.84 -14.19
C ARG E 287 33.48 27.34 -15.51
N ILE E 288 32.46 26.49 -15.41
CA ILE E 288 31.79 25.93 -16.58
C ILE E 288 30.57 26.75 -16.96
N THR E 289 30.81 27.79 -17.77
CA THR E 289 29.74 28.65 -18.29
C THR E 289 30.20 29.32 -19.60
N THR E 290 29.30 30.08 -20.24
CA THR E 290 29.61 30.77 -21.48
C THR E 290 30.21 32.15 -21.25
N THR E 291 31.44 32.35 -21.73
CA THR E 291 32.11 33.64 -21.59
C THR E 291 31.99 34.48 -22.87
N LYS E 292 32.69 35.60 -22.87
CA LYS E 292 32.75 36.50 -24.02
C LYS E 292 33.56 35.90 -25.17
N LYS E 293 34.61 35.15 -24.83
CA LYS E 293 35.48 34.53 -25.83
C LYS E 293 34.92 33.22 -26.37
N GLY E 294 34.43 32.37 -25.48
CA GLY E 294 33.87 31.07 -25.84
C GLY E 294 32.87 30.52 -24.83
N SER E 295 32.84 29.20 -24.71
CA SER E 295 31.93 28.50 -23.80
C SER E 295 32.35 27.06 -23.57
N ILE E 296 32.21 26.60 -22.33
CA ILE E 296 32.35 25.17 -22.02
C ILE E 296 31.01 24.60 -21.57
N THR E 297 30.54 23.58 -22.29
CA THR E 297 29.31 22.87 -21.96
C THR E 297 29.68 21.49 -21.42
N SER E 298 29.28 21.19 -20.18
CA SER E 298 29.74 19.98 -19.51
C SER E 298 28.65 18.91 -19.34
N VAL E 299 28.98 17.70 -19.80
CA VAL E 299 28.15 16.52 -19.58
C VAL E 299 28.77 15.77 -18.40
N GLN E 300 27.96 15.57 -17.36
CA GLN E 300 28.43 14.93 -16.15
C GLN E 300 27.62 13.68 -15.86
N ALA E 301 28.33 12.56 -15.69
CA ALA E 301 27.70 11.30 -15.32
C ALA E 301 27.50 11.25 -13.81
N ILE E 302 26.25 11.04 -13.38
CA ILE E 302 25.93 11.08 -11.95
C ILE E 302 25.62 9.70 -11.37
N TYR E 303 26.22 9.44 -10.21
CA TYR E 303 25.84 8.33 -9.37
C TYR E 303 25.04 8.90 -8.20
N VAL E 304 23.83 8.40 -8.02
CA VAL E 304 22.99 8.73 -6.89
C VAL E 304 23.14 7.58 -5.88
N PRO E 305 23.46 7.89 -4.62
CA PRO E 305 23.60 6.87 -3.59
C PRO E 305 22.24 6.44 -3.01
N ALA E 306 22.10 5.15 -2.74
CA ALA E 306 20.84 4.56 -2.26
C ALA E 306 19.64 5.06 -3.06
N ASP E 307 19.87 5.35 -4.34
CA ASP E 307 18.87 5.94 -5.23
C ASP E 307 18.06 7.02 -4.51
N ASP E 308 18.77 7.83 -3.72
CA ASP E 308 18.16 8.87 -2.91
C ASP E 308 18.48 10.24 -3.51
N LEU E 309 17.50 10.85 -4.16
CA LEU E 309 17.69 12.14 -4.80
C LEU E 309 17.85 13.29 -3.81
N THR E 310 17.36 13.11 -2.58
CA THR E 310 17.51 14.10 -1.52
C THR E 310 18.86 14.02 -0.83
N ASP E 311 19.60 12.94 -1.08
CA ASP E 311 20.97 12.81 -0.61
C ASP E 311 21.76 14.03 -1.04
N PRO E 312 22.52 14.65 -0.12
CA PRO E 312 23.19 15.91 -0.40
C PRO E 312 24.05 15.89 -1.67
N ALA E 313 24.69 14.77 -1.98
CA ALA E 313 25.53 14.66 -3.17
C ALA E 313 24.79 15.01 -4.47
N PRO E 314 23.72 14.25 -4.83
CA PRO E 314 22.95 14.66 -6.00
C PRO E 314 22.15 15.95 -5.79
N ALA E 315 21.80 16.25 -4.56
CA ALA E 315 21.04 17.47 -4.27
C ALA E 315 21.86 18.73 -4.52
N THR E 316 23.15 18.68 -4.18
CA THR E 316 24.06 19.81 -4.40
C THR E 316 24.45 19.91 -5.88
N THR E 317 24.48 18.76 -6.56
CA THR E 317 24.79 18.71 -7.99
C THR E 317 23.64 19.27 -8.84
N PHE E 318 22.40 18.94 -8.46
CA PHE E 318 21.20 19.36 -9.20
C PHE E 318 20.97 20.86 -9.27
N ALA E 319 21.45 21.58 -8.26
CA ALA E 319 21.40 23.04 -8.25
C ALA E 319 22.16 23.64 -9.43
N HIS E 320 23.10 22.86 -9.99
CA HIS E 320 23.93 23.30 -11.12
C HIS E 320 23.56 22.67 -12.47
N LEU E 321 22.57 21.78 -12.47
CA LEU E 321 22.21 21.02 -13.68
C LEU E 321 21.09 21.67 -14.51
N ASP E 322 21.39 21.91 -15.78
CA ASP E 322 20.46 22.58 -16.68
C ASP E 322 19.64 21.61 -17.50
N ALA E 323 20.15 20.40 -17.68
CA ALA E 323 19.47 19.36 -18.46
C ALA E 323 19.95 17.96 -18.08
N THR E 324 19.09 16.97 -18.35
CA THR E 324 19.40 15.57 -18.05
C THR E 324 19.29 14.67 -19.29
N THR E 325 20.11 13.63 -19.31
CA THR E 325 20.07 12.62 -20.36
C THR E 325 20.07 11.23 -19.71
N VAL E 326 18.89 10.61 -19.69
CA VAL E 326 18.73 9.29 -19.07
C VAL E 326 18.98 8.19 -20.10
N LEU E 327 20.02 7.41 -19.87
CA LEU E 327 20.29 6.22 -20.68
C LEU E 327 19.67 5.02 -19.98
N SER E 328 18.64 4.44 -20.59
CA SER E 328 17.86 3.38 -19.94
C SER E 328 17.91 2.01 -20.62
N ARG E 329 18.00 0.96 -19.80
CA ARG E 329 17.97 -0.43 -20.25
C ARG E 329 16.70 -0.73 -21.04
N ALA E 330 15.57 -0.30 -20.48
CA ALA E 330 14.25 -0.55 -21.06
C ALA E 330 14.14 -0.10 -22.52
N ILE E 331 14.59 1.13 -22.79
CA ILE E 331 14.58 1.69 -24.14
C ILE E 331 15.62 1.02 -25.04
N ALA E 332 16.75 0.63 -24.44
CA ALA E 332 17.82 -0.06 -25.17
C ALA E 332 17.43 -1.48 -25.59
N GLU E 333 16.61 -2.13 -24.78
CA GLU E 333 16.15 -3.49 -25.07
C GLU E 333 15.10 -3.54 -26.18
N LEU E 334 14.36 -2.44 -26.34
CA LEU E 334 13.40 -2.29 -27.44
C LEU E 334 14.08 -2.12 -28.79
N GLY E 335 15.29 -1.57 -28.77
CA GLY E 335 16.08 -1.41 -29.98
C GLY E 335 16.34 0.04 -30.35
N ILE E 336 15.72 0.97 -29.62
CA ILE E 336 15.91 2.39 -29.85
C ILE E 336 17.30 2.81 -29.39
N TYR E 337 18.11 3.31 -30.31
CA TYR E 337 19.44 3.82 -30.01
C TYR E 337 19.60 5.22 -30.62
N PRO E 338 20.09 6.19 -29.83
CA PRO E 338 20.61 6.06 -28.46
C PRO E 338 19.52 5.73 -27.46
N ALA E 339 19.91 5.06 -26.38
CA ALA E 339 18.96 4.53 -25.41
C ALA E 339 18.42 5.60 -24.46
N VAL E 340 17.88 6.68 -25.04
CA VAL E 340 17.41 7.81 -24.26
C VAL E 340 15.92 7.70 -23.96
N ASP E 341 15.57 7.91 -22.69
CA ASP E 341 14.17 7.94 -22.27
C ASP E 341 13.59 9.32 -22.54
N PRO E 342 12.65 9.40 -23.51
CA PRO E 342 12.14 10.66 -24.05
C PRO E 342 11.35 11.50 -23.05
N LEU E 343 10.72 10.86 -22.07
CA LEU E 343 9.89 11.54 -21.07
C LEU E 343 10.66 11.79 -19.77
N ASP E 344 11.70 11.00 -19.56
CA ASP E 344 12.46 11.01 -18.31
C ASP E 344 13.58 12.05 -18.30
N SER E 345 14.00 12.47 -19.51
CA SER E 345 15.03 13.50 -19.67
C SER E 345 14.39 14.88 -19.80
N THR E 346 14.78 15.79 -18.90
CA THR E 346 14.19 17.12 -18.86
C THR E 346 15.24 18.22 -18.96
N SER E 347 14.82 19.40 -19.41
CA SER E 347 15.73 20.52 -19.62
C SER E 347 15.14 21.87 -19.18
N ARG E 348 16.00 22.70 -18.58
CA ARG E 348 15.61 24.04 -18.12
C ARG E 348 15.22 24.95 -19.28
N ILE E 349 15.85 24.74 -20.44
CA ILE E 349 15.65 25.60 -21.60
C ILE E 349 14.48 25.16 -22.48
N MET E 350 13.68 24.24 -21.96
CA MET E 350 12.41 23.85 -22.58
C MET E 350 11.39 24.97 -22.34
N ASP E 351 11.68 26.13 -22.91
CA ASP E 351 10.89 27.34 -22.69
C ASP E 351 10.75 28.08 -24.01
N PRO E 352 9.51 28.48 -24.36
CA PRO E 352 9.27 29.23 -25.60
C PRO E 352 10.16 30.47 -25.71
N ASN E 353 10.58 30.98 -24.56
CA ASN E 353 11.38 32.20 -24.49
C ASN E 353 12.83 31.97 -24.93
N ILE E 354 13.34 30.76 -24.76
CA ILE E 354 14.75 30.47 -25.03
C ILE E 354 14.98 29.83 -26.40
N VAL E 355 14.40 28.65 -26.63
CA VAL E 355 14.59 27.94 -27.90
C VAL E 355 13.74 28.53 -29.01
N GLY E 356 12.49 28.86 -28.70
CA GLY E 356 11.58 29.42 -29.67
C GLY E 356 10.17 28.93 -29.48
N SER E 357 9.24 29.58 -30.19
CA SER E 357 7.82 29.25 -30.12
C SER E 357 7.51 27.90 -30.77
N GLU E 358 8.10 27.66 -31.94
CA GLU E 358 7.90 26.40 -32.67
C GLU E 358 8.50 25.20 -31.94
N HIS E 359 9.79 25.31 -31.60
CA HIS E 359 10.52 24.23 -30.91
C HIS E 359 9.74 23.69 -29.71
N TYR E 360 9.13 24.60 -28.96
CA TYR E 360 8.43 24.27 -27.72
C TYR E 360 7.19 23.40 -27.96
N ASP E 361 6.30 23.85 -28.84
CA ASP E 361 5.04 23.16 -29.09
C ASP E 361 5.22 21.80 -29.75
N VAL E 362 6.29 21.66 -30.53
CA VAL E 362 6.61 20.42 -31.22
C VAL E 362 7.19 19.40 -30.23
N ALA E 363 8.05 19.86 -29.34
CA ALA E 363 8.62 19.01 -28.31
C ALA E 363 7.56 18.51 -27.34
N ARG E 364 6.71 19.43 -26.87
CA ARG E 364 5.63 19.12 -25.95
C ARG E 364 4.60 18.18 -26.59
N GLY E 365 4.32 18.40 -27.88
CA GLY E 365 3.44 17.53 -28.64
C GLY E 365 3.95 16.10 -28.69
N VAL E 366 5.26 15.95 -28.89
CA VAL E 366 5.93 14.65 -28.88
C VAL E 366 5.91 14.06 -27.47
N GLN E 367 6.10 14.91 -26.47
CA GLN E 367 6.05 14.51 -25.07
C GLN E 367 4.67 14.00 -24.67
N LYS E 368 3.63 14.71 -25.11
CA LYS E 368 2.25 14.35 -24.80
C LYS E 368 1.83 13.06 -25.53
N ILE E 369 2.23 12.93 -26.79
CA ILE E 369 1.82 11.78 -27.62
C ILE E 369 2.43 10.46 -27.14
N LEU E 370 3.56 10.54 -26.44
CA LEU E 370 4.19 9.35 -25.88
C LEU E 370 3.59 8.99 -24.51
N GLN E 371 3.17 9.99 -23.76
CA GLN E 371 2.47 9.79 -22.48
C GLN E 371 1.10 9.17 -22.73
N ASP E 372 0.41 9.67 -23.77
CA ASP E 372 -0.87 9.11 -24.20
C ASP E 372 -0.71 7.64 -24.59
N TYR E 373 0.40 7.31 -25.24
CA TYR E 373 0.72 5.95 -25.63
C TYR E 373 0.85 5.04 -24.41
N LYS E 374 1.55 5.55 -23.39
CA LYS E 374 1.68 4.85 -22.11
C LYS E 374 0.33 4.78 -21.40
N SER E 375 -0.46 5.84 -21.53
CA SER E 375 -1.78 5.95 -20.91
C SER E 375 -2.80 4.99 -21.52
N LEU E 376 -2.53 4.54 -22.75
CA LEU E 376 -3.40 3.60 -23.46
C LEU E 376 -2.83 2.18 -23.50
N GLN E 377 -1.66 1.99 -22.90
CA GLN E 377 -0.94 0.70 -22.91
C GLN E 377 -1.72 -0.43 -22.24
N ASP E 378 -2.34 -0.14 -21.10
CA ASP E 378 -3.16 -1.11 -20.38
C ASP E 378 -4.47 -1.39 -21.13
N ILE E 379 -4.98 -0.36 -21.80
CA ILE E 379 -6.18 -0.47 -22.63
C ILE E 379 -5.87 -1.26 -23.91
N ILE E 380 -4.62 -1.20 -24.37
CA ILE E 380 -4.16 -1.96 -25.53
C ILE E 380 -4.04 -3.46 -25.24
N ALA E 381 -3.38 -3.79 -24.13
CA ALA E 381 -3.12 -5.18 -23.77
C ALA E 381 -4.38 -5.92 -23.28
N ILE E 382 -5.31 -5.19 -22.68
CA ILE E 382 -6.47 -5.81 -22.03
C ILE E 382 -7.80 -5.07 -22.29
N LEU E 383 -8.30 -5.19 -23.53
CA LEU E 383 -9.58 -4.61 -23.95
C LEU E 383 -9.93 -5.11 -25.35
N GLY E 384 -9.00 -4.95 -26.28
CA GLY E 384 -9.22 -5.29 -27.68
C GLY E 384 -8.81 -4.15 -28.59
N MET E 385 -7.65 -4.30 -29.22
CA MET E 385 -7.03 -3.31 -30.11
C MET E 385 -8.04 -2.55 -31.00
N ASP E 386 -8.98 -3.29 -31.58
CA ASP E 386 -9.91 -2.75 -32.57
C ASP E 386 -11.12 -2.01 -31.98
N GLU E 387 -11.10 -1.77 -30.67
CA GLU E 387 -12.20 -1.06 -30.01
C GLU E 387 -11.83 0.34 -29.51
N LEU E 388 -10.63 0.78 -29.84
CA LEU E 388 -10.24 2.18 -29.63
C LEU E 388 -10.96 3.03 -30.67
N SER E 389 -11.31 4.26 -30.31
CA SER E 389 -11.99 5.18 -31.24
C SER E 389 -11.01 5.60 -32.34
N GLU E 390 -11.53 6.29 -33.36
CA GLU E 390 -10.71 6.79 -34.47
C GLU E 390 -9.53 7.63 -33.98
N GLU E 391 -9.79 8.50 -33.00
CA GLU E 391 -8.77 9.40 -32.46
C GLU E 391 -7.80 8.69 -31.51
N ASP E 392 -8.24 7.55 -30.96
CA ASP E 392 -7.39 6.71 -30.09
C ASP E 392 -6.58 5.67 -30.88
N LYS E 393 -7.14 5.19 -31.99
CA LYS E 393 -6.42 4.29 -32.90
C LYS E 393 -5.29 5.05 -33.60
N LEU E 394 -5.58 6.30 -33.99
CA LEU E 394 -4.66 7.13 -34.76
C LEU E 394 -3.45 7.56 -33.95
N THR E 395 -3.69 8.10 -32.75
CA THR E 395 -2.61 8.56 -31.89
C THR E 395 -1.68 7.43 -31.43
N VAL E 396 -2.21 6.21 -31.35
CA VAL E 396 -1.40 5.03 -31.03
C VAL E 396 -0.43 4.73 -32.17
N SER E 397 -0.96 4.68 -33.40
CA SER E 397 -0.14 4.40 -34.58
C SER E 397 0.82 5.54 -34.92
N ARG E 398 0.41 6.78 -34.60
CA ARG E 398 1.27 7.94 -34.78
C ARG E 398 2.40 7.96 -33.75
N ALA E 399 2.07 7.58 -32.52
CA ALA E 399 3.02 7.57 -31.40
C ALA E 399 4.16 6.58 -31.60
N ARG E 400 3.85 5.44 -32.20
CA ARG E 400 4.85 4.41 -32.46
C ARG E 400 5.88 4.89 -33.48
N LYS E 401 5.40 5.67 -34.44
CA LYS E 401 6.24 6.25 -35.48
C LYS E 401 7.09 7.41 -34.96
N ILE E 402 6.71 7.95 -33.80
CA ILE E 402 7.48 9.03 -33.17
C ILE E 402 8.72 8.47 -32.47
N GLN E 403 8.54 7.43 -31.67
CA GLN E 403 9.65 6.85 -30.90
C GLN E 403 10.68 6.12 -31.76
N ARG E 404 10.26 5.77 -32.97
CA ARG E 404 11.16 5.17 -33.96
C ARG E 404 12.03 6.24 -34.61
N PHE E 405 11.45 7.43 -34.79
CA PHE E 405 12.17 8.54 -35.42
C PHE E 405 13.14 9.20 -34.46
N LEU E 406 13.01 8.90 -33.17
CA LEU E 406 14.01 9.25 -32.17
C LEU E 406 15.32 8.50 -32.45
N SER E 407 15.17 7.25 -32.91
CA SER E 407 16.31 6.39 -33.27
C SER E 407 17.18 7.06 -34.31
N GLN E 408 18.49 6.88 -34.18
CA GLN E 408 19.45 7.54 -35.04
C GLN E 408 20.73 6.70 -35.09
N PRO E 409 21.22 6.41 -36.31
CA PRO E 409 22.50 5.72 -36.42
C PRO E 409 23.66 6.66 -36.12
N PHE E 410 24.74 6.11 -35.58
CA PHE E 410 25.87 6.93 -35.13
C PHE E 410 27.11 6.77 -35.99
N GLN E 411 27.77 7.90 -36.27
CA GLN E 411 29.00 7.93 -37.09
C GLN E 411 30.10 7.14 -36.45
N VAL E 412 30.36 7.43 -35.17
CA VAL E 412 31.35 6.73 -34.37
C VAL E 412 31.21 5.21 -34.55
N ALA E 413 29.97 4.72 -34.56
CA ALA E 413 29.69 3.31 -34.76
C ALA E 413 29.40 2.99 -36.23
N GLU E 414 30.42 3.15 -37.08
CA GLU E 414 30.39 2.64 -38.45
C GLU E 414 31.20 1.36 -38.53
N VAL E 415 32.22 1.27 -37.67
CA VAL E 415 33.10 0.10 -37.59
C VAL E 415 32.34 -1.14 -37.07
N PHE E 416 31.39 -0.92 -36.17
CA PHE E 416 30.56 -2.00 -35.64
C PHE E 416 29.33 -2.25 -36.51
N THR E 417 28.46 -1.25 -36.61
CA THR E 417 27.17 -1.39 -37.28
C THR E 417 27.30 -1.63 -38.79
N GLY E 418 28.24 -0.93 -39.41
CA GLY E 418 28.43 -1.01 -40.86
C GLY E 418 27.54 -0.05 -41.62
N HIS E 419 26.56 0.53 -40.92
CA HIS E 419 25.62 1.48 -41.54
C HIS E 419 26.05 2.94 -41.36
N LEU E 420 25.64 3.79 -42.30
CA LEU E 420 26.11 5.17 -42.38
C LEU E 420 25.60 6.02 -41.21
N GLY E 421 26.50 6.84 -40.66
CA GLY E 421 26.18 7.71 -39.53
C GLY E 421 25.56 9.02 -39.94
N LYS E 422 24.75 9.59 -39.06
CA LYS E 422 23.97 10.80 -39.38
C LYS E 422 24.11 11.93 -38.37
N LEU E 423 24.22 13.14 -38.89
CA LEU E 423 24.17 14.37 -38.11
C LEU E 423 22.94 15.14 -38.58
N VAL E 424 21.87 15.10 -37.78
CA VAL E 424 20.62 15.75 -38.15
C VAL E 424 20.59 17.19 -37.63
N PRO E 425 20.64 18.18 -38.54
CA PRO E 425 20.60 19.59 -38.15
C PRO E 425 19.34 19.95 -37.35
N LEU E 426 19.41 21.05 -36.61
CA LEU E 426 18.38 21.42 -35.63
C LEU E 426 16.97 21.48 -36.21
N LYS E 427 16.80 22.29 -37.24
CA LYS E 427 15.49 22.55 -37.82
C LYS E 427 14.94 21.36 -38.59
N GLU E 428 15.83 20.47 -39.01
CA GLU E 428 15.47 19.21 -39.65
C GLU E 428 14.68 18.34 -38.68
N THR E 429 15.13 18.31 -37.44
CA THR E 429 14.49 17.55 -36.37
C THR E 429 13.11 18.11 -36.04
N ILE E 430 13.04 19.42 -35.84
CA ILE E 430 11.81 20.09 -35.42
C ILE E 430 10.66 19.86 -36.42
N LYS E 431 10.93 20.14 -37.69
CA LYS E 431 9.93 19.97 -38.74
C LYS E 431 9.62 18.51 -39.01
N GLY E 432 10.63 17.65 -38.89
CA GLY E 432 10.48 16.21 -39.08
C GLY E 432 9.44 15.60 -38.15
N PHE E 433 9.53 15.93 -36.87
CA PHE E 433 8.59 15.46 -35.87
C PHE E 433 7.23 16.15 -35.97
N GLN E 434 7.23 17.41 -36.41
CA GLN E 434 6.01 18.19 -36.54
C GLN E 434 5.07 17.59 -37.57
N GLN E 435 5.66 17.05 -38.64
CA GLN E 435 4.90 16.46 -39.73
C GLN E 435 4.22 15.14 -39.34
N ILE E 436 4.91 14.34 -38.52
CA ILE E 436 4.35 13.08 -38.04
C ILE E 436 3.18 13.35 -37.09
N LEU E 437 3.33 14.38 -36.25
CA LEU E 437 2.28 14.83 -35.35
C LEU E 437 1.06 15.34 -36.10
N ALA E 438 1.32 16.10 -37.17
CA ALA E 438 0.27 16.62 -38.04
C ALA E 438 -0.33 15.53 -38.93
N GLY E 439 0.32 14.37 -38.94
CA GLY E 439 -0.19 13.19 -39.63
C GLY E 439 0.19 13.06 -41.08
N GLU E 440 1.10 13.92 -41.53
CA GLU E 440 1.55 13.94 -42.93
C GLU E 440 2.14 12.61 -43.37
N TYR E 441 2.39 11.71 -42.41
CA TYR E 441 2.88 10.38 -42.72
C TYR E 441 2.05 9.30 -42.02
N ASP E 442 0.73 9.43 -42.09
CA ASP E 442 -0.18 8.41 -41.56
C ASP E 442 -0.21 7.15 -42.42
N HIS E 443 0.22 7.30 -43.68
CA HIS E 443 0.23 6.20 -44.65
C HIS E 443 1.51 5.34 -44.59
N LEU E 444 2.63 5.95 -44.19
CA LEU E 444 3.91 5.25 -44.13
C LEU E 444 3.96 4.22 -43.00
N PRO E 445 4.72 3.12 -43.21
CA PRO E 445 4.84 2.05 -42.20
C PRO E 445 5.76 2.41 -41.04
N GLU E 446 5.72 1.62 -39.97
CA GLU E 446 6.51 1.84 -38.75
C GLU E 446 8.01 1.71 -38.99
N GLN E 447 8.41 0.62 -39.64
CA GLN E 447 9.82 0.29 -39.86
C GLN E 447 10.56 1.32 -40.71
N ALA E 448 9.81 2.24 -41.30
CA ALA E 448 10.35 3.28 -42.17
C ALA E 448 11.16 4.34 -41.42
N PHE E 449 10.70 4.68 -40.21
CA PHE E 449 11.32 5.75 -39.42
C PHE E 449 12.46 5.25 -38.52
N TYR E 450 12.60 3.93 -38.42
CA TYR E 450 13.60 3.32 -37.54
C TYR E 450 15.02 3.50 -38.08
N MET E 451 15.91 3.89 -37.18
CA MET E 451 17.33 4.10 -37.51
C MET E 451 17.54 4.84 -38.84
N VAL E 452 17.07 6.09 -38.87
CA VAL E 452 17.25 6.98 -40.02
C VAL E 452 17.73 8.35 -39.58
N GLY E 453 18.26 9.13 -40.53
CA GLY E 453 18.69 10.50 -40.27
C GLY E 453 17.53 11.46 -40.22
N PRO E 454 17.40 12.34 -41.22
CA PRO E 454 16.23 13.22 -41.32
C PRO E 454 14.97 12.43 -41.76
N ILE E 455 13.87 13.14 -41.97
CA ILE E 455 12.61 12.51 -42.40
C ILE E 455 12.66 11.99 -43.85
N GLU E 456 13.52 12.60 -44.66
CA GLU E 456 13.69 12.21 -46.08
C GLU E 456 14.14 10.76 -46.21
N GLU E 457 15.16 10.39 -45.44
CA GLU E 457 15.71 9.04 -45.47
C GLU E 457 14.72 8.00 -44.92
N ALA E 458 13.66 8.48 -44.28
CA ALA E 458 12.62 7.61 -43.74
C ALA E 458 11.57 7.24 -44.79
N VAL E 459 11.19 8.22 -45.61
CA VAL E 459 10.21 8.00 -46.69
C VAL E 459 10.85 7.16 -47.81
N ALA E 460 12.12 7.45 -48.11
CA ALA E 460 12.88 6.68 -49.09
C ALA E 460 13.01 5.22 -48.67
N LYS E 461 13.24 5.00 -47.38
CA LYS E 461 13.32 3.66 -46.80
C LYS E 461 11.96 2.96 -46.83
N ALA E 462 10.89 3.75 -46.71
CA ALA E 462 9.52 3.24 -46.71
C ALA E 462 9.18 2.51 -48.01
N ASP E 463 9.83 2.92 -49.09
CA ASP E 463 9.68 2.30 -50.40
C ASP E 463 10.29 0.89 -50.40
N LYS E 464 11.60 0.81 -50.14
CA LYS E 464 12.35 -0.46 -50.06
C LYS E 464 12.14 -1.38 -51.27
N LEU E 465 11.10 -2.22 -51.21
CA LEU E 465 10.73 -3.08 -52.34
C LEU E 465 9.23 -2.98 -52.64
N ALA E 466 8.41 -3.23 -51.62
CA ALA E 466 6.95 -3.11 -51.72
C ALA E 466 6.39 -2.34 -50.52
N THR F 1 34.53 46.34 42.76
CA THR F 1 35.71 46.86 42.00
C THR F 1 35.55 46.63 40.50
N THR F 2 36.53 47.09 39.72
CA THR F 2 36.48 46.99 38.26
C THR F 2 37.04 45.67 37.73
N GLY F 3 36.52 45.25 36.58
CA GLY F 3 36.95 44.02 35.92
C GLY F 3 37.17 44.24 34.43
N ARG F 4 38.23 43.64 33.90
CA ARG F 4 38.63 43.87 32.51
C ARG F 4 38.30 42.70 31.57
N ILE F 5 37.71 43.02 30.41
CA ILE F 5 37.41 42.03 29.39
C ILE F 5 38.70 41.49 28.79
N VAL F 6 38.90 40.18 28.96
CA VAL F 6 40.08 39.50 28.43
C VAL F 6 39.74 38.65 27.20
N ALA F 7 38.47 38.30 27.05
CA ALA F 7 38.00 37.52 25.90
C ALA F 7 36.54 37.76 25.54
N VAL F 8 36.25 37.76 24.24
CA VAL F 8 34.89 37.90 23.70
C VAL F 8 34.63 36.88 22.57
N ILE F 9 33.77 35.91 22.87
CA ILE F 9 33.27 34.94 21.88
C ILE F 9 31.75 35.01 21.89
N GLY F 10 31.16 35.38 20.76
CA GLY F 10 29.71 35.52 20.65
C GLY F 10 29.12 36.36 21.75
N ALA F 11 28.05 35.87 22.37
CA ALA F 11 27.41 36.56 23.49
C ALA F 11 28.04 36.15 24.83
N VAL F 12 29.10 35.35 24.77
CA VAL F 12 29.80 34.87 25.96
C VAL F 12 31.06 35.72 26.19
N VAL F 13 31.07 36.46 27.31
CA VAL F 13 32.16 37.39 27.61
C VAL F 13 32.97 36.93 28.83
N ASP F 14 34.30 37.12 28.74
CA ASP F 14 35.22 36.77 29.83
C ASP F 14 35.81 38.01 30.50
N VAL F 15 35.49 38.20 31.77
CA VAL F 15 35.94 39.36 32.52
C VAL F 15 36.90 38.97 33.65
N GLN F 16 38.02 39.68 33.73
CA GLN F 16 39.05 39.45 34.73
C GLN F 16 39.07 40.53 35.81
N PHE F 17 38.81 40.13 37.05
CA PHE F 17 38.79 41.04 38.19
C PHE F 17 40.01 40.86 39.08
N ASP F 18 40.93 41.83 39.03
CA ASP F 18 42.12 41.81 39.90
C ASP F 18 41.74 41.88 41.37
N GLU F 19 40.71 42.67 41.68
CA GLU F 19 40.18 42.80 43.03
C GLU F 19 38.80 42.17 43.16
N GLY F 20 38.59 41.42 44.23
CA GLY F 20 37.27 40.89 44.63
C GLY F 20 36.37 40.38 43.52
N LEU F 21 36.61 39.13 43.11
CA LEU F 21 35.89 38.49 42.00
C LEU F 21 34.40 38.28 42.28
N PRO F 22 33.52 38.73 41.35
CA PRO F 22 32.06 38.66 41.50
C PRO F 22 31.51 37.23 41.32
N PRO F 23 30.45 36.87 42.09
CA PRO F 23 29.92 35.50 42.10
C PRO F 23 29.14 35.15 40.84
N ILE F 24 28.64 33.92 40.77
CA ILE F 24 27.78 33.46 39.68
C ILE F 24 26.40 34.16 39.74
N LEU F 25 25.82 34.41 38.57
CA LEU F 25 24.48 35.01 38.41
C LEU F 25 24.42 36.53 38.62
N ASN F 26 25.50 37.12 39.11
CA ASN F 26 25.60 38.58 39.28
C ASN F 26 25.55 39.35 37.96
N ALA F 27 24.90 40.51 38.00
CA ALA F 27 24.77 41.37 36.83
C ALA F 27 25.91 42.38 36.78
N LEU F 28 26.62 42.41 35.65
CA LEU F 28 27.72 43.33 35.46
C LEU F 28 27.32 44.45 34.50
N GLU F 29 28.02 45.57 34.56
CA GLU F 29 27.74 46.73 33.71
C GLU F 29 28.98 47.07 32.88
N VAL F 30 28.80 47.13 31.56
CA VAL F 30 29.93 47.46 30.68
C VAL F 30 30.01 48.97 30.47
N GLN F 31 31.19 49.51 30.72
CA GLN F 31 31.44 50.94 30.53
C GLN F 31 31.87 51.19 29.09
N GLY F 32 31.61 52.41 28.61
CA GLY F 32 32.02 52.82 27.27
C GLY F 32 31.02 52.41 26.19
N ARG F 33 29.77 52.23 26.60
CA ARG F 33 28.73 51.82 25.69
C ARG F 33 27.62 52.85 25.64
N GLU F 34 26.98 52.99 24.49
CA GLU F 34 25.89 53.93 24.32
C GLU F 34 24.63 53.52 25.08
N THR F 35 24.35 52.22 25.14
CA THR F 35 23.23 51.69 25.94
C THR F 35 23.61 50.49 26.80
N ARG F 36 22.86 50.30 27.89
CA ARG F 36 23.19 49.39 28.98
C ARG F 36 23.36 47.91 28.57
N LEU F 37 24.61 47.53 28.31
CA LEU F 37 24.98 46.15 28.01
C LEU F 37 25.25 45.42 29.32
N VAL F 38 24.33 44.55 29.71
CA VAL F 38 24.46 43.78 30.95
C VAL F 38 25.08 42.41 30.68
N LEU F 39 26.05 42.01 31.50
CA LEU F 39 26.61 40.66 31.42
C LEU F 39 26.24 39.90 32.68
N GLU F 40 25.70 38.70 32.53
CA GLU F 40 25.37 37.88 33.68
C GLU F 40 26.32 36.69 33.82
N VAL F 41 26.98 36.62 34.96
CA VAL F 41 28.01 35.62 35.23
C VAL F 41 27.45 34.22 35.15
N ALA F 42 28.22 33.32 34.54
CA ALA F 42 27.84 31.93 34.44
C ALA F 42 28.83 31.02 35.16
N GLN F 43 30.10 31.43 35.18
CA GLN F 43 31.16 30.61 35.79
C GLN F 43 32.47 31.35 36.09
N HIS F 44 33.24 30.81 37.04
CA HIS F 44 34.58 31.28 37.36
C HIS F 44 35.61 30.35 36.70
N LEU F 45 36.44 30.92 35.83
CA LEU F 45 37.36 30.14 35.01
C LEU F 45 38.72 29.95 35.65
N GLY F 46 38.89 30.51 36.85
CA GLY F 46 40.16 30.48 37.54
C GLY F 46 41.01 31.68 37.13
N GLU F 47 42.00 31.99 37.96
CA GLU F 47 42.89 33.13 37.73
C GLU F 47 42.11 34.44 37.59
N SER F 48 41.35 34.76 38.64
CA SER F 48 40.59 36.02 38.73
C SER F 48 39.73 36.31 37.49
N THR F 49 39.30 35.27 36.79
CA THR F 49 38.49 35.45 35.58
C THR F 49 37.11 34.80 35.77
N VAL F 50 36.09 35.49 35.28
CA VAL F 50 34.74 34.92 35.21
C VAL F 50 34.28 34.76 33.78
N ARG F 51 33.25 33.96 33.58
CA ARG F 51 32.58 33.82 32.28
C ARG F 51 31.12 34.25 32.41
N THR F 52 30.70 35.14 31.53
CA THR F 52 29.37 35.74 31.60
C THR F 52 28.64 35.60 30.27
N ILE F 53 27.30 35.58 30.34
CA ILE F 53 26.47 35.58 29.13
C ILE F 53 25.78 36.92 28.99
N ALA F 54 26.10 37.63 27.90
CA ALA F 54 25.60 38.99 27.63
C ALA F 54 24.07 39.07 27.60
N MET F 55 23.56 40.29 27.75
CA MET F 55 22.12 40.53 27.65
C MET F 55 21.77 41.35 26.42
N ASP F 56 22.78 41.66 25.60
CA ASP F 56 22.57 42.34 24.33
C ASP F 56 23.72 42.10 23.34
N GLY F 57 23.67 42.83 22.22
CA GLY F 57 24.65 42.71 21.15
C GLY F 57 26.05 43.06 21.62
N THR F 58 27.02 42.23 21.24
CA THR F 58 28.38 42.36 21.70
C THR F 58 29.28 43.09 20.69
N GLU F 59 28.69 43.67 19.65
CA GLU F 59 29.47 44.36 18.63
C GLU F 59 30.04 45.67 19.16
N GLY F 60 31.33 45.88 18.94
CA GLY F 60 32.02 47.06 19.46
C GLY F 60 32.58 46.89 20.86
N LEU F 61 33.17 45.72 21.12
CA LEU F 61 33.82 45.45 22.40
C LEU F 61 35.34 45.36 22.26
N VAL F 62 36.05 46.18 23.02
CA VAL F 62 37.51 46.24 22.96
C VAL F 62 38.11 45.39 24.06
N ARG F 63 39.13 44.60 23.73
CA ARG F 63 39.87 43.82 24.72
C ARG F 63 40.60 44.73 25.72
N GLY F 64 39.94 44.97 26.86
CA GLY F 64 40.47 45.88 27.88
C GLY F 64 39.35 46.67 28.53
N GLN F 65 38.32 46.96 27.75
CA GLN F 65 37.15 47.73 28.19
C GLN F 65 36.73 47.37 29.62
N LYS F 66 36.64 48.39 30.48
CA LYS F 66 36.29 48.21 31.89
C LYS F 66 34.86 47.74 32.09
N VAL F 67 34.66 46.91 33.12
CA VAL F 67 33.35 46.40 33.49
C VAL F 67 33.20 46.53 35.01
N LEU F 68 31.99 46.86 35.47
CA LEU F 68 31.74 47.03 36.89
C LEU F 68 30.62 46.14 37.43
N ASP F 69 30.99 45.28 38.38
CA ASP F 69 30.04 44.47 39.15
C ASP F 69 28.95 45.38 39.75
N SER F 70 27.75 44.84 39.94
CA SER F 70 26.67 45.58 40.55
C SER F 70 26.21 44.94 41.86
N GLY F 71 27.02 44.01 42.36
CA GLY F 71 26.79 43.36 43.65
C GLY F 71 25.40 42.76 43.85
N ALA F 72 24.79 42.33 42.74
CA ALA F 72 23.46 41.74 42.71
C ALA F 72 23.22 41.11 41.35
N PRO F 73 22.43 40.02 41.28
CA PRO F 73 21.94 39.55 39.99
C PRO F 73 21.12 40.61 39.25
N ILE F 74 20.64 40.28 38.04
CA ILE F 74 19.81 41.20 37.27
C ILE F 74 18.55 41.59 38.05
N ARG F 75 18.30 42.89 38.16
CA ARG F 75 17.19 43.42 38.94
C ARG F 75 16.16 44.15 38.10
N ILE F 76 14.88 43.89 38.38
CA ILE F 76 13.76 44.43 37.60
C ILE F 76 12.65 44.96 38.51
N PRO F 77 11.88 45.95 38.02
CA PRO F 77 10.66 46.37 38.71
C PRO F 77 9.64 45.24 38.78
N VAL F 78 8.84 45.24 39.85
CA VAL F 78 7.71 44.32 40.00
C VAL F 78 6.51 45.09 40.53
N GLY F 79 5.43 44.39 40.84
CA GLY F 79 4.25 45.01 41.44
C GLY F 79 3.30 45.69 40.48
N PRO F 80 2.19 46.23 41.00
CA PRO F 80 1.08 46.79 40.22
C PRO F 80 1.46 47.94 39.30
N GLU F 81 2.60 48.58 39.58
CA GLU F 81 3.07 49.71 38.77
C GLU F 81 3.67 49.30 37.42
N THR F 82 3.71 48.00 37.17
CA THR F 82 4.23 47.45 35.91
C THR F 82 3.11 47.08 34.94
N LEU F 83 1.87 47.14 35.43
CA LEU F 83 0.68 46.76 34.65
C LEU F 83 0.36 47.80 33.57
N GLY F 84 0.17 47.33 32.34
CA GLY F 84 -0.02 48.22 31.19
C GLY F 84 1.27 48.76 30.62
N ARG F 85 2.39 48.17 31.05
CA ARG F 85 3.71 48.61 30.62
C ARG F 85 4.48 47.45 30.00
N ILE F 86 5.21 47.73 28.93
CA ILE F 86 6.09 46.74 28.32
C ILE F 86 7.52 47.03 28.75
N MET F 87 8.23 45.99 29.18
CA MET F 87 9.63 46.08 29.53
C MET F 87 10.44 44.96 28.90
N ASN F 88 11.72 45.20 28.65
CA ASN F 88 12.61 44.17 28.11
C ASN F 88 13.09 43.21 29.20
N VAL F 89 14.13 42.44 28.90
CA VAL F 89 14.65 41.43 29.82
C VAL F 89 15.21 42.03 31.12
N ILE F 90 15.90 43.17 31.00
CA ILE F 90 16.59 43.78 32.14
C ILE F 90 15.80 44.85 32.89
N GLY F 91 14.53 45.00 32.55
CA GLY F 91 13.63 45.90 33.27
C GLY F 91 13.40 47.26 32.63
N GLU F 92 14.28 47.64 31.70
CA GLU F 92 14.13 48.87 30.92
C GLU F 92 12.80 48.84 30.15
N PRO F 93 11.97 49.87 30.33
CA PRO F 93 10.68 49.88 29.65
C PRO F 93 10.83 50.22 28.17
N ILE F 94 9.99 49.62 27.33
CA ILE F 94 10.10 49.80 25.88
C ILE F 94 8.80 50.25 25.21
N ASP F 95 7.89 50.82 25.97
CA ASP F 95 6.66 51.40 25.40
C ASP F 95 6.72 52.93 25.34
N GLU F 96 7.92 53.46 25.49
CA GLU F 96 8.21 54.92 25.42
C GLU F 96 7.16 55.81 26.12
N ARG F 97 6.96 55.57 27.41
CA ARG F 97 6.04 56.35 28.23
C ARG F 97 6.73 56.80 29.52
N GLY F 98 8.06 56.91 29.46
CA GLY F 98 8.88 57.23 30.63
C GLY F 98 9.24 55.98 31.41
N PRO F 99 10.19 56.10 32.36
CA PRO F 99 10.59 54.94 33.18
C PRO F 99 9.48 54.43 34.10
N ILE F 100 9.59 53.18 34.54
CA ILE F 100 8.61 52.57 35.44
C ILE F 100 8.89 52.98 36.88
N LYS F 101 7.91 53.63 37.49
CA LYS F 101 8.09 54.21 38.82
C LYS F 101 7.45 53.34 39.90
N THR F 102 8.32 52.68 40.68
CA THR F 102 7.90 51.83 41.82
C THR F 102 8.82 52.07 43.01
N LYS F 103 8.46 51.49 44.15
CA LYS F 103 9.38 51.34 45.28
C LYS F 103 10.02 49.95 45.23
N GLN F 104 9.21 48.96 44.86
CA GLN F 104 9.58 47.54 44.95
C GLN F 104 10.24 47.00 43.69
N PHE F 105 11.40 46.38 43.88
CA PHE F 105 12.16 45.74 42.83
C PHE F 105 12.46 44.30 43.24
N ALA F 106 12.75 43.44 42.27
CA ALA F 106 13.08 42.04 42.54
C ALA F 106 14.24 41.53 41.67
N ALA F 107 14.78 40.36 42.00
CA ALA F 107 15.79 39.70 41.18
C ALA F 107 15.14 38.59 40.36
N ILE F 108 15.55 38.48 39.10
CA ILE F 108 14.97 37.51 38.16
C ILE F 108 15.43 36.07 38.40
N HIS F 109 16.33 35.89 39.37
CA HIS F 109 16.75 34.56 39.79
C HIS F 109 16.23 34.31 41.20
N ALA F 110 15.57 33.16 41.37
CA ALA F 110 14.99 32.78 42.66
C ALA F 110 14.90 31.27 42.81
N GLU F 111 14.87 30.81 44.06
CA GLU F 111 14.69 29.39 44.34
C GLU F 111 13.23 29.00 44.10
N ALA F 112 13.03 27.72 43.78
CA ALA F 112 11.68 27.17 43.64
C ALA F 112 11.03 26.97 45.00
N PRO F 113 9.74 27.36 45.13
CA PRO F 113 8.95 27.14 46.35
C PRO F 113 9.18 25.76 46.95
N GLU F 114 9.43 25.73 48.27
CA GLU F 114 9.73 24.50 48.99
C GLU F 114 8.56 23.54 48.96
N PHE F 115 8.83 22.23 49.10
CA PHE F 115 7.80 21.20 49.00
C PHE F 115 6.54 21.53 49.81
N VAL F 116 6.72 22.10 50.99
CA VAL F 116 5.61 22.48 51.85
C VAL F 116 4.69 23.52 51.23
N GLU F 117 5.26 24.39 50.39
CA GLU F 117 4.51 25.49 49.79
C GLU F 117 3.62 25.07 48.62
N MET F 118 3.74 23.81 48.19
CA MET F 118 2.94 23.31 47.05
C MET F 118 1.47 23.14 47.40
N SER F 119 0.60 23.40 46.43
CA SER F 119 -0.84 23.24 46.60
C SER F 119 -1.32 21.90 46.06
N VAL F 120 -2.47 21.43 46.55
CA VAL F 120 -3.03 20.15 46.12
C VAL F 120 -4.48 20.24 45.64
N GLU F 121 -5.03 21.45 45.62
CA GLU F 121 -6.40 21.67 45.17
C GLU F 121 -6.50 21.48 43.66
N GLN F 122 -7.53 20.75 43.23
CA GLN F 122 -7.74 20.45 41.81
C GLN F 122 -9.16 20.80 41.40
N GLU F 123 -9.30 21.93 40.70
CA GLU F 123 -10.60 22.37 40.19
C GLU F 123 -10.53 22.82 38.73
N ILE F 124 -11.55 22.44 37.97
CA ILE F 124 -11.62 22.66 36.52
C ILE F 124 -11.71 24.14 36.13
N LEU F 125 -11.05 24.48 35.02
CA LEU F 125 -11.22 25.78 34.37
C LEU F 125 -11.86 25.59 33.00
N VAL F 126 -13.13 25.97 32.88
CA VAL F 126 -13.84 26.01 31.61
C VAL F 126 -13.14 27.01 30.70
N THR F 127 -13.07 26.70 29.41
CA THR F 127 -12.50 27.65 28.44
C THR F 127 -13.52 28.06 27.38
N GLY F 128 -14.46 27.17 27.10
CA GLY F 128 -15.41 27.38 26.01
C GLY F 128 -14.87 26.79 24.73
N ILE F 129 -13.81 25.99 24.86
CA ILE F 129 -13.19 25.30 23.73
C ILE F 129 -13.46 23.80 23.87
N LYS F 130 -14.16 23.24 22.88
CA LYS F 130 -14.75 21.90 22.97
C LYS F 130 -13.71 20.79 23.11
N VAL F 131 -12.76 20.76 22.17
CA VAL F 131 -11.70 19.73 22.14
C VAL F 131 -10.85 19.72 23.42
N VAL F 132 -10.76 20.88 24.06
CA VAL F 132 -10.00 21.03 25.30
C VAL F 132 -10.86 20.63 26.51
N ASP F 133 -11.99 21.33 26.69
CA ASP F 133 -12.85 21.16 27.87
C ASP F 133 -13.40 19.75 28.04
N LEU F 134 -13.46 18.99 26.95
CA LEU F 134 -13.90 17.60 27.02
C LEU F 134 -12.76 16.63 27.34
N LEU F 135 -11.69 16.68 26.56
CA LEU F 135 -10.66 15.63 26.56
C LEU F 135 -9.38 15.92 27.34
N ALA F 136 -9.05 17.21 27.48
CA ALA F 136 -7.87 17.64 28.26
C ALA F 136 -8.08 19.03 28.87
N PRO F 137 -9.03 19.15 29.83
CA PRO F 137 -9.44 20.45 30.36
C PRO F 137 -8.48 21.02 31.40
N TYR F 138 -8.20 22.32 31.28
CA TYR F 138 -7.24 22.99 32.16
C TYR F 138 -7.82 23.20 33.55
N ALA F 139 -6.95 23.29 34.55
CA ALA F 139 -7.36 23.48 35.93
C ALA F 139 -6.87 24.83 36.45
N LYS F 140 -7.73 25.51 37.21
CA LYS F 140 -7.41 26.83 37.79
C LYS F 140 -6.11 26.74 38.58
N GLY F 141 -5.16 27.58 38.22
CA GLY F 141 -3.83 27.58 38.84
C GLY F 141 -3.02 26.36 38.45
N GLY F 142 -3.29 25.84 37.26
CA GLY F 142 -2.58 24.67 36.73
C GLY F 142 -1.62 25.01 35.60
N LYS F 143 -0.80 24.03 35.22
CA LYS F 143 0.21 24.24 34.18
C LYS F 143 -0.26 23.73 32.82
N ILE F 144 -0.42 24.66 31.87
CA ILE F 144 -0.99 24.38 30.55
C ILE F 144 0.07 24.53 29.46
N GLY F 145 0.29 23.44 28.73
CA GLY F 145 1.27 23.43 27.65
C GLY F 145 0.62 23.26 26.29
N LEU F 146 0.85 24.23 25.41
CA LEU F 146 0.34 24.19 24.04
C LEU F 146 1.46 23.82 23.07
N PHE F 147 1.56 22.53 22.78
CA PHE F 147 2.56 22.00 21.86
C PHE F 147 2.15 22.21 20.41
N GLY F 148 3.13 22.42 19.54
CA GLY F 148 2.84 22.64 18.13
C GLY F 148 4.08 22.91 17.30
N GLY F 149 4.10 22.32 16.10
CA GLY F 149 5.14 22.58 15.13
C GLY F 149 4.95 23.93 14.49
N ALA F 150 5.73 24.19 13.44
CA ALA F 150 5.70 25.48 12.78
C ALA F 150 4.38 25.73 12.05
N GLY F 151 3.71 26.82 12.42
CA GLY F 151 2.49 27.28 11.76
C GLY F 151 1.29 26.39 11.96
N VAL F 152 1.16 25.79 13.15
CA VAL F 152 0.11 24.81 13.38
C VAL F 152 -1.10 25.33 14.18
N GLY F 153 -0.90 26.39 14.97
CA GLY F 153 -2.02 27.05 15.65
C GLY F 153 -1.82 27.41 17.11
N LYS F 154 -0.57 27.56 17.55
CA LYS F 154 -0.28 27.89 18.95
C LYS F 154 -0.65 29.33 19.29
N THR F 155 0.06 30.26 18.66
CA THR F 155 -0.06 31.70 18.93
C THR F 155 -1.50 32.18 18.70
N VAL F 156 -2.23 31.49 17.84
CA VAL F 156 -3.66 31.77 17.62
C VAL F 156 -4.51 31.22 18.76
N LEU F 157 -4.18 30.01 19.23
CA LEU F 157 -4.92 29.40 20.34
C LEU F 157 -4.72 30.17 21.63
N ILE F 158 -3.47 30.51 21.93
CA ILE F 158 -3.12 31.24 23.16
C ILE F 158 -3.70 32.66 23.17
N MET F 159 -4.02 33.19 21.99
CA MET F 159 -4.67 34.49 21.85
C MET F 159 -6.18 34.39 22.08
N GLU F 160 -6.78 33.34 21.52
CA GLU F 160 -8.17 33.00 21.79
C GLU F 160 -8.39 32.79 23.28
N LEU F 161 -7.52 31.98 23.90
CA LEU F 161 -7.58 31.71 25.33
C LEU F 161 -7.53 32.96 26.21
N ILE F 162 -6.70 33.93 25.83
CA ILE F 162 -6.66 35.23 26.51
C ILE F 162 -8.03 35.89 26.42
N ASN F 163 -8.51 36.07 25.18
CA ASN F 163 -9.83 36.64 24.91
C ASN F 163 -10.95 35.96 25.72
N ASN F 164 -10.75 34.68 26.00
CA ASN F 164 -11.72 33.91 26.76
C ASN F 164 -11.60 34.07 28.27
N VAL F 165 -10.39 33.82 28.80
CA VAL F 165 -10.19 33.76 30.24
C VAL F 165 -9.59 35.05 30.82
N ALA F 166 -8.57 35.59 30.16
CA ALA F 166 -7.84 36.75 30.68
C ALA F 166 -8.68 38.02 30.79
N LYS F 167 -9.55 38.24 29.80
CA LYS F 167 -10.41 39.42 29.78
C LYS F 167 -11.48 39.38 30.87
N ALA F 168 -12.12 38.22 31.02
CA ALA F 168 -13.15 38.03 32.04
C ALA F 168 -12.56 37.52 33.35
N HIS F 169 -11.44 38.12 33.76
CA HIS F 169 -10.72 37.71 34.96
C HIS F 169 -10.66 38.84 36.00
N GLY F 170 -10.84 38.46 37.26
CA GLY F 170 -10.80 39.41 38.38
C GLY F 170 -9.40 39.89 38.71
N GLY F 171 -8.49 38.93 38.93
CA GLY F 171 -7.10 39.23 39.27
C GLY F 171 -6.28 39.79 38.12
N TYR F 172 -4.95 39.71 38.26
CA TYR F 172 -4.03 40.28 37.26
C TYR F 172 -3.48 39.24 36.27
N SER F 173 -2.92 39.72 35.16
CA SER F 173 -2.34 38.85 34.13
C SER F 173 -0.96 39.31 33.69
N VAL F 174 -0.04 38.36 33.49
CA VAL F 174 1.30 38.65 32.99
C VAL F 174 1.54 37.92 31.67
N PHE F 175 1.91 38.67 30.64
CA PHE F 175 2.28 38.09 29.35
C PHE F 175 3.79 38.20 29.15
N ALA F 176 4.40 37.11 28.73
CA ALA F 176 5.84 37.08 28.47
C ALA F 176 6.13 36.58 27.05
N GLY F 177 6.42 37.52 26.16
CA GLY F 177 6.83 37.19 24.81
C GLY F 177 8.28 36.75 24.79
N VAL F 178 8.50 35.47 24.52
CA VAL F 178 9.85 34.92 24.49
C VAL F 178 10.20 34.41 23.09
N GLY F 179 11.04 35.17 22.39
CA GLY F 179 11.63 34.76 21.12
C GLY F 179 10.71 34.52 19.94
N GLU F 180 9.52 35.12 19.96
CA GLU F 180 8.62 35.07 18.80
C GLU F 180 8.72 36.36 17.99
N ARG F 181 7.79 36.60 17.07
CA ARG F 181 7.84 37.78 16.18
C ARG F 181 7.56 39.09 16.91
N THR F 182 8.25 40.15 16.50
CA THR F 182 8.08 41.47 17.12
C THR F 182 6.70 42.07 16.83
N ARG F 183 6.23 41.88 15.61
CA ARG F 183 4.88 42.34 15.22
C ARG F 183 3.81 41.63 16.04
N GLU F 184 4.14 40.46 16.58
CA GLU F 184 3.25 39.69 17.46
C GLU F 184 3.07 40.36 18.81
N GLY F 185 3.94 41.33 19.11
CA GLY F 185 3.76 42.19 20.27
C GLY F 185 2.98 43.44 19.91
N ASN F 186 3.32 44.02 18.76
CA ASN F 186 2.62 45.20 18.23
C ASN F 186 1.17 44.90 17.88
N ASP F 187 0.88 43.63 17.61
CA ASP F 187 -0.50 43.18 17.47
C ASP F 187 -1.19 43.11 18.83
N LEU F 188 -0.58 42.40 19.78
CA LEU F 188 -1.16 42.21 21.11
C LEU F 188 -1.36 43.51 21.88
N TYR F 189 -0.38 44.40 21.80
CA TYR F 189 -0.42 45.68 22.53
C TYR F 189 -1.56 46.56 22.05
N HIS F 190 -1.68 46.76 20.74
CA HIS F 190 -2.72 47.62 20.16
C HIS F 190 -4.12 47.02 20.27
N GLU F 191 -4.17 45.68 20.26
CA GLU F 191 -5.42 44.95 20.44
C GLU F 191 -5.87 45.03 21.89
N MET F 192 -4.91 45.04 22.81
CA MET F 192 -5.21 45.10 24.23
C MET F 192 -5.62 46.49 24.71
N ILE F 193 -4.94 47.52 24.19
CA ILE F 193 -5.33 48.91 24.44
C ILE F 193 -6.78 49.10 24.01
N GLU F 194 -7.11 48.55 22.84
CA GLU F 194 -8.44 48.62 22.24
C GLU F 194 -9.51 47.98 23.12
N SER F 195 -9.17 46.86 23.76
CA SER F 195 -10.11 46.11 24.59
C SER F 195 -10.20 46.63 26.03
N GLY F 196 -9.31 47.56 26.38
CA GLY F 196 -9.37 48.20 27.70
C GLY F 196 -8.50 47.57 28.76
N VAL F 197 -8.11 46.31 28.56
CA VAL F 197 -7.24 45.59 29.52
C VAL F 197 -5.92 46.31 29.77
N ILE F 198 -5.49 47.11 28.80
CA ILE F 198 -4.41 48.07 29.00
C ILE F 198 -4.99 49.47 28.84
N ASN F 199 -4.90 50.28 29.90
CA ASN F 199 -5.39 51.64 29.89
C ASN F 199 -4.26 52.66 29.98
N LEU F 200 -4.22 53.56 29.00
CA LEU F 200 -3.13 54.53 28.89
C LEU F 200 -3.44 55.82 29.64
N LYS F 201 -4.71 56.21 29.66
CA LYS F 201 -5.14 57.46 30.29
C LYS F 201 -5.00 57.37 31.81
N ASP F 202 -5.56 56.31 32.40
CA ASP F 202 -5.43 56.04 33.83
C ASP F 202 -4.62 54.77 34.11
N ALA F 203 -4.75 54.22 35.31
CA ALA F 203 -4.03 53.00 35.69
C ALA F 203 -4.96 51.90 36.23
N THR F 204 -6.00 51.59 35.47
CA THR F 204 -6.87 50.43 35.75
C THR F 204 -6.34 49.21 34.98
N SER F 205 -5.09 49.32 34.53
CA SER F 205 -4.43 48.32 33.68
C SER F 205 -4.31 46.96 34.36
N LYS F 206 -4.64 45.90 33.60
CA LYS F 206 -4.81 44.57 34.16
C LYS F 206 -3.71 43.58 33.76
N VAL F 207 -3.04 43.86 32.65
CA VAL F 207 -2.03 42.96 32.11
C VAL F 207 -0.66 43.61 32.11
N ALA F 208 0.35 42.84 32.50
CA ALA F 208 1.74 43.28 32.44
C ALA F 208 2.46 42.59 31.29
N LEU F 209 3.23 43.35 30.53
CA LEU F 209 3.89 42.81 29.35
C LEU F 209 5.41 42.84 29.47
N VAL F 210 6.04 41.72 29.09
CA VAL F 210 7.49 41.61 29.04
C VAL F 210 7.86 40.93 27.72
N TYR F 211 8.86 41.48 27.04
CA TYR F 211 9.24 40.98 25.71
C TYR F 211 10.74 40.74 25.51
N GLY F 212 11.05 39.67 24.77
CA GLY F 212 12.41 39.36 24.36
C GLY F 212 12.31 38.55 23.09
N GLN F 213 11.88 39.21 22.01
CA GLN F 213 11.51 38.54 20.76
C GLN F 213 12.70 37.98 19.98
N MET F 214 12.42 37.38 18.83
CA MET F 214 13.45 36.73 18.02
C MET F 214 14.43 37.71 17.34
N ASN F 215 14.36 38.98 17.72
CA ASN F 215 15.36 39.96 17.31
C ASN F 215 16.48 40.07 18.35
N GLU F 216 16.17 39.67 19.58
CA GLU F 216 17.11 39.73 20.69
C GLU F 216 18.13 38.60 20.62
N PRO F 217 19.39 38.89 21.02
CA PRO F 217 20.47 37.90 21.07
C PRO F 217 20.21 36.79 22.10
N PRO F 218 20.85 35.63 21.93
CA PRO F 218 20.58 34.43 22.75
C PRO F 218 20.46 34.74 24.24
N GLY F 219 21.42 35.50 24.78
CA GLY F 219 21.45 35.82 26.20
C GLY F 219 20.16 36.44 26.71
N ALA F 220 19.61 37.37 25.93
CA ALA F 220 18.38 38.06 26.29
C ALA F 220 17.17 37.13 26.23
N ARG F 221 17.12 36.30 25.19
CA ARG F 221 16.06 35.31 25.03
C ARG F 221 16.15 34.21 26.10
N ALA F 222 17.37 34.00 26.61
CA ALA F 222 17.62 33.00 27.63
C ALA F 222 17.09 33.39 29.01
N ARG F 223 17.01 34.70 29.27
CA ARG F 223 16.64 35.19 30.60
C ARG F 223 15.32 35.93 30.62
N VAL F 224 14.75 36.21 29.44
CA VAL F 224 13.52 37.01 29.34
C VAL F 224 12.28 36.28 29.87
N ALA F 225 12.31 34.95 29.84
CA ALA F 225 11.25 34.16 30.42
C ALA F 225 11.24 34.34 31.93
N LEU F 226 12.44 34.36 32.53
CA LEU F 226 12.61 34.59 33.95
C LEU F 226 12.06 35.96 34.35
N THR F 227 12.35 36.97 33.54
CA THR F 227 11.86 38.33 33.78
C THR F 227 10.35 38.34 33.95
N GLY F 228 9.65 37.75 32.98
CA GLY F 228 8.20 37.68 33.00
C GLY F 228 7.63 36.94 34.19
N LEU F 229 8.14 35.73 34.43
CA LEU F 229 7.64 34.89 35.52
C LEU F 229 7.92 35.48 36.91
N THR F 230 8.95 36.32 37.01
CA THR F 230 9.30 37.02 38.26
C THR F 230 8.27 38.11 38.55
N VAL F 231 7.82 38.78 37.49
CA VAL F 231 6.73 39.76 37.57
C VAL F 231 5.45 39.05 38.04
N ALA F 232 5.25 37.84 37.56
CA ALA F 232 4.12 37.00 37.96
C ALA F 232 4.29 36.47 39.39
N GLU F 233 5.52 36.12 39.76
CA GLU F 233 5.81 35.61 41.10
C GLU F 233 5.32 36.55 42.19
N TYR F 234 5.58 37.85 42.00
CA TYR F 234 5.19 38.88 42.96
C TYR F 234 3.68 38.90 43.21
N PHE F 235 2.89 38.97 42.14
CA PHE F 235 1.43 39.02 42.24
C PHE F 235 0.82 37.78 42.91
N ARG F 236 1.62 36.71 42.98
CA ARG F 236 1.25 35.47 43.65
C ARG F 236 1.58 35.53 45.15
N ASP F 237 2.82 35.89 45.47
CA ASP F 237 3.29 35.83 46.86
C ASP F 237 3.00 37.11 47.65
N GLN F 238 3.46 38.25 47.14
CA GLN F 238 3.40 39.53 47.86
C GLN F 238 2.00 40.18 47.91
N GLU F 239 1.08 39.64 47.12
CA GLU F 239 -0.30 40.13 47.10
C GLU F 239 -1.32 38.99 47.18
N GLY F 240 -0.85 37.77 46.88
CA GLY F 240 -1.64 36.55 47.07
C GLY F 240 -2.96 36.47 46.34
N GLN F 241 -2.91 36.48 45.01
CA GLN F 241 -4.13 36.53 44.18
C GLN F 241 -4.17 35.42 43.12
N ASP F 242 -5.05 35.59 42.12
CA ASP F 242 -5.13 34.67 40.99
C ASP F 242 -4.43 35.30 39.79
N VAL F 243 -3.16 34.94 39.61
CA VAL F 243 -2.36 35.45 38.51
C VAL F 243 -2.57 34.54 37.30
N LEU F 244 -2.67 35.15 36.12
CA LEU F 244 -2.64 34.39 34.88
C LEU F 244 -1.32 34.68 34.17
N LEU F 245 -0.52 33.64 33.97
CA LEU F 245 0.75 33.78 33.24
C LEU F 245 0.66 33.18 31.85
N PHE F 246 1.00 33.97 30.84
CA PHE F 246 1.02 33.52 29.46
C PHE F 246 2.43 33.63 28.88
N ILE F 247 2.92 32.54 28.28
CA ILE F 247 4.25 32.53 27.65
C ILE F 247 4.24 31.98 26.22
N ASP F 248 4.83 32.75 25.31
CA ASP F 248 4.99 32.37 23.91
C ASP F 248 6.26 33.07 23.45
N ASN F 249 7.33 32.33 23.17
CA ASN F 249 7.34 30.87 23.16
C ASN F 249 8.38 30.29 24.12
N ILE F 250 7.96 29.27 24.87
CA ILE F 250 8.77 28.69 25.94
C ILE F 250 10.00 27.92 25.42
N PHE F 251 9.95 27.54 24.15
CA PHE F 251 11.03 26.78 23.52
C PHE F 251 12.27 27.65 23.33
N ARG F 252 12.04 28.92 23.01
CA ARG F 252 13.11 29.87 22.73
C ARG F 252 14.03 30.07 23.93
N PHE F 253 13.59 29.63 25.11
CA PHE F 253 14.40 29.62 26.33
C PHE F 253 15.50 28.56 26.24
N THR F 254 15.14 27.36 25.80
CA THR F 254 16.08 26.25 25.66
C THR F 254 16.88 26.36 24.36
N GLN F 255 16.27 26.95 23.34
CA GLN F 255 16.92 27.24 22.07
C GLN F 255 18.06 28.25 22.27
N ALA F 256 17.76 29.35 22.97
CA ALA F 256 18.75 30.34 23.33
C ALA F 256 19.88 29.72 24.12
N GLY F 257 19.53 28.83 25.04
CA GLY F 257 20.50 28.06 25.81
C GLY F 257 21.39 27.25 24.89
N SER F 258 20.76 26.52 23.98
CA SER F 258 21.44 25.77 22.93
C SER F 258 22.47 26.64 22.20
N GLU F 259 22.12 27.90 21.97
CA GLU F 259 22.97 28.82 21.23
C GLU F 259 24.25 29.21 21.96
N VAL F 260 24.18 29.30 23.30
CA VAL F 260 25.34 29.71 24.10
C VAL F 260 26.12 28.55 24.69
N SER F 261 25.44 27.43 24.93
CA SER F 261 26.04 26.24 25.57
C SER F 261 27.36 25.82 24.92
N ALA F 262 27.39 25.90 23.60
CA ALA F 262 28.59 25.61 22.83
C ALA F 262 29.73 26.50 23.31
N LEU F 263 29.49 27.81 23.31
CA LEU F 263 30.51 28.81 23.60
C LEU F 263 30.87 28.87 25.09
N LEU F 264 29.93 28.51 25.95
CA LEU F 264 30.18 28.42 27.39
C LEU F 264 31.26 27.40 27.74
N GLY F 265 31.50 26.45 26.83
CA GLY F 265 32.53 25.44 27.00
C GLY F 265 32.00 24.10 27.46
N ARG F 266 30.71 23.84 27.19
CA ARG F 266 30.10 22.53 27.44
C ARG F 266 30.48 21.56 26.32
N ILE F 267 30.28 20.27 26.55
CA ILE F 267 30.32 19.29 25.44
C ILE F 267 28.89 18.97 25.08
N PRO F 268 28.55 19.02 23.76
CA PRO F 268 27.16 18.90 23.31
C PRO F 268 26.50 17.57 23.66
N SER F 269 25.23 17.64 24.06
CA SER F 269 24.44 16.45 24.40
C SER F 269 23.73 15.88 23.17
N ALA F 270 22.50 15.40 23.36
CA ALA F 270 21.70 14.85 22.27
C ALA F 270 21.19 15.96 21.37
N VAL F 271 21.27 15.73 20.05
CA VAL F 271 20.84 16.71 19.05
C VAL F 271 21.70 17.99 19.12
N GLY F 272 22.85 17.88 19.79
CA GLY F 272 23.76 19.02 19.96
C GLY F 272 23.26 20.06 20.94
N TYR F 273 22.40 19.64 21.86
CA TYR F 273 21.86 20.53 22.90
C TYR F 273 22.83 20.74 24.05
N GLN F 274 22.48 21.69 24.92
CA GLN F 274 23.17 21.89 26.18
C GLN F 274 22.99 20.65 27.06
N PRO F 275 24.10 20.13 27.63
CA PRO F 275 23.99 18.99 28.54
C PRO F 275 23.13 19.32 29.75
N THR F 276 23.03 20.61 30.06
CA THR F 276 22.30 21.09 31.23
C THR F 276 20.80 21.31 30.97
N LEU F 277 20.30 20.82 29.84
CA LEU F 277 18.90 20.99 29.45
C LEU F 277 17.93 20.54 30.54
N ALA F 278 18.24 19.40 31.15
CA ALA F 278 17.43 18.80 32.20
C ALA F 278 17.09 19.78 33.32
N THR F 279 18.14 20.42 33.86
CA THR F 279 18.03 21.26 35.04
C THR F 279 17.82 22.75 34.71
N ASP F 280 18.38 23.20 33.59
CA ASP F 280 18.15 24.56 33.09
C ASP F 280 16.67 24.88 33.05
N MET F 281 15.89 23.90 32.60
CA MET F 281 14.44 24.03 32.49
C MET F 281 13.77 23.88 33.85
N GLY F 282 14.25 22.95 34.66
CA GLY F 282 13.67 22.64 35.97
C GLY F 282 13.58 23.80 36.95
N THR F 283 14.74 24.36 37.30
CA THR F 283 14.83 25.50 38.23
C THR F 283 13.99 26.70 37.77
N MET F 284 13.91 26.90 36.46
CA MET F 284 13.13 28.00 35.90
C MET F 284 11.63 27.69 35.89
N GLN F 285 11.27 26.47 35.50
CA GLN F 285 9.86 26.07 35.37
C GLN F 285 9.14 25.87 36.71
N GLU F 286 9.86 25.32 37.68
CA GLU F 286 9.27 25.01 38.99
C GLU F 286 8.82 26.25 39.77
N ARG F 287 9.33 27.42 39.37
CA ARG F 287 8.91 28.70 39.93
C ARG F 287 7.50 29.06 39.47
N ILE F 288 7.25 28.86 38.18
CA ILE F 288 5.95 29.10 37.56
C ILE F 288 4.96 28.08 38.13
N THR F 289 4.38 28.40 39.30
CA THR F 289 3.50 27.45 40.00
C THR F 289 2.51 28.11 40.95
N THR F 290 1.50 27.34 41.36
CA THR F 290 0.57 27.74 42.41
C THR F 290 1.15 27.36 43.77
N THR F 291 1.17 28.31 44.70
CA THR F 291 1.59 28.06 46.07
C THR F 291 0.43 28.17 47.05
N LYS F 292 0.73 27.97 48.33
CA LYS F 292 -0.25 28.13 49.39
C LYS F 292 -0.55 29.60 49.70
N LYS F 293 0.26 30.50 49.13
CA LYS F 293 0.09 31.95 49.29
C LYS F 293 -0.68 32.60 48.14
N GLY F 294 -0.64 31.95 46.97
CA GLY F 294 -1.35 32.44 45.77
C GLY F 294 -1.36 31.44 44.64
N SER F 295 -2.04 31.76 43.55
CA SER F 295 -2.19 30.82 42.43
C SER F 295 -1.87 31.42 41.08
N ILE F 296 -1.09 30.67 40.29
CA ILE F 296 -0.75 31.03 38.92
C ILE F 296 -1.28 29.99 37.93
N THR F 297 -2.16 30.44 37.04
CA THR F 297 -2.60 29.64 35.88
C THR F 297 -1.68 29.95 34.71
N SER F 298 -0.84 28.98 34.34
CA SER F 298 0.22 29.20 33.38
C SER F 298 -0.01 28.52 32.03
N VAL F 299 -0.24 29.34 30.99
CA VAL F 299 -0.40 28.83 29.64
C VAL F 299 0.87 29.14 28.85
N GLN F 300 1.58 28.08 28.46
CA GLN F 300 2.87 28.20 27.79
C GLN F 300 2.86 27.46 26.45
N ALA F 301 2.95 28.23 25.36
CA ALA F 301 2.99 27.67 24.01
C ALA F 301 4.38 27.14 23.70
N ILE F 302 4.44 25.94 23.12
CA ILE F 302 5.69 25.21 22.98
C ILE F 302 5.99 24.87 21.52
N TYR F 303 7.01 25.54 20.96
CA TYR F 303 7.42 25.29 19.59
C TYR F 303 8.11 23.94 19.48
N VAL F 304 7.63 23.11 18.55
CA VAL F 304 8.26 21.83 18.23
C VAL F 304 9.08 21.98 16.95
N PRO F 305 10.41 21.72 17.04
CA PRO F 305 11.28 21.82 15.87
C PRO F 305 11.30 20.54 15.03
N ALA F 306 11.07 20.68 13.72
CA ALA F 306 11.00 19.57 12.77
C ALA F 306 9.90 18.56 13.11
N ASP F 307 8.79 19.07 13.65
CA ASP F 307 7.64 18.27 14.08
C ASP F 307 8.04 17.04 14.90
N ASP F 308 9.24 17.10 15.47
CA ASP F 308 9.81 15.99 16.20
C ASP F 308 9.47 16.07 17.69
N LEU F 309 8.40 15.38 18.07
CA LEU F 309 7.96 15.36 19.47
C LEU F 309 8.93 14.63 20.40
N THR F 310 9.98 14.03 19.83
CA THR F 310 11.00 13.36 20.62
C THR F 310 12.25 14.22 20.82
N ASP F 311 12.30 15.36 20.14
CA ASP F 311 13.40 16.31 20.34
C ASP F 311 13.49 16.63 21.83
N PRO F 312 14.71 16.58 22.40
CA PRO F 312 14.90 16.77 23.84
C PRO F 312 14.19 17.98 24.44
N ALA F 313 13.90 18.98 23.62
CA ALA F 313 13.24 20.19 24.10
C ALA F 313 11.74 20.05 24.43
N PRO F 314 10.90 19.72 23.42
CA PRO F 314 9.49 19.52 23.76
C PRO F 314 9.21 18.30 24.64
N ALA F 315 10.08 17.28 24.57
CA ALA F 315 9.88 16.04 25.32
C ALA F 315 10.19 16.18 26.82
N THR F 316 11.06 17.11 27.17
CA THR F 316 11.37 17.39 28.57
C THR F 316 10.30 18.30 29.17
N THR F 317 9.63 19.06 28.31
CA THR F 317 8.63 20.04 28.74
C THR F 317 7.36 19.38 29.28
N PHE F 318 7.02 18.21 28.76
CA PHE F 318 5.86 17.44 29.23
C PHE F 318 5.85 17.25 30.74
N ALA F 319 6.99 16.82 31.28
CA ALA F 319 7.16 16.49 32.69
C ALA F 319 6.78 17.63 33.64
N HIS F 320 6.83 18.86 33.14
CA HIS F 320 6.52 20.04 33.96
C HIS F 320 5.05 20.45 33.91
N LEU F 321 4.22 19.65 33.27
CA LEU F 321 2.87 20.11 32.94
C LEU F 321 1.73 19.36 33.62
N ASP F 322 0.61 20.08 33.78
CA ASP F 322 -0.62 19.53 34.34
C ASP F 322 -1.58 19.17 33.24
N ALA F 323 -1.66 20.03 32.23
CA ALA F 323 -2.46 19.76 31.05
C ALA F 323 -1.61 19.99 29.79
N THR F 324 -1.62 18.99 28.91
CA THR F 324 -0.91 19.10 27.64
C THR F 324 -1.93 19.09 26.51
N THR F 325 -1.96 20.16 25.72
CA THR F 325 -2.81 20.23 24.56
C THR F 325 -1.94 20.26 23.31
N VAL F 326 -1.90 19.14 22.61
CA VAL F 326 -0.99 18.93 21.49
C VAL F 326 -1.66 19.26 20.16
N LEU F 327 -1.09 20.20 19.43
CA LEU F 327 -1.53 20.58 18.10
C LEU F 327 -0.76 19.79 17.04
N SER F 328 -1.49 19.21 16.10
CA SER F 328 -0.90 18.35 15.07
C SER F 328 -1.12 18.87 13.65
N ARG F 329 -0.04 18.87 12.86
CA ARG F 329 -0.05 19.38 11.50
C ARG F 329 -1.01 18.60 10.63
N ALA F 330 -0.95 17.27 10.73
CA ALA F 330 -1.84 16.40 9.98
C ALA F 330 -3.30 16.81 10.18
N ILE F 331 -3.65 17.04 11.45
CA ILE F 331 -4.99 17.51 11.83
C ILE F 331 -5.28 18.87 11.20
N ALA F 332 -4.31 19.78 11.29
CA ALA F 332 -4.43 21.13 10.73
C ALA F 332 -4.63 21.10 9.22
N GLU F 333 -3.86 20.25 8.55
CA GLU F 333 -3.92 20.12 7.10
C GLU F 333 -5.19 19.42 6.63
N LEU F 334 -5.91 18.82 7.57
CA LEU F 334 -7.26 18.28 7.33
C LEU F 334 -8.30 19.37 7.55
N GLY F 335 -7.85 20.60 7.75
CA GLY F 335 -8.75 21.73 7.96
C GLY F 335 -9.53 21.64 9.26
N ILE F 336 -8.96 20.91 10.23
CA ILE F 336 -9.54 20.86 11.57
C ILE F 336 -8.86 21.90 12.45
N TYR F 337 -9.66 22.81 12.98
CA TYR F 337 -9.18 23.85 13.89
C TYR F 337 -10.18 24.04 15.03
N PRO F 338 -9.68 24.13 16.28
CA PRO F 338 -8.26 24.05 16.65
C PRO F 338 -7.71 22.67 16.34
N ALA F 339 -6.47 22.63 15.84
CA ALA F 339 -5.85 21.39 15.37
C ALA F 339 -5.34 20.50 16.50
N VAL F 340 -6.16 20.35 17.53
CA VAL F 340 -5.80 19.58 18.73
C VAL F 340 -5.98 18.09 18.50
N ASP F 341 -4.88 17.35 18.63
CA ASP F 341 -4.90 15.90 18.60
C ASP F 341 -5.68 15.41 19.82
N PRO F 342 -6.82 14.73 19.58
CA PRO F 342 -7.74 14.33 20.64
C PRO F 342 -7.35 13.03 21.34
N LEU F 343 -6.15 12.52 21.05
CA LEU F 343 -5.68 11.28 21.65
C LEU F 343 -4.27 11.42 22.22
N ASP F 344 -3.58 12.50 21.84
CA ASP F 344 -2.24 12.77 22.34
C ASP F 344 -2.27 13.78 23.48
N SER F 345 -3.36 14.55 23.54
CA SER F 345 -3.57 15.53 24.61
C SER F 345 -4.07 14.86 25.89
N THR F 346 -3.51 15.25 27.02
CA THR F 346 -3.89 14.69 28.32
C THR F 346 -3.98 15.74 29.41
N SER F 347 -4.86 15.50 30.38
CA SER F 347 -4.99 16.33 31.57
C SER F 347 -4.96 15.47 32.83
N ARG F 348 -4.17 15.89 33.81
CA ARG F 348 -4.08 15.20 35.09
C ARG F 348 -5.41 15.27 35.86
N ILE F 349 -6.30 16.13 35.39
CA ILE F 349 -7.60 16.36 36.01
C ILE F 349 -8.64 15.33 35.55
N MET F 350 -8.41 14.71 34.40
CA MET F 350 -9.31 13.67 33.87
C MET F 350 -9.38 12.49 34.85
N ASP F 351 -10.27 12.64 35.81
CA ASP F 351 -10.44 11.74 36.94
C ASP F 351 -11.88 11.96 37.35
N PRO F 352 -12.71 10.91 37.29
CA PRO F 352 -14.15 11.05 37.56
C PRO F 352 -14.42 11.77 38.88
N ASN F 353 -13.51 11.61 39.85
CA ASN F 353 -13.60 12.24 41.16
C ASN F 353 -13.49 13.77 41.13
N ILE F 354 -13.14 14.33 39.98
CA ILE F 354 -13.04 15.79 39.83
C ILE F 354 -14.04 16.35 38.80
N VAL F 355 -13.87 15.98 37.53
CA VAL F 355 -14.73 16.49 36.44
C VAL F 355 -16.15 15.92 36.51
N GLY F 356 -16.33 14.87 37.30
CA GLY F 356 -17.61 14.16 37.38
C GLY F 356 -17.58 12.93 36.48
N SER F 357 -18.14 11.83 36.97
CA SER F 357 -18.14 10.57 36.22
C SER F 357 -18.89 10.66 34.89
N GLU F 358 -19.81 11.63 34.78
CA GLU F 358 -20.56 11.85 33.54
C GLU F 358 -19.68 12.48 32.46
N HIS F 359 -18.84 13.43 32.86
CA HIS F 359 -17.82 14.05 32.01
C HIS F 359 -16.81 12.99 31.56
N TYR F 360 -16.29 12.24 32.54
CA TYR F 360 -15.26 11.23 32.31
C TYR F 360 -15.70 10.13 31.34
N ASP F 361 -16.94 9.68 31.46
CA ASP F 361 -17.46 8.58 30.63
C ASP F 361 -17.76 8.98 29.18
N VAL F 362 -17.87 10.28 28.93
CA VAL F 362 -18.07 10.80 27.58
C VAL F 362 -16.71 11.06 26.93
N ALA F 363 -15.73 11.44 27.75
CA ALA F 363 -14.36 11.64 27.28
C ALA F 363 -13.69 10.31 26.95
N ARG F 364 -13.97 9.28 27.74
CA ARG F 364 -13.42 7.95 27.52
C ARG F 364 -14.10 7.22 26.36
N GLY F 365 -15.34 7.60 26.10
CA GLY F 365 -16.11 7.04 24.99
C GLY F 365 -15.70 7.64 23.66
N VAL F 366 -15.49 8.96 23.66
CA VAL F 366 -15.04 9.67 22.46
C VAL F 366 -13.63 9.22 22.09
N GLN F 367 -12.79 9.01 23.09
CA GLN F 367 -11.43 8.56 22.85
C GLN F 367 -11.38 7.12 22.33
N LYS F 368 -12.24 6.26 22.86
CA LYS F 368 -12.34 4.86 22.40
C LYS F 368 -12.83 4.77 20.95
N ILE F 369 -13.84 5.58 20.60
CA ILE F 369 -14.40 5.57 19.25
C ILE F 369 -13.40 6.14 18.24
N LEU F 370 -12.50 7.00 18.72
CA LEU F 370 -11.47 7.60 17.89
C LEU F 370 -10.22 6.74 17.75
N GLN F 371 -9.90 5.99 18.81
CA GLN F 371 -8.79 5.05 18.76
C GLN F 371 -9.13 3.87 17.85
N ASP F 372 -10.38 3.44 17.88
CA ASP F 372 -10.86 2.36 17.03
C ASP F 372 -10.87 2.78 15.56
N TYR F 373 -11.26 4.03 15.30
CA TYR F 373 -11.26 4.57 13.95
C TYR F 373 -9.84 4.68 13.40
N LYS F 374 -8.91 5.09 14.26
CA LYS F 374 -7.50 5.24 13.89
C LYS F 374 -6.84 3.89 13.58
N SER F 375 -7.25 2.85 14.29
CA SER F 375 -6.69 1.51 14.10
C SER F 375 -7.27 0.80 12.87
N LEU F 376 -8.39 1.30 12.34
CA LEU F 376 -8.95 0.81 11.09
C LEU F 376 -8.41 1.59 9.90
N GLN F 377 -7.77 2.72 10.18
CA GLN F 377 -7.27 3.67 9.17
C GLN F 377 -6.17 3.14 8.24
N ASP F 378 -5.54 2.02 8.61
CA ASP F 378 -4.50 1.44 7.75
C ASP F 378 -5.10 0.48 6.72
N ILE F 379 -6.28 -0.05 7.03
CA ILE F 379 -7.00 -0.96 6.15
C ILE F 379 -7.84 -0.20 5.12
N ILE F 380 -8.48 0.87 5.57
CA ILE F 380 -9.25 1.77 4.70
C ILE F 380 -8.32 2.55 3.77
N ALA F 381 -7.09 2.78 4.25
CA ALA F 381 -6.07 3.51 3.48
C ALA F 381 -5.73 2.86 2.15
N ILE F 382 -5.78 1.52 2.12
CA ILE F 382 -5.59 0.77 0.88
C ILE F 382 -6.93 0.38 0.25
N LEU F 383 -7.79 -0.27 1.02
CA LEU F 383 -9.04 -0.81 0.50
C LEU F 383 -10.10 0.24 0.16
N GLY F 384 -10.25 1.24 1.03
CA GLY F 384 -11.39 2.16 0.92
C GLY F 384 -12.52 1.66 1.80
N MET F 385 -13.44 2.56 2.12
CA MET F 385 -14.47 2.31 3.12
C MET F 385 -15.39 1.14 2.78
N ASP F 386 -15.64 0.94 1.48
CA ASP F 386 -16.52 -0.11 0.97
C ASP F 386 -16.32 -1.50 1.58
N GLU F 387 -15.10 -1.79 2.04
CA GLU F 387 -14.69 -3.13 2.42
C GLU F 387 -14.84 -3.46 3.91
N LEU F 388 -15.17 -2.46 4.72
CA LEU F 388 -15.40 -2.66 6.15
C LEU F 388 -16.65 -3.50 6.45
N SER F 389 -16.72 -4.03 7.67
CA SER F 389 -17.91 -4.74 8.14
C SER F 389 -19.01 -3.74 8.49
N GLU F 390 -20.25 -4.22 8.60
CA GLU F 390 -21.40 -3.35 8.86
C GLU F 390 -21.43 -2.80 10.29
N GLU F 391 -20.73 -3.48 11.20
CA GLU F 391 -20.55 -2.99 12.55
C GLU F 391 -19.57 -1.82 12.59
N ASP F 392 -18.45 -1.98 11.89
CA ASP F 392 -17.38 -0.97 11.84
C ASP F 392 -17.77 0.25 11.01
N LYS F 393 -18.53 0.04 9.93
CA LYS F 393 -19.00 1.12 9.09
C LYS F 393 -19.67 2.25 9.88
N LEU F 394 -20.37 1.89 10.95
CA LEU F 394 -21.03 2.86 11.82
C LEU F 394 -20.02 3.65 12.67
N THR F 395 -19.11 2.94 13.31
CA THR F 395 -18.10 3.55 14.19
C THR F 395 -17.24 4.56 13.43
N VAL F 396 -16.94 4.25 12.17
CA VAL F 396 -16.22 5.16 11.29
C VAL F 396 -17.04 6.42 11.09
N SER F 397 -18.32 6.24 10.75
CA SER F 397 -19.21 7.35 10.43
C SER F 397 -19.44 8.31 11.62
N ARG F 398 -19.45 7.75 12.83
CA ARG F 398 -19.61 8.56 14.04
C ARG F 398 -18.33 9.28 14.41
N ALA F 399 -17.22 8.55 14.38
CA ALA F 399 -15.90 9.08 14.71
C ALA F 399 -15.55 10.28 13.84
N ARG F 400 -15.90 10.20 12.56
CA ARG F 400 -15.70 11.29 11.63
C ARG F 400 -16.57 12.49 11.97
N LYS F 401 -17.83 12.24 12.34
CA LYS F 401 -18.73 13.31 12.78
C LYS F 401 -18.20 13.97 14.04
N ILE F 402 -17.69 13.14 14.95
CA ILE F 402 -17.06 13.60 16.20
C ILE F 402 -15.83 14.46 15.88
N GLN F 403 -14.95 13.95 15.02
CA GLN F 403 -13.76 14.67 14.58
C GLN F 403 -14.06 16.13 14.25
N ARG F 404 -15.09 16.34 13.44
CA ARG F 404 -15.47 17.68 13.00
C ARG F 404 -16.23 18.46 14.07
N PHE F 405 -16.93 17.76 14.95
CA PHE F 405 -17.59 18.43 16.07
C PHE F 405 -16.58 18.84 17.15
N LEU F 406 -15.35 18.34 17.04
CA LEU F 406 -14.24 18.77 17.88
C LEU F 406 -13.57 20.02 17.31
N SER F 407 -13.85 20.31 16.05
CA SER F 407 -13.42 21.56 15.45
C SER F 407 -14.38 22.67 15.88
N GLN F 408 -13.89 23.91 15.85
CA GLN F 408 -14.60 25.03 16.45
C GLN F 408 -14.13 26.35 15.84
N PRO F 409 -15.07 27.27 15.56
CA PRO F 409 -14.71 28.60 15.09
C PRO F 409 -14.32 29.54 16.23
N PHE F 410 -13.05 29.89 16.30
CA PHE F 410 -12.57 30.81 17.34
C PHE F 410 -12.89 32.26 17.02
N GLN F 411 -12.94 33.10 18.06
CA GLN F 411 -13.24 34.51 17.90
C GLN F 411 -12.06 35.29 17.31
N VAL F 412 -10.85 34.77 17.55
CA VAL F 412 -9.64 35.37 16.97
C VAL F 412 -9.41 34.85 15.54
N ALA F 413 -10.10 33.76 15.20
CA ALA F 413 -10.03 33.17 13.86
C ALA F 413 -10.96 33.87 12.87
N GLU F 414 -11.93 34.61 13.40
CA GLU F 414 -12.92 35.34 12.61
C GLU F 414 -12.30 36.06 11.42
N VAL F 415 -11.36 36.95 11.71
CA VAL F 415 -10.83 37.92 10.74
C VAL F 415 -9.98 37.26 9.62
N PHE F 416 -10.29 36.00 9.32
CA PHE F 416 -9.79 35.32 8.11
C PHE F 416 -10.50 34.02 7.72
N THR F 417 -11.28 33.43 8.62
CA THR F 417 -12.10 32.25 8.26
C THR F 417 -13.58 32.56 8.05
N GLY F 418 -13.93 33.86 8.14
CA GLY F 418 -15.26 34.35 7.81
C GLY F 418 -16.40 33.94 8.73
N HIS F 419 -16.13 33.00 9.63
CA HIS F 419 -17.15 32.47 10.54
C HIS F 419 -17.12 33.14 11.91
N LEU F 420 -18.33 33.41 12.42
CA LEU F 420 -18.53 34.02 13.74
C LEU F 420 -17.97 33.12 14.85
N GLY F 421 -17.14 33.70 15.71
CA GLY F 421 -16.48 32.96 16.79
C GLY F 421 -17.44 32.40 17.83
N LYS F 422 -17.08 31.29 18.46
CA LYS F 422 -17.98 30.61 19.38
C LYS F 422 -17.33 30.13 20.67
N LEU F 423 -18.03 30.32 21.79
CA LEU F 423 -17.68 29.70 23.05
C LEU F 423 -18.81 28.77 23.48
N VAL F 424 -18.43 27.55 23.86
CA VAL F 424 -19.42 26.52 24.20
C VAL F 424 -19.39 26.19 25.69
N PRO F 425 -20.54 26.35 26.38
CA PRO F 425 -20.66 25.97 27.79
C PRO F 425 -20.42 24.48 27.99
N LEU F 426 -19.89 24.11 29.14
CA LEU F 426 -19.46 22.73 29.41
C LEU F 426 -20.60 21.72 29.39
N LYS F 427 -21.79 22.11 29.83
CA LYS F 427 -22.94 21.22 29.80
C LYS F 427 -23.37 20.93 28.35
N GLU F 428 -23.15 21.91 27.46
CA GLU F 428 -23.52 21.79 26.05
C GLU F 428 -22.52 20.90 25.30
N THR F 429 -21.25 20.96 25.69
CA THR F 429 -20.19 20.12 25.12
C THR F 429 -20.40 18.65 25.49
N ILE F 430 -20.61 18.38 26.78
CA ILE F 430 -20.80 17.01 27.25
C ILE F 430 -22.09 16.40 26.68
N LYS F 431 -23.19 17.14 26.73
CA LYS F 431 -24.46 16.71 26.17
C LYS F 431 -24.36 16.58 24.65
N GLY F 432 -23.57 17.46 24.04
CA GLY F 432 -23.30 17.40 22.60
C GLY F 432 -22.72 16.06 22.20
N PHE F 433 -21.50 15.78 22.64
CA PHE F 433 -20.78 14.56 22.26
C PHE F 433 -21.45 13.28 22.74
N GLN F 434 -22.28 13.38 23.78
CA GLN F 434 -23.07 12.24 24.24
C GLN F 434 -24.06 11.77 23.18
N GLN F 435 -24.75 12.73 22.56
CA GLN F 435 -25.80 12.46 21.57
C GLN F 435 -25.24 11.83 20.30
N ILE F 436 -24.07 12.28 19.85
CA ILE F 436 -23.39 11.68 18.70
C ILE F 436 -22.97 10.25 19.05
N LEU F 437 -22.45 10.07 20.26
CA LEU F 437 -22.08 8.76 20.76
C LEU F 437 -23.30 7.84 20.92
N ALA F 438 -24.42 8.42 21.31
CA ALA F 438 -25.66 7.66 21.55
C ALA F 438 -26.40 7.26 20.27
N GLY F 439 -26.00 7.85 19.14
CA GLY F 439 -26.54 7.47 17.84
C GLY F 439 -27.74 8.27 17.38
N GLU F 440 -28.04 9.35 18.10
CA GLU F 440 -29.19 10.22 17.80
C GLU F 440 -29.06 10.93 16.45
N TYR F 441 -27.82 11.11 15.99
CA TYR F 441 -27.55 11.90 14.79
C TYR F 441 -26.90 11.12 13.64
N ASP F 442 -27.07 9.80 13.63
CA ASP F 442 -26.50 8.96 12.57
C ASP F 442 -27.04 9.31 11.19
N HIS F 443 -28.08 10.17 11.15
CA HIS F 443 -28.74 10.58 9.91
C HIS F 443 -28.22 11.90 9.34
N LEU F 444 -27.70 12.77 10.21
CA LEU F 444 -27.10 14.03 9.79
C LEU F 444 -25.81 13.76 9.03
N PRO F 445 -25.51 14.58 8.01
CA PRO F 445 -24.24 14.44 7.29
C PRO F 445 -23.06 14.91 8.15
N GLU F 446 -21.85 14.48 7.77
CA GLU F 446 -20.62 14.78 8.53
C GLU F 446 -20.29 16.26 8.60
N GLN F 447 -20.38 16.94 7.46
CA GLN F 447 -20.02 18.35 7.34
C GLN F 447 -20.94 19.30 8.12
N ALA F 448 -22.09 18.79 8.57
CA ALA F 448 -23.02 19.54 9.41
C ALA F 448 -22.43 19.80 10.80
N PHE F 449 -21.48 18.96 11.20
CA PHE F 449 -20.78 19.12 12.47
C PHE F 449 -19.52 19.96 12.31
N TYR F 450 -19.17 20.32 11.08
CA TYR F 450 -17.94 21.05 10.79
C TYR F 450 -18.01 22.53 11.12
N MET F 451 -17.08 22.98 11.96
CA MET F 451 -16.97 24.38 12.39
C MET F 451 -18.28 24.97 12.90
N VAL F 452 -18.76 24.44 14.01
CA VAL F 452 -19.96 24.95 14.70
C VAL F 452 -19.77 24.98 16.21
N GLY F 453 -20.52 25.85 16.88
CA GLY F 453 -20.46 25.98 18.33
C GLY F 453 -21.15 24.83 19.06
N PRO F 454 -22.35 25.10 19.60
CA PRO F 454 -23.14 24.06 20.27
C PRO F 454 -23.71 23.03 19.30
N ILE F 455 -24.18 21.91 19.84
CA ILE F 455 -24.74 20.82 19.04
C ILE F 455 -26.03 21.22 18.30
N GLU F 456 -26.79 22.14 18.89
CA GLU F 456 -28.02 22.68 18.29
C GLU F 456 -27.78 23.40 16.96
N GLU F 457 -26.51 23.73 16.69
CA GLU F 457 -26.12 24.40 15.44
C GLU F 457 -25.79 23.40 14.34
N ALA F 458 -25.51 22.16 14.72
CA ALA F 458 -25.33 21.08 13.76
C ALA F 458 -26.68 20.73 13.13
N VAL F 459 -27.72 20.70 13.97
CA VAL F 459 -29.10 20.49 13.53
C VAL F 459 -29.53 21.59 12.58
N ALA F 460 -29.21 22.83 12.93
CA ALA F 460 -29.45 23.99 12.07
C ALA F 460 -28.70 23.89 10.75
N LYS F 461 -27.42 23.48 10.84
CA LYS F 461 -26.55 23.35 9.68
C LYS F 461 -27.02 22.30 8.69
N ALA F 462 -27.57 21.20 9.22
CA ALA F 462 -28.09 20.11 8.40
C ALA F 462 -29.35 20.52 7.61
N ASP F 463 -30.20 21.33 8.25
CA ASP F 463 -31.43 21.82 7.63
C ASP F 463 -31.15 22.76 6.45
N LYS F 464 -30.06 23.52 6.54
CA LYS F 464 -29.65 24.44 5.49
C LYS F 464 -29.45 23.70 4.16
N LEU F 465 -28.81 22.54 4.24
CA LEU F 465 -28.54 21.71 3.07
C LEU F 465 -29.83 21.06 2.58
N ALA F 466 -30.58 21.81 1.78
CA ALA F 466 -31.86 21.39 1.23
C ALA F 466 -31.75 20.98 -0.24
N ALA G 1 10.46 3.93 14.36
CA ALA G 1 10.91 3.78 12.96
C ALA G 1 12.37 3.30 12.89
N THR G 2 12.60 2.22 12.14
CA THR G 2 13.93 1.63 12.00
C THR G 2 14.16 1.15 10.56
N LEU G 3 15.41 1.13 10.11
CA LEU G 3 15.76 0.69 8.75
C LEU G 3 15.30 -0.73 8.43
N LYS G 4 15.20 -1.57 9.45
CA LYS G 4 14.65 -2.92 9.31
C LYS G 4 13.15 -2.88 9.03
N ASP G 5 12.43 -2.07 9.80
CA ASP G 5 10.98 -1.96 9.68
C ASP G 5 10.55 -1.24 8.39
N ILE G 6 11.16 -0.10 8.12
CA ILE G 6 10.80 0.74 6.98
C ILE G 6 10.82 -0.04 5.67
N THR G 7 11.93 -0.73 5.39
CA THR G 7 12.11 -1.45 4.14
C THR G 7 11.23 -2.70 4.03
N ARG G 8 10.84 -3.26 5.18
CA ARG G 8 9.91 -4.39 5.20
C ARG G 8 8.55 -3.99 4.65
N ARG G 9 8.07 -2.82 5.05
CA ARG G 9 6.80 -2.29 4.58
C ARG G 9 6.88 -1.75 3.16
N LEU G 10 8.07 -1.33 2.74
CA LEU G 10 8.32 -0.93 1.35
C LEU G 10 8.38 -2.14 0.43
N LYS G 11 8.92 -3.24 0.94
CA LYS G 11 8.97 -4.49 0.20
C LYS G 11 7.56 -5.04 -0.05
N SER G 12 6.68 -4.84 0.93
CA SER G 12 5.33 -5.41 0.90
C SER G 12 4.26 -4.53 0.24
N ILE G 13 4.46 -3.22 0.24
CA ILE G 13 3.53 -2.32 -0.45
C ILE G 13 3.83 -2.27 -1.95
N LYS G 14 5.11 -2.40 -2.32
CA LYS G 14 5.49 -2.58 -3.73
C LYS G 14 4.95 -3.89 -4.31
N ASN G 15 4.58 -4.82 -3.41
CA ASN G 15 3.82 -6.03 -3.76
C ASN G 15 2.37 -5.68 -4.04
N ILE G 16 1.71 -5.11 -3.03
CA ILE G 16 0.29 -4.76 -3.12
C ILE G 16 0.03 -3.81 -4.29
N GLN G 17 0.87 -2.78 -4.45
CA GLN G 17 0.75 -1.84 -5.56
C GLN G 17 0.65 -2.58 -6.88
N LYS G 18 1.45 -3.63 -7.04
CA LYS G 18 1.50 -4.43 -8.26
C LYS G 18 0.42 -5.52 -8.31
N ILE G 19 0.26 -6.27 -7.22
CA ILE G 19 -0.75 -7.33 -7.14
C ILE G 19 -2.14 -6.77 -7.41
N THR G 20 -2.42 -5.61 -6.81
CA THR G 20 -3.67 -4.89 -7.01
C THR G 20 -3.76 -4.33 -8.44
N LYS G 21 -2.63 -3.87 -8.97
CA LYS G 21 -2.56 -3.31 -10.32
C LYS G 21 -3.03 -4.30 -11.38
N SER G 22 -2.58 -5.56 -11.26
CA SER G 22 -2.97 -6.59 -12.22
C SER G 22 -4.40 -7.07 -11.99
N MET G 23 -4.84 -7.04 -10.73
CA MET G 23 -6.22 -7.38 -10.39
C MET G 23 -7.22 -6.35 -10.92
N LYS G 24 -6.72 -5.14 -11.18
CA LYS G 24 -7.48 -4.11 -11.89
C LYS G 24 -7.57 -4.48 -13.37
N MET G 25 -6.44 -4.91 -13.93
CA MET G 25 -6.34 -5.32 -15.34
C MET G 25 -7.13 -6.58 -15.64
N VAL G 26 -7.01 -7.59 -14.77
CA VAL G 26 -7.79 -8.82 -14.87
C VAL G 26 -9.29 -8.51 -14.95
N ALA G 27 -9.75 -7.64 -14.05
CA ALA G 27 -11.15 -7.22 -14.01
C ALA G 27 -11.54 -6.30 -15.17
N ALA G 28 -10.56 -5.55 -15.70
CA ALA G 28 -10.80 -4.62 -16.81
C ALA G 28 -11.12 -5.31 -18.14
N ALA G 29 -10.53 -6.48 -18.35
CA ALA G 29 -10.83 -7.30 -19.53
C ALA G 29 -12.20 -7.96 -19.37
N LYS G 30 -12.45 -8.45 -18.15
CA LYS G 30 -13.71 -9.10 -17.82
C LYS G 30 -14.89 -8.14 -17.81
N TYR G 31 -14.61 -6.86 -17.57
CA TYR G 31 -15.62 -5.83 -17.67
C TYR G 31 -16.00 -5.56 -19.13
N ALA G 32 -14.99 -5.30 -19.96
CA ALA G 32 -15.18 -4.96 -21.37
C ALA G 32 -15.91 -6.05 -22.17
N ARG G 33 -15.68 -7.31 -21.78
CA ARG G 33 -16.40 -8.43 -22.38
C ARG G 33 -17.83 -8.52 -21.84
N ALA G 34 -17.98 -8.27 -20.54
CA ALA G 34 -19.29 -8.31 -19.89
C ALA G 34 -20.19 -7.14 -20.27
N GLU G 35 -19.57 -6.05 -20.73
CA GLU G 35 -20.29 -4.85 -21.18
C GLU G 35 -20.88 -5.05 -22.57
N ARG G 36 -20.18 -5.82 -23.41
CA ARG G 36 -20.66 -6.14 -24.75
C ARG G 36 -21.71 -7.24 -24.69
N GLU G 37 -21.48 -8.25 -23.87
CA GLU G 37 -22.41 -9.37 -23.70
C GLU G 37 -23.69 -8.97 -22.96
N LEU G 38 -23.69 -7.79 -22.37
CA LEU G 38 -24.87 -7.25 -21.68
C LEU G 38 -25.78 -6.50 -22.65
N LYS G 39 -25.18 -5.83 -23.64
CA LYS G 39 -25.92 -5.05 -24.63
C LYS G 39 -27.09 -5.83 -25.26
N PRO G 40 -26.85 -7.06 -25.77
CA PRO G 40 -27.99 -7.87 -26.23
C PRO G 40 -28.81 -8.47 -25.08
N ALA G 41 -28.14 -8.90 -24.02
CA ALA G 41 -28.80 -9.56 -22.88
C ALA G 41 -29.78 -8.64 -22.16
N ARG G 42 -29.57 -7.34 -22.29
CA ARG G 42 -30.51 -6.35 -21.76
C ARG G 42 -31.79 -6.34 -22.58
N VAL G 43 -31.65 -6.19 -23.90
CA VAL G 43 -32.77 -6.27 -24.83
C VAL G 43 -33.55 -7.57 -24.59
N TYR G 44 -32.80 -8.64 -24.37
CA TYR G 44 -33.34 -9.95 -24.03
C TYR G 44 -34.20 -9.89 -22.76
N GLY G 45 -33.66 -9.24 -21.72
CA GLY G 45 -34.39 -9.06 -20.46
C GLY G 45 -35.57 -8.11 -20.61
N VAL G 46 -35.39 -7.09 -21.44
CA VAL G 46 -36.45 -6.14 -21.77
C VAL G 46 -37.64 -6.87 -22.38
N GLY G 47 -37.36 -7.68 -23.40
CA GLY G 47 -38.39 -8.48 -24.08
C GLY G 47 -38.98 -9.57 -23.21
N SER G 48 -38.22 -10.00 -22.20
CA SER G 48 -38.65 -11.05 -21.28
C SER G 48 -39.74 -10.58 -20.32
N LEU G 49 -39.56 -9.40 -19.74
CA LEU G 49 -40.51 -8.86 -18.77
C LEU G 49 -41.66 -8.07 -19.41
N ALA G 50 -41.52 -7.75 -20.69
CA ALA G 50 -42.54 -6.98 -21.43
C ALA G 50 -43.84 -7.75 -21.57
N LEU G 51 -44.54 -7.90 -20.44
CA LEU G 51 -45.80 -8.63 -20.34
C LEU G 51 -46.31 -8.47 -18.91
N TYR G 52 -45.40 -8.59 -17.96
CA TYR G 52 -45.70 -8.45 -16.54
C TYR G 52 -45.79 -6.98 -16.14
N GLU G 53 -45.29 -6.10 -17.02
CA GLU G 53 -45.34 -4.64 -16.83
C GLU G 53 -46.46 -4.01 -17.64
N LYS G 54 -46.83 -4.64 -18.75
CA LYS G 54 -47.91 -4.16 -19.60
C LYS G 54 -49.28 -4.61 -19.10
N ALA G 55 -49.31 -5.72 -18.37
CA ALA G 55 -50.51 -6.19 -17.69
C ALA G 55 -50.21 -6.49 -16.23
N ASP G 56 -50.79 -5.69 -15.33
CA ASP G 56 -50.56 -5.82 -13.89
C ASP G 56 -50.75 -7.24 -13.39
N ILE G 57 -49.82 -7.72 -12.57
CA ILE G 57 -49.93 -9.02 -11.93
C ILE G 57 -49.69 -8.89 -10.42
N LYS G 58 -50.67 -9.31 -9.62
CA LYS G 58 -50.53 -9.34 -8.16
C LYS G 58 -50.46 -10.78 -7.64
N THR G 59 -50.72 -10.97 -6.35
CA THR G 59 -50.75 -12.30 -5.72
C THR G 59 -51.70 -12.29 -4.51
N PRO G 60 -52.63 -13.27 -4.44
CA PRO G 60 -53.52 -13.36 -3.28
C PRO G 60 -53.04 -14.34 -2.21
N GLU G 61 -52.93 -13.84 -0.97
CA GLU G 61 -52.64 -14.67 0.20
C GLU G 61 -53.37 -14.12 1.42
N LEU G 67 -40.19 -16.51 -2.05
CA LEU G 67 -38.94 -16.98 -2.64
C LEU G 67 -37.99 -15.82 -2.93
N ILE G 68 -36.86 -15.80 -2.23
CA ILE G 68 -35.86 -14.74 -2.42
C ILE G 68 -34.63 -15.30 -3.12
N ILE G 69 -34.20 -14.62 -4.18
CA ILE G 69 -33.08 -15.06 -5.01
C ILE G 69 -31.98 -14.00 -5.04
N GLY G 70 -30.81 -14.37 -4.51
CA GLY G 70 -29.65 -13.46 -4.47
C GLY G 70 -28.67 -13.73 -5.59
N VAL G 71 -28.33 -12.68 -6.34
CA VAL G 71 -27.46 -12.80 -7.51
C VAL G 71 -26.21 -11.94 -7.40
N SER G 72 -25.06 -12.60 -7.22
CA SER G 72 -23.78 -11.91 -7.09
C SER G 72 -22.62 -12.67 -7.74
N SER G 73 -21.81 -13.36 -6.93
CA SER G 73 -20.65 -14.14 -7.39
C SER G 73 -19.89 -14.80 -6.23
N ASP G 74 -18.68 -15.29 -6.53
CA ASP G 74 -17.78 -15.89 -5.54
C ASP G 74 -16.67 -14.92 -5.13
N ARG G 75 -15.88 -14.50 -6.10
CA ARG G 75 -14.72 -13.63 -5.89
C ARG G 75 -15.10 -12.26 -5.34
N GLY G 76 -14.52 -11.92 -4.19
CA GLY G 76 -14.81 -10.65 -3.50
C GLY G 76 -13.97 -9.48 -3.99
N LEU G 77 -13.61 -8.60 -3.06
CA LEU G 77 -12.80 -7.40 -3.34
C LEU G 77 -13.37 -6.49 -4.43
N CYS G 78 -14.64 -6.68 -4.76
CA CYS G 78 -15.30 -5.89 -5.80
C CYS G 78 -16.00 -4.66 -5.22
N GLY G 79 -15.54 -4.21 -4.05
CA GLY G 79 -16.16 -3.10 -3.36
C GLY G 79 -17.38 -3.57 -2.59
N ALA G 80 -18.56 -3.13 -3.01
CA ALA G 80 -19.79 -3.44 -2.30
C ALA G 80 -20.88 -4.08 -3.19
N ILE G 81 -20.52 -5.15 -3.89
CA ILE G 81 -21.46 -5.87 -4.75
C ILE G 81 -22.24 -6.95 -3.98
N HIS G 82 -21.53 -7.81 -3.26
CA HIS G 82 -22.17 -8.86 -2.47
C HIS G 82 -22.91 -8.27 -1.27
N SER G 83 -22.40 -7.16 -0.74
CA SER G 83 -22.91 -6.56 0.49
C SER G 83 -24.18 -5.71 0.29
N SER G 84 -24.39 -5.22 -0.93
CA SER G 84 -25.55 -4.39 -1.25
C SER G 84 -26.82 -5.23 -1.47
N VAL G 85 -26.64 -6.42 -2.06
CA VAL G 85 -27.76 -7.34 -2.28
C VAL G 85 -28.13 -8.11 -1.01
N ALA G 86 -27.12 -8.38 -0.17
CA ALA G 86 -27.33 -9.06 1.11
C ALA G 86 -28.07 -8.18 2.10
N LYS G 87 -27.94 -6.86 1.93
CA LYS G 87 -28.65 -5.89 2.74
C LYS G 87 -30.14 -5.86 2.38
N GLN G 88 -30.44 -5.97 1.09
CA GLN G 88 -31.83 -5.96 0.61
C GLN G 88 -32.51 -7.32 0.72
N MET G 89 -31.71 -8.37 0.91
CA MET G 89 -32.24 -9.70 1.18
C MET G 89 -32.66 -9.84 2.65
N LYS G 90 -31.78 -9.41 3.56
CA LYS G 90 -32.07 -9.43 5.00
C LYS G 90 -33.15 -8.40 5.37
N SER G 91 -33.33 -7.41 4.49
CA SER G 91 -34.41 -6.42 4.62
C SER G 91 -35.77 -7.08 4.45
N GLU G 92 -35.85 -8.05 3.53
CA GLU G 92 -37.10 -8.75 3.24
C GLU G 92 -37.22 -10.08 3.99
N ALA G 93 -36.11 -10.50 4.61
CA ALA G 93 -36.08 -11.73 5.40
C ALA G 93 -36.86 -11.58 6.71
N ALA G 94 -36.99 -10.33 7.18
CA ALA G 94 -37.75 -10.02 8.40
C ALA G 94 -39.09 -9.33 8.09
N ASN G 95 -39.15 -8.61 6.97
CA ASN G 95 -40.37 -7.90 6.56
C ASN G 95 -41.50 -8.81 6.11
N LEU G 96 -41.17 -10.06 5.81
CA LEU G 96 -42.16 -11.03 5.36
C LEU G 96 -42.10 -12.30 6.22
N LYS G 101 -45.65 -14.47 6.44
CA LYS G 101 -45.41 -15.09 5.14
C LYS G 101 -44.12 -15.91 5.11
N GLU G 102 -44.14 -17.02 4.40
CA GLU G 102 -43.00 -17.93 4.29
C GLU G 102 -41.91 -17.38 3.38
N VAL G 103 -40.66 -17.40 3.87
CA VAL G 103 -39.50 -16.93 3.10
C VAL G 103 -38.47 -18.04 2.94
N LYS G 104 -38.29 -18.49 1.69
CA LYS G 104 -37.23 -19.44 1.36
C LYS G 104 -36.21 -18.80 0.41
N ILE G 105 -34.93 -18.96 0.75
CA ILE G 105 -33.85 -18.25 0.06
C ILE G 105 -33.06 -19.15 -0.88
N ILE G 106 -32.67 -18.58 -2.01
CA ILE G 106 -31.73 -19.19 -2.95
C ILE G 106 -30.63 -18.17 -3.23
N GLY G 107 -29.38 -18.58 -3.06
CA GLY G 107 -28.25 -17.70 -3.28
C GLY G 107 -27.31 -18.21 -4.35
N VAL G 108 -27.25 -17.48 -5.47
CA VAL G 108 -26.27 -17.78 -6.51
C VAL G 108 -24.97 -17.05 -6.18
N GLY G 109 -23.87 -17.79 -6.17
CA GLY G 109 -22.58 -17.25 -5.77
C GLY G 109 -22.27 -17.57 -4.32
N ASP G 110 -21.08 -18.13 -4.09
CA ASP G 110 -20.64 -18.56 -2.75
C ASP G 110 -20.68 -17.42 -1.73
N LYS G 111 -20.44 -16.20 -2.19
CA LYS G 111 -20.36 -15.03 -1.32
C LYS G 111 -21.72 -14.57 -0.80
N ILE G 112 -22.74 -15.40 -1.00
CA ILE G 112 -24.05 -15.20 -0.36
C ILE G 112 -24.24 -16.31 0.69
N ARG G 113 -23.61 -17.45 0.45
CA ARG G 113 -23.62 -18.58 1.37
C ARG G 113 -22.74 -18.32 2.60
N SER G 114 -21.94 -17.24 2.56
CA SER G 114 -21.03 -16.93 3.66
C SER G 114 -21.31 -15.59 4.33
N ILE G 115 -21.82 -14.62 3.57
CA ILE G 115 -22.11 -13.27 4.11
C ILE G 115 -23.45 -13.22 4.84
N LEU G 116 -24.49 -13.79 4.23
CA LEU G 116 -25.81 -13.84 4.86
C LEU G 116 -26.25 -15.29 5.09
N HIS G 117 -25.43 -16.02 5.84
CA HIS G 117 -25.69 -17.44 6.13
C HIS G 117 -25.96 -17.65 7.61
N ARG G 118 -24.93 -17.47 8.44
CA ARG G 118 -25.02 -17.62 9.91
C ARG G 118 -26.34 -17.09 10.48
N THR G 119 -26.85 -16.02 9.89
CA THR G 119 -28.11 -15.41 10.30
C THR G 119 -29.34 -16.19 9.85
N HIS G 120 -29.33 -16.69 8.62
CA HIS G 120 -30.42 -17.52 8.07
C HIS G 120 -29.90 -18.87 7.59
N SER G 121 -29.21 -19.59 8.49
CA SER G 121 -28.54 -20.86 8.17
C SER G 121 -29.51 -21.99 7.82
N ASP G 122 -30.67 -21.99 8.47
CA ASP G 122 -31.66 -23.04 8.26
C ASP G 122 -32.68 -22.69 7.17
N GLN G 123 -32.58 -21.48 6.64
CA GLN G 123 -33.50 -20.98 5.60
C GLN G 123 -32.90 -21.12 4.19
N PHE G 124 -32.09 -22.15 3.99
CA PHE G 124 -31.42 -22.40 2.71
C PHE G 124 -32.12 -23.49 1.89
N LEU G 125 -32.28 -23.23 0.60
CA LEU G 125 -32.86 -24.21 -0.33
C LEU G 125 -31.79 -24.81 -1.26
N VAL G 126 -31.04 -23.95 -1.95
CA VAL G 126 -29.90 -24.37 -2.77
C VAL G 126 -28.79 -23.31 -2.83
N THR G 127 -27.56 -23.77 -3.06
CA THR G 127 -26.39 -22.90 -3.16
C THR G 127 -25.66 -23.18 -4.46
N PHE G 128 -25.09 -22.13 -5.05
CA PHE G 128 -24.37 -22.24 -6.32
C PHE G 128 -22.97 -21.61 -6.27
N LYS G 129 -21.98 -22.36 -6.75
CA LYS G 129 -20.58 -21.94 -6.71
C LYS G 129 -20.08 -21.61 -8.11
N GLU G 130 -18.80 -21.23 -8.21
CA GLU G 130 -18.11 -20.93 -9.49
C GLU G 130 -18.71 -19.78 -10.30
N VAL G 131 -19.56 -18.98 -9.67
CA VAL G 131 -20.19 -17.84 -10.34
C VAL G 131 -19.20 -16.68 -10.39
N GLY G 132 -18.96 -16.15 -11.58
CA GLY G 132 -18.03 -15.04 -11.76
C GLY G 132 -16.63 -15.45 -12.17
N ARG G 133 -16.38 -16.75 -12.21
CA ARG G 133 -15.12 -17.28 -12.74
C ARG G 133 -15.14 -17.22 -14.26
N ARG G 134 -16.12 -17.92 -14.86
CA ARG G 134 -16.35 -17.87 -16.29
C ARG G 134 -17.58 -17.02 -16.56
N PRO G 135 -17.50 -16.08 -17.53
CA PRO G 135 -18.66 -15.29 -17.90
C PRO G 135 -19.92 -16.16 -18.04
N PRO G 136 -21.04 -15.72 -17.43
CA PRO G 136 -22.25 -16.54 -17.34
C PRO G 136 -22.92 -16.80 -18.70
N THR G 137 -23.69 -17.88 -18.78
CA THR G 137 -24.42 -18.23 -19.98
C THR G 137 -25.88 -18.53 -19.65
N PHE G 138 -26.71 -18.61 -20.69
CA PHE G 138 -28.08 -19.07 -20.53
C PHE G 138 -28.10 -20.52 -20.03
N GLY G 139 -27.02 -21.24 -20.33
CA GLY G 139 -26.81 -22.60 -19.82
C GLY G 139 -26.68 -22.65 -18.31
N ASP G 140 -26.05 -21.63 -17.72
CA ASP G 140 -25.93 -21.50 -16.28
C ASP G 140 -27.27 -21.17 -15.65
N ALA G 141 -28.02 -20.29 -16.31
CA ALA G 141 -29.35 -19.88 -15.85
C ALA G 141 -30.37 -21.01 -15.94
N SER G 142 -30.17 -21.90 -16.90
CA SER G 142 -31.05 -23.06 -17.07
C SER G 142 -30.86 -24.08 -15.96
N VAL G 143 -29.61 -24.22 -15.49
CA VAL G 143 -29.31 -25.10 -14.36
C VAL G 143 -29.91 -24.51 -13.08
N ILE G 144 -29.99 -23.18 -13.03
CA ILE G 144 -30.67 -22.47 -11.94
C ILE G 144 -32.19 -22.67 -12.06
N ALA G 145 -32.69 -22.72 -13.29
CA ALA G 145 -34.11 -22.95 -13.55
C ALA G 145 -34.55 -24.38 -13.26
N LEU G 146 -33.72 -25.35 -13.65
CA LEU G 146 -33.99 -26.78 -13.42
C LEU G 146 -34.07 -27.14 -11.94
N GLU G 147 -33.09 -26.70 -11.17
CA GLU G 147 -32.99 -27.00 -9.74
C GLU G 147 -34.13 -26.40 -8.93
N LEU G 148 -34.63 -25.25 -9.38
CA LEU G 148 -35.76 -24.59 -8.74
C LEU G 148 -37.06 -25.38 -8.88
N LEU G 149 -37.29 -25.91 -10.08
CA LEU G 149 -38.53 -26.62 -10.40
C LEU G 149 -38.49 -28.09 -9.98
N ASN G 150 -37.29 -28.62 -9.75
CA ASN G 150 -37.11 -29.99 -9.27
C ASN G 150 -37.28 -30.13 -7.75
N SER G 151 -37.14 -29.01 -7.04
CA SER G 151 -37.37 -28.98 -5.59
C SER G 151 -38.86 -28.92 -5.28
N GLY G 152 -39.27 -29.63 -4.24
CA GLY G 152 -40.68 -29.69 -3.84
C GLY G 152 -41.17 -28.42 -3.16
N TYR G 153 -40.81 -27.27 -3.75
CA TYR G 153 -41.23 -25.98 -3.23
C TYR G 153 -42.04 -25.20 -4.28
N GLU G 154 -43.35 -25.45 -4.30
CA GLU G 154 -44.28 -24.74 -5.18
C GLU G 154 -44.53 -23.36 -4.60
N PHE G 155 -43.69 -22.40 -4.97
CA PHE G 155 -43.73 -21.05 -4.40
C PHE G 155 -44.89 -20.20 -4.92
N ASP G 156 -45.49 -19.43 -4.03
CA ASP G 156 -46.60 -18.52 -4.37
C ASP G 156 -46.11 -17.34 -5.21
N GLU G 157 -44.99 -16.76 -4.80
CA GLU G 157 -44.37 -15.63 -5.51
C GLU G 157 -42.94 -15.45 -5.01
N GLY G 158 -42.09 -14.91 -5.88
CA GLY G 158 -40.69 -14.63 -5.53
C GLY G 158 -40.21 -13.28 -6.02
N SER G 159 -38.97 -12.95 -5.66
CA SER G 159 -38.31 -11.74 -6.15
C SER G 159 -36.81 -11.99 -6.31
N ILE G 160 -36.26 -11.50 -7.41
CA ILE G 160 -34.83 -11.66 -7.71
C ILE G 160 -34.08 -10.35 -7.51
N ILE G 161 -33.03 -10.40 -6.68
CA ILE G 161 -32.25 -9.21 -6.35
C ILE G 161 -30.84 -9.34 -6.91
N PHE G 162 -30.40 -8.28 -7.59
CA PHE G 162 -29.14 -8.28 -8.34
C PHE G 162 -28.60 -6.87 -8.50
N ASN G 163 -27.40 -6.75 -9.06
CA ASN G 163 -26.81 -5.46 -9.37
C ASN G 163 -26.92 -5.09 -10.84
N ARG G 164 -27.79 -4.13 -11.12
CA ARG G 164 -27.97 -3.61 -12.48
C ARG G 164 -26.84 -2.66 -12.82
N PHE G 165 -26.23 -2.88 -13.98
CA PHE G 165 -25.15 -2.04 -14.47
C PHE G 165 -25.69 -0.67 -14.89
N ARG G 166 -24.88 0.37 -14.66
CA ARG G 166 -25.19 1.72 -15.14
C ARG G 166 -23.99 2.36 -15.82
N SER G 167 -22.85 2.36 -15.13
CA SER G 167 -21.58 2.84 -15.69
C SER G 167 -20.39 2.19 -14.99
N VAL G 168 -19.19 2.60 -15.39
CA VAL G 168 -17.93 2.08 -14.84
C VAL G 168 -17.84 2.10 -13.32
N ILE G 169 -18.44 3.13 -12.71
CA ILE G 169 -18.37 3.34 -11.26
C ILE G 169 -19.72 3.20 -10.54
N SER G 170 -20.82 3.45 -11.26
CA SER G 170 -22.15 3.43 -10.64
C SER G 170 -22.98 2.22 -11.03
N TYR G 171 -23.73 1.72 -10.05
CA TYR G 171 -24.64 0.60 -10.20
C TYR G 171 -25.69 0.70 -9.09
N LYS G 172 -26.83 0.02 -9.25
CA LYS G 172 -27.84 0.01 -8.20
C LYS G 172 -28.44 -1.37 -7.98
N THR G 173 -28.55 -1.74 -6.69
CA THR G 173 -29.26 -2.94 -6.28
C THR G 173 -30.72 -2.80 -6.69
N GLU G 174 -31.23 -3.79 -7.41
CA GLU G 174 -32.59 -3.78 -7.90
C GLU G 174 -33.35 -5.07 -7.61
N GLU G 175 -34.64 -4.92 -7.31
CA GLU G 175 -35.53 -6.06 -7.17
C GLU G 175 -36.39 -6.20 -8.42
N LYS G 176 -36.73 -7.43 -8.76
CA LYS G 176 -37.70 -7.74 -9.80
C LYS G 176 -38.58 -8.87 -9.30
N PRO G 177 -39.89 -8.63 -9.15
CA PRO G 177 -40.81 -9.68 -8.69
C PRO G 177 -41.09 -10.72 -9.77
N ILE G 178 -40.97 -12.00 -9.42
CA ILE G 178 -41.20 -13.10 -10.36
C ILE G 178 -42.52 -13.82 -10.02
N PHE G 179 -43.53 -13.59 -10.85
CA PHE G 179 -44.87 -14.16 -10.66
C PHE G 179 -44.94 -15.57 -11.26
N SER G 180 -43.96 -16.40 -10.90
CA SER G 180 -43.74 -17.69 -11.55
C SER G 180 -44.61 -18.84 -10.99
N LEU G 181 -45.55 -18.51 -10.10
CA LEU G 181 -46.55 -19.49 -9.71
C LEU G 181 -47.52 -19.67 -10.86
N ASP G 182 -47.73 -20.91 -11.28
CA ASP G 182 -48.63 -21.21 -12.38
C ASP G 182 -50.10 -21.10 -11.96
N THR G 183 -50.34 -21.07 -10.66
CA THR G 183 -51.66 -20.78 -10.10
C THR G 183 -51.91 -19.25 -10.10
N ILE G 184 -50.81 -18.49 -10.08
CA ILE G 184 -50.90 -17.02 -10.10
C ILE G 184 -50.78 -16.48 -11.53
N SER G 185 -50.39 -17.34 -12.47
CA SER G 185 -50.30 -16.99 -13.89
C SER G 185 -51.67 -16.64 -14.48
N SER G 186 -52.74 -17.14 -13.85
CA SER G 186 -54.10 -16.88 -14.29
C SER G 186 -54.83 -15.93 -13.33
N ALA G 187 -54.83 -14.65 -13.69
CA ALA G 187 -55.47 -13.59 -12.89
C ALA G 187 -56.55 -12.87 -13.70
N GLU G 188 -57.21 -11.89 -13.07
CA GLU G 188 -58.23 -11.08 -13.74
C GLU G 188 -57.68 -10.22 -14.88
N SER G 189 -56.39 -9.89 -14.80
CA SER G 189 -55.72 -9.16 -15.87
C SER G 189 -55.33 -10.07 -17.02
N MET G 190 -55.29 -11.38 -16.75
CA MET G 190 -55.02 -12.38 -17.79
C MET G 190 -56.28 -12.68 -18.62
N SER G 191 -57.44 -12.27 -18.09
CA SER G 191 -58.73 -12.43 -18.79
C SER G 191 -58.83 -11.59 -20.06
N ILE G 192 -57.89 -10.65 -20.23
CA ILE G 192 -57.75 -9.87 -21.46
C ILE G 192 -57.22 -10.76 -22.58
N TYR G 193 -56.37 -11.72 -22.20
CA TYR G 193 -55.74 -12.63 -23.13
C TYR G 193 -56.60 -13.86 -23.42
N ASP G 194 -56.52 -14.34 -24.66
CA ASP G 194 -57.26 -15.52 -25.12
C ASP G 194 -56.35 -16.46 -25.92
N ASP G 195 -56.84 -17.67 -26.20
CA ASP G 195 -56.10 -18.71 -26.94
C ASP G 195 -54.88 -19.23 -26.17
N ILE G 196 -55.12 -19.64 -24.93
CA ILE G 196 -54.07 -20.14 -24.03
C ILE G 196 -54.46 -21.50 -23.45
N ASP G 197 -53.45 -22.32 -23.14
CA ASP G 197 -53.66 -23.55 -22.37
C ASP G 197 -53.30 -23.31 -20.92
N ALA G 198 -53.83 -24.15 -20.03
CA ALA G 198 -53.39 -24.19 -18.65
C ALA G 198 -51.93 -24.67 -18.64
N ASP G 199 -51.65 -25.69 -19.45
CA ASP G 199 -50.32 -26.27 -19.55
C ASP G 199 -49.56 -25.81 -20.81
N VAL G 200 -49.78 -24.57 -21.22
CA VAL G 200 -48.86 -23.88 -22.14
C VAL G 200 -48.20 -22.73 -21.40
N LEU G 201 -48.84 -22.28 -20.32
CA LEU G 201 -48.23 -21.34 -19.39
C LEU G 201 -47.18 -22.08 -18.57
N ARG G 202 -47.43 -23.37 -18.31
CA ARG G 202 -46.48 -24.27 -17.66
C ARG G 202 -45.17 -24.39 -18.47
N ASN G 203 -45.23 -23.96 -19.74
CA ASN G 203 -44.06 -23.93 -20.61
C ASN G 203 -43.44 -22.54 -20.69
N TYR G 204 -44.30 -21.53 -20.79
CA TYR G 204 -43.89 -20.13 -20.93
C TYR G 204 -43.31 -19.57 -19.62
N GLN G 205 -44.01 -19.80 -18.52
CA GLN G 205 -43.58 -19.37 -17.18
C GLN G 205 -42.22 -19.97 -16.81
N GLU G 206 -42.02 -21.24 -17.19
CA GLU G 206 -40.75 -21.92 -16.98
C GLU G 206 -39.61 -21.25 -17.73
N TYR G 207 -39.86 -20.83 -18.96
CA TYR G 207 -38.84 -20.22 -19.80
C TYR G 207 -38.58 -18.75 -19.47
N SER G 208 -39.65 -18.00 -19.17
CA SER G 208 -39.52 -16.59 -18.77
C SER G 208 -38.80 -16.44 -17.43
N LEU G 209 -38.72 -17.55 -16.70
CA LEU G 209 -37.94 -17.63 -15.46
C LEU G 209 -36.45 -17.71 -15.78
N ALA G 210 -36.11 -18.54 -16.76
CA ALA G 210 -34.72 -18.72 -17.19
C ALA G 210 -34.15 -17.44 -17.79
N ASN G 211 -35.01 -16.66 -18.44
CA ASN G 211 -34.62 -15.38 -19.03
C ASN G 211 -34.19 -14.36 -17.99
N ILE G 212 -35.05 -14.13 -17.00
CA ILE G 212 -34.83 -13.12 -15.97
C ILE G 212 -33.66 -13.46 -15.04
N ILE G 213 -33.47 -14.75 -14.78
CA ILE G 213 -32.31 -15.24 -14.03
C ILE G 213 -31.02 -14.94 -14.80
N TYR G 214 -31.04 -15.22 -16.10
CA TYR G 214 -29.92 -14.93 -17.00
C TYR G 214 -29.66 -13.44 -17.11
N TYR G 215 -30.73 -12.65 -17.19
CA TYR G 215 -30.64 -11.20 -17.28
C TYR G 215 -29.99 -10.61 -16.03
N SER G 216 -30.45 -11.06 -14.86
CA SER G 216 -29.91 -10.61 -13.58
C SER G 216 -28.46 -11.07 -13.42
N LEU G 217 -28.14 -12.23 -13.97
CA LEU G 217 -26.80 -12.79 -13.94
C LEU G 217 -25.87 -12.03 -14.89
N LYS G 218 -26.39 -11.61 -16.04
CA LYS G 218 -25.64 -10.85 -17.02
C LYS G 218 -25.39 -9.40 -16.59
N GLU G 219 -26.31 -8.87 -15.78
CA GLU G 219 -26.14 -7.54 -15.19
C GLU G 219 -25.12 -7.57 -14.05
N SER G 220 -25.23 -8.59 -13.20
CA SER G 220 -24.38 -8.75 -12.02
C SER G 220 -22.90 -8.84 -12.37
N THR G 221 -22.54 -9.78 -13.24
CA THR G 221 -21.14 -10.01 -13.63
C THR G 221 -20.54 -8.86 -14.44
N THR G 222 -21.40 -7.96 -14.91
CA THR G 222 -20.93 -6.73 -15.54
C THR G 222 -20.73 -5.65 -14.46
N SER G 223 -21.67 -5.57 -13.53
CA SER G 223 -21.59 -4.63 -12.40
C SER G 223 -20.51 -5.02 -11.38
N GLU G 224 -20.18 -6.31 -11.32
CA GLU G 224 -19.20 -6.82 -10.38
C GLU G 224 -17.78 -6.53 -10.83
N GLN G 225 -17.45 -6.91 -12.05
CA GLN G 225 -16.10 -6.77 -12.59
C GLN G 225 -15.69 -5.31 -12.78
N SER G 226 -16.69 -4.45 -12.97
CA SER G 226 -16.47 -3.01 -13.15
C SER G 226 -16.00 -2.33 -11.87
N ALA G 227 -16.64 -2.68 -10.76
CA ALA G 227 -16.31 -2.09 -9.47
C ALA G 227 -15.12 -2.76 -8.79
N ARG G 228 -14.76 -3.96 -9.25
CA ARG G 228 -13.50 -4.59 -8.85
C ARG G 228 -12.35 -3.95 -9.61
N MET G 229 -12.56 -3.68 -10.90
CA MET G 229 -11.62 -2.88 -11.67
C MET G 229 -11.40 -1.53 -10.99
N THR G 230 -12.50 -0.95 -10.48
CA THR G 230 -12.47 0.33 -9.78
C THR G 230 -11.75 0.22 -8.43
N ALA G 231 -12.24 -0.66 -7.56
CA ALA G 231 -11.68 -0.83 -6.21
C ALA G 231 -10.18 -1.10 -6.23
N MET G 232 -9.73 -1.86 -7.23
CA MET G 232 -8.32 -2.19 -7.37
C MET G 232 -7.51 -1.05 -8.01
N ASP G 233 -8.16 -0.23 -8.84
CA ASP G 233 -7.49 0.95 -9.39
C ASP G 233 -7.33 2.03 -8.32
N ASN G 234 -8.20 1.96 -7.31
CA ASN G 234 -8.07 2.80 -6.13
C ASN G 234 -6.98 2.26 -5.21
N ALA G 235 -7.04 0.97 -4.94
CA ALA G 235 -6.13 0.31 -4.01
C ALA G 235 -4.69 0.26 -4.48
N SER G 236 -4.49 0.08 -5.78
CA SER G 236 -3.13 0.06 -6.35
C SER G 236 -2.54 1.48 -6.36
N LYS G 237 -3.39 2.48 -6.49
CA LYS G 237 -2.95 3.88 -6.49
C LYS G 237 -3.15 4.55 -5.12
N ASN G 238 -3.56 3.76 -4.14
CA ASN G 238 -3.46 4.14 -2.74
C ASN G 238 -2.15 3.59 -2.19
N ALA G 239 -1.68 2.52 -2.82
CA ALA G 239 -0.38 1.93 -2.52
C ALA G 239 0.73 2.69 -3.24
N SER G 240 0.43 3.15 -4.46
CA SER G 240 1.34 4.00 -5.23
C SER G 240 1.69 5.25 -4.44
N GLU G 241 0.70 5.79 -3.74
CA GLU G 241 0.87 6.98 -2.92
C GLU G 241 1.63 6.65 -1.63
N MET G 242 1.37 5.46 -1.08
CA MET G 242 1.99 5.01 0.17
C MET G 242 3.45 4.58 -0.02
N ILE G 243 3.78 4.11 -1.22
CA ILE G 243 5.16 3.85 -1.60
C ILE G 243 5.92 5.17 -1.64
N ASP G 244 5.41 6.13 -2.41
CA ASP G 244 6.05 7.43 -2.59
C ASP G 244 6.18 8.22 -1.28
N LYS G 245 5.34 7.88 -0.30
CA LYS G 245 5.36 8.53 1.01
C LYS G 245 6.39 7.94 1.95
N LEU G 246 6.43 6.60 2.04
CA LEU G 246 7.39 5.90 2.90
C LEU G 246 8.83 5.92 2.37
N THR G 247 8.98 5.95 1.04
CA THR G 247 10.30 5.96 0.40
C THR G 247 11.12 7.18 0.81
N LEU G 248 10.47 8.34 0.87
CA LEU G 248 11.14 9.57 1.24
C LEU G 248 11.13 9.76 2.77
N THR G 249 10.38 8.91 3.45
CA THR G 249 10.43 8.79 4.91
C THR G 249 11.65 7.95 5.26
N PHE G 250 11.97 7.01 4.38
CA PHE G 250 13.16 6.17 4.52
C PHE G 250 14.43 7.01 4.39
N ASN G 251 14.48 7.84 3.34
CA ASN G 251 15.62 8.73 3.10
C ASN G 251 15.89 9.69 4.25
N ARG G 252 14.82 10.30 4.76
CA ARG G 252 14.89 11.06 6.01
C ARG G 252 15.68 10.25 7.05
N THR G 253 15.18 9.06 7.34
CA THR G 253 15.69 8.21 8.41
C THR G 253 17.06 7.60 8.09
N ARG G 254 17.39 7.49 6.81
CA ARG G 254 18.71 6.99 6.41
C ARG G 254 19.75 8.07 6.65
N GLN G 255 19.48 9.26 6.13
CA GLN G 255 20.38 10.40 6.25
C GLN G 255 20.57 10.82 7.70
N ALA G 256 19.50 10.71 8.50
CA ALA G 256 19.52 11.10 9.90
C ALA G 256 20.28 10.09 10.76
N VAL G 257 20.23 8.82 10.36
CA VAL G 257 20.97 7.76 11.04
C VAL G 257 22.48 7.88 10.78
N ILE G 258 22.84 8.26 9.56
CA ILE G 258 24.24 8.50 9.21
C ILE G 258 24.77 9.72 9.94
N THR G 259 24.03 10.82 9.88
CA THR G 259 24.38 12.06 10.58
C THR G 259 24.49 11.85 12.10
N LYS G 260 23.52 11.14 12.65
CA LYS G 260 23.41 10.91 14.10
C LYS G 260 24.50 9.96 14.59
N GLU G 261 24.86 8.98 13.77
CA GLU G 261 25.94 8.05 14.10
C GLU G 261 27.30 8.75 14.05
N LEU G 262 27.35 9.89 13.35
CA LEU G 262 28.58 10.64 13.15
C LEU G 262 28.80 11.71 14.22
N ILE G 263 27.70 12.35 14.65
CA ILE G 263 27.72 13.28 15.79
C ILE G 263 28.15 12.50 17.03
N GLU G 264 27.70 11.26 17.13
CA GLU G 264 27.95 10.40 18.28
C GLU G 264 29.44 10.09 18.42
N ILE G 265 30.12 10.04 17.27
CA ILE G 265 31.57 9.85 17.24
C ILE G 265 32.26 11.17 17.55
N ILE G 266 31.98 12.19 16.75
CA ILE G 266 32.60 13.51 16.91
C ILE G 266 32.45 14.06 18.34
N SER G 267 31.26 13.89 18.92
CA SER G 267 31.03 14.26 20.32
C SER G 267 32.01 13.56 21.27
N GLY G 268 32.29 12.29 20.98
CA GLY G 268 33.20 11.49 21.79
C GLY G 268 34.66 11.80 21.52
N ALA G 269 34.97 12.22 20.30
CA ALA G 269 36.32 12.61 19.93
C ALA G 269 36.66 13.99 20.49
N ALA G 270 35.65 14.87 20.54
CA ALA G 270 35.83 16.25 21.04
C ALA G 270 35.53 16.37 22.53
N ALA G 271 36.16 15.49 23.31
CA ALA G 271 36.01 15.47 24.76
C ALA G 271 37.31 15.06 25.42
N LEU G 272 38.21 14.51 24.60
CA LEU G 272 39.52 14.03 25.05
C LEU G 272 40.55 15.14 25.17
N GLN H 1 -49.24 -0.07 -37.48
CA GLN H 1 -47.87 -0.15 -36.89
C GLN H 1 -47.82 -1.04 -35.63
N MET H 2 -46.70 -1.74 -35.48
CA MET H 2 -46.41 -2.54 -34.29
C MET H 2 -44.91 -2.68 -34.06
N SER H 3 -44.48 -2.45 -32.82
CA SER H 3 -43.06 -2.54 -32.46
C SER H 3 -42.64 -4.00 -32.26
N PHE H 4 -41.63 -4.41 -33.02
CA PHE H 4 -41.16 -5.80 -33.01
C PHE H 4 -39.78 -5.95 -32.38
N THR H 5 -39.66 -6.93 -31.49
CA THR H 5 -38.42 -7.17 -30.76
C THR H 5 -38.04 -8.66 -30.83
N PHE H 6 -36.94 -8.95 -31.52
CA PHE H 6 -36.47 -10.32 -31.71
C PHE H 6 -34.98 -10.44 -31.38
N ALA H 7 -34.64 -11.35 -30.48
CA ALA H 7 -33.26 -11.53 -30.02
C ALA H 7 -32.99 -12.89 -29.36
N SER H 8 -31.70 -13.19 -29.18
CA SER H 8 -31.23 -14.37 -28.47
C SER H 8 -30.37 -13.92 -27.28
N PRO H 9 -29.85 -14.87 -26.47
CA PRO H 9 -28.94 -14.50 -25.38
C PRO H 9 -27.63 -13.89 -25.87
N THR H 10 -27.19 -14.31 -27.06
CA THR H 10 -25.89 -13.89 -27.59
C THR H 10 -26.00 -12.70 -28.54
N GLN H 11 -27.04 -12.68 -29.37
CA GLN H 11 -27.18 -11.67 -30.43
C GLN H 11 -28.56 -11.01 -30.45
N VAL H 12 -28.59 -9.73 -30.83
CA VAL H 12 -29.83 -8.94 -30.97
C VAL H 12 -30.14 -8.62 -32.43
N PHE H 13 -31.41 -8.77 -32.82
CA PHE H 13 -31.84 -8.53 -34.20
C PHE H 13 -32.74 -7.30 -34.33
N PHE H 14 -33.93 -7.36 -33.76
CA PHE H 14 -34.90 -6.26 -33.83
C PHE H 14 -35.13 -5.65 -32.46
N ASN H 15 -35.29 -4.33 -32.43
CA ASN H 15 -35.63 -3.62 -31.21
C ASN H 15 -36.65 -2.52 -31.50
N SER H 16 -37.93 -2.83 -31.21
CA SER H 16 -39.07 -1.96 -31.52
C SER H 16 -39.08 -1.54 -33.00
N ALA H 17 -38.79 -2.50 -33.89
CA ALA H 17 -38.70 -2.25 -35.32
C ALA H 17 -40.07 -2.36 -36.01
N ASN H 18 -40.33 -1.43 -36.91
CA ASN H 18 -41.61 -1.40 -37.66
C ASN H 18 -41.71 -2.53 -38.69
N VAL H 19 -42.58 -3.49 -38.37
CA VAL H 19 -42.80 -4.69 -39.17
C VAL H 19 -44.30 -5.00 -39.20
N ARG H 20 -44.79 -5.52 -40.32
CA ARG H 20 -46.23 -5.72 -40.54
C ARG H 20 -46.79 -7.07 -40.06
N GLN H 21 -46.07 -8.15 -40.34
CA GLN H 21 -46.49 -9.50 -39.95
C GLN H 21 -45.30 -10.41 -39.65
N VAL H 22 -45.49 -11.35 -38.72
CA VAL H 22 -44.47 -12.34 -38.38
C VAL H 22 -45.06 -13.75 -38.26
N ASP H 23 -44.39 -14.72 -38.87
CA ASP H 23 -44.75 -16.13 -38.75
C ASP H 23 -43.81 -16.85 -37.79
N VAL H 24 -44.39 -17.63 -36.88
CA VAL H 24 -43.63 -18.25 -35.79
C VAL H 24 -43.98 -19.74 -35.63
N PRO H 25 -42.94 -20.60 -35.52
CA PRO H 25 -43.15 -22.03 -35.31
C PRO H 25 -43.43 -22.35 -33.84
N THR H 26 -44.70 -22.21 -33.44
CA THR H 26 -45.12 -22.51 -32.07
C THR H 26 -45.37 -24.01 -31.88
N GLN H 27 -45.83 -24.39 -30.69
CA GLN H 27 -46.26 -25.75 -30.42
C GLN H 27 -47.51 -26.06 -31.24
N THR H 28 -48.48 -25.17 -31.18
CA THR H 28 -49.73 -25.28 -31.94
C THR H 28 -49.49 -24.90 -33.41
N GLY H 29 -48.70 -25.72 -34.11
CA GLY H 29 -48.40 -25.51 -35.52
C GLY H 29 -47.52 -24.30 -35.78
N ALA H 30 -47.97 -23.43 -36.67
CA ALA H 30 -47.27 -22.19 -36.97
C ALA H 30 -48.25 -21.03 -37.05
N PHE H 31 -48.21 -20.16 -36.05
CA PHE H 31 -49.13 -19.01 -35.97
C PHE H 31 -48.61 -17.77 -36.70
N GLY H 32 -49.53 -17.05 -37.32
CA GLY H 32 -49.22 -15.81 -38.01
C GLY H 32 -49.84 -14.62 -37.30
N ILE H 33 -48.99 -13.63 -36.99
CA ILE H 33 -49.41 -12.48 -36.21
C ILE H 33 -49.29 -11.19 -37.03
N LEU H 34 -50.42 -10.53 -37.26
CA LEU H 34 -50.46 -9.29 -38.02
C LEU H 34 -50.40 -8.06 -37.10
N ALA H 35 -50.60 -6.88 -37.67
CA ALA H 35 -50.41 -5.60 -36.97
C ALA H 35 -51.26 -5.40 -35.71
N ALA H 36 -52.53 -5.78 -35.77
CA ALA H 36 -53.45 -5.63 -34.63
C ALA H 36 -53.95 -6.98 -34.12
N HIS H 37 -53.02 -7.93 -34.02
CA HIS H 37 -53.32 -9.32 -33.65
C HIS H 37 -53.77 -9.47 -32.19
N VAL H 38 -54.55 -10.51 -31.93
CA VAL H 38 -55.12 -10.79 -30.59
C VAL H 38 -54.07 -11.11 -29.52
N PRO H 39 -54.39 -10.83 -28.23
CA PRO H 39 -53.47 -11.17 -27.13
C PRO H 39 -53.34 -12.69 -26.93
N THR H 40 -52.30 -13.28 -27.51
CA THR H 40 -52.08 -14.73 -27.45
C THR H 40 -50.61 -15.12 -27.21
N LEU H 41 -50.38 -15.76 -26.06
CA LEU H 41 -49.05 -16.26 -25.69
C LEU H 41 -48.88 -17.71 -26.13
N GLN H 42 -47.81 -17.98 -26.87
CA GLN H 42 -47.47 -19.34 -27.29
C GLN H 42 -45.97 -19.57 -27.32
N VAL H 43 -45.54 -20.72 -26.82
CA VAL H 43 -44.12 -21.06 -26.69
C VAL H 43 -43.59 -21.60 -28.03
N LEU H 44 -42.27 -21.68 -28.18
CA LEU H 44 -41.66 -22.03 -29.47
C LEU H 44 -41.39 -23.52 -29.73
N ARG H 45 -41.07 -23.81 -31.00
CA ARG H 45 -40.79 -25.15 -31.50
C ARG H 45 -39.71 -25.01 -32.59
N PRO H 46 -38.78 -25.99 -32.68
CA PRO H 46 -37.75 -25.93 -33.73
C PRO H 46 -38.36 -25.81 -35.13
N GLY H 47 -38.09 -24.70 -35.81
CA GLY H 47 -38.65 -24.44 -37.12
C GLY H 47 -38.27 -23.08 -37.71
N LEU H 48 -39.06 -22.62 -38.67
CA LEU H 48 -38.76 -21.41 -39.43
C LEU H 48 -39.50 -20.16 -38.95
N VAL H 49 -38.77 -19.05 -38.88
CA VAL H 49 -39.33 -17.75 -38.49
C VAL H 49 -39.36 -16.81 -39.70
N VAL H 50 -40.54 -16.34 -40.06
CA VAL H 50 -40.71 -15.43 -41.18
C VAL H 50 -41.06 -14.03 -40.66
N VAL H 51 -40.20 -13.06 -40.96
CA VAL H 51 -40.39 -11.69 -40.50
C VAL H 51 -40.66 -10.75 -41.68
N HIS H 52 -41.92 -10.39 -41.88
CA HIS H 52 -42.32 -9.53 -43.00
C HIS H 52 -41.92 -8.07 -42.78
N ALA H 53 -40.81 -7.67 -43.43
CA ALA H 53 -40.28 -6.30 -43.33
C ALA H 53 -41.19 -5.26 -43.99
N GLU H 54 -40.73 -4.02 -44.02
CA GLU H 54 -41.54 -2.89 -44.49
C GLU H 54 -41.34 -2.54 -45.97
N ASP H 55 -40.46 -3.28 -46.65
CA ASP H 55 -40.07 -2.90 -48.02
C ASP H 55 -40.06 -4.03 -49.06
N GLY H 56 -40.96 -5.00 -48.92
CA GLY H 56 -41.15 -6.04 -49.93
C GLY H 56 -40.31 -7.31 -49.78
N THR H 57 -39.06 -7.16 -49.37
CA THR H 57 -38.14 -8.29 -49.21
C THR H 57 -38.08 -8.75 -47.75
N THR H 58 -38.32 -10.05 -47.55
CA THR H 58 -38.43 -10.65 -46.22
C THR H 58 -37.15 -11.38 -45.82
N SER H 59 -36.80 -11.28 -44.54
CA SER H 59 -35.71 -12.03 -43.94
C SER H 59 -36.28 -13.20 -43.12
N LYS H 60 -35.65 -14.37 -43.26
CA LYS H 60 -36.08 -15.58 -42.55
C LYS H 60 -34.98 -16.18 -41.69
N TYR H 61 -35.37 -16.74 -40.54
CA TYR H 61 -34.42 -17.28 -39.55
C TYR H 61 -34.82 -18.68 -39.07
N PHE H 62 -33.89 -19.34 -38.37
CA PHE H 62 -34.13 -20.65 -37.76
C PHE H 62 -33.96 -20.60 -36.23
N VAL H 63 -34.86 -21.27 -35.52
CA VAL H 63 -34.90 -21.25 -34.07
C VAL H 63 -34.80 -22.65 -33.46
N SER H 64 -34.17 -22.75 -32.30
CA SER H 64 -34.09 -23.99 -31.53
C SER H 64 -35.29 -24.14 -30.60
N SER H 65 -35.49 -23.15 -29.74
CA SER H 65 -36.57 -23.13 -28.73
C SER H 65 -36.61 -21.76 -28.06
N GLY H 66 -37.79 -21.36 -27.60
CA GLY H 66 -37.95 -20.07 -26.92
C GLY H 66 -39.40 -19.66 -26.71
N SER H 67 -39.68 -18.37 -26.88
CA SER H 67 -41.02 -17.83 -26.62
C SER H 67 -41.39 -16.62 -27.48
N VAL H 68 -42.67 -16.53 -27.85
CA VAL H 68 -43.21 -15.35 -28.53
C VAL H 68 -44.37 -14.74 -27.73
N THR H 69 -44.55 -13.43 -27.89
CA THR H 69 -45.54 -12.70 -27.10
C THR H 69 -46.24 -11.62 -27.94
N VAL H 70 -47.57 -11.65 -27.93
CA VAL H 70 -48.38 -10.61 -28.54
C VAL H 70 -49.36 -10.02 -27.52
N ASN H 71 -49.40 -8.69 -27.44
CA ASN H 71 -49.99 -8.00 -26.29
C ASN H 71 -51.28 -7.21 -26.56
N ALA H 72 -51.85 -6.67 -25.48
CA ALA H 72 -53.09 -5.86 -25.52
C ALA H 72 -52.93 -4.57 -26.35
N ASP H 73 -51.69 -4.15 -26.53
CA ASP H 73 -51.35 -3.09 -27.49
C ASP H 73 -50.51 -3.70 -28.62
N SER H 74 -50.42 -2.98 -29.74
CA SER H 74 -49.68 -3.48 -30.90
C SER H 74 -48.16 -3.48 -30.69
N SER H 75 -47.66 -4.53 -30.04
CA SER H 75 -46.23 -4.72 -29.81
C SER H 75 -45.92 -6.21 -29.65
N VAL H 76 -44.90 -6.67 -30.39
CA VAL H 76 -44.55 -8.08 -30.42
C VAL H 76 -43.08 -8.30 -30.01
N GLN H 77 -42.84 -9.32 -29.21
CA GLN H 77 -41.48 -9.74 -28.87
C GLN H 77 -41.29 -11.25 -28.95
N LEU H 78 -40.18 -11.64 -29.56
CA LEU H 78 -39.84 -13.05 -29.78
C LEU H 78 -38.40 -13.31 -29.32
N LEU H 79 -38.22 -14.38 -28.55
CA LEU H 79 -36.91 -14.73 -27.99
C LEU H 79 -36.64 -16.24 -28.10
N ALA H 80 -35.38 -16.59 -28.31
CA ALA H 80 -34.96 -17.99 -28.44
C ALA H 80 -33.63 -18.24 -27.73
N GLU H 81 -33.42 -19.49 -27.26
CA GLU H 81 -32.18 -19.87 -26.59
C GLU H 81 -30.98 -19.79 -27.53
N GLU H 82 -31.13 -20.37 -28.73
CA GLU H 82 -30.13 -20.22 -29.78
C GLU H 82 -30.77 -20.10 -31.15
N ALA H 83 -30.76 -18.87 -31.67
CA ALA H 83 -31.33 -18.56 -32.98
C ALA H 83 -30.22 -18.17 -33.96
N VAL H 84 -30.17 -18.88 -35.08
CA VAL H 84 -29.17 -18.62 -36.12
C VAL H 84 -29.81 -18.40 -37.50
N THR H 85 -29.18 -17.55 -38.30
CA THR H 85 -29.65 -17.28 -39.67
C THR H 85 -29.37 -18.48 -40.56
N LEU H 86 -30.15 -18.60 -41.64
CA LEU H 86 -30.02 -19.68 -42.62
C LEU H 86 -28.61 -19.77 -43.22
N ASP H 87 -27.88 -18.66 -43.09
CA ASP H 87 -26.54 -18.48 -43.68
C ASP H 87 -25.47 -19.42 -43.13
N MET H 88 -25.51 -19.69 -41.82
CA MET H 88 -24.39 -20.34 -41.13
C MET H 88 -24.59 -21.80 -40.72
N LEU H 89 -25.69 -22.42 -41.15
CA LEU H 89 -25.97 -23.82 -40.82
C LEU H 89 -25.69 -24.76 -41.99
N ASP H 90 -24.87 -25.79 -41.72
CA ASP H 90 -24.50 -26.80 -42.70
C ASP H 90 -25.62 -27.83 -42.89
N LEU H 91 -25.90 -28.19 -44.14
CA LEU H 91 -26.91 -29.21 -44.46
C LEU H 91 -26.34 -30.62 -44.36
N GLY H 92 -25.01 -30.72 -44.29
CA GLY H 92 -24.32 -32.00 -44.18
C GLY H 92 -24.46 -32.65 -42.81
N ALA H 93 -23.94 -31.96 -41.79
CA ALA H 93 -23.89 -32.49 -40.42
C ALA H 93 -25.25 -32.70 -39.77
N ALA H 94 -26.29 -32.08 -40.35
CA ALA H 94 -27.66 -32.18 -39.84
C ALA H 94 -28.27 -33.57 -40.05
N LYS H 95 -27.89 -34.23 -41.14
CA LYS H 95 -28.35 -35.59 -41.41
C LYS H 95 -27.54 -36.62 -40.61
N ALA H 96 -26.29 -36.31 -40.33
CA ALA H 96 -25.41 -37.16 -39.53
C ALA H 96 -25.94 -37.29 -38.10
N ASN H 97 -26.43 -36.18 -37.56
CA ASN H 97 -27.03 -36.14 -36.23
C ASN H 97 -28.38 -36.84 -36.18
N LEU H 98 -29.22 -36.60 -37.19
CA LEU H 98 -30.57 -37.15 -37.29
C LEU H 98 -30.55 -38.69 -37.31
N GLU H 99 -29.65 -39.23 -38.13
CA GLU H 99 -29.51 -40.69 -38.26
C GLU H 99 -28.93 -41.32 -37.01
N LYS H 100 -28.05 -40.58 -36.32
CA LYS H 100 -27.53 -41.00 -35.02
C LYS H 100 -28.59 -40.88 -33.93
N ALA H 101 -29.50 -39.91 -34.08
CA ALA H 101 -30.59 -39.71 -33.13
C ALA H 101 -31.67 -40.77 -33.28
N GLN H 102 -31.91 -41.22 -34.50
CA GLN H 102 -32.88 -42.28 -34.77
C GLN H 102 -32.30 -43.68 -34.52
N SER H 103 -31.04 -43.73 -34.10
CA SER H 103 -30.40 -44.98 -33.72
C SER H 103 -30.55 -45.23 -32.22
N GLU H 104 -30.36 -44.17 -31.41
CA GLU H 104 -30.49 -44.25 -29.96
C GLU H 104 -31.94 -44.38 -29.47
N LEU H 105 -32.89 -44.09 -30.37
CA LEU H 105 -34.31 -44.19 -30.05
C LEU H 105 -34.77 -45.62 -29.77
N LEU H 106 -34.32 -46.55 -30.61
CA LEU H 106 -34.63 -47.96 -30.47
C LEU H 106 -33.65 -48.67 -29.52
N GLY H 107 -32.62 -47.95 -29.10
CA GLY H 107 -31.61 -48.48 -28.17
C GLY H 107 -31.72 -47.91 -26.76
N ALA H 108 -32.87 -47.31 -26.45
CA ALA H 108 -33.15 -46.77 -25.13
C ALA H 108 -34.61 -46.99 -24.75
N ALA H 109 -34.83 -47.62 -23.61
CA ALA H 109 -36.17 -47.95 -23.15
C ALA H 109 -36.66 -47.06 -22.02
N ASP H 110 -35.70 -46.48 -21.28
CA ASP H 110 -36.01 -45.60 -20.15
C ASP H 110 -36.92 -44.47 -20.62
N GLU H 111 -37.99 -44.25 -19.86
CA GLU H 111 -39.02 -43.25 -20.18
C GLU H 111 -38.47 -41.81 -20.18
N ALA H 112 -37.40 -41.60 -19.40
CA ALA H 112 -36.71 -40.31 -19.35
C ALA H 112 -35.75 -40.13 -20.53
N THR H 113 -35.09 -41.21 -20.94
CA THR H 113 -34.13 -41.18 -22.05
C THR H 113 -34.81 -41.06 -23.41
N ARG H 114 -35.98 -41.69 -23.55
CA ARG H 114 -36.77 -41.65 -24.79
C ARG H 114 -37.14 -40.24 -25.23
N ALA H 115 -37.62 -39.42 -24.29
CA ALA H 115 -37.98 -38.03 -24.56
C ALA H 115 -36.77 -37.22 -25.01
N GLU H 116 -35.64 -37.41 -24.33
CA GLU H 116 -34.40 -36.67 -24.60
C GLU H 116 -33.82 -36.92 -25.99
N ILE H 117 -34.00 -38.13 -26.50
CA ILE H 117 -33.49 -38.49 -27.83
C ILE H 117 -34.46 -38.03 -28.92
N GLN H 118 -35.77 -38.13 -28.65
CA GLN H 118 -36.80 -37.73 -29.61
C GLN H 118 -36.86 -36.23 -29.88
N ILE H 119 -36.50 -35.44 -28.86
CA ILE H 119 -36.41 -33.98 -29.01
C ILE H 119 -35.27 -33.61 -29.96
N ARG H 120 -34.16 -34.34 -29.86
CA ARG H 120 -33.02 -34.19 -30.76
C ARG H 120 -33.38 -34.63 -32.19
N ILE H 121 -34.24 -35.64 -32.31
CA ILE H 121 -34.78 -36.07 -33.60
C ILE H 121 -35.61 -34.93 -34.21
N GLU H 122 -36.49 -34.36 -33.40
CA GLU H 122 -37.37 -33.27 -33.80
C GLU H 122 -36.60 -32.04 -34.28
N ALA H 123 -35.51 -31.72 -33.58
CA ALA H 123 -34.67 -30.57 -33.91
C ALA H 123 -33.88 -30.78 -35.21
N ASN H 124 -33.35 -31.99 -35.39
CA ASN H 124 -32.60 -32.34 -36.59
C ASN H 124 -33.49 -32.58 -37.80
N GLU H 125 -34.72 -33.03 -37.55
CA GLU H 125 -35.73 -33.22 -38.60
C GLU H 125 -36.28 -31.89 -39.08
N ALA H 126 -36.10 -30.85 -38.28
CA ALA H 126 -36.48 -29.49 -38.64
C ALA H 126 -35.34 -28.75 -39.36
N LEU H 127 -34.16 -29.37 -39.37
CA LEU H 127 -32.98 -28.80 -40.02
C LEU H 127 -32.92 -29.04 -41.54
N VAL H 128 -33.91 -29.76 -42.05
CA VAL H 128 -34.02 -30.01 -43.49
C VAL H 128 -35.26 -29.29 -44.08
N LYS H 129 -36.14 -28.83 -43.20
CA LYS H 129 -37.35 -28.08 -43.58
C LYS H 129 -37.02 -26.70 -44.17
N ALA H 130 -35.75 -26.34 -44.15
CA ALA H 130 -35.28 -25.04 -44.62
C ALA H 130 -34.08 -25.15 -45.58
N LEU H 131 -33.13 -26.02 -45.24
CA LEU H 131 -31.90 -26.17 -46.02
C LEU H 131 -32.07 -27.11 -47.22
N VAL I 1 -50.34 -31.20 -23.52
CA VAL I 1 -49.40 -32.20 -22.92
C VAL I 1 -48.69 -32.99 -24.03
N ALA I 2 -47.39 -32.76 -24.18
CA ALA I 2 -46.60 -33.41 -25.23
C ALA I 2 -45.98 -34.75 -24.77
N TYR I 3 -44.92 -35.18 -25.45
CA TYR I 3 -44.26 -36.46 -25.16
C TYR I 3 -43.17 -36.35 -24.10
N TRP I 4 -42.54 -35.19 -24.02
CA TRP I 4 -41.57 -34.90 -22.96
C TRP I 4 -42.26 -34.65 -21.63
N ARG I 5 -43.46 -34.08 -21.67
CA ARG I 5 -44.36 -34.02 -20.52
C ARG I 5 -44.94 -35.40 -20.27
N GLN I 6 -44.97 -35.82 -19.00
CA GLN I 6 -45.32 -37.19 -18.60
C GLN I 6 -44.06 -38.08 -18.54
N ALA I 7 -43.08 -37.76 -19.40
CA ALA I 7 -41.80 -38.47 -19.44
C ALA I 7 -40.84 -37.99 -18.34
N GLY I 8 -41.18 -36.86 -17.72
CA GLY I 8 -40.41 -36.31 -16.60
C GLY I 8 -39.65 -35.04 -16.94
N LEU I 9 -39.81 -34.56 -18.17
CA LEU I 9 -39.06 -33.41 -18.66
C LEU I 9 -39.84 -32.09 -18.61
N SER I 10 -39.15 -31.03 -18.23
CA SER I 10 -39.71 -29.67 -18.23
C SER I 10 -39.31 -28.96 -19.53
N TYR I 11 -39.91 -27.80 -19.79
CA TYR I 11 -39.60 -27.05 -21.02
C TYR I 11 -38.14 -26.61 -21.10
N ILE I 12 -37.54 -26.37 -19.94
CA ILE I 12 -36.13 -25.97 -19.86
C ILE I 12 -35.22 -27.09 -20.35
N ARG I 13 -35.55 -28.33 -19.96
CA ARG I 13 -34.82 -29.51 -20.41
C ARG I 13 -35.11 -29.78 -21.89
N TYR I 14 -36.29 -29.37 -22.35
CA TYR I 14 -36.64 -29.40 -23.76
C TYR I 14 -35.77 -28.41 -24.54
N SER I 15 -35.69 -27.18 -24.02
CA SER I 15 -34.99 -26.08 -24.67
C SER I 15 -33.48 -26.24 -24.69
N GLN I 16 -32.95 -26.97 -23.72
CA GLN I 16 -31.51 -27.20 -23.59
C GLN I 16 -30.98 -28.08 -24.72
N ILE I 17 -31.65 -29.20 -24.96
CA ILE I 17 -31.27 -30.14 -26.02
C ILE I 17 -31.58 -29.56 -27.41
N CYS I 18 -32.69 -28.84 -27.51
CA CYS I 18 -33.07 -28.14 -28.75
C CYS I 18 -31.94 -27.25 -29.25
N ALA I 19 -31.31 -26.54 -28.31
CA ALA I 19 -30.18 -25.65 -28.62
C ALA I 19 -28.90 -26.43 -28.87
N LYS I 20 -28.74 -27.55 -28.16
CA LYS I 20 -27.53 -28.38 -28.25
C LYS I 20 -27.30 -28.93 -29.66
N ALA I 21 -28.38 -29.40 -30.29
CA ALA I 21 -28.32 -29.96 -31.64
C ALA I 21 -28.14 -28.88 -32.72
N VAL I 22 -28.45 -27.64 -32.36
CA VAL I 22 -28.22 -26.48 -33.24
C VAL I 22 -26.73 -26.10 -33.17
N ARG I 23 -26.14 -26.22 -31.99
CA ARG I 23 -24.71 -25.98 -31.79
C ARG I 23 -23.85 -27.00 -32.54
N ASP I 24 -24.28 -28.26 -32.52
CA ASP I 24 -23.55 -29.36 -33.15
C ASP I 24 -23.56 -29.28 -34.67
N ALA I 25 -24.62 -28.70 -35.23
CA ALA I 25 -24.80 -28.61 -36.68
C ALA I 25 -24.01 -27.46 -37.32
N LEU I 26 -23.43 -26.60 -36.49
CA LEU I 26 -22.65 -25.45 -36.96
C LEU I 26 -21.38 -25.87 -37.68
N LYS I 27 -20.96 -25.07 -38.66
CA LYS I 27 -19.71 -25.28 -39.37
C LYS I 27 -18.58 -24.49 -38.70
N THR I 28 -17.33 -24.86 -39.01
CA THR I 28 -16.17 -24.21 -38.39
C THR I 28 -15.90 -22.82 -38.97
N GLU I 29 -16.68 -21.85 -38.50
CA GLU I 29 -16.45 -20.43 -38.75
C GLU I 29 -17.20 -19.66 -37.67
N PHE I 30 -18.23 -20.30 -37.13
CA PHE I 30 -19.00 -19.77 -36.01
C PHE I 30 -18.99 -20.74 -34.80
N LYS I 31 -18.08 -21.72 -34.87
CA LYS I 31 -17.89 -22.71 -33.80
C LYS I 31 -17.20 -22.10 -32.55
N ALA I 32 -16.57 -20.94 -32.73
CA ALA I 32 -15.96 -20.19 -31.62
C ALA I 32 -17.04 -19.66 -30.66
N ASN I 33 -18.21 -19.36 -31.22
CA ASN I 33 -19.38 -18.92 -30.43
C ASN I 33 -19.97 -20.04 -29.56
N ALA I 34 -19.67 -21.30 -29.91
CA ALA I 34 -20.19 -22.47 -29.20
C ALA I 34 -19.54 -22.68 -27.84
N MET I 35 -18.28 -22.25 -27.71
CA MET I 35 -17.56 -22.31 -26.43
C MET I 35 -17.98 -21.16 -25.53
N LYS I 36 -18.24 -20.00 -26.12
CA LYS I 36 -18.76 -18.83 -25.41
C LYS I 36 -20.14 -19.11 -24.82
N THR I 37 -20.98 -19.79 -25.59
CA THR I 37 -22.33 -20.17 -25.15
C THR I 37 -22.27 -21.55 -24.49
N SER I 38 -23.45 -22.08 -24.14
CA SER I 38 -23.59 -23.38 -23.45
C SER I 38 -22.70 -23.50 -22.21
N GLY I 39 -23.06 -22.75 -21.17
CA GLY I 39 -22.30 -22.78 -19.93
C GLY I 39 -22.77 -23.88 -19.00
N SER I 40 -21.82 -24.43 -18.25
CA SER I 40 -22.11 -25.42 -17.21
C SER I 40 -21.11 -25.26 -16.06
N THR I 41 -20.78 -24.00 -15.76
CA THR I 41 -19.84 -23.66 -14.69
C THR I 41 -20.45 -23.90 -13.32
N ILE I 42 -21.77 -23.72 -13.23
CA ILE I 42 -22.54 -23.82 -11.99
C ILE I 42 -22.33 -25.14 -11.24
N LYS I 43 -22.23 -25.06 -9.91
CA LYS I 43 -22.11 -26.21 -9.03
C LYS I 43 -23.37 -26.37 -8.18
N ILE I 44 -23.73 -27.62 -7.88
CA ILE I 44 -24.91 -27.92 -7.06
C ILE I 44 -24.52 -28.29 -5.63
N VAL I 45 -25.06 -27.54 -4.67
CA VAL I 45 -24.82 -27.78 -3.24
C VAL I 45 -26.15 -28.09 -2.53
N LYS I 46 -26.17 -29.20 -1.79
CA LYS I 46 -27.38 -29.70 -1.11
C LYS I 46 -27.06 -30.34 0.24
N VAL I 47 -27.24 -29.58 1.32
CA VAL I 47 -26.91 -30.04 2.67
C VAL I 47 -28.13 -30.63 3.37
N ILE J 1 -107.50 -35.04 -54.18
CA ILE J 1 -106.55 -34.16 -54.91
C ILE J 1 -106.34 -32.83 -54.18
N ASP J 2 -107.42 -32.08 -53.99
CA ASP J 2 -107.37 -30.80 -53.30
C ASP J 2 -107.32 -30.97 -51.77
N THR J 3 -108.02 -31.99 -51.27
CA THR J 3 -107.99 -32.35 -49.86
C THR J 3 -106.92 -33.42 -49.59
N ALA J 4 -106.13 -33.72 -50.61
CA ALA J 4 -105.05 -34.70 -50.53
C ALA J 4 -103.67 -34.04 -50.52
N ALA J 5 -103.40 -33.20 -51.52
CA ALA J 5 -102.09 -32.55 -51.70
C ALA J 5 -101.72 -31.56 -50.60
N LYS J 6 -102.71 -31.21 -49.76
CA LYS J 6 -102.48 -30.35 -48.60
C LYS J 6 -101.76 -31.09 -47.47
N PHE J 7 -101.86 -32.42 -47.48
CA PHE J 7 -101.17 -33.28 -46.50
C PHE J 7 -99.79 -33.73 -47.00
N ILE J 8 -99.60 -33.74 -48.32
CA ILE J 8 -98.31 -34.06 -48.94
C ILE J 8 -97.54 -32.79 -49.32
N GLY J 9 -97.88 -31.69 -48.66
CA GLY J 9 -97.23 -30.39 -48.84
C GLY J 9 -96.90 -29.75 -47.51
N ALA J 10 -97.79 -29.93 -46.53
CA ALA J 10 -97.58 -29.44 -45.16
C ALA J 10 -96.49 -30.24 -44.43
N GLY J 11 -96.23 -31.46 -44.92
CA GLY J 11 -95.20 -32.32 -44.37
C GLY J 11 -93.82 -32.01 -44.92
N ALA J 12 -93.76 -31.60 -46.18
CA ALA J 12 -92.50 -31.24 -46.85
C ALA J 12 -91.94 -29.92 -46.31
N ALA J 13 -92.80 -29.09 -45.73
CA ALA J 13 -92.41 -27.81 -45.13
C ALA J 13 -91.79 -27.98 -43.74
N THR J 14 -92.07 -29.12 -43.10
CA THR J 14 -91.47 -29.48 -41.82
C THR J 14 -90.00 -29.91 -41.99
N VAL J 15 -89.60 -30.17 -43.23
CA VAL J 15 -88.21 -30.43 -43.58
C VAL J 15 -87.40 -29.13 -43.68
N GLY J 16 -88.07 -28.00 -43.49
CA GLY J 16 -87.42 -26.70 -43.41
C GLY J 16 -86.95 -26.38 -42.00
N VAL J 17 -87.39 -27.20 -41.05
CA VAL J 17 -86.96 -27.11 -39.64
C VAL J 17 -85.65 -27.85 -39.39
N ALA J 18 -85.02 -28.33 -40.48
CA ALA J 18 -83.72 -28.99 -40.41
C ALA J 18 -82.59 -27.97 -40.25
N GLY J 19 -82.81 -26.76 -40.73
CA GLY J 19 -81.86 -25.65 -40.58
C GLY J 19 -82.00 -24.94 -39.24
N SER J 20 -83.22 -24.91 -38.72
CA SER J 20 -83.50 -24.35 -37.40
C SER J 20 -82.96 -25.23 -36.27
N GLY J 21 -82.94 -26.55 -36.51
CA GLY J 21 -82.44 -27.51 -35.54
C GLY J 21 -80.93 -27.64 -35.53
N ALA J 22 -80.32 -27.62 -36.72
CA ALA J 22 -78.86 -27.69 -36.85
C ALA J 22 -78.20 -26.31 -36.75
N GLY J 23 -79.01 -25.26 -36.78
CA GLY J 23 -78.54 -23.89 -36.56
C GLY J 23 -78.49 -23.55 -35.08
N ILE J 24 -79.37 -24.18 -34.29
CA ILE J 24 -79.39 -24.02 -32.84
C ILE J 24 -78.20 -24.72 -32.17
N GLY J 25 -77.76 -25.84 -32.75
CA GLY J 25 -76.60 -26.58 -32.26
C GLY J 25 -75.28 -25.92 -32.59
N THR J 26 -75.18 -25.33 -33.78
CA THR J 26 -73.97 -24.65 -34.23
C THR J 26 -73.75 -23.29 -33.55
N VAL J 27 -74.84 -22.57 -33.32
CA VAL J 27 -74.78 -21.27 -32.63
C VAL J 27 -74.50 -21.41 -31.13
N PHE J 28 -74.92 -22.54 -30.57
CA PHE J 28 -74.68 -22.86 -29.16
C PHE J 28 -73.35 -23.58 -28.95
N GLY J 29 -72.95 -24.40 -29.93
CA GLY J 29 -71.68 -25.12 -29.88
C GLY J 29 -70.48 -24.19 -29.90
N SER J 30 -70.53 -23.18 -30.76
CA SER J 30 -69.49 -22.14 -30.83
C SER J 30 -69.59 -21.15 -29.67
N LEU J 31 -70.72 -21.16 -28.99
CA LEU J 31 -70.89 -20.42 -27.73
C LEU J 31 -70.30 -21.22 -26.58
N ILE J 32 -70.30 -22.55 -26.72
CA ILE J 32 -69.68 -23.45 -25.74
C ILE J 32 -68.16 -23.52 -25.96
N ILE J 33 -67.72 -23.14 -27.16
CA ILE J 33 -66.30 -23.04 -27.48
C ILE J 33 -65.78 -21.63 -27.18
N GLY J 34 -66.68 -20.65 -27.26
CA GLY J 34 -66.35 -19.25 -26.97
C GLY J 34 -66.28 -18.95 -25.48
N TYR J 35 -67.09 -19.67 -24.69
CA TYR J 35 -67.06 -19.56 -23.23
C TYR J 35 -66.03 -20.51 -22.62
N ALA J 36 -65.48 -21.40 -23.45
CA ALA J 36 -64.34 -22.25 -23.08
C ALA J 36 -63.02 -21.48 -23.23
N ARG J 37 -63.08 -20.42 -24.02
CA ARG J 37 -61.96 -19.50 -24.20
C ARG J 37 -61.96 -18.42 -23.12
N ASN J 38 -63.10 -18.30 -22.41
CA ASN J 38 -63.28 -17.38 -21.27
C ASN J 38 -63.31 -15.89 -21.64
N PRO J 39 -63.83 -15.04 -20.75
CA PRO J 39 -64.40 -15.20 -19.40
C PRO J 39 -65.78 -14.55 -19.28
N SER J 40 -66.15 -13.75 -20.27
CA SER J 40 -67.43 -13.03 -20.26
C SER J 40 -68.63 -13.94 -20.55
N LEU J 41 -68.89 -14.87 -19.63
CA LEU J 41 -70.04 -15.77 -19.71
C LEU J 41 -71.33 -15.01 -19.40
N LYS J 42 -71.32 -14.28 -18.29
CA LYS J 42 -72.45 -13.42 -17.90
C LYS J 42 -72.49 -12.16 -18.76
N GLN J 43 -73.29 -12.20 -19.82
CA GLN J 43 -73.42 -11.13 -20.82
C GLN J 43 -72.19 -11.00 -21.74
N GLN J 44 -72.42 -10.40 -22.91
CA GLN J 44 -71.39 -10.15 -23.94
C GLN J 44 -71.26 -11.27 -24.99
N LEU J 45 -71.11 -12.51 -24.53
CA LEU J 45 -70.90 -13.66 -25.42
C LEU J 45 -72.07 -14.67 -25.39
N PHE J 46 -72.53 -14.99 -24.18
CA PHE J 46 -73.71 -15.84 -24.01
C PHE J 46 -75.00 -15.03 -24.11
N SER J 47 -74.86 -13.70 -23.98
CA SER J 47 -75.96 -12.77 -24.26
C SER J 47 -76.20 -12.68 -25.75
N TYR J 48 -75.11 -12.73 -26.52
CA TYR J 48 -75.16 -12.77 -27.98
C TYR J 48 -75.64 -14.13 -28.49
N ALA J 49 -75.52 -15.16 -27.65
CA ALA J 49 -76.02 -16.50 -27.98
C ALA J 49 -77.55 -16.56 -27.99
N ILE J 50 -78.18 -15.63 -27.28
CA ILE J 50 -79.63 -15.43 -27.34
C ILE J 50 -80.01 -14.67 -28.61
N LEU J 51 -79.12 -13.78 -29.06
CA LEU J 51 -79.28 -13.03 -30.31
C LEU J 51 -78.89 -13.88 -31.52
N GLY J 52 -78.48 -15.12 -31.27
CA GLY J 52 -78.12 -16.08 -32.31
C GLY J 52 -79.10 -17.25 -32.39
N PHE J 53 -79.82 -17.48 -31.29
CA PHE J 53 -80.89 -18.50 -31.25
C PHE J 53 -82.20 -17.92 -31.78
N ALA J 54 -82.32 -16.59 -31.75
CA ALA J 54 -83.49 -15.88 -32.25
C ALA J 54 -83.45 -15.70 -33.77
N LEU J 55 -82.28 -15.31 -34.29
CA LEU J 55 -82.09 -15.16 -35.73
C LEU J 55 -81.87 -16.51 -36.43
N SER J 56 -82.08 -17.61 -35.69
CA SER J 56 -81.98 -18.98 -36.23
C SER J 56 -83.29 -19.76 -36.06
N GLU J 57 -84.11 -19.34 -35.09
CA GLU J 57 -85.45 -19.89 -34.90
C GLU J 57 -86.50 -19.11 -35.70
N ALA J 58 -86.08 -17.96 -36.26
CA ALA J 58 -86.94 -17.15 -37.12
C ALA J 58 -87.11 -17.78 -38.50
N MET J 59 -86.08 -18.49 -38.95
CA MET J 59 -86.15 -19.28 -40.17
C MET J 59 -86.72 -20.67 -39.88
N GLY J 60 -87.22 -20.86 -38.65
CA GLY J 60 -87.91 -22.09 -38.23
C GLY J 60 -89.36 -21.86 -37.83
N LEU J 61 -89.69 -20.61 -37.54
CA LEU J 61 -91.06 -20.20 -37.23
C LEU J 61 -91.79 -19.78 -38.51
N PHE J 62 -91.04 -19.23 -39.46
CA PHE J 62 -91.57 -18.87 -40.78
C PHE J 62 -91.81 -20.11 -41.65
N CYS J 63 -91.06 -21.18 -41.36
CA CYS J 63 -91.22 -22.47 -42.04
C CYS J 63 -92.33 -23.32 -41.41
N LEU J 64 -92.54 -23.14 -40.11
CA LEU J 64 -93.62 -23.82 -39.38
C LEU J 64 -94.97 -23.11 -39.58
N MET J 65 -94.91 -21.86 -40.03
CA MET J 65 -96.10 -21.08 -40.37
C MET J 65 -96.72 -21.55 -41.69
N VAL J 66 -95.86 -21.89 -42.65
CA VAL J 66 -96.28 -22.38 -43.97
C VAL J 66 -96.81 -23.82 -43.90
N ALA J 67 -96.31 -24.59 -42.93
CA ALA J 67 -96.78 -25.96 -42.69
C ALA J 67 -98.14 -25.96 -41.97
N PHE J 68 -98.34 -24.98 -41.09
CA PHE J 68 -99.60 -24.83 -40.38
C PHE J 68 -100.71 -24.24 -41.26
N LEU J 69 -100.31 -23.48 -42.28
CA LEU J 69 -101.25 -22.87 -43.23
C LEU J 69 -101.79 -23.88 -44.24
N ILE J 70 -101.03 -24.95 -44.49
CA ILE J 70 -101.45 -26.01 -45.40
C ILE J 70 -102.11 -27.18 -44.68
N LEU J 71 -102.30 -27.03 -43.37
CA LEU J 71 -102.98 -28.04 -42.56
C LEU J 71 -104.24 -27.48 -41.90
N PHE J 72 -104.25 -26.16 -41.68
CA PHE J 72 -105.41 -25.47 -41.09
C PHE J 72 -105.49 -24.03 -41.58
N ILE K 1 -106.13 -41.17 -51.74
CA ILE K 1 -105.89 -39.70 -51.73
C ILE K 1 -106.13 -39.08 -50.34
N ASP K 2 -107.33 -39.26 -49.81
CA ASP K 2 -107.68 -38.77 -48.46
C ASP K 2 -107.03 -39.63 -47.37
N THR K 3 -106.87 -40.92 -47.66
CA THR K 3 -106.20 -41.86 -46.77
C THR K 3 -104.73 -42.07 -47.14
N ALA K 4 -104.40 -41.78 -48.41
CA ALA K 4 -103.04 -41.96 -48.94
C ALA K 4 -102.05 -40.91 -48.47
N ALA K 5 -102.49 -39.65 -48.48
CA ALA K 5 -101.61 -38.49 -48.25
C ALA K 5 -101.14 -38.31 -46.80
N LYS K 6 -101.90 -38.87 -45.85
CA LYS K 6 -101.51 -38.83 -44.44
C LYS K 6 -100.27 -39.68 -44.17
N PHE K 7 -100.16 -40.81 -44.88
CA PHE K 7 -99.01 -41.71 -44.77
C PHE K 7 -97.76 -41.10 -45.42
N ILE K 8 -97.96 -40.45 -46.57
CA ILE K 8 -96.87 -39.77 -47.27
C ILE K 8 -96.47 -38.47 -46.59
N GLY K 9 -97.36 -37.94 -45.76
CA GLY K 9 -97.12 -36.69 -45.03
C GLY K 9 -96.47 -36.86 -43.66
N ALA K 10 -96.60 -38.06 -43.10
CA ALA K 10 -95.98 -38.40 -41.82
C ALA K 10 -94.48 -38.66 -41.98
N GLY K 11 -94.10 -39.26 -43.10
CA GLY K 11 -92.70 -39.52 -43.42
C GLY K 11 -91.94 -38.25 -43.77
N ALA K 12 -92.63 -37.28 -44.37
CA ALA K 12 -92.02 -36.03 -44.82
C ALA K 12 -91.63 -35.10 -43.66
N ALA K 13 -92.34 -35.22 -42.54
CA ALA K 13 -92.02 -34.48 -41.32
C ALA K 13 -90.99 -35.24 -40.46
N THR K 14 -90.79 -36.52 -40.79
CA THR K 14 -89.77 -37.34 -40.14
C THR K 14 -88.38 -37.11 -40.72
N VAL K 15 -88.33 -36.38 -41.84
CA VAL K 15 -87.07 -35.93 -42.44
C VAL K 15 -86.55 -34.67 -41.75
N GLY K 16 -87.39 -34.06 -40.91
CA GLY K 16 -87.02 -32.90 -40.10
C GLY K 16 -86.33 -33.27 -38.79
N VAL K 17 -86.05 -34.57 -38.63
CA VAL K 17 -85.28 -35.09 -37.49
C VAL K 17 -83.81 -35.30 -37.88
N ALA K 18 -83.45 -34.84 -39.07
CA ALA K 18 -82.07 -34.87 -39.54
C ALA K 18 -81.31 -33.62 -39.10
N GLY K 19 -82.05 -32.58 -38.73
CA GLY K 19 -81.47 -31.32 -38.26
C GLY K 19 -81.21 -31.31 -36.76
N SER K 20 -82.06 -32.04 -36.02
CA SER K 20 -81.92 -32.16 -34.57
C SER K 20 -80.84 -33.17 -34.17
N GLY K 21 -80.65 -34.19 -35.00
CA GLY K 21 -79.67 -35.25 -34.75
C GLY K 21 -78.23 -34.87 -35.08
N ALA K 22 -78.06 -33.84 -35.89
CA ALA K 22 -76.75 -33.30 -36.24
C ALA K 22 -76.43 -32.06 -35.40
N GLY K 23 -77.47 -31.38 -34.94
CA GLY K 23 -77.35 -30.25 -34.01
C GLY K 23 -76.98 -30.71 -32.61
N ILE K 24 -77.25 -32.00 -32.33
CA ILE K 24 -76.79 -32.64 -31.10
C ILE K 24 -75.36 -33.15 -31.27
N GLY K 25 -74.95 -33.37 -32.53
CA GLY K 25 -73.59 -33.79 -32.86
C GLY K 25 -72.61 -32.63 -32.89
N THR K 26 -73.13 -31.42 -33.07
CA THR K 26 -72.33 -30.20 -33.05
C THR K 26 -72.17 -29.63 -31.63
N VAL K 27 -73.24 -29.71 -30.84
CA VAL K 27 -73.24 -29.21 -29.46
C VAL K 27 -72.41 -30.09 -28.51
N PHE K 28 -72.48 -31.41 -28.72
CA PHE K 28 -71.71 -32.38 -27.93
C PHE K 28 -70.29 -32.53 -28.47
N GLY K 29 -70.09 -32.14 -29.73
CA GLY K 29 -68.76 -32.13 -30.34
C GLY K 29 -67.95 -30.95 -29.83
N SER K 30 -68.55 -29.77 -29.84
CA SER K 30 -67.91 -28.54 -29.37
C SER K 30 -67.85 -28.47 -27.83
N LEU K 31 -68.39 -29.49 -27.16
CA LEU K 31 -68.22 -29.68 -25.73
C LEU K 31 -67.10 -30.70 -25.47
N ILE K 32 -66.91 -31.61 -26.42
CA ILE K 32 -65.80 -32.57 -26.40
C ILE K 32 -64.49 -31.89 -26.80
N ILE K 33 -64.60 -30.86 -27.64
CA ILE K 33 -63.48 -30.00 -27.99
C ILE K 33 -63.50 -28.71 -27.14
N GLY K 34 -64.42 -28.68 -26.18
CA GLY K 34 -64.53 -27.58 -25.22
C GLY K 34 -64.14 -28.01 -23.81
N TYR K 35 -63.89 -29.31 -23.64
CA TYR K 35 -63.40 -29.87 -22.38
C TYR K 35 -61.91 -30.15 -22.45
N ALA K 36 -61.39 -30.28 -23.68
CA ALA K 36 -59.96 -30.48 -23.93
C ALA K 36 -59.16 -29.21 -23.62
N ARG K 37 -59.83 -28.06 -23.72
CA ARG K 37 -59.25 -26.77 -23.34
C ARG K 37 -59.13 -26.63 -21.82
N ASN K 38 -59.94 -27.41 -21.10
CA ASN K 38 -59.90 -27.50 -19.63
C ASN K 38 -60.30 -26.22 -18.88
N PRO K 39 -60.58 -26.32 -17.57
CA PRO K 39 -60.61 -27.45 -16.64
C PRO K 39 -61.98 -27.65 -16.00
N SER K 40 -62.85 -26.65 -16.16
CA SER K 40 -64.20 -26.71 -15.61
C SER K 40 -65.09 -27.68 -16.39
N LEU K 41 -64.78 -28.97 -16.27
CA LEU K 41 -65.53 -30.04 -16.92
C LEU K 41 -66.95 -30.14 -16.35
N LYS K 42 -67.05 -30.35 -15.03
CA LYS K 42 -68.31 -30.24 -14.32
C LYS K 42 -68.68 -28.76 -14.19
N GLN K 43 -69.96 -28.46 -14.42
CA GLN K 43 -70.48 -27.08 -14.49
C GLN K 43 -69.93 -26.30 -15.68
N GLN K 44 -70.52 -25.13 -15.93
CA GLN K 44 -70.13 -24.21 -17.02
C GLN K 44 -70.35 -24.78 -18.44
N LEU K 45 -69.51 -25.73 -18.84
CA LEU K 45 -69.53 -26.27 -20.22
C LEU K 45 -70.47 -27.45 -20.40
N PHE K 46 -70.22 -28.54 -19.67
CA PHE K 46 -71.05 -29.75 -19.76
C PHE K 46 -72.39 -29.62 -19.04
N SER K 47 -72.54 -28.56 -18.26
CA SER K 47 -73.82 -28.18 -17.66
C SER K 47 -74.67 -27.41 -18.67
N TYR K 48 -73.99 -26.73 -19.60
CA TYR K 48 -74.65 -26.05 -20.72
C TYR K 48 -74.72 -26.96 -21.95
N ALA K 49 -74.23 -28.19 -21.81
CA ALA K 49 -74.33 -29.20 -22.86
C ALA K 49 -75.75 -29.73 -23.00
N ILE K 50 -76.43 -29.89 -21.87
CA ILE K 50 -77.83 -30.26 -21.84
C ILE K 50 -78.73 -29.05 -22.11
N LEU K 51 -78.20 -27.85 -21.88
CA LEU K 51 -78.90 -26.59 -22.16
C LEU K 51 -78.78 -26.18 -23.63
N GLY K 52 -77.83 -26.80 -24.34
CA GLY K 52 -77.66 -26.61 -25.77
C GLY K 52 -78.28 -27.74 -26.57
N PHE K 53 -78.48 -28.88 -25.91
CA PHE K 53 -79.14 -30.06 -26.49
C PHE K 53 -80.64 -30.08 -26.18
N ALA K 54 -81.12 -29.03 -25.52
CA ALA K 54 -82.54 -28.88 -25.22
C ALA K 54 -83.24 -28.03 -26.27
N LEU K 55 -82.57 -26.97 -26.72
CA LEU K 55 -83.09 -26.08 -27.77
C LEU K 55 -82.90 -26.67 -29.17
N SER K 56 -82.03 -27.67 -29.27
CA SER K 56 -81.73 -28.35 -30.54
C SER K 56 -82.56 -29.64 -30.75
N GLU K 57 -83.04 -30.22 -29.65
CA GLU K 57 -83.99 -31.33 -29.69
C GLU K 57 -85.42 -30.81 -29.60
N ALA K 58 -85.55 -29.50 -29.39
CA ALA K 58 -86.85 -28.81 -29.38
C ALA K 58 -87.43 -28.68 -30.79
N MET K 59 -86.55 -28.68 -31.79
CA MET K 59 -86.95 -28.68 -33.19
C MET K 59 -87.34 -30.07 -33.68
N GLY K 60 -86.85 -31.10 -32.98
CA GLY K 60 -87.17 -32.49 -33.30
C GLY K 60 -88.48 -32.97 -32.69
N LEU K 61 -88.74 -32.57 -31.45
CA LEU K 61 -89.95 -32.93 -30.72
C LEU K 61 -91.19 -32.15 -31.21
N PHE K 62 -90.94 -31.04 -31.88
CA PHE K 62 -92.01 -30.28 -32.54
C PHE K 62 -92.27 -30.84 -33.94
N CYS K 63 -91.21 -31.34 -34.58
CA CYS K 63 -91.31 -31.94 -35.92
C CYS K 63 -91.93 -33.34 -35.86
N LEU K 64 -91.56 -34.12 -34.83
CA LEU K 64 -92.14 -35.44 -34.60
C LEU K 64 -93.54 -35.34 -33.98
N MET K 65 -93.96 -34.11 -33.69
CA MET K 65 -95.33 -33.83 -33.25
C MET K 65 -96.24 -33.55 -34.45
N VAL K 66 -95.65 -33.01 -35.52
CA VAL K 66 -96.34 -32.78 -36.79
C VAL K 66 -96.40 -34.04 -37.65
N ALA K 67 -95.51 -34.99 -37.33
CA ALA K 67 -95.47 -36.29 -38.01
C ALA K 67 -96.44 -37.28 -37.37
N PHE K 68 -96.68 -37.13 -36.07
CA PHE K 68 -97.61 -37.97 -35.32
C PHE K 68 -99.06 -37.50 -35.48
N LEU K 69 -99.23 -36.19 -35.73
CA LEU K 69 -100.56 -35.59 -35.92
C LEU K 69 -101.20 -35.99 -37.26
N ILE K 70 -100.37 -36.32 -38.24
CA ILE K 70 -100.83 -36.82 -39.53
C ILE K 70 -101.00 -38.35 -39.50
N LEU K 71 -100.71 -38.96 -38.35
CA LEU K 71 -100.86 -40.40 -38.15
C LEU K 71 -101.99 -40.74 -37.18
N PHE K 72 -102.35 -39.79 -36.31
CA PHE K 72 -103.42 -39.97 -35.34
C PHE K 72 -104.31 -38.74 -35.27
N ILE L 1 -103.12 -46.44 -53.30
CA ILE L 1 -103.20 -45.25 -52.40
C ILE L 1 -102.96 -45.64 -50.94
N ASP L 2 -103.76 -46.57 -50.42
CA ASP L 2 -103.59 -47.10 -49.08
C ASP L 2 -102.40 -48.06 -49.02
N THR L 3 -102.39 -49.05 -49.93
CA THR L 3 -101.30 -50.02 -50.03
C THR L 3 -100.21 -49.56 -51.01
N ALA L 4 -99.98 -48.24 -51.06
CA ALA L 4 -99.00 -47.64 -51.96
C ALA L 4 -98.17 -46.53 -51.30
N ALA L 5 -98.86 -45.50 -50.80
CA ALA L 5 -98.21 -44.30 -50.23
C ALA L 5 -97.51 -44.53 -48.88
N LYS L 6 -97.79 -45.68 -48.26
CA LYS L 6 -97.08 -46.09 -47.04
C LYS L 6 -95.71 -46.70 -47.39
N PHE L 7 -95.56 -47.16 -48.63
CA PHE L 7 -94.28 -47.66 -49.14
C PHE L 7 -93.37 -46.52 -49.59
N ILE L 8 -93.99 -45.40 -49.96
CA ILE L 8 -93.26 -44.16 -50.28
C ILE L 8 -93.26 -43.20 -49.09
N GLY L 9 -93.86 -43.63 -47.98
CA GLY L 9 -93.85 -42.87 -46.72
C GLY L 9 -92.78 -43.37 -45.77
N ALA L 10 -92.34 -44.61 -45.99
CA ALA L 10 -91.23 -45.21 -45.24
C ALA L 10 -89.89 -44.84 -45.86
N GLY L 11 -89.94 -44.38 -47.11
CA GLY L 11 -88.76 -43.86 -47.80
C GLY L 11 -88.41 -42.46 -47.32
N ALA L 12 -89.43 -41.66 -47.06
CA ALA L 12 -89.26 -40.29 -46.56
C ALA L 12 -88.92 -40.24 -45.06
N ALA L 13 -89.32 -41.29 -44.34
CA ALA L 13 -88.99 -41.42 -42.92
C ALA L 13 -87.55 -41.92 -42.70
N THR L 14 -86.97 -42.50 -43.75
CA THR L 14 -85.57 -42.97 -43.74
C THR L 14 -84.58 -41.86 -44.15
N VAL L 15 -85.10 -40.68 -44.44
CA VAL L 15 -84.29 -39.49 -44.70
C VAL L 15 -83.89 -38.82 -43.39
N GLY L 16 -84.54 -39.22 -42.30
CA GLY L 16 -84.20 -38.74 -40.96
C GLY L 16 -82.94 -39.36 -40.41
N VAL L 17 -82.41 -40.36 -41.13
CA VAL L 17 -81.14 -41.00 -40.80
C VAL L 17 -79.96 -40.32 -41.50
N ALA L 18 -80.17 -39.07 -41.91
CA ALA L 18 -79.12 -38.22 -42.45
C ALA L 18 -78.59 -37.29 -41.36
N GLY L 19 -79.26 -37.31 -40.20
CA GLY L 19 -78.85 -36.53 -39.03
C GLY L 19 -78.16 -37.38 -37.98
N SER L 20 -78.53 -38.66 -37.92
CA SER L 20 -77.88 -39.63 -37.04
C SER L 20 -76.57 -40.13 -37.64
N GLY L 21 -76.40 -39.94 -38.95
CA GLY L 21 -75.18 -40.33 -39.66
C GLY L 21 -74.17 -39.20 -39.79
N ALA L 22 -74.67 -37.98 -39.92
CA ALA L 22 -73.83 -36.78 -40.00
C ALA L 22 -73.62 -36.13 -38.62
N GLY L 23 -74.33 -36.63 -37.62
CA GLY L 23 -74.14 -36.20 -36.24
C GLY L 23 -73.05 -37.01 -35.56
N ILE L 24 -72.87 -38.25 -36.01
CA ILE L 24 -71.80 -39.12 -35.54
C ILE L 24 -70.45 -38.67 -36.07
N GLY L 25 -70.43 -38.11 -37.28
CA GLY L 25 -69.22 -37.58 -37.89
C GLY L 25 -68.75 -36.30 -37.24
N THR L 26 -69.70 -35.51 -36.75
CA THR L 26 -69.40 -34.27 -36.02
C THR L 26 -68.96 -34.58 -34.58
N VAL L 27 -69.54 -35.63 -33.99
CA VAL L 27 -69.20 -36.06 -32.64
C VAL L 27 -67.86 -36.80 -32.58
N PHE L 28 -67.75 -37.88 -33.34
CA PHE L 28 -66.51 -38.67 -33.41
C PHE L 28 -65.49 -38.03 -34.36
N GLY L 29 -65.44 -36.70 -34.32
CA GLY L 29 -64.43 -35.92 -35.04
C GLY L 29 -63.82 -34.90 -34.11
N SER L 30 -64.66 -34.29 -33.28
CA SER L 30 -64.22 -33.35 -32.25
C SER L 30 -63.60 -34.06 -31.04
N LEU L 31 -63.88 -35.36 -30.93
CA LEU L 31 -63.23 -36.22 -29.94
C LEU L 31 -61.97 -36.88 -30.54
N ILE L 32 -61.61 -36.46 -31.74
CA ILE L 32 -60.37 -36.86 -32.40
C ILE L 32 -59.46 -35.64 -32.57
N ILE L 33 -60.08 -34.46 -32.69
CA ILE L 33 -59.36 -33.20 -32.73
C ILE L 33 -59.13 -32.64 -31.31
N GLY L 34 -59.89 -33.18 -30.35
CA GLY L 34 -59.75 -32.82 -28.94
C GLY L 34 -58.74 -33.67 -28.18
N TYR L 35 -58.63 -34.94 -28.58
CA TYR L 35 -57.62 -35.87 -28.03
C TYR L 35 -56.24 -35.56 -28.60
N ALA L 36 -56.20 -34.80 -29.69
CA ALA L 36 -54.95 -34.29 -30.27
C ALA L 36 -54.31 -33.24 -29.37
N ARG L 37 -55.14 -32.57 -28.56
CA ARG L 37 -54.65 -31.68 -27.51
C ARG L 37 -54.09 -32.49 -26.33
N ASN L 38 -54.70 -33.66 -26.09
CA ASN L 38 -54.24 -34.64 -25.09
C ASN L 38 -54.31 -34.16 -23.63
N PRO L 39 -54.17 -35.09 -22.66
CA PRO L 39 -54.01 -36.54 -22.66
C PRO L 39 -55.15 -37.21 -21.88
N SER L 40 -56.37 -36.78 -22.18
CA SER L 40 -57.57 -37.35 -21.55
C SER L 40 -58.28 -38.30 -22.51
N LEU L 41 -57.56 -39.36 -22.90
CA LEU L 41 -58.11 -40.40 -23.79
C LEU L 41 -59.20 -41.19 -23.09
N LYS L 42 -58.84 -41.94 -22.06
CA LYS L 42 -59.80 -42.72 -21.28
C LYS L 42 -60.47 -41.90 -20.18
N GLN L 43 -61.61 -42.39 -19.69
CA GLN L 43 -62.34 -41.85 -18.52
C GLN L 43 -63.01 -40.49 -18.67
N GLN L 44 -62.47 -39.63 -19.55
CA GLN L 44 -63.00 -38.26 -19.70
C GLN L 44 -63.61 -37.96 -21.08
N LEU L 45 -62.75 -37.79 -22.10
CA LEU L 45 -63.18 -37.33 -23.42
C LEU L 45 -63.87 -38.40 -24.27
N PHE L 46 -63.32 -39.61 -24.26
CA PHE L 46 -63.92 -40.73 -24.99
C PHE L 46 -65.09 -41.34 -24.22
N SER L 47 -65.13 -41.10 -22.92
CA SER L 47 -66.26 -41.51 -22.07
C SER L 47 -67.46 -40.61 -22.35
N TYR L 48 -67.18 -39.33 -22.59
CA TYR L 48 -68.21 -38.37 -23.00
C TYR L 48 -68.61 -38.57 -24.47
N ALA L 49 -67.78 -39.29 -25.22
CA ALA L 49 -68.06 -39.64 -26.62
C ALA L 49 -69.06 -40.80 -26.71
N ILE L 50 -69.15 -41.59 -25.64
CA ILE L 50 -70.17 -42.63 -25.52
C ILE L 50 -71.53 -41.98 -25.22
N LEU L 51 -71.49 -40.86 -24.50
CA LEU L 51 -72.69 -40.06 -24.20
C LEU L 51 -72.93 -38.99 -25.26
N GLY L 52 -72.06 -38.94 -26.26
CA GLY L 52 -72.22 -38.07 -27.42
C GLY L 52 -72.82 -38.83 -28.59
N PHE L 53 -72.46 -40.10 -28.71
CA PHE L 53 -73.03 -40.99 -29.73
C PHE L 53 -74.26 -41.73 -29.20
N ALA L 54 -74.74 -41.31 -28.02
CA ALA L 54 -75.97 -41.82 -27.42
C ALA L 54 -77.15 -40.89 -27.69
N LEU L 55 -76.86 -39.60 -27.81
CA LEU L 55 -77.86 -38.59 -28.16
C LEU L 55 -77.73 -38.16 -29.63
N SER L 56 -77.01 -38.97 -30.41
CA SER L 56 -76.84 -38.73 -31.85
C SER L 56 -77.65 -39.73 -32.67
N GLU L 57 -77.53 -41.01 -32.33
CA GLU L 57 -78.31 -42.08 -32.96
C GLU L 57 -79.64 -42.33 -32.24
N ALA L 58 -79.96 -41.46 -31.28
CA ALA L 58 -81.25 -41.46 -30.58
C ALA L 58 -82.32 -40.81 -31.45
N MET L 59 -81.90 -39.88 -32.30
CA MET L 59 -82.75 -39.29 -33.31
C MET L 59 -82.85 -40.21 -34.54
N GLY L 60 -81.98 -41.21 -34.59
CA GLY L 60 -81.96 -42.18 -35.69
C GLY L 60 -82.73 -43.47 -35.41
N LEU L 61 -82.74 -43.89 -34.15
CA LEU L 61 -83.59 -44.98 -33.70
C LEU L 61 -85.06 -44.54 -33.66
N PHE L 62 -85.27 -43.25 -33.40
CA PHE L 62 -86.58 -42.63 -33.48
C PHE L 62 -87.01 -42.39 -34.93
N CYS L 63 -86.05 -42.44 -35.85
CA CYS L 63 -86.30 -42.32 -37.28
C CYS L 63 -86.31 -43.69 -37.98
N LEU L 64 -85.76 -44.70 -37.30
CA LEU L 64 -85.80 -46.08 -37.78
C LEU L 64 -87.04 -46.82 -37.28
N MET L 65 -87.67 -46.28 -36.24
CA MET L 65 -88.93 -46.80 -35.71
C MET L 65 -90.14 -46.13 -36.38
N VAL L 66 -89.91 -44.97 -36.99
CA VAL L 66 -90.94 -44.26 -37.75
C VAL L 66 -91.15 -44.89 -39.12
N ALA L 67 -90.07 -45.42 -39.68
CA ALA L 67 -90.12 -46.16 -40.94
C ALA L 67 -90.59 -47.59 -40.72
N PHE L 68 -90.30 -48.13 -39.54
CA PHE L 68 -90.74 -49.47 -39.14
C PHE L 68 -92.24 -49.50 -38.84
N LEU L 69 -92.80 -48.35 -38.50
CA LEU L 69 -94.24 -48.18 -38.29
C LEU L 69 -94.99 -48.04 -39.60
N ILE L 70 -94.27 -47.66 -40.66
CA ILE L 70 -94.83 -47.55 -42.01
C ILE L 70 -94.43 -48.74 -42.89
N LEU L 71 -94.33 -49.91 -42.26
CA LEU L 71 -93.99 -51.16 -42.95
C LEU L 71 -94.65 -52.37 -42.27
N PHE L 72 -94.42 -52.52 -40.98
CA PHE L 72 -94.98 -53.63 -40.20
C PHE L 72 -96.17 -53.17 -39.34
N ILE M 1 -99.81 -49.16 -58.24
CA ILE M 1 -99.86 -48.81 -56.80
C ILE M 1 -98.89 -49.66 -55.97
N ASP M 2 -99.01 -50.98 -56.10
CA ASP M 2 -98.13 -51.92 -55.39
C ASP M 2 -96.72 -51.94 -55.99
N THR M 3 -96.64 -51.84 -57.32
CA THR M 3 -95.37 -51.86 -58.04
C THR M 3 -94.80 -50.46 -58.29
N ALA M 4 -95.67 -49.46 -58.17
CA ALA M 4 -95.31 -48.07 -58.47
C ALA M 4 -94.58 -47.37 -57.31
N ALA M 5 -95.27 -47.23 -56.17
CA ALA M 5 -94.75 -46.47 -55.03
C ALA M 5 -93.69 -47.19 -54.20
N LYS M 6 -93.29 -48.38 -54.67
CA LYS M 6 -92.15 -49.11 -54.11
C LYS M 6 -90.86 -48.64 -54.79
N PHE M 7 -90.99 -48.11 -56.01
CA PHE M 7 -89.86 -47.56 -56.76
C PHE M 7 -89.52 -46.15 -56.30
N ILE M 8 -90.55 -45.39 -55.91
CA ILE M 8 -90.37 -44.03 -55.37
C ILE M 8 -90.18 -44.07 -53.85
N GLY M 9 -90.13 -45.28 -53.28
CA GLY M 9 -89.89 -45.47 -51.86
C GLY M 9 -88.46 -45.87 -51.56
N ALA M 10 -87.79 -46.42 -52.58
CA ALA M 10 -86.39 -46.80 -52.48
C ALA M 10 -85.47 -45.62 -52.77
N GLY M 11 -85.95 -44.69 -53.61
CA GLY M 11 -85.21 -43.49 -53.99
C GLY M 11 -85.01 -42.50 -52.87
N ALA M 12 -86.07 -42.27 -52.09
CA ALA M 12 -86.02 -41.38 -50.92
C ALA M 12 -85.28 -42.02 -49.75
N ALA M 13 -85.17 -43.35 -49.78
CA ALA M 13 -84.39 -44.11 -48.81
C ALA M 13 -82.88 -44.01 -49.11
N THR M 14 -82.56 -43.69 -50.37
CA THR M 14 -81.17 -43.48 -50.79
C THR M 14 -80.67 -42.07 -50.48
N VAL M 15 -81.60 -41.19 -50.10
CA VAL M 15 -81.26 -39.82 -49.67
C VAL M 15 -80.85 -39.79 -48.20
N GLY M 16 -81.09 -40.90 -47.49
CA GLY M 16 -80.62 -41.07 -46.12
C GLY M 16 -79.15 -41.45 -46.04
N VAL M 17 -78.55 -41.67 -47.22
CA VAL M 17 -77.12 -41.95 -47.34
C VAL M 17 -76.33 -40.68 -47.65
N ALA M 18 -76.95 -39.52 -47.42
CA ALA M 18 -76.30 -38.22 -47.56
C ALA M 18 -75.69 -37.74 -46.24
N GLY M 19 -76.04 -38.43 -45.15
CA GLY M 19 -75.48 -38.15 -43.84
C GLY M 19 -74.17 -38.87 -43.59
N SER M 20 -74.06 -40.08 -44.15
CA SER M 20 -72.84 -40.89 -44.04
C SER M 20 -71.70 -40.34 -44.90
N GLY M 21 -72.04 -39.78 -46.06
CA GLY M 21 -71.05 -39.21 -46.98
C GLY M 21 -70.43 -37.92 -46.47
N ALA M 22 -71.26 -37.07 -45.84
CA ALA M 22 -70.78 -35.84 -45.22
C ALA M 22 -70.30 -36.09 -43.79
N GLY M 23 -70.70 -37.23 -43.23
CA GLY M 23 -70.20 -37.69 -41.94
C GLY M 23 -68.81 -38.29 -42.07
N ILE M 24 -68.54 -38.89 -43.22
CA ILE M 24 -67.24 -39.50 -43.51
C ILE M 24 -66.13 -38.46 -43.66
N GLY M 25 -66.48 -37.29 -44.19
CA GLY M 25 -65.54 -36.20 -44.37
C GLY M 25 -65.26 -35.41 -43.11
N THR M 26 -66.29 -35.25 -42.28
CA THR M 26 -66.19 -34.51 -41.01
C THR M 26 -65.58 -35.34 -39.88
N VAL M 27 -65.37 -36.64 -40.14
CA VAL M 27 -64.73 -37.54 -39.18
C VAL M 27 -63.30 -37.88 -39.59
N PHE M 28 -63.05 -37.95 -40.90
CA PHE M 28 -61.71 -38.16 -41.45
C PHE M 28 -61.07 -36.83 -41.87
N GLY M 29 -61.72 -35.73 -41.51
CA GLY M 29 -61.18 -34.39 -41.76
C GLY M 29 -60.71 -33.75 -40.47
N SER M 30 -61.31 -34.17 -39.35
CA SER M 30 -60.89 -33.72 -38.04
C SER M 30 -59.64 -34.48 -37.59
N LEU M 31 -59.42 -35.65 -38.18
CA LEU M 31 -58.19 -36.42 -38.00
C LEU M 31 -57.12 -35.97 -38.99
N ILE M 32 -57.54 -35.26 -40.03
CA ILE M 32 -56.62 -34.63 -40.97
C ILE M 32 -56.11 -33.30 -40.39
N ILE M 33 -56.75 -32.84 -39.32
CA ILE M 33 -56.33 -31.65 -38.58
C ILE M 33 -55.80 -32.02 -37.20
N GLY M 34 -56.00 -33.28 -36.81
CA GLY M 34 -55.47 -33.80 -35.54
C GLY M 34 -53.99 -34.12 -35.61
N TYR M 35 -53.58 -34.79 -36.70
CA TYR M 35 -52.16 -35.07 -36.96
C TYR M 35 -51.40 -33.82 -37.40
N ALA M 36 -52.14 -32.73 -37.64
CA ALA M 36 -51.58 -31.42 -37.92
C ALA M 36 -51.10 -30.78 -36.62
N ARG M 37 -51.71 -31.18 -35.51
CA ARG M 37 -51.21 -30.89 -34.18
C ARG M 37 -50.14 -31.92 -33.79
N ASN M 38 -50.19 -33.08 -34.45
CA ASN M 38 -49.21 -34.17 -34.32
C ASN M 38 -49.15 -34.81 -32.93
N PRO M 39 -48.53 -36.00 -32.81
CA PRO M 39 -47.89 -36.98 -33.69
C PRO M 39 -48.43 -38.37 -33.38
N SER M 40 -49.76 -38.47 -33.26
CA SER M 40 -50.43 -39.72 -32.92
C SER M 40 -51.00 -40.46 -34.13
N LEU M 41 -50.37 -40.25 -35.28
CA LEU M 41 -50.71 -40.96 -36.53
C LEU M 41 -50.28 -42.42 -36.44
N LYS M 42 -51.23 -43.32 -36.66
CA LYS M 42 -51.06 -44.76 -36.41
C LYS M 42 -50.77 -45.04 -34.93
N GLN M 43 -51.60 -44.44 -34.07
CA GLN M 43 -51.48 -44.61 -32.61
C GLN M 43 -52.85 -44.53 -31.94
N GLN M 44 -53.37 -43.32 -31.78
CA GLN M 44 -54.62 -43.10 -31.04
C GLN M 44 -55.73 -42.47 -31.89
N LEU M 45 -55.39 -41.41 -32.61
CA LEU M 45 -56.37 -40.63 -33.38
C LEU M 45 -56.80 -41.30 -34.68
N PHE M 46 -55.85 -41.89 -35.40
CA PHE M 46 -56.13 -42.62 -36.64
C PHE M 46 -56.78 -43.97 -36.35
N SER M 47 -56.59 -44.47 -35.13
CA SER M 47 -57.23 -45.70 -34.66
C SER M 47 -58.68 -45.44 -34.28
N TYR M 48 -58.95 -44.26 -33.70
CA TYR M 48 -60.30 -43.86 -33.32
C TYR M 48 -61.09 -43.32 -34.51
N ALA M 49 -60.38 -42.92 -35.57
CA ALA M 49 -60.99 -42.43 -36.81
C ALA M 49 -61.67 -43.57 -37.58
N ILE M 50 -61.10 -44.77 -37.48
CA ILE M 50 -61.72 -45.97 -38.03
C ILE M 50 -62.93 -46.37 -37.18
N LEU M 51 -62.85 -46.11 -35.88
CA LEU M 51 -63.98 -46.28 -34.95
C LEU M 51 -64.97 -45.11 -35.07
N GLY M 52 -64.61 -44.12 -35.87
CA GLY M 52 -65.49 -43.01 -36.21
C GLY M 52 -66.05 -43.13 -37.61
N PHE M 53 -65.33 -43.87 -38.47
CA PHE M 53 -65.79 -44.18 -39.82
C PHE M 53 -66.82 -45.30 -39.81
N ALA M 54 -66.73 -46.17 -38.80
CA ALA M 54 -67.65 -47.29 -38.64
C ALA M 54 -68.99 -46.88 -38.03
N LEU M 55 -68.96 -45.91 -37.12
CA LEU M 55 -70.17 -45.40 -36.47
C LEU M 55 -71.03 -44.52 -37.39
N SER M 56 -70.44 -44.05 -38.49
CA SER M 56 -71.12 -43.16 -39.44
C SER M 56 -71.59 -43.87 -40.71
N GLU M 57 -70.82 -44.85 -41.17
CA GLU M 57 -71.18 -45.66 -42.33
C GLU M 57 -72.16 -46.79 -41.97
N ALA M 58 -72.37 -47.01 -40.67
CA ALA M 58 -73.38 -47.93 -40.17
C ALA M 58 -74.76 -47.31 -40.26
N MET M 59 -74.83 -45.99 -40.07
CA MET M 59 -76.04 -45.21 -40.31
C MET M 59 -76.27 -45.02 -41.81
N GLY M 60 -75.30 -45.47 -42.62
CA GLY M 60 -75.45 -45.56 -44.07
C GLY M 60 -75.78 -46.97 -44.49
N LEU M 61 -75.43 -47.94 -43.64
CA LEU M 61 -75.76 -49.34 -43.86
C LEU M 61 -77.20 -49.63 -43.41
N PHE M 62 -77.62 -48.99 -42.33
CA PHE M 62 -78.99 -49.10 -41.81
C PHE M 62 -79.98 -48.32 -42.67
N CYS M 63 -79.46 -47.55 -43.63
CA CYS M 63 -80.28 -46.80 -44.58
C CYS M 63 -80.28 -47.43 -45.97
N LEU M 64 -79.19 -48.11 -46.32
CA LEU M 64 -79.09 -48.84 -47.59
C LEU M 64 -79.82 -50.19 -47.51
N MET M 65 -80.06 -50.66 -46.29
CA MET M 65 -80.84 -51.87 -46.04
C MET M 65 -82.34 -51.60 -46.19
N VAL M 66 -82.75 -50.35 -45.96
CA VAL M 66 -84.12 -49.91 -46.20
C VAL M 66 -84.35 -49.69 -47.70
N ALA M 67 -83.29 -49.28 -48.40
CA ALA M 67 -83.32 -49.10 -49.86
C ALA M 67 -83.28 -50.43 -50.61
N PHE M 68 -82.65 -51.44 -49.99
CA PHE M 68 -82.63 -52.80 -50.53
C PHE M 68 -83.91 -53.56 -50.14
N LEU M 69 -84.53 -53.15 -49.04
CA LEU M 69 -85.81 -53.73 -48.60
C LEU M 69 -86.93 -53.37 -49.56
N ILE M 70 -86.94 -52.12 -50.03
CA ILE M 70 -87.92 -51.65 -51.00
C ILE M 70 -87.42 -51.84 -52.44
N LEU M 71 -86.72 -52.94 -52.68
CA LEU M 71 -86.20 -53.29 -54.01
C LEU M 71 -86.14 -54.80 -54.25
N PHE M 72 -86.28 -55.58 -53.18
CA PHE M 72 -86.31 -57.05 -53.25
C PHE M 72 -87.02 -57.66 -52.06
N ILE N 1 -97.10 -46.39 -64.11
CA ILE N 1 -96.89 -47.00 -62.76
C ILE N 1 -95.57 -47.79 -62.68
N ASP N 2 -95.31 -48.63 -63.68
CA ASP N 2 -94.09 -49.43 -63.75
C ASP N 2 -92.92 -48.64 -64.35
N THR N 3 -93.17 -48.01 -65.51
CA THR N 3 -92.17 -47.18 -66.18
C THR N 3 -92.22 -45.73 -65.70
N ALA N 4 -93.37 -45.33 -65.16
CA ALA N 4 -93.58 -43.97 -64.67
C ALA N 4 -92.89 -43.71 -63.34
N ALA N 5 -92.88 -44.72 -62.46
CA ALA N 5 -92.27 -44.62 -61.13
C ALA N 5 -90.77 -44.91 -61.13
N LYS N 6 -90.24 -45.36 -62.27
CA LYS N 6 -88.80 -45.56 -62.45
C LYS N 6 -88.09 -44.26 -62.82
N PHE N 7 -88.88 -43.21 -63.10
CA PHE N 7 -88.36 -41.89 -63.46
C PHE N 7 -88.28 -40.95 -62.25
N ILE N 8 -89.28 -41.03 -61.36
CA ILE N 8 -89.25 -40.31 -60.09
C ILE N 8 -88.87 -41.28 -58.96
N GLY N 9 -87.80 -42.03 -59.20
CA GLY N 9 -87.26 -43.01 -58.24
C GLY N 9 -85.74 -43.09 -58.32
N ALA N 10 -85.19 -42.63 -59.45
CA ALA N 10 -83.75 -42.45 -59.64
C ALA N 10 -83.38 -40.97 -59.51
N GLY N 11 -84.41 -40.13 -59.45
CA GLY N 11 -84.24 -38.69 -59.24
C GLY N 11 -84.14 -38.32 -57.76
N ALA N 12 -84.77 -39.13 -56.91
CA ALA N 12 -84.69 -38.97 -55.47
C ALA N 12 -83.42 -39.64 -54.92
N ALA N 13 -82.87 -40.57 -55.69
CA ALA N 13 -81.60 -41.22 -55.37
C ALA N 13 -80.41 -40.43 -55.91
N THR N 14 -80.71 -39.35 -56.64
CA THR N 14 -79.68 -38.45 -57.16
C THR N 14 -79.37 -37.31 -56.20
N VAL N 15 -80.25 -37.10 -55.21
CA VAL N 15 -80.05 -36.12 -54.15
C VAL N 15 -79.22 -36.68 -52.99
N GLY N 16 -78.80 -37.94 -53.14
CA GLY N 16 -77.89 -38.58 -52.19
C GLY N 16 -76.44 -38.16 -52.43
N VAL N 17 -76.19 -37.52 -53.57
CA VAL N 17 -74.86 -37.02 -53.93
C VAL N 17 -74.54 -35.67 -53.28
N ALA N 18 -75.46 -35.17 -52.44
CA ALA N 18 -75.25 -33.93 -51.69
C ALA N 18 -74.40 -34.16 -50.45
N GLY N 19 -74.35 -35.41 -49.99
CA GLY N 19 -73.48 -35.82 -48.89
C GLY N 19 -72.03 -35.94 -49.31
N SER N 20 -71.82 -36.45 -50.52
CA SER N 20 -70.49 -36.57 -51.11
C SER N 20 -69.98 -35.23 -51.65
N GLY N 21 -70.90 -34.34 -51.99
CA GLY N 21 -70.57 -33.02 -52.52
C GLY N 21 -69.96 -32.07 -51.49
N ALA N 22 -70.56 -32.05 -50.31
CA ALA N 22 -70.08 -31.22 -49.21
C ALA N 22 -69.09 -31.95 -48.31
N GLY N 23 -69.09 -33.28 -48.40
CA GLY N 23 -68.13 -34.12 -47.67
C GLY N 23 -66.73 -34.02 -48.25
N ILE N 24 -66.66 -33.79 -49.56
CA ILE N 24 -65.38 -33.56 -50.25
C ILE N 24 -64.86 -32.15 -50.00
N GLY N 25 -65.77 -31.24 -49.68
CA GLY N 25 -65.43 -29.86 -49.32
C GLY N 25 -65.00 -29.73 -47.87
N THR N 26 -65.53 -30.62 -47.03
CA THR N 26 -65.15 -30.67 -45.61
C THR N 26 -63.83 -31.40 -45.42
N VAL N 27 -63.54 -32.38 -46.28
CA VAL N 27 -62.29 -33.15 -46.20
C VAL N 27 -61.11 -32.37 -46.76
N PHE N 28 -61.25 -31.84 -47.97
CA PHE N 28 -60.19 -31.05 -48.62
C PHE N 28 -60.01 -29.69 -47.97
N GLY N 29 -61.08 -29.19 -47.34
CA GLY N 29 -61.04 -27.92 -46.61
C GLY N 29 -60.23 -28.00 -45.33
N SER N 30 -60.32 -29.15 -44.66
CA SER N 30 -59.53 -29.41 -43.45
C SER N 30 -58.05 -29.63 -43.76
N LEU N 31 -57.76 -30.10 -44.98
CA LEU N 31 -56.39 -30.27 -45.45
C LEU N 31 -55.76 -28.93 -45.84
N ILE N 32 -56.61 -27.98 -46.22
CA ILE N 32 -56.17 -26.62 -46.52
C ILE N 32 -55.97 -25.81 -45.24
N ILE N 33 -56.70 -26.20 -44.19
CA ILE N 33 -56.55 -25.60 -42.86
C ILE N 33 -55.61 -26.43 -41.98
N GLY N 34 -54.93 -27.39 -42.59
CA GLY N 34 -53.99 -28.27 -41.90
C GLY N 34 -52.56 -28.03 -42.33
N TYR N 35 -52.34 -27.93 -43.65
CA TYR N 35 -51.03 -27.60 -44.22
C TYR N 35 -50.66 -26.14 -43.96
N ALA N 36 -51.65 -25.36 -43.51
CA ALA N 36 -51.44 -23.98 -43.08
C ALA N 36 -50.76 -23.93 -41.71
N ARG N 37 -51.03 -24.93 -40.88
CA ARG N 37 -50.29 -25.14 -39.64
C ARG N 37 -48.91 -25.70 -39.96
N ASN N 38 -48.78 -26.30 -41.15
CA ASN N 38 -47.51 -26.77 -41.72
C ASN N 38 -46.84 -27.93 -40.95
N PRO N 39 -45.84 -28.58 -41.56
CA PRO N 39 -45.25 -28.47 -42.89
C PRO N 39 -45.29 -29.81 -43.61
N SER N 40 -45.86 -30.82 -42.95
CA SER N 40 -45.98 -32.17 -43.49
C SER N 40 -47.03 -32.26 -44.60
N LEU N 41 -46.89 -31.41 -45.61
CA LEU N 41 -47.79 -31.37 -46.76
C LEU N 41 -47.54 -32.56 -47.69
N LYS N 42 -46.31 -32.69 -48.19
CA LYS N 42 -45.91 -33.84 -48.99
C LYS N 42 -45.93 -35.11 -48.13
N GLN N 43 -46.81 -36.04 -48.49
CA GLN N 43 -47.12 -37.22 -47.67
C GLN N 43 -47.73 -36.84 -46.31
N GLN N 44 -48.06 -37.85 -45.51
CA GLN N 44 -48.64 -37.66 -44.17
C GLN N 44 -50.05 -37.02 -44.16
N LEU N 45 -50.17 -35.81 -44.70
CA LEU N 45 -51.42 -35.06 -44.67
C LEU N 45 -52.20 -35.10 -45.99
N PHE N 46 -51.53 -34.77 -47.09
CA PHE N 46 -52.14 -34.80 -48.43
C PHE N 46 -52.31 -36.22 -48.94
N SER N 47 -51.49 -37.14 -48.41
CA SER N 47 -51.62 -38.57 -48.69
C SER N 47 -52.81 -39.15 -47.93
N TYR N 48 -53.08 -38.61 -46.74
CA TYR N 48 -54.26 -38.98 -45.95
C TYR N 48 -55.52 -38.32 -46.52
N ALA N 49 -55.33 -37.21 -47.23
CA ALA N 49 -56.44 -36.52 -47.91
C ALA N 49 -56.99 -37.32 -49.09
N ILE N 50 -56.16 -38.20 -49.65
CA ILE N 50 -56.57 -39.12 -50.72
C ILE N 50 -57.25 -40.37 -50.14
N LEU N 51 -57.11 -40.58 -48.84
CA LEU N 51 -57.78 -41.66 -48.13
C LEU N 51 -59.15 -41.21 -47.63
N GLY N 52 -59.28 -39.91 -47.36
CA GLY N 52 -60.53 -39.32 -46.90
C GLY N 52 -61.48 -38.96 -48.04
N PHE N 53 -60.90 -38.60 -49.19
CA PHE N 53 -61.69 -38.26 -50.37
C PHE N 53 -62.21 -39.50 -51.09
N ALA N 54 -61.52 -40.62 -50.92
CA ALA N 54 -61.95 -41.90 -51.47
C ALA N 54 -63.05 -42.52 -50.60
N LEU N 55 -62.96 -42.30 -49.29
CA LEU N 55 -63.96 -42.78 -48.33
C LEU N 55 -65.19 -41.87 -48.27
N SER N 56 -65.15 -40.77 -49.03
CA SER N 56 -66.27 -39.85 -49.16
C SER N 56 -66.93 -39.95 -50.53
N GLU N 57 -66.14 -40.37 -51.52
CA GLU N 57 -66.66 -40.69 -52.85
C GLU N 57 -67.04 -42.18 -52.94
N ALA N 58 -66.87 -42.88 -51.82
CA ALA N 58 -67.33 -44.27 -51.69
C ALA N 58 -68.85 -44.31 -51.54
N MET N 59 -69.38 -43.35 -50.78
CA MET N 59 -70.83 -43.14 -50.68
C MET N 59 -71.35 -42.57 -52.01
N GLY N 60 -70.46 -41.90 -52.75
CA GLY N 60 -70.78 -41.42 -54.10
C GLY N 60 -70.69 -42.49 -55.16
N LEU N 61 -69.98 -43.58 -54.85
CA LEU N 61 -69.87 -44.74 -55.74
C LEU N 61 -70.95 -45.79 -55.44
N PHE N 62 -71.74 -45.54 -54.39
CA PHE N 62 -72.85 -46.40 -54.00
C PHE N 62 -74.21 -45.74 -54.21
N CYS N 63 -74.20 -44.41 -54.37
CA CYS N 63 -75.42 -43.63 -54.62
C CYS N 63 -75.66 -43.38 -56.10
N LEU N 64 -74.58 -43.32 -56.88
CA LEU N 64 -74.66 -43.15 -58.34
C LEU N 64 -74.85 -44.48 -59.06
N MET N 65 -74.55 -45.58 -58.36
CA MET N 65 -74.79 -46.92 -58.87
C MET N 65 -76.23 -47.37 -58.56
N VAL N 66 -76.91 -46.61 -57.70
CA VAL N 66 -78.31 -46.85 -57.38
C VAL N 66 -79.25 -46.22 -58.41
N ALA N 67 -78.96 -44.96 -58.78
CA ALA N 67 -79.74 -44.25 -59.80
C ALA N 67 -79.50 -44.79 -61.21
N PHE N 68 -78.32 -45.38 -61.42
CA PHE N 68 -77.96 -46.01 -62.69
C PHE N 68 -78.53 -47.43 -62.83
N LEU N 69 -79.15 -47.93 -61.77
CA LEU N 69 -79.81 -49.24 -61.77
C LEU N 69 -81.30 -49.11 -62.10
N ILE N 70 -81.88 -47.97 -61.75
CA ILE N 70 -83.28 -47.67 -62.06
C ILE N 70 -83.45 -47.02 -63.43
N LEU N 71 -82.33 -46.88 -64.15
CA LEU N 71 -82.33 -46.29 -65.50
C LEU N 71 -82.43 -47.36 -66.59
N PHE N 72 -81.41 -48.20 -66.71
CA PHE N 72 -81.37 -49.25 -67.72
C PHE N 72 -81.13 -50.62 -67.09
N ILE O 1 -97.70 -39.82 -67.91
CA ILE O 1 -96.90 -40.80 -67.14
C ILE O 1 -95.46 -40.90 -67.67
N ASP O 2 -95.31 -40.90 -68.99
CA ASP O 2 -94.00 -41.01 -69.64
C ASP O 2 -93.32 -39.65 -69.85
N THR O 3 -94.11 -38.58 -69.77
CA THR O 3 -93.61 -37.21 -69.92
C THR O 3 -93.82 -36.39 -68.65
N ALA O 4 -94.83 -36.76 -67.87
CA ALA O 4 -95.18 -36.08 -66.62
C ALA O 4 -94.15 -36.35 -65.51
N ALA O 5 -93.77 -37.61 -65.35
CA ALA O 5 -92.79 -38.02 -64.35
C ALA O 5 -91.34 -37.67 -64.75
N LYS O 6 -91.19 -37.02 -65.89
CA LYS O 6 -89.89 -36.54 -66.37
C LYS O 6 -89.65 -35.07 -66.02
N PHE O 7 -90.71 -34.39 -65.57
CA PHE O 7 -90.64 -32.97 -65.17
C PHE O 7 -90.54 -32.79 -63.65
N ILE O 8 -91.13 -33.71 -62.89
CA ILE O 8 -91.08 -33.68 -61.43
C ILE O 8 -89.92 -34.53 -60.87
N GLY O 9 -89.27 -35.29 -61.76
CA GLY O 9 -88.12 -36.13 -61.41
C GLY O 9 -86.78 -35.47 -61.76
N ALA O 10 -86.83 -34.47 -62.62
CA ALA O 10 -85.66 -33.64 -62.93
C ALA O 10 -85.52 -32.52 -61.91
N GLY O 11 -86.55 -32.34 -61.08
CA GLY O 11 -86.54 -31.36 -59.99
C GLY O 11 -85.95 -31.91 -58.70
N ALA O 12 -86.07 -33.22 -58.50
CA ALA O 12 -85.51 -33.89 -57.32
C ALA O 12 -84.00 -34.10 -57.45
N ALA O 13 -83.49 -34.07 -58.68
CA ALA O 13 -82.05 -34.19 -58.95
C ALA O 13 -81.34 -32.82 -58.90
N THR O 14 -82.14 -31.77 -58.76
CA THR O 14 -81.63 -30.40 -58.59
C THR O 14 -81.34 -30.08 -57.11
N VAL O 15 -81.73 -31.00 -56.23
CA VAL O 15 -81.42 -30.92 -54.81
C VAL O 15 -80.05 -31.54 -54.49
N GLY O 16 -79.41 -32.09 -55.53
CA GLY O 16 -78.05 -32.63 -55.44
C GLY O 16 -76.98 -31.57 -55.63
N VAL O 17 -77.41 -30.34 -55.94
CA VAL O 17 -76.53 -29.19 -56.02
C VAL O 17 -76.50 -28.44 -54.69
N ALA O 18 -77.19 -28.98 -53.69
CA ALA O 18 -77.17 -28.46 -52.32
C ALA O 18 -75.86 -28.82 -51.61
N GLY O 19 -75.22 -29.89 -52.08
CA GLY O 19 -73.92 -30.33 -51.56
C GLY O 19 -72.74 -29.60 -52.18
N SER O 20 -72.87 -29.24 -53.46
CA SER O 20 -71.83 -28.52 -54.19
C SER O 20 -71.77 -27.03 -53.81
N GLY O 21 -72.87 -26.50 -53.27
CA GLY O 21 -72.99 -25.10 -52.89
C GLY O 21 -72.67 -24.82 -51.43
N ALA O 22 -72.99 -25.77 -50.56
CA ALA O 22 -72.63 -25.71 -49.15
C ALA O 22 -71.19 -26.18 -48.94
N GLY O 23 -70.74 -27.07 -49.82
CA GLY O 23 -69.37 -27.57 -49.80
C GLY O 23 -68.36 -26.55 -50.30
N ILE O 24 -68.82 -25.67 -51.21
CA ILE O 24 -67.98 -24.58 -51.74
C ILE O 24 -67.75 -23.49 -50.68
N GLY O 25 -68.71 -23.33 -49.78
CA GLY O 25 -68.59 -22.42 -48.65
C GLY O 25 -67.73 -22.98 -47.53
N THR O 26 -67.41 -24.27 -47.63
CA THR O 26 -66.54 -24.96 -46.68
C THR O 26 -65.11 -25.10 -47.24
N VAL O 27 -65.00 -25.13 -48.57
CA VAL O 27 -63.69 -25.23 -49.25
C VAL O 27 -63.02 -23.88 -49.40
N PHE O 28 -63.79 -22.80 -49.28
CA PHE O 28 -63.29 -21.43 -49.35
C PHE O 28 -63.19 -20.80 -47.96
N GLY O 29 -64.08 -21.20 -47.06
CA GLY O 29 -64.08 -20.73 -45.68
C GLY O 29 -62.89 -21.26 -44.90
N SER O 30 -62.57 -22.54 -45.12
CA SER O 30 -61.40 -23.17 -44.51
C SER O 30 -60.11 -22.77 -45.22
N LEU O 31 -60.25 -21.92 -46.24
CA LEU O 31 -59.11 -21.29 -46.92
C LEU O 31 -58.95 -19.84 -46.46
N ILE O 32 -60.02 -19.26 -45.94
CA ILE O 32 -60.01 -17.92 -45.37
C ILE O 32 -59.31 -17.90 -44.01
N ILE O 33 -59.67 -18.86 -43.16
CA ILE O 33 -59.01 -19.04 -41.86
C ILE O 33 -57.64 -19.68 -42.02
N GLY O 34 -57.40 -20.28 -43.19
CA GLY O 34 -56.10 -20.91 -43.52
C GLY O 34 -55.01 -19.90 -43.83
N TYR O 35 -55.34 -18.91 -44.66
CA TYR O 35 -54.42 -17.82 -44.99
C TYR O 35 -54.40 -16.75 -43.89
N ALA O 36 -55.33 -16.85 -42.93
CA ALA O 36 -55.35 -15.97 -41.76
C ALA O 36 -54.19 -16.30 -40.81
N ARG O 37 -53.92 -17.59 -40.64
CA ARG O 37 -52.71 -18.06 -39.97
C ARG O 37 -51.52 -17.87 -40.91
N ASN O 38 -51.81 -17.72 -42.20
CA ASN O 38 -50.85 -17.28 -43.23
C ASN O 38 -49.66 -18.23 -43.44
N PRO O 39 -48.72 -17.85 -44.33
CA PRO O 39 -48.55 -16.69 -45.22
C PRO O 39 -48.56 -17.08 -46.69
N SER O 40 -48.50 -18.37 -46.97
CA SER O 40 -48.48 -18.88 -48.34
C SER O 40 -49.82 -18.67 -49.05
N LEU O 41 -50.04 -17.44 -49.51
CA LEU O 41 -51.25 -17.07 -50.25
C LEU O 41 -51.24 -17.66 -51.66
N LYS O 42 -50.46 -17.06 -52.56
CA LYS O 42 -50.24 -17.61 -53.90
C LYS O 42 -49.34 -18.83 -53.80
N GLN O 43 -49.83 -19.96 -54.32
CA GLN O 43 -49.20 -21.28 -54.19
C GLN O 43 -49.50 -21.95 -52.84
N GLN O 44 -49.43 -23.28 -52.82
CA GLN O 44 -49.66 -24.10 -51.63
C GLN O 44 -51.10 -24.10 -51.10
N LEU O 45 -51.56 -22.96 -50.58
CA LEU O 45 -52.87 -22.89 -49.91
C LEU O 45 -54.04 -22.60 -50.86
N PHE O 46 -53.91 -21.55 -51.66
CA PHE O 46 -54.94 -21.18 -52.64
C PHE O 46 -54.90 -22.09 -53.86
N SER O 47 -53.76 -22.72 -54.09
CA SER O 47 -53.61 -23.74 -55.14
C SER O 47 -54.34 -25.03 -54.74
N TYR O 48 -54.35 -25.32 -53.43
CA TYR O 48 -55.07 -26.46 -52.88
C TYR O 48 -56.57 -26.18 -52.75
N ALA O 49 -56.94 -24.90 -52.77
CA ALA O 49 -58.34 -24.49 -52.76
C ALA O 49 -59.01 -24.71 -54.10
N ILE O 50 -58.23 -24.57 -55.19
CA ILE O 50 -58.73 -24.78 -56.54
C ILE O 50 -58.93 -26.26 -56.86
N LEU O 51 -58.03 -27.11 -56.34
CA LEU O 51 -58.14 -28.56 -56.50
C LEU O 51 -59.17 -29.17 -55.55
N GLY O 52 -59.70 -28.34 -54.65
CA GLY O 52 -60.73 -28.75 -53.70
C GLY O 52 -62.14 -28.38 -54.14
N PHE O 53 -62.28 -27.19 -54.72
CA PHE O 53 -63.56 -26.71 -55.25
C PHE O 53 -63.93 -27.44 -56.55
N ALA O 54 -62.90 -27.88 -57.28
CA ALA O 54 -63.08 -28.70 -58.47
C ALA O 54 -63.61 -30.09 -58.09
N LEU O 55 -63.23 -30.56 -56.90
CA LEU O 55 -63.71 -31.82 -56.36
C LEU O 55 -64.96 -31.60 -55.48
N SER O 56 -65.48 -30.38 -55.47
CA SER O 56 -66.70 -30.04 -54.76
C SER O 56 -67.84 -29.74 -55.72
N GLU O 57 -67.52 -29.09 -56.84
CA GLU O 57 -68.51 -28.77 -57.89
C GLU O 57 -68.64 -29.90 -58.92
N ALA O 58 -67.79 -30.93 -58.78
CA ALA O 58 -67.86 -32.13 -59.63
C ALA O 58 -69.12 -32.94 -59.31
N MET O 59 -69.54 -32.88 -58.05
CA MET O 59 -70.80 -33.50 -57.62
C MET O 59 -71.98 -32.57 -57.89
N GLY O 60 -71.71 -31.43 -58.52
CA GLY O 60 -72.74 -30.49 -58.96
C GLY O 60 -72.93 -30.53 -60.47
N LEU O 61 -71.86 -30.81 -61.20
CA LEU O 61 -71.90 -30.92 -62.66
C LEU O 61 -72.37 -32.30 -63.12
N PHE O 62 -72.10 -33.32 -62.31
CA PHE O 62 -72.58 -34.68 -62.56
C PHE O 62 -74.05 -34.82 -62.15
N CYS O 63 -74.48 -34.00 -61.20
CA CYS O 63 -75.88 -33.95 -60.75
C CYS O 63 -76.75 -33.09 -61.67
N LEU O 64 -76.11 -32.19 -62.42
CA LEU O 64 -76.77 -31.42 -63.47
C LEU O 64 -76.65 -32.14 -64.82
N MET O 65 -75.95 -33.27 -64.82
CA MET O 65 -75.86 -34.16 -65.99
C MET O 65 -76.94 -35.24 -65.91
N VAL O 66 -77.41 -35.52 -64.69
CA VAL O 66 -78.54 -36.42 -64.45
C VAL O 66 -79.86 -35.64 -64.39
N ALA O 67 -79.77 -34.32 -64.32
CA ALA O 67 -80.93 -33.44 -64.37
C ALA O 67 -81.34 -33.16 -65.82
N PHE O 68 -80.36 -32.80 -66.65
CA PHE O 68 -80.59 -32.49 -68.07
C PHE O 68 -80.82 -33.73 -68.93
N LEU O 69 -80.54 -34.91 -68.38
CA LEU O 69 -80.81 -36.18 -69.05
C LEU O 69 -82.24 -36.67 -68.82
N ILE O 70 -82.97 -35.95 -67.96
CA ILE O 70 -84.37 -36.26 -67.66
C ILE O 70 -85.34 -35.27 -68.32
N LEU O 71 -84.80 -34.18 -68.86
CA LEU O 71 -85.59 -33.16 -69.55
C LEU O 71 -85.14 -32.94 -71.00
N PHE O 72 -83.94 -33.41 -71.33
CA PHE O 72 -83.39 -33.30 -72.69
C PHE O 72 -82.52 -34.51 -73.03
N ILE P 1 -101.51 -33.36 -65.22
CA ILE P 1 -100.30 -34.18 -65.54
C ILE P 1 -99.25 -33.36 -66.28
N ASP P 2 -99.69 -32.58 -67.27
CA ASP P 2 -98.80 -31.71 -68.03
C ASP P 2 -98.61 -30.35 -67.33
N THR P 3 -99.67 -29.90 -66.65
CA THR P 3 -99.64 -28.66 -65.86
C THR P 3 -99.48 -28.98 -64.37
N ALA P 4 -99.52 -30.26 -64.04
CA ALA P 4 -99.38 -30.74 -62.65
C ALA P 4 -97.93 -31.00 -62.26
N ALA P 5 -97.22 -31.78 -63.07
CA ALA P 5 -95.85 -32.20 -62.77
C ALA P 5 -94.80 -31.09 -62.94
N LYS P 6 -95.17 -30.02 -63.66
CA LYS P 6 -94.31 -28.85 -63.81
C LYS P 6 -94.55 -27.83 -62.69
N PHE P 7 -95.63 -28.02 -61.94
CA PHE P 7 -95.98 -27.17 -60.81
C PHE P 7 -95.49 -27.75 -59.47
N ILE P 8 -95.32 -29.07 -59.42
CA ILE P 8 -94.73 -29.74 -58.26
C ILE P 8 -93.23 -30.01 -58.50
N GLY P 9 -92.81 -29.92 -59.76
CA GLY P 9 -91.41 -30.09 -60.13
C GLY P 9 -90.58 -28.83 -59.97
N ALA P 10 -91.24 -27.67 -60.10
CA ALA P 10 -90.59 -26.38 -59.87
C ALA P 10 -90.38 -26.10 -58.37
N GLY P 11 -91.06 -26.87 -57.52
CA GLY P 11 -90.94 -26.76 -56.07
C GLY P 11 -89.78 -27.56 -55.51
N ALA P 12 -89.49 -28.70 -56.14
CA ALA P 12 -88.38 -29.58 -55.73
C ALA P 12 -87.00 -29.00 -56.08
N ALA P 13 -86.96 -28.17 -57.12
CA ALA P 13 -85.73 -27.50 -57.55
C ALA P 13 -85.37 -26.30 -56.67
N THR P 14 -86.30 -25.89 -55.81
CA THR P 14 -86.09 -24.80 -54.86
C THR P 14 -85.45 -25.29 -53.55
N VAL P 15 -85.14 -26.59 -53.49
CA VAL P 15 -84.38 -27.17 -52.39
C VAL P 15 -82.87 -27.18 -52.70
N GLY P 16 -82.49 -26.47 -53.78
CA GLY P 16 -81.10 -26.30 -54.15
C GLY P 16 -80.51 -24.99 -53.63
N VAL P 17 -81.37 -24.16 -53.04
CA VAL P 17 -80.97 -22.89 -52.43
C VAL P 17 -80.67 -23.04 -50.93
N ALA P 18 -80.88 -24.25 -50.41
CA ALA P 18 -80.52 -24.58 -49.03
C ALA P 18 -79.00 -24.77 -48.90
N GLY P 19 -78.35 -25.06 -50.03
CA GLY P 19 -76.89 -25.19 -50.09
C GLY P 19 -76.19 -23.84 -50.15
N SER P 20 -76.72 -22.94 -50.98
CA SER P 20 -76.16 -21.59 -51.13
C SER P 20 -76.48 -20.70 -49.92
N GLY P 21 -77.54 -21.03 -49.19
CA GLY P 21 -77.96 -20.27 -48.01
C GLY P 21 -77.05 -20.47 -46.81
N ALA P 22 -76.71 -21.73 -46.53
CA ALA P 22 -75.79 -22.08 -45.45
C ALA P 22 -74.34 -21.96 -45.91
N GLY P 23 -74.13 -22.06 -47.22
CA GLY P 23 -72.81 -21.89 -47.82
C GLY P 23 -72.34 -20.44 -47.85
N ILE P 24 -73.30 -19.51 -47.72
CA ILE P 24 -73.00 -18.08 -47.62
C ILE P 24 -72.73 -17.65 -46.18
N GLY P 25 -73.32 -18.37 -45.23
CA GLY P 25 -73.11 -18.11 -43.80
C GLY P 25 -71.76 -18.60 -43.29
N THR P 26 -71.19 -19.60 -43.97
CA THR P 26 -69.90 -20.17 -43.60
C THR P 26 -68.74 -19.34 -44.15
N VAL P 27 -68.83 -18.91 -45.40
CA VAL P 27 -67.82 -18.08 -46.05
C VAL P 27 -67.74 -16.68 -45.43
N PHE P 28 -68.87 -16.22 -44.90
CA PHE P 28 -68.95 -14.96 -44.16
C PHE P 28 -68.73 -15.19 -42.66
N GLY P 29 -68.71 -16.46 -42.25
CA GLY P 29 -68.43 -16.84 -40.86
C GLY P 29 -66.93 -16.97 -40.61
N SER P 30 -66.24 -17.63 -41.54
CA SER P 30 -64.79 -17.82 -41.46
C SER P 30 -64.03 -16.52 -41.75
N LEU P 31 -64.73 -15.54 -42.31
CA LEU P 31 -64.19 -14.19 -42.52
C LEU P 31 -64.39 -13.35 -41.25
N ILE P 32 -65.33 -13.75 -40.40
CA ILE P 32 -65.55 -13.11 -39.10
C ILE P 32 -64.55 -13.62 -38.06
N ILE P 33 -64.19 -14.89 -38.18
CA ILE P 33 -63.17 -15.50 -37.32
C ILE P 33 -61.77 -15.24 -37.86
N GLY P 34 -61.68 -14.94 -39.15
CA GLY P 34 -60.40 -14.63 -39.81
C GLY P 34 -59.92 -13.21 -39.53
N TYR P 35 -60.84 -12.25 -39.59
CA TYR P 35 -60.55 -10.86 -39.26
C TYR P 35 -60.47 -10.65 -37.74
N ALA P 36 -60.90 -11.67 -37.00
CA ALA P 36 -60.69 -11.72 -35.55
C ALA P 36 -59.23 -12.04 -35.24
N ARG P 37 -58.62 -12.88 -36.08
CA ARG P 37 -57.18 -13.14 -36.02
C ARG P 37 -56.39 -11.96 -36.57
N ASN P 38 -57.11 -11.04 -37.24
CA ASN P 38 -56.59 -9.74 -37.69
C ASN P 38 -55.48 -9.82 -38.74
N PRO P 39 -55.20 -8.71 -39.44
CA PRO P 39 -55.73 -7.35 -39.53
C PRO P 39 -55.87 -6.91 -40.98
N SER P 40 -55.54 -7.81 -41.91
CA SER P 40 -55.66 -7.54 -43.35
C SER P 40 -57.13 -7.63 -43.80
N LEU P 41 -57.98 -6.80 -43.20
CA LEU P 41 -59.42 -6.77 -43.48
C LEU P 41 -59.70 -6.31 -44.92
N LYS P 42 -59.61 -4.99 -45.15
CA LYS P 42 -59.70 -4.43 -46.50
C LYS P 42 -58.55 -4.97 -47.34
N GLN P 43 -58.90 -5.56 -48.49
CA GLN P 43 -57.97 -6.30 -49.36
C GLN P 43 -57.54 -7.65 -48.74
N GLN P 44 -57.18 -8.59 -49.60
CA GLN P 44 -56.74 -9.94 -49.21
C GLN P 44 -57.86 -10.83 -48.65
N LEU P 45 -58.29 -10.54 -47.43
CA LEU P 45 -59.24 -11.41 -46.71
C LEU P 45 -60.71 -11.14 -47.05
N PHE P 46 -61.15 -9.90 -46.84
CA PHE P 46 -62.53 -9.50 -47.14
C PHE P 46 -62.77 -9.27 -48.64
N SER P 47 -61.68 -9.30 -49.42
CA SER P 47 -61.74 -9.26 -50.87
C SER P 47 -61.86 -10.69 -51.44
N TYR P 48 -61.57 -11.68 -50.59
CA TYR P 48 -61.72 -13.09 -50.95
C TYR P 48 -63.10 -13.63 -50.58
N ALA P 49 -63.75 -12.96 -49.62
CA ALA P 49 -65.11 -13.31 -49.19
C ALA P 49 -66.15 -13.06 -50.28
N ILE P 50 -65.82 -12.15 -51.21
CA ILE P 50 -66.63 -11.94 -52.41
C ILE P 50 -66.39 -13.07 -53.41
N LEU P 51 -65.15 -13.56 -53.47
CA LEU P 51 -64.77 -14.69 -54.33
C LEU P 51 -65.30 -16.01 -53.78
N GLY P 52 -65.71 -16.01 -52.52
CA GLY P 52 -66.28 -17.19 -51.87
C GLY P 52 -67.80 -17.17 -51.80
N PHE P 53 -68.39 -16.00 -51.97
CA PHE P 53 -69.85 -15.86 -52.02
C PHE P 53 -70.35 -15.91 -53.47
N ALA P 54 -69.42 -15.79 -54.41
CA ALA P 54 -69.72 -15.85 -55.85
C ALA P 54 -69.70 -17.28 -56.38
N LEU P 55 -68.77 -18.08 -55.87
CA LEU P 55 -68.68 -19.50 -56.24
C LEU P 55 -69.72 -20.35 -55.49
N SER P 56 -70.39 -19.76 -54.51
CA SER P 56 -71.43 -20.44 -53.73
C SER P 56 -72.84 -20.10 -54.21
N GLU P 57 -73.02 -18.86 -54.66
CA GLU P 57 -74.30 -18.42 -55.25
C GLU P 57 -74.36 -18.76 -56.75
N ALA P 58 -73.30 -19.36 -57.27
CA ALA P 58 -73.24 -19.84 -58.65
C ALA P 58 -74.03 -21.14 -58.81
N MET P 59 -74.05 -21.94 -57.75
CA MET P 59 -74.89 -23.15 -57.69
C MET P 59 -76.32 -22.76 -57.31
N GLY P 60 -76.47 -21.64 -56.62
CA GLY P 60 -77.77 -21.06 -56.29
C GLY P 60 -78.45 -20.49 -57.53
N LEU P 61 -77.67 -19.76 -58.33
CA LEU P 61 -78.15 -19.23 -59.62
C LEU P 61 -78.39 -20.34 -60.64
N PHE P 62 -77.69 -21.46 -60.47
CA PHE P 62 -77.89 -22.65 -61.29
C PHE P 62 -79.14 -23.42 -60.86
N CYS P 63 -79.51 -23.30 -59.59
CA CYS P 63 -80.71 -23.94 -59.04
C CYS P 63 -81.96 -23.10 -59.24
N LEU P 64 -81.79 -21.78 -59.23
CA LEU P 64 -82.89 -20.83 -59.47
C LEU P 64 -83.22 -20.69 -60.96
N MET P 65 -82.35 -21.23 -61.81
CA MET P 65 -82.60 -21.29 -63.24
C MET P 65 -83.46 -22.51 -63.59
N VAL P 66 -83.34 -23.56 -62.78
CA VAL P 66 -84.09 -24.80 -62.97
C VAL P 66 -85.56 -24.66 -62.55
N ALA P 67 -85.79 -24.01 -61.42
CA ALA P 67 -87.14 -23.78 -60.89
C ALA P 67 -87.94 -22.78 -61.72
N PHE P 68 -87.24 -21.92 -62.45
CA PHE P 68 -87.85 -20.93 -63.35
C PHE P 68 -88.05 -21.48 -64.77
N LEU P 69 -87.45 -22.64 -65.03
CA LEU P 69 -87.60 -23.33 -66.32
C LEU P 69 -88.89 -24.17 -66.36
N ILE P 70 -89.35 -24.61 -65.19
CA ILE P 70 -90.61 -25.34 -65.07
C ILE P 70 -91.77 -24.43 -64.66
N LEU P 71 -91.46 -23.15 -64.42
CA LEU P 71 -92.45 -22.15 -64.03
C LEU P 71 -92.80 -21.20 -65.18
N PHE P 72 -91.90 -21.14 -66.18
CA PHE P 72 -92.10 -20.29 -67.37
C PHE P 72 -91.39 -20.88 -68.58
N ILE Q 1 -104.98 -31.79 -60.49
CA ILE Q 1 -103.81 -31.51 -61.37
C ILE Q 1 -103.37 -30.05 -61.31
N ASP Q 2 -104.33 -29.13 -61.35
CA ASP Q 2 -104.03 -27.70 -61.29
C ASP Q 2 -104.12 -27.14 -59.87
N THR Q 3 -105.15 -27.58 -59.13
CA THR Q 3 -105.38 -27.10 -57.77
C THR Q 3 -104.50 -27.80 -56.72
N ALA Q 4 -104.04 -28.99 -57.06
CA ALA Q 4 -103.28 -29.85 -56.13
C ALA Q 4 -101.77 -29.60 -56.14
N ALA Q 5 -101.18 -29.52 -57.34
CA ALA Q 5 -99.72 -29.45 -57.51
C ALA Q 5 -99.09 -28.14 -57.03
N LYS Q 6 -99.91 -27.11 -56.82
CA LYS Q 6 -99.47 -25.83 -56.28
C LYS Q 6 -99.31 -25.88 -54.74
N PHE Q 7 -99.94 -26.88 -54.12
CA PHE Q 7 -99.82 -27.13 -52.68
C PHE Q 7 -98.61 -28.02 -52.38
N ILE Q 8 -98.25 -28.87 -53.34
CA ILE Q 8 -97.05 -29.72 -53.27
C ILE Q 8 -95.90 -29.08 -54.07
N GLY Q 9 -95.94 -27.75 -54.17
CA GLY Q 9 -94.90 -26.98 -54.85
C GLY Q 9 -94.33 -25.92 -53.92
N ALA Q 10 -95.18 -25.38 -53.04
CA ALA Q 10 -94.75 -24.44 -52.01
C ALA Q 10 -94.32 -25.16 -50.73
N GLY Q 11 -94.50 -26.48 -50.73
CA GLY Q 11 -94.08 -27.34 -49.62
C GLY Q 11 -92.64 -27.77 -49.74
N ALA Q 12 -92.22 -28.07 -50.97
CA ALA Q 12 -90.83 -28.41 -51.27
C ALA Q 12 -89.96 -27.16 -51.46
N ALA Q 13 -90.60 -26.01 -51.61
CA ALA Q 13 -89.91 -24.73 -51.71
C ALA Q 13 -89.62 -24.11 -50.33
N THR Q 14 -90.20 -24.71 -49.29
CA THR Q 14 -89.93 -24.33 -47.90
C THR Q 14 -88.74 -25.10 -47.34
N VAL Q 15 -88.24 -26.07 -48.10
CA VAL Q 15 -87.04 -26.83 -47.78
C VAL Q 15 -85.77 -26.13 -48.26
N GLY Q 16 -85.91 -24.87 -48.68
CA GLY Q 16 -84.78 -24.01 -49.04
C GLY Q 16 -84.39 -23.08 -47.90
N VAL Q 17 -85.24 -23.04 -46.87
CA VAL Q 17 -84.99 -22.28 -45.65
C VAL Q 17 -84.08 -23.06 -44.69
N ALA Q 18 -83.86 -24.34 -45.00
CA ALA Q 18 -82.99 -25.22 -44.21
C ALA Q 18 -81.52 -24.81 -44.27
N GLY Q 19 -81.21 -23.81 -45.09
CA GLY Q 19 -79.86 -23.26 -45.19
C GLY Q 19 -79.75 -21.88 -44.57
N SER Q 20 -80.83 -21.11 -44.63
CA SER Q 20 -80.88 -19.76 -44.06
C SER Q 20 -80.89 -19.76 -42.53
N GLY Q 21 -81.35 -20.87 -41.95
CA GLY Q 21 -81.42 -21.01 -40.49
C GLY Q 21 -80.17 -21.64 -39.88
N ALA Q 22 -79.56 -22.56 -40.63
CA ALA Q 22 -78.31 -23.21 -40.20
C ALA Q 22 -77.08 -22.36 -40.50
N GLY Q 23 -77.14 -21.61 -41.60
CA GLY Q 23 -76.07 -20.69 -41.99
C GLY Q 23 -75.97 -19.47 -41.09
N ILE Q 24 -77.12 -19.06 -40.55
CA ILE Q 24 -77.18 -18.00 -39.54
C ILE Q 24 -76.61 -18.48 -38.21
N GLY Q 25 -76.75 -19.78 -37.94
CA GLY Q 25 -76.12 -20.40 -36.78
C GLY Q 25 -74.62 -20.57 -36.95
N THR Q 26 -74.17 -20.60 -38.21
CA THR Q 26 -72.76 -20.71 -38.55
C THR Q 26 -72.04 -19.36 -38.44
N VAL Q 27 -72.70 -18.30 -38.91
CA VAL Q 27 -72.15 -16.94 -38.85
C VAL Q 27 -72.20 -16.33 -37.45
N PHE Q 28 -73.33 -16.50 -36.76
CA PHE Q 28 -73.50 -16.00 -35.39
C PHE Q 28 -72.74 -16.85 -34.36
N GLY Q 29 -72.33 -18.04 -34.76
CA GLY Q 29 -71.44 -18.88 -33.95
C GLY Q 29 -70.00 -18.43 -34.10
N SER Q 30 -69.63 -18.07 -35.33
CA SER Q 30 -68.28 -17.58 -35.64
C SER Q 30 -68.05 -16.15 -35.13
N LEU Q 31 -69.15 -15.45 -34.81
CA LEU Q 31 -69.08 -14.16 -34.14
C LEU Q 31 -69.15 -14.34 -32.62
N ILE Q 32 -69.70 -15.47 -32.19
CA ILE Q 32 -69.72 -15.84 -30.77
C ILE Q 32 -68.36 -16.39 -30.33
N ILE Q 33 -67.71 -17.13 -31.21
CA ILE Q 33 -66.36 -17.66 -30.95
C ILE Q 33 -65.28 -16.65 -31.35
N GLY Q 34 -65.63 -15.74 -32.26
CA GLY Q 34 -64.70 -14.71 -32.73
C GLY Q 34 -64.45 -13.60 -31.73
N TYR Q 35 -65.52 -13.19 -31.02
CA TYR Q 35 -65.44 -12.14 -30.00
C TYR Q 35 -64.74 -12.64 -28.72
N ALA Q 36 -64.63 -13.96 -28.60
CA ALA Q 36 -63.91 -14.58 -27.48
C ALA Q 36 -62.42 -14.26 -27.55
N ARG Q 37 -61.86 -14.34 -28.75
CA ARG Q 37 -60.47 -13.96 -29.00
C ARG Q 37 -60.24 -12.46 -28.79
N ASN Q 38 -61.34 -11.70 -28.81
CA ASN Q 38 -61.36 -10.27 -28.48
C ASN Q 38 -60.65 -9.36 -29.51
N PRO Q 39 -60.81 -8.04 -29.38
CA PRO Q 39 -61.56 -7.15 -28.48
C PRO Q 39 -62.53 -6.27 -29.25
N SER Q 40 -62.44 -6.28 -30.59
CA SER Q 40 -63.36 -5.54 -31.44
C SER Q 40 -64.76 -6.19 -31.45
N LEU Q 41 -65.54 -5.88 -30.41
CA LEU Q 41 -66.90 -6.39 -30.28
C LEU Q 41 -67.95 -5.31 -30.61
N LYS Q 42 -67.82 -4.15 -29.99
CA LYS Q 42 -68.70 -3.00 -30.25
C LYS Q 42 -68.26 -2.20 -31.48
N GLN Q 43 -67.76 -2.93 -32.50
CA GLN Q 43 -67.25 -2.38 -33.77
C GLN Q 43 -66.49 -3.46 -34.54
N GLN Q 44 -66.35 -3.24 -35.86
CA GLN Q 44 -65.56 -4.10 -36.77
C GLN Q 44 -66.13 -5.51 -37.01
N LEU Q 45 -66.20 -6.33 -35.96
CA LEU Q 45 -66.54 -7.75 -36.08
C LEU Q 45 -68.04 -8.08 -35.93
N PHE Q 46 -68.67 -7.51 -34.91
CA PHE Q 46 -70.12 -7.68 -34.71
C PHE Q 46 -70.92 -6.83 -35.69
N SER Q 47 -70.22 -5.93 -36.39
CA SER Q 47 -70.79 -5.17 -37.50
C SER Q 47 -70.62 -5.94 -38.82
N TYR Q 48 -69.89 -7.06 -38.75
CA TYR Q 48 -69.74 -7.97 -39.89
C TYR Q 48 -70.65 -9.20 -39.72
N ALA Q 49 -71.19 -9.38 -38.52
CA ALA Q 49 -72.16 -10.45 -38.23
C ALA Q 49 -73.57 -10.08 -38.69
N ILE Q 50 -73.83 -8.78 -38.78
CA ILE Q 50 -75.08 -8.26 -39.35
C ILE Q 50 -75.05 -8.36 -40.87
N LEU Q 51 -73.86 -8.22 -41.45
CA LEU Q 51 -73.65 -8.36 -42.90
C LEU Q 51 -73.59 -9.83 -43.32
N GLY Q 52 -73.46 -10.72 -42.35
CA GLY Q 52 -73.46 -12.17 -42.59
C GLY Q 52 -74.82 -12.80 -42.37
N PHE Q 53 -75.54 -12.32 -41.36
CA PHE Q 53 -76.90 -12.81 -41.05
C PHE Q 53 -77.94 -12.28 -42.03
N ALA Q 54 -77.51 -11.37 -42.91
CA ALA Q 54 -78.37 -10.84 -43.97
C ALA Q 54 -78.18 -11.59 -45.28
N LEU Q 55 -76.93 -11.86 -45.65
CA LEU Q 55 -76.60 -12.62 -46.86
C LEU Q 55 -77.06 -14.08 -46.76
N SER Q 56 -77.16 -14.57 -45.53
CA SER Q 56 -77.68 -15.91 -45.25
C SER Q 56 -79.21 -15.94 -45.36
N GLU Q 57 -79.85 -14.88 -44.86
CA GLU Q 57 -81.31 -14.72 -44.96
C GLU Q 57 -81.72 -14.15 -46.32
N ALA Q 58 -80.73 -13.87 -47.18
CA ALA Q 58 -80.97 -13.39 -48.55
C ALA Q 58 -81.40 -14.53 -49.47
N MET Q 59 -80.97 -15.75 -49.11
CA MET Q 59 -81.47 -16.96 -49.75
C MET Q 59 -82.64 -17.53 -48.92
N GLY Q 60 -83.03 -16.78 -47.89
CA GLY Q 60 -84.18 -17.11 -47.05
C GLY Q 60 -85.37 -16.20 -47.29
N LEU Q 61 -85.17 -15.18 -48.12
CA LEU Q 61 -86.25 -14.31 -48.59
C LEU Q 61 -86.53 -14.56 -50.06
N PHE Q 62 -85.51 -15.05 -50.77
CA PHE Q 62 -85.63 -15.44 -52.17
C PHE Q 62 -86.34 -16.78 -52.29
N CYS Q 63 -86.13 -17.65 -51.30
CA CYS Q 63 -86.80 -18.95 -51.24
C CYS Q 63 -88.22 -18.81 -50.70
N LEU Q 64 -88.42 -17.86 -49.78
CA LEU Q 64 -89.72 -17.60 -49.17
C LEU Q 64 -90.70 -16.92 -50.13
N MET Q 65 -90.15 -16.18 -51.10
CA MET Q 65 -90.96 -15.50 -52.12
C MET Q 65 -91.51 -16.47 -53.17
N VAL Q 66 -90.84 -17.61 -53.32
CA VAL Q 66 -91.28 -18.66 -54.25
C VAL Q 66 -92.40 -19.51 -53.64
N ALA Q 67 -92.37 -19.68 -52.32
CA ALA Q 67 -93.41 -20.39 -51.58
C ALA Q 67 -94.66 -19.52 -51.40
N PHE Q 68 -94.46 -18.20 -51.47
CA PHE Q 68 -95.55 -17.23 -51.44
C PHE Q 68 -96.11 -16.98 -52.85
N LEU Q 69 -95.38 -17.42 -53.87
CA LEU Q 69 -95.80 -17.30 -55.26
C LEU Q 69 -96.68 -18.47 -55.70
N ILE Q 70 -96.34 -19.67 -55.24
CA ILE Q 70 -97.10 -20.88 -55.58
C ILE Q 70 -98.44 -20.95 -54.84
N LEU Q 71 -98.54 -20.25 -53.71
CA LEU Q 71 -99.76 -20.25 -52.90
C LEU Q 71 -100.78 -19.19 -53.36
N PHE Q 72 -100.35 -17.93 -53.42
CA PHE Q 72 -101.23 -16.83 -53.82
C PHE Q 72 -100.83 -16.25 -55.16
PG ANP R . 29.37 -16.46 6.74
O1G ANP R . 29.13 -16.89 8.26
O2G ANP R . 30.90 -16.55 6.32
O3G ANP R . 28.83 -14.97 6.53
PB ANP R . 28.80 -17.25 4.01
O1B ANP R . 28.29 -15.79 3.64
O2B ANP R . 30.36 -17.39 3.80
N3B ANP R . 28.51 -17.55 5.70
PA ANP R . 28.48 -19.83 2.99
O1A ANP R . 29.18 -19.97 1.58
O2A ANP R . 29.46 -20.25 4.17
O3A ANP R . 27.97 -18.31 3.13
O5' ANP R . 27.11 -20.68 3.02
C5' ANP R . 26.25 -20.61 4.16
C4' ANP R . 25.62 -21.97 4.39
O4' ANP R . 24.69 -22.25 3.35
C3' ANP R . 26.65 -23.09 4.41
O3' ANP R . 26.60 -23.73 5.68
C2' ANP R . 26.29 -24.03 3.28
O2' ANP R . 26.11 -25.39 3.70
C1' ANP R . 25.01 -23.47 2.66
N9 ANP R . 25.10 -23.23 1.20
C8 ANP R . 25.80 -22.26 0.56
N7 ANP R . 25.63 -22.31 -0.81
C5 ANP R . 24.79 -23.32 -1.05
C6 ANP R . 24.15 -23.99 -2.20
N6 ANP R . 24.38 -23.55 -3.46
N1 ANP R . 23.32 -25.04 -1.99
C2 ANP R . 23.05 -25.54 -0.76
N3 ANP R . 23.58 -25.01 0.36
C4 ANP R . 24.47 -23.88 0.24
MG MG S . 32.33 -16.51 4.57
PG ANP T . 15.69 26.81 -8.63
O1G ANP T . 16.90 26.56 -9.61
O2G ANP T . 15.91 28.16 -7.83
O3G ANP T . 15.53 25.62 -7.59
PB ANP T . 12.92 27.83 -8.82
O1B ANP T . 12.30 26.93 -7.65
O2B ANP T . 13.50 29.17 -8.21
N3B ANP T . 14.22 26.96 -9.56
PA ANP T . 12.16 29.00 -11.20
O1A ANP T . 11.74 30.52 -11.00
O2A ANP T . 13.72 28.88 -11.51
O3A ANP T . 11.78 28.13 -9.91
O5' ANP T . 11.30 28.33 -12.39
C5' ANP T . 11.57 26.99 -12.79
C4' ANP T . 11.42 26.80 -14.30
O4' ANP T . 10.04 26.75 -14.66
C3' ANP T . 12.08 27.91 -15.10
O3' ANP T . 13.09 27.33 -15.92
C2' ANP T . 10.98 28.55 -15.94
O2' ANP T . 11.28 28.49 -17.33
C1' ANP T . 9.73 27.74 -15.64
N9 ANP T . 8.62 28.59 -15.14
C8 ANP T . 8.51 29.23 -13.95
N7 ANP T . 7.32 29.92 -13.83
C5 ANP T . 6.65 29.71 -14.98
C6 ANP T . 5.36 30.08 -15.61
N6 ANP T . 4.48 30.87 -14.95
N1 ANP T . 5.07 29.63 -16.86
C2 ANP T . 5.90 28.84 -17.58
N3 ANP T . 7.10 28.43 -17.11
C4 ANP T . 7.50 28.87 -15.78
MG MG U . 15.50 29.72 -9.15
C1 GOL V . 26.84 39.86 10.25
O1 GOL V . 28.09 39.60 10.83
C2 GOL V . 25.75 39.74 11.32
O2 GOL V . 25.56 38.38 11.65
C3 GOL V . 24.44 40.31 10.75
O3 GOL V . 23.41 40.20 11.71
PG ANP W . 3.59 10.41 33.33
O1G ANP W . 3.17 11.90 32.94
O2G ANP W . 4.33 10.38 34.74
O3G ANP W . 4.54 9.82 32.20
PB ANP W . 2.38 7.78 33.90
O1B ANP W . 3.01 7.05 32.64
O2B ANP W . 3.35 7.68 35.16
N3B ANP W . 2.15 9.45 33.48
PA ANP W . -0.05 7.84 35.25
O1A ANP W . 0.16 7.26 36.72
O2A ANP W . 0.18 9.42 35.24
O3A ANP W . 0.96 7.11 34.24
O5' ANP W . -1.50 7.46 34.68
C5' ANP W . -2.01 8.16 33.55
C4' ANP W . -3.39 8.75 33.84
O4' ANP W . -4.39 7.79 33.52
C3' ANP W . -3.55 9.15 35.30
O3' ANP W . -3.75 10.55 35.41
C2' ANP W . -4.73 8.34 35.83
O2' ANP W . -5.79 9.16 36.30
C1' ANP W . -5.22 7.50 34.65
N9 ANP W . -5.12 6.05 34.99
C8 ANP W . -3.99 5.34 35.29
N7 ANP W . -4.23 4.02 35.55
C5 ANP W . -5.56 3.85 35.43
C6 ANP W . -6.56 2.77 35.53
N6 ANP W . -6.18 1.51 35.85
N1 ANP W . -7.87 3.05 35.29
C2 ANP W . -8.32 4.29 34.97
N3 ANP W . -7.50 5.35 34.83
C4 ANP W . -6.09 5.16 35.06
MG MG X . 4.13 9.25 36.57
PG ANP Y . 18.17 -10.69 29.11
O1G ANP Y . 17.77 -9.78 30.36
O2G ANP Y . 19.42 -11.61 29.47
O3G ANP Y . 18.55 -9.76 27.86
PB ANP Y . 17.03 -13.37 28.17
O1B ANP Y . 17.41 -13.33 26.63
O2B ANP Y . 18.19 -14.07 29.02
N3B ANP Y . 16.81 -11.71 28.69
PA ANP Y . 15.25 -15.06 29.60
O1A ANP Y . 16.00 -16.45 29.50
O2A ANP Y . 15.55 -14.33 30.97
O3A ANP Y . 15.64 -14.15 28.32
O5' ANP Y . 13.67 -15.32 29.40
C5' ANP Y . 12.80 -14.25 29.06
C4' ANP Y . 11.40 -14.49 29.58
O4' ANP Y . 10.60 -15.19 28.63
C3' ANP Y . 11.38 -15.26 30.89
O3' ANP Y . 10.86 -14.45 31.92
C2' ANP Y . 10.49 -16.47 30.64
O2' ANP Y . 9.36 -16.46 31.47
C1' ANP Y . 10.02 -16.38 29.19
N9 ANP Y . 10.51 -17.60 28.50
C8 ANP Y . 11.72 -17.82 27.93
N7 ANP Y . 11.83 -19.08 27.38
C5 ANP Y . 10.66 -19.69 27.62
C6 ANP Y . 9.99 -21.00 27.37
N6 ANP Y . 10.63 -21.99 26.71
N1 ANP Y . 8.72 -21.17 27.80
C2 ANP Y . 8.01 -20.23 28.46
N3 ANP Y . 8.50 -19.03 28.74
C4 ANP Y . 9.84 -18.72 28.33
MG MG Z . 20.02 -13.60 30.18
S SO4 AA . 30.39 4.78 -13.81
O1 SO4 AA . 30.33 3.60 -14.66
O2 SO4 AA . 30.28 4.37 -12.40
O3 SO4 AA . 31.65 5.49 -14.03
O4 SO4 AA . 29.28 5.68 -14.12
PG ANP BA . 4.63 29.66 14.64
O1G ANP BA . 5.20 30.38 13.36
O2G ANP BA . 4.90 30.54 15.94
O3G ANP BA . 5.32 28.25 14.86
PB ANP BA . 1.98 28.78 15.67
O1B ANP BA . 2.44 27.29 15.98
O2B ANP BA . 2.18 29.71 16.93
N3B ANP BA . 2.93 29.42 14.36
PA ANP BA . -0.19 30.15 14.70
O1A ANP BA . -0.84 30.91 15.92
O2A ANP BA . 0.92 31.04 14.01
O3A ANP BA . 0.44 28.77 15.22
O5' ANP BA . -1.33 29.74 13.65
C5' ANP BA . -0.99 28.95 12.51
C4' ANP BA . -1.81 29.29 11.26
O4' ANP BA . -2.93 28.41 11.15
C3' ANP BA . -2.33 30.71 11.22
O3' ANP BA . -1.72 31.46 10.19
C2' ANP BA . -3.83 30.60 11.03
O2' ANP BA . -4.20 31.13 9.77
C1' ANP BA . -4.17 29.12 11.03
N9 ANP BA . -4.96 28.83 12.26
C8 ANP BA . -4.48 28.58 13.50
N7 ANP BA . -5.46 28.37 14.44
C5 ANP BA . -6.63 28.48 13.79
C6 ANP BA . -8.08 28.39 14.06
N6 ANP BA . -8.52 28.11 15.31
N1 ANP BA . -8.96 28.59 13.04
C2 ANP BA . -8.58 28.85 11.77
N3 ANP BA . -7.29 28.96 11.40
C4 ANP BA . -6.27 28.78 12.40
MG MG CA . 3.08 31.60 16.31
#